data_7E4X
#
_entry.id   7E4X
#
_cell.length_a   1.00
_cell.length_b   1.00
_cell.length_c   1.00
_cell.angle_alpha   90.00
_cell.angle_beta   90.00
_cell.angle_gamma   90.00
#
_symmetry.space_group_name_H-M   'P 1'
#
_entity_poly.entity_id   1
_entity_poly.type   'polypeptide(L)'
_entity_poly.pdbx_seq_one_letter_code
;MHHHHHHMPIIEQVRAREILDSRGNPTVEVEVALIDGTFARAAVPSGASTGEHEAVELRDGGDRYGGKGVQKAVQAVLDE
IGPAVIGLNADDQRLVDQALVDLDGTPDKSRLGGNAILGVSLAVAKAAADSAELPLFRYVGGPNAHILPVPMMNILNGGA
HADTAVDIQEFMVAPIGAPSFVEALRWGAEVYHALKSVLKKEGLSTGLGDEGGFAPDVAGTTAALDLISRAIESAGLRPG
ADVALALDAAATEFFTDGTGYVFEGTTRTADQMTEFYAGLLGAYPLVSIEDPLSEDDWDGWAALTASIGDRVQIVGDDIF
VTNPERLEEGIERGVANALLVKVNQIGTLTETLDAVTLAHHGGYRTMISHRSGETEDTMIADLAVAIGSGQIKTGAPARS
ERVAKYNQLLRIEEALGDAARYAGDLAFPRFACETK
;
_entity_poly.pdbx_strand_id   A,B,C,D,E,F,G,H
#
# COMPACT_ATOMS: atom_id res chain seq x y z
N MET A 8 0.51 14.89 -5.25
CA MET A 8 1.11 16.19 -5.50
C MET A 8 0.15 17.34 -5.17
N PRO A 9 0.67 18.55 -5.01
CA PRO A 9 -0.18 19.73 -4.75
C PRO A 9 -0.64 20.41 -6.04
N ILE A 10 -1.34 19.67 -6.89
CA ILE A 10 -1.87 20.19 -8.14
C ILE A 10 -3.39 20.21 -8.05
N ILE A 11 -3.97 21.35 -8.42
CA ILE A 11 -5.41 21.56 -8.25
C ILE A 11 -6.18 20.69 -9.23
N GLU A 12 -7.22 20.02 -8.74
CA GLU A 12 -8.04 19.15 -9.57
C GLU A 12 -9.44 19.70 -9.80
N GLN A 13 -10.14 20.09 -8.74
CA GLN A 13 -11.48 20.66 -8.85
C GLN A 13 -11.54 21.98 -8.10
N VAL A 14 -12.41 22.85 -8.56
CA VAL A 14 -12.74 24.10 -7.89
C VAL A 14 -14.24 24.32 -8.02
N ARG A 15 -14.92 24.55 -6.90
CA ARG A 15 -16.36 24.76 -6.99
C ARG A 15 -16.81 25.73 -5.91
N ALA A 16 -17.64 26.70 -6.31
CA ALA A 16 -18.11 27.73 -5.41
C ALA A 16 -19.61 27.60 -5.17
N ARG A 17 -20.04 28.09 -4.02
CA ARG A 17 -21.45 28.16 -3.69
C ARG A 17 -21.72 29.48 -2.99
N GLU A 18 -23.00 29.77 -2.75
CA GLU A 18 -23.41 31.03 -2.16
C GLU A 18 -24.00 30.77 -0.78
N ILE A 19 -23.42 31.41 0.23
CA ILE A 19 -23.81 31.24 1.62
C ILE A 19 -24.09 32.61 2.21
N LEU A 20 -24.48 32.64 3.48
CA LEU A 20 -24.75 33.88 4.18
C LEU A 20 -23.59 34.22 5.11
N ASP A 21 -23.29 35.51 5.21
CA ASP A 21 -22.26 35.95 6.14
C ASP A 21 -22.89 36.28 7.49
N SER A 22 -22.07 36.79 8.41
CA SER A 22 -22.53 37.01 9.77
C SER A 22 -23.63 38.05 9.87
N ARG A 23 -23.88 38.81 8.81
CA ARG A 23 -24.89 39.86 8.83
C ARG A 23 -26.12 39.52 8.01
N GLY A 24 -26.21 38.33 7.46
CA GLY A 24 -27.35 37.94 6.67
C GLY A 24 -27.30 38.32 5.22
N ASN A 25 -26.13 38.68 4.70
CA ASN A 25 -25.99 38.97 3.29
C ASN A 25 -25.23 37.85 2.61
N PRO A 26 -25.48 37.59 1.34
CA PRO A 26 -24.81 36.48 0.67
C PRO A 26 -23.32 36.75 0.51
N THR A 27 -22.58 35.66 0.35
CA THR A 27 -21.16 35.74 0.02
C THR A 27 -20.75 34.45 -0.66
N VAL A 28 -19.52 34.41 -1.13
CA VAL A 28 -19.01 33.30 -1.93
C VAL A 28 -18.25 32.35 -1.02
N GLU A 29 -18.37 31.05 -1.30
CA GLU A 29 -17.59 30.05 -0.58
C GLU A 29 -17.01 29.08 -1.59
N VAL A 30 -15.68 29.04 -1.68
CA VAL A 30 -14.98 28.26 -2.69
C VAL A 30 -14.40 27.02 -2.03
N GLU A 31 -14.37 25.92 -2.77
CA GLU A 31 -13.80 24.66 -2.31
C GLU A 31 -12.86 24.17 -3.39
N VAL A 32 -11.59 24.03 -3.05
CA VAL A 32 -10.54 23.64 -3.99
C VAL A 32 -10.02 22.28 -3.57
N ALA A 33 -10.42 21.25 -4.30
CA ALA A 33 -9.93 19.91 -4.04
C ALA A 33 -8.61 19.68 -4.76
N LEU A 34 -7.79 18.81 -4.20
CA LEU A 34 -6.54 18.39 -4.81
C LEU A 34 -6.65 16.93 -5.22
N ILE A 35 -5.58 16.44 -5.85
CA ILE A 35 -5.58 15.06 -6.33
C ILE A 35 -5.43 14.09 -5.16
N ASP A 36 -4.67 14.49 -4.15
CA ASP A 36 -4.45 13.68 -2.96
C ASP A 36 -5.48 14.02 -1.88
N GLY A 37 -6.76 13.84 -2.22
CA GLY A 37 -7.82 14.22 -1.31
C GLY A 37 -7.84 15.72 -1.08
N THR A 38 -7.44 16.14 0.13
CA THR A 38 -7.16 17.53 0.46
C THR A 38 -8.27 18.46 -0.03
N PHE A 39 -9.44 18.29 0.58
CA PHE A 39 -10.61 19.09 0.25
C PHE A 39 -10.72 20.25 1.23
N ALA A 40 -10.53 21.46 0.73
CA ALA A 40 -10.57 22.66 1.57
C ALA A 40 -11.82 23.48 1.25
N ARG A 41 -12.00 24.56 2.00
CA ARG A 41 -13.03 25.56 1.73
C ARG A 41 -12.63 26.85 2.42
N ALA A 42 -13.02 27.97 1.83
CA ALA A 42 -12.69 29.27 2.39
C ALA A 42 -13.77 30.27 1.99
N ALA A 43 -14.38 30.89 2.99
CA ALA A 43 -15.41 31.90 2.74
C ALA A 43 -14.78 33.28 2.72
N VAL A 44 -15.31 34.14 1.85
CA VAL A 44 -14.74 35.45 1.60
C VAL A 44 -15.52 36.48 2.42
N PRO A 45 -14.88 37.20 3.33
CA PRO A 45 -15.58 38.25 4.07
C PRO A 45 -15.90 39.41 3.16
N SER A 46 -16.74 40.32 3.65
CA SER A 46 -17.18 41.44 2.84
C SER A 46 -17.57 42.59 3.75
N GLY A 47 -16.95 43.73 3.56
CA GLY A 47 -17.27 44.93 4.32
C GLY A 47 -18.16 45.85 3.53
N ALA A 48 -19.00 46.61 4.24
CA ALA A 48 -19.94 47.52 3.59
C ALA A 48 -19.23 48.74 3.04
N SER A 49 -18.44 49.41 3.88
CA SER A 49 -17.83 50.68 3.51
C SER A 49 -16.68 50.48 2.53
N THR A 50 -16.99 50.45 1.23
CA THR A 50 -15.98 50.28 0.20
C THR A 50 -15.56 51.65 -0.35
N GLY A 51 -14.26 51.88 -0.40
CA GLY A 51 -13.73 53.15 -0.86
C GLY A 51 -13.58 53.25 -2.36
N GLU A 52 -12.40 53.66 -2.82
CA GLU A 52 -12.17 53.90 -4.23
C GLU A 52 -10.96 53.17 -4.80
N HIS A 53 -10.07 52.63 -3.98
CA HIS A 53 -8.88 51.95 -4.47
C HIS A 53 -8.87 50.46 -4.18
N GLU A 54 -9.82 49.94 -3.42
CA GLU A 54 -9.84 48.53 -3.10
C GLU A 54 -10.32 47.71 -4.29
N ALA A 55 -10.26 46.40 -4.13
CA ALA A 55 -10.88 45.51 -5.10
C ALA A 55 -12.39 45.50 -4.87
N VAL A 56 -13.14 45.45 -5.95
CA VAL A 56 -14.59 45.54 -5.83
C VAL A 56 -15.18 44.14 -5.79
N GLU A 57 -16.30 44.01 -5.09
CA GLU A 57 -17.04 42.76 -5.04
C GLU A 57 -18.04 42.72 -6.18
N LEU A 58 -18.22 41.54 -6.77
CA LEU A 58 -19.11 41.37 -7.91
C LEU A 58 -20.47 40.93 -7.40
N ARG A 59 -21.25 41.91 -6.95
CA ARG A 59 -22.61 41.65 -6.54
C ARG A 59 -23.52 41.50 -7.76
N ASP A 60 -24.63 40.80 -7.56
CA ASP A 60 -25.57 40.55 -8.66
C ASP A 60 -26.32 41.82 -9.04
N GLY A 61 -26.98 42.44 -8.07
CA GLY A 61 -27.82 43.58 -8.35
C GLY A 61 -29.19 43.15 -8.84
N GLY A 62 -30.24 43.79 -8.34
CA GLY A 62 -31.59 43.41 -8.73
C GLY A 62 -32.54 43.37 -7.56
N ASP A 63 -33.28 42.27 -7.43
CA ASP A 63 -34.24 42.12 -6.35
C ASP A 63 -33.94 40.96 -5.42
N ARG A 64 -33.23 39.93 -5.89
CA ARG A 64 -32.84 38.84 -5.01
C ARG A 64 -31.88 39.35 -3.95
N TYR A 65 -32.19 39.06 -2.69
CA TYR A 65 -31.31 39.36 -1.57
C TYR A 65 -31.03 40.86 -1.45
N GLY A 66 -31.97 41.68 -1.90
CA GLY A 66 -31.76 43.11 -1.88
C GLY A 66 -30.68 43.59 -2.81
N GLY A 67 -30.47 42.90 -3.92
CA GLY A 67 -29.44 43.28 -4.86
C GLY A 67 -28.04 42.90 -4.46
N LYS A 68 -27.88 42.09 -3.42
CA LYS A 68 -26.57 41.69 -2.92
C LYS A 68 -26.25 40.24 -3.25
N GLY A 69 -26.98 39.64 -4.17
CA GLY A 69 -26.68 38.27 -4.56
C GLY A 69 -25.29 38.16 -5.16
N VAL A 70 -24.73 36.95 -5.06
CA VAL A 70 -23.41 36.69 -5.62
C VAL A 70 -23.47 35.51 -6.55
N GLN A 71 -24.61 35.30 -7.21
CA GLN A 71 -24.72 34.22 -8.18
C GLN A 71 -23.82 34.45 -9.38
N LYS A 72 -23.38 35.68 -9.62
CA LYS A 72 -22.47 35.96 -10.73
C LYS A 72 -21.05 35.56 -10.40
N ALA A 73 -20.60 35.84 -9.18
CA ALA A 73 -19.26 35.43 -8.77
C ALA A 73 -19.16 33.92 -8.62
N VAL A 74 -20.26 33.25 -8.32
CA VAL A 74 -20.25 31.80 -8.27
C VAL A 74 -20.08 31.22 -9.68
N GLN A 75 -20.56 31.93 -10.69
CA GLN A 75 -20.34 31.49 -12.07
C GLN A 75 -18.93 31.79 -12.54
N ALA A 76 -18.40 32.96 -12.16
CA ALA A 76 -17.02 33.30 -12.49
C ALA A 76 -16.05 32.23 -12.04
N VAL A 77 -16.34 31.57 -10.92
CA VAL A 77 -15.46 30.52 -10.43
C VAL A 77 -15.76 29.17 -11.08
N LEU A 78 -17.03 28.87 -11.36
CA LEU A 78 -17.39 27.57 -11.90
C LEU A 78 -17.19 27.48 -13.40
N ASP A 79 -17.13 28.61 -14.11
CA ASP A 79 -16.99 28.62 -15.56
C ASP A 79 -15.66 29.14 -16.05
N GLU A 80 -15.06 30.11 -15.36
CA GLU A 80 -13.85 30.75 -15.84
C GLU A 80 -12.65 30.49 -14.94
N ILE A 81 -12.74 30.83 -13.66
CA ILE A 81 -11.59 30.70 -12.76
C ILE A 81 -11.24 29.25 -12.54
N GLY A 82 -12.22 28.35 -12.61
CA GLY A 82 -12.00 26.95 -12.35
C GLY A 82 -10.91 26.37 -13.23
N PRO A 83 -11.19 26.26 -14.54
CA PRO A 83 -10.17 25.71 -15.44
C PRO A 83 -8.96 26.61 -15.64
N ALA A 84 -9.03 27.89 -15.27
CA ALA A 84 -7.87 28.74 -15.40
C ALA A 84 -6.78 28.46 -14.38
N VAL A 85 -7.07 27.64 -13.36
CA VAL A 85 -6.06 27.22 -12.40
C VAL A 85 -5.94 25.72 -12.29
N ILE A 86 -6.94 24.95 -12.72
CA ILE A 86 -6.88 23.50 -12.60
C ILE A 86 -5.65 23.00 -13.34
N GLY A 87 -4.71 22.44 -12.61
CA GLY A 87 -3.46 21.96 -13.15
C GLY A 87 -2.24 22.72 -12.68
N LEU A 88 -2.41 23.91 -12.11
CA LEU A 88 -1.27 24.63 -11.57
C LEU A 88 -0.80 24.00 -10.26
N ASN A 89 0.25 24.56 -9.69
CA ASN A 89 0.91 24.02 -8.50
C ASN A 89 0.49 24.82 -7.28
N ALA A 90 -0.05 24.12 -6.27
CA ALA A 90 -0.60 24.78 -5.10
C ALA A 90 0.44 25.63 -4.39
N ASP A 91 1.62 25.06 -4.13
CA ASP A 91 2.62 25.78 -3.35
C ASP A 91 3.17 27.00 -4.05
N ASP A 92 2.74 27.28 -5.28
CA ASP A 92 3.18 28.47 -6.00
C ASP A 92 2.09 29.53 -5.89
N GLN A 93 2.03 30.15 -4.71
CA GLN A 93 1.09 31.25 -4.52
C GLN A 93 1.34 32.37 -5.52
N ARG A 94 2.61 32.69 -5.76
CA ARG A 94 2.92 33.72 -6.74
C ARG A 94 2.38 33.35 -8.11
N LEU A 95 2.56 32.10 -8.52
CA LEU A 95 2.09 31.64 -9.82
C LEU A 95 0.58 31.78 -9.95
N VAL A 96 -0.16 31.12 -9.05
CA VAL A 96 -1.62 31.09 -9.15
C VAL A 96 -2.20 32.49 -8.99
N ASP A 97 -1.61 33.30 -8.13
CA ASP A 97 -2.18 34.61 -7.90
C ASP A 97 -1.92 35.55 -9.07
N GLN A 98 -0.76 35.44 -9.72
CA GLN A 98 -0.54 36.20 -10.95
C GLN A 98 -1.42 35.67 -12.07
N ALA A 99 -1.64 34.35 -12.11
CA ALA A 99 -2.56 33.78 -13.09
C ALA A 99 -3.93 34.41 -12.96
N LEU A 100 -4.46 34.46 -11.74
CA LEU A 100 -5.77 35.06 -11.52
C LEU A 100 -5.77 36.55 -11.88
N VAL A 101 -4.75 37.28 -11.43
CA VAL A 101 -4.72 38.72 -11.66
C VAL A 101 -4.65 39.03 -13.15
N ASP A 102 -3.99 38.19 -13.94
CA ASP A 102 -3.97 38.44 -15.39
C ASP A 102 -5.25 37.97 -16.06
N LEU A 103 -5.80 36.84 -15.60
CA LEU A 103 -7.07 36.36 -16.14
C LEU A 103 -8.17 37.37 -15.94
N ASP A 104 -8.10 38.16 -14.87
CA ASP A 104 -9.05 39.24 -14.71
C ASP A 104 -8.73 40.39 -15.66
N GLY A 105 -7.55 40.98 -15.51
CA GLY A 105 -7.06 41.97 -16.46
C GLY A 105 -7.38 43.41 -16.14
N THR A 106 -7.92 43.70 -14.97
CA THR A 106 -8.31 45.06 -14.59
C THR A 106 -7.54 45.50 -13.36
N PRO A 107 -7.41 46.80 -13.13
CA PRO A 107 -6.65 47.29 -11.97
C PRO A 107 -7.32 47.04 -10.63
N ASP A 108 -8.58 46.61 -10.60
CA ASP A 108 -9.24 46.33 -9.33
C ASP A 108 -10.05 45.04 -9.39
N LYS A 109 -9.67 44.12 -10.26
CA LYS A 109 -10.27 42.79 -10.33
C LYS A 109 -11.79 42.85 -10.53
N SER A 110 -12.28 43.91 -11.16
CA SER A 110 -13.71 44.13 -11.26
C SER A 110 -14.40 43.13 -12.19
N ARG A 111 -13.69 42.66 -13.22
CA ARG A 111 -14.34 41.79 -14.20
C ARG A 111 -14.80 40.48 -13.57
N LEU A 112 -13.98 39.91 -12.68
CA LEU A 112 -14.31 38.67 -12.00
C LEU A 112 -14.64 38.87 -10.53
N GLY A 113 -14.53 40.09 -10.03
CA GLY A 113 -14.90 40.36 -8.65
C GLY A 113 -13.79 40.05 -7.67
N GLY A 114 -13.54 40.96 -6.74
CA GLY A 114 -12.50 40.76 -5.75
C GLY A 114 -12.93 39.82 -4.63
N ASN A 115 -14.02 39.09 -4.84
CA ASN A 115 -14.45 38.06 -3.91
C ASN A 115 -14.42 36.67 -4.50
N ALA A 116 -14.64 36.54 -5.81
CA ALA A 116 -14.52 35.23 -6.44
C ALA A 116 -13.08 34.80 -6.59
N ILE A 117 -12.14 35.74 -6.61
CA ILE A 117 -10.73 35.43 -6.74
C ILE A 117 -10.10 35.12 -5.39
N LEU A 118 -10.36 35.96 -4.39
CA LEU A 118 -9.78 35.73 -3.07
C LEU A 118 -10.19 34.39 -2.51
N GLY A 119 -11.39 33.91 -2.83
CA GLY A 119 -11.79 32.60 -2.37
C GLY A 119 -10.89 31.50 -2.89
N VAL A 120 -10.52 31.57 -4.17
CA VAL A 120 -9.68 30.52 -4.74
C VAL A 120 -8.26 30.65 -4.20
N SER A 121 -7.75 31.87 -4.09
CA SER A 121 -6.45 32.09 -3.47
C SER A 121 -6.40 31.47 -2.08
N LEU A 122 -7.34 31.83 -1.22
CA LEU A 122 -7.32 31.33 0.15
C LEU A 122 -7.52 29.84 0.20
N ALA A 123 -8.35 29.28 -0.67
CA ALA A 123 -8.61 27.84 -0.60
C ALA A 123 -7.40 27.03 -1.08
N VAL A 124 -6.68 27.53 -2.10
CA VAL A 124 -5.49 26.80 -2.49
C VAL A 124 -4.39 26.98 -1.46
N ALA A 125 -4.35 28.12 -0.79
CA ALA A 125 -3.40 28.26 0.31
C ALA A 125 -3.76 27.35 1.47
N LYS A 126 -5.04 27.10 1.69
CA LYS A 126 -5.46 26.14 2.70
C LYS A 126 -5.26 24.71 2.26
N ALA A 127 -5.05 24.47 0.96
CA ALA A 127 -4.69 23.16 0.49
C ALA A 127 -3.20 22.99 0.24
N ALA A 128 -2.46 24.09 0.08
CA ALA A 128 -1.00 24.04 0.06
C ALA A 128 -0.40 23.99 1.46
N ALA A 129 -1.23 23.91 2.48
CA ALA A 129 -0.83 23.64 3.85
C ALA A 129 -1.44 22.35 4.37
N ASP A 130 -2.69 22.07 4.04
CA ASP A 130 -3.25 20.75 4.32
C ASP A 130 -2.51 19.66 3.56
N SER A 131 -1.78 20.01 2.49
CA SER A 131 -1.01 19.01 1.76
C SER A 131 0.28 18.67 2.49
N ALA A 132 1.12 19.68 2.73
CA ALA A 132 2.37 19.50 3.44
C ALA A 132 2.14 19.07 4.88
N GLU A 133 0.87 18.97 5.28
CA GLU A 133 0.44 18.58 6.61
C GLU A 133 0.89 19.58 7.66
N LEU A 134 1.51 20.66 7.24
CA LEU A 134 1.74 21.78 8.13
C LEU A 134 0.40 22.41 8.48
N PRO A 135 0.30 23.08 9.63
CA PRO A 135 -0.89 23.87 9.92
C PRO A 135 -0.78 25.23 9.26
N LEU A 136 -1.95 25.79 8.92
CA LEU A 136 -2.00 26.94 8.03
C LEU A 136 -1.15 28.09 8.52
N PHE A 137 -0.96 28.23 9.84
CA PHE A 137 -0.12 29.32 10.32
C PHE A 137 1.35 29.03 10.14
N ARG A 138 1.73 27.74 10.14
CA ARG A 138 3.13 27.39 10.00
C ARG A 138 3.57 27.50 8.55
N TYR A 139 2.71 27.13 7.61
CA TYR A 139 3.03 27.27 6.20
C TYR A 139 3.32 28.71 5.82
N VAL A 140 2.31 29.58 5.97
CA VAL A 140 2.43 30.95 5.48
C VAL A 140 3.55 31.72 6.15
N GLY A 141 4.01 31.28 7.32
CA GLY A 141 5.02 32.03 8.06
C GLY A 141 6.34 31.32 8.23
N GLY A 142 6.39 30.06 7.86
CA GLY A 142 7.61 29.30 7.87
C GLY A 142 7.84 28.52 9.14
N PRO A 143 9.09 28.38 9.56
CA PRO A 143 9.38 27.68 10.81
C PRO A 143 9.37 28.57 12.04
N ASN A 144 9.58 29.86 11.82
CA ASN A 144 9.74 30.82 12.90
C ASN A 144 8.43 31.47 13.32
N ALA A 145 7.30 30.91 12.88
CA ALA A 145 5.99 31.48 13.21
C ALA A 145 5.62 31.03 14.61
N HIS A 146 5.83 31.90 15.59
CA HIS A 146 5.61 31.53 16.98
C HIS A 146 4.93 32.60 17.81
N ILE A 147 4.66 33.77 17.28
CA ILE A 147 4.21 34.89 18.10
C ILE A 147 2.68 34.93 18.08
N LEU A 148 2.08 34.99 19.26
CA LEU A 148 0.64 35.15 19.40
C LEU A 148 0.31 36.63 19.56
N PRO A 149 -0.68 37.14 18.85
CA PRO A 149 -0.88 38.59 18.79
C PRO A 149 -1.69 39.10 19.96
N VAL A 150 -1.50 40.39 20.25
CA VAL A 150 -2.31 41.06 21.26
C VAL A 150 -3.69 41.31 20.66
N PRO A 151 -4.77 40.84 21.27
CA PRO A 151 -6.11 41.12 20.74
C PRO A 151 -6.59 42.49 21.18
N MET A 152 -7.01 43.30 20.21
CA MET A 152 -7.60 44.61 20.50
C MET A 152 -9.10 44.43 20.43
N MET A 153 -9.74 44.39 21.59
CA MET A 153 -11.15 44.05 21.68
C MET A 153 -11.99 45.32 21.69
N ASN A 154 -12.86 45.45 20.69
CA ASN A 154 -13.75 46.60 20.56
C ASN A 154 -14.96 46.40 21.45
N ILE A 155 -15.05 47.17 22.53
CA ILE A 155 -16.13 47.00 23.48
C ILE A 155 -17.18 48.11 23.43
N LEU A 156 -16.82 49.32 23.02
CA LEU A 156 -17.77 50.40 22.85
C LEU A 156 -17.80 50.86 21.40
N ASN A 157 -18.99 51.02 20.86
CA ASN A 157 -19.20 51.50 19.50
C ASN A 157 -19.81 52.89 19.53
N GLY A 158 -19.35 53.76 18.63
CA GLY A 158 -19.89 55.09 18.52
C GLY A 158 -19.69 55.63 17.13
N GLY A 159 -20.10 56.87 16.92
CA GLY A 159 -19.87 57.53 15.65
C GLY A 159 -20.87 57.13 14.59
N ALA A 160 -20.37 56.57 13.49
CA ALA A 160 -21.19 56.18 12.35
C ALA A 160 -21.95 54.87 12.59
N HIS A 161 -22.02 54.39 13.82
CA HIS A 161 -22.67 53.11 14.11
C HIS A 161 -24.03 53.26 14.77
N ALA A 162 -24.18 54.20 15.70
CA ALA A 162 -25.44 54.36 16.40
C ALA A 162 -25.75 55.84 16.58
N ASP A 163 -26.98 56.12 16.96
CA ASP A 163 -27.42 57.49 17.24
C ASP A 163 -26.90 57.87 18.62
N THR A 164 -25.75 58.55 18.66
CA THR A 164 -25.09 58.85 19.91
C THR A 164 -24.22 60.08 19.74
N ALA A 165 -23.95 60.76 20.85
CA ALA A 165 -23.15 61.97 20.88
C ALA A 165 -21.65 61.72 20.76
N VAL A 166 -21.23 60.52 20.38
CA VAL A 166 -19.82 60.20 20.24
C VAL A 166 -19.44 60.23 18.77
N ASP A 167 -18.22 60.67 18.50
CA ASP A 167 -17.68 60.68 17.15
C ASP A 167 -16.55 59.67 16.94
N ILE A 168 -16.00 59.11 18.01
CA ILE A 168 -15.05 58.02 17.88
C ILE A 168 -15.81 56.75 17.54
N GLN A 169 -15.31 56.01 16.56
CA GLN A 169 -16.06 54.85 16.08
C GLN A 169 -15.96 53.68 17.05
N GLU A 170 -14.75 53.18 17.28
CA GLU A 170 -14.52 52.01 18.10
C GLU A 170 -13.61 52.34 19.27
N PHE A 171 -14.06 52.00 20.48
CA PHE A 171 -13.23 52.03 21.67
C PHE A 171 -12.77 50.61 21.97
N MET A 172 -11.46 50.41 22.06
CA MET A 172 -10.88 49.09 22.20
C MET A 172 -10.03 49.02 23.46
N VAL A 173 -9.95 47.83 24.03
CA VAL A 173 -9.02 47.52 25.11
C VAL A 173 -8.01 46.51 24.61
N ALA A 174 -6.83 46.54 25.20
CA ALA A 174 -5.78 45.63 24.78
C ALA A 174 -5.05 45.09 25.99
N PRO A 175 -5.21 43.82 26.31
CA PRO A 175 -4.50 43.25 27.47
C PRO A 175 -3.02 43.05 27.19
N ILE A 176 -2.23 44.10 27.35
CA ILE A 176 -0.81 44.02 27.02
C ILE A 176 0.01 43.40 28.14
N GLY A 177 -0.52 43.33 29.36
CA GLY A 177 0.26 42.87 30.48
C GLY A 177 0.09 41.41 30.84
N ALA A 178 -0.58 40.64 30.02
CA ALA A 178 -0.85 39.24 30.35
C ALA A 178 0.40 38.39 30.16
N PRO A 179 0.51 37.31 30.91
CA PRO A 179 1.69 36.42 30.77
C PRO A 179 1.63 35.54 29.55
N SER A 180 0.42 35.15 29.14
CA SER A 180 0.23 34.30 27.96
C SER A 180 -0.96 34.82 27.19
N PHE A 181 -1.32 34.14 26.12
CA PHE A 181 -2.48 34.55 25.35
C PHE A 181 -3.78 34.15 26.02
N VAL A 182 -3.79 33.00 26.72
CA VAL A 182 -5.00 32.55 27.37
C VAL A 182 -5.44 33.54 28.43
N GLU A 183 -4.49 34.05 29.21
CA GLU A 183 -4.82 35.04 30.22
C GLU A 183 -5.22 36.36 29.59
N ALA A 184 -4.66 36.70 28.42
CA ALA A 184 -5.10 37.90 27.72
C ALA A 184 -6.55 37.79 27.28
N LEU A 185 -6.92 36.64 26.71
CA LEU A 185 -8.31 36.43 26.34
C LEU A 185 -9.22 36.46 27.55
N ARG A 186 -8.78 35.89 28.67
CA ARG A 186 -9.59 35.94 29.89
C ARG A 186 -9.79 37.36 30.38
N TRP A 187 -8.73 38.16 30.39
CA TRP A 187 -8.85 39.54 30.84
C TRP A 187 -9.76 40.34 29.92
N GLY A 188 -9.65 40.11 28.60
CA GLY A 188 -10.55 40.79 27.69
C GLY A 188 -12.00 40.43 27.92
N ALA A 189 -12.28 39.13 28.08
CA ALA A 189 -13.65 38.72 28.35
C ALA A 189 -14.16 39.27 29.66
N GLU A 190 -13.29 39.36 30.67
CA GLU A 190 -13.71 39.86 31.97
C GLU A 190 -14.00 41.35 31.93
N VAL A 191 -13.18 42.13 31.22
CA VAL A 191 -13.47 43.55 31.04
C VAL A 191 -14.77 43.73 30.27
N TYR A 192 -14.98 42.89 29.24
CA TYR A 192 -16.20 43.00 28.44
C TYR A 192 -17.44 42.69 29.26
N HIS A 193 -17.34 41.73 30.18
CA HIS A 193 -18.49 41.41 31.01
C HIS A 193 -18.65 42.38 32.16
N ALA A 194 -17.58 43.05 32.58
CA ALA A 194 -17.72 44.09 33.59
C ALA A 194 -18.41 45.31 33.02
N LEU A 195 -18.00 45.74 31.82
CA LEU A 195 -18.64 46.89 31.19
C LEU A 195 -20.12 46.67 30.98
N LYS A 196 -20.55 45.42 30.76
CA LYS A 196 -21.96 45.12 30.61
C LYS A 196 -22.75 45.45 31.87
N SER A 197 -22.08 45.56 33.01
CA SER A 197 -22.75 45.95 34.25
C SER A 197 -22.66 47.45 34.49
N VAL A 198 -21.47 48.03 34.28
CA VAL A 198 -21.30 49.47 34.43
C VAL A 198 -22.28 50.23 33.55
N LEU A 199 -22.67 49.66 32.41
CA LEU A 199 -23.72 50.26 31.60
C LEU A 199 -25.08 50.10 32.26
N LYS A 200 -25.44 48.86 32.61
CA LYS A 200 -26.72 48.62 33.27
C LYS A 200 -26.81 49.33 34.62
N LYS A 201 -25.68 49.50 35.30
CA LYS A 201 -25.64 50.26 36.54
C LYS A 201 -25.59 51.77 36.31
N GLU A 202 -25.91 52.22 35.10
CA GLU A 202 -26.06 53.64 34.84
C GLU A 202 -27.28 53.94 33.97
N GLY A 203 -28.13 52.96 33.71
CA GLY A 203 -29.32 53.20 32.93
C GLY A 203 -29.12 53.27 31.44
N LEU A 204 -28.19 52.49 30.88
CA LEU A 204 -27.94 52.48 29.45
C LEU A 204 -28.31 51.12 28.87
N SER A 205 -28.14 51.00 27.56
CA SER A 205 -28.65 49.85 26.82
C SER A 205 -27.54 48.85 26.51
N THR A 206 -27.96 47.60 26.30
CA THR A 206 -27.02 46.52 26.03
C THR A 206 -27.31 45.87 24.69
N GLY A 207 -27.53 46.67 23.65
CA GLY A 207 -27.78 46.14 22.33
C GLY A 207 -26.51 46.02 21.51
N LEU A 208 -26.12 44.79 21.19
CA LEU A 208 -24.85 44.55 20.53
C LEU A 208 -24.87 45.09 19.10
N GLY A 209 -23.76 45.72 18.71
CA GLY A 209 -23.61 46.21 17.36
C GLY A 209 -23.28 45.10 16.39
N ASP A 210 -22.42 45.39 15.41
CA ASP A 210 -22.00 44.38 14.44
C ASP A 210 -20.72 43.67 14.86
N GLU A 211 -20.02 44.17 15.88
CA GLU A 211 -18.78 43.56 16.33
C GLU A 211 -18.87 43.03 17.75
N GLY A 212 -20.08 42.94 18.32
CA GLY A 212 -20.26 42.56 19.69
C GLY A 212 -20.10 43.69 20.69
N GLY A 213 -19.54 44.81 20.28
CA GLY A 213 -19.38 45.92 21.19
C GLY A 213 -20.70 46.62 21.45
N PHE A 214 -20.76 47.30 22.58
CA PHE A 214 -21.99 47.97 22.98
C PHE A 214 -22.12 49.31 22.26
N ALA A 215 -23.35 49.77 22.13
CA ALA A 215 -23.67 51.06 21.52
C ALA A 215 -24.61 51.82 22.44
N PRO A 216 -24.09 52.35 23.54
CA PRO A 216 -24.92 53.12 24.46
C PRO A 216 -24.84 54.61 24.14
N ASP A 217 -25.71 55.37 24.80
CA ASP A 217 -25.77 56.82 24.63
C ASP A 217 -24.99 57.48 25.76
N VAL A 218 -23.73 57.80 25.50
CA VAL A 218 -22.90 58.51 26.44
C VAL A 218 -22.62 59.91 25.90
N ALA A 219 -22.04 60.76 26.74
CA ALA A 219 -21.80 62.15 26.41
C ALA A 219 -20.31 62.37 26.18
N GLY A 220 -19.91 62.36 24.92
CA GLY A 220 -18.55 62.70 24.54
C GLY A 220 -17.56 61.58 24.74
N THR A 221 -16.39 61.75 24.11
CA THR A 221 -15.34 60.75 24.16
C THR A 221 -14.86 60.50 25.59
N THR A 222 -14.65 61.58 26.36
CA THR A 222 -14.04 61.45 27.67
C THR A 222 -14.89 60.59 28.60
N ALA A 223 -16.21 60.75 28.55
CA ALA A 223 -17.07 59.91 29.37
C ALA A 223 -16.97 58.45 28.97
N ALA A 224 -16.80 58.17 27.68
CA ALA A 224 -16.64 56.80 27.23
C ALA A 224 -15.35 56.20 27.74
N LEU A 225 -14.24 56.93 27.60
CA LEU A 225 -12.97 56.44 28.13
C LEU A 225 -13.05 56.24 29.64
N ASP A 226 -13.81 57.08 30.33
CA ASP A 226 -13.96 56.92 31.77
C ASP A 226 -14.78 55.69 32.13
N LEU A 227 -15.83 55.41 31.37
CA LEU A 227 -16.56 54.16 31.54
C LEU A 227 -15.65 52.95 31.34
N ILE A 228 -14.81 53.02 30.30
CA ILE A 228 -13.92 51.89 30.03
C ILE A 228 -12.92 51.71 31.17
N SER A 229 -12.39 52.81 31.70
CA SER A 229 -11.47 52.70 32.82
C SER A 229 -12.16 52.16 34.05
N ARG A 230 -13.42 52.55 34.27
CA ARG A 230 -14.18 52.02 35.40
C ARG A 230 -14.40 50.53 35.25
N ALA A 231 -14.67 50.08 34.02
CA ALA A 231 -14.87 48.65 33.80
C ALA A 231 -13.57 47.88 33.99
N ILE A 232 -12.45 48.43 33.54
CA ILE A 232 -11.17 47.78 33.75
C ILE A 232 -10.87 47.68 35.24
N GLU A 233 -11.20 48.71 36.01
CA GLU A 233 -11.00 48.66 37.45
C GLU A 233 -11.92 47.64 38.10
N SER A 234 -13.18 47.58 37.68
CA SER A 234 -14.14 46.66 38.27
C SER A 234 -13.83 45.21 37.91
N ALA A 235 -13.14 44.98 36.80
CA ALA A 235 -12.80 43.61 36.42
C ALA A 235 -11.79 42.98 37.37
N GLY A 236 -10.99 43.79 38.05
CA GLY A 236 -9.94 43.31 38.91
C GLY A 236 -8.54 43.61 38.42
N LEU A 237 -8.41 44.41 37.37
CA LEU A 237 -7.13 44.73 36.76
C LEU A 237 -6.78 46.18 37.04
N ARG A 238 -5.69 46.65 36.46
CA ARG A 238 -5.30 48.05 36.61
C ARG A 238 -4.95 48.62 35.25
N PRO A 239 -5.52 49.78 34.88
CA PRO A 239 -5.30 50.32 33.55
C PRO A 239 -3.83 50.66 33.30
N GLY A 240 -3.38 50.41 32.09
CA GLY A 240 -2.01 50.72 31.70
C GLY A 240 -1.02 49.62 31.96
N ALA A 241 -1.02 49.08 33.17
CA ALA A 241 -0.11 48.00 33.49
C ALA A 241 -0.64 46.66 33.02
N ASP A 242 -1.95 46.45 33.14
CA ASP A 242 -2.59 45.24 32.65
C ASP A 242 -3.29 45.46 31.31
N VAL A 243 -4.21 46.40 31.24
CA VAL A 243 -5.00 46.64 30.05
C VAL A 243 -4.80 48.08 29.59
N ALA A 244 -4.44 48.25 28.32
CA ALA A 244 -4.27 49.56 27.72
C ALA A 244 -5.58 49.99 27.07
N LEU A 245 -5.53 51.04 26.27
CA LEU A 245 -6.69 51.52 25.52
C LEU A 245 -6.30 51.77 24.07
N ALA A 246 -7.30 51.85 23.21
CA ALA A 246 -7.08 52.14 21.81
C ALA A 246 -8.31 52.83 21.25
N LEU A 247 -8.11 53.55 20.15
CA LEU A 247 -9.18 54.31 19.52
C LEU A 247 -9.25 53.98 18.03
N ASP A 248 -10.46 54.06 17.50
CA ASP A 248 -10.69 54.09 16.06
C ASP A 248 -11.49 55.36 15.78
N ALA A 249 -10.78 56.47 15.62
CA ALA A 249 -11.41 57.68 15.13
C ALA A 249 -11.68 57.51 13.65
N ALA A 250 -12.94 57.41 13.27
CA ALA A 250 -13.28 57.34 11.86
C ALA A 250 -13.54 58.74 11.31
N ALA A 251 -12.56 59.63 11.51
CA ALA A 251 -12.80 61.06 11.38
C ALA A 251 -13.33 61.46 10.01
N THR A 252 -13.16 60.61 9.00
CA THR A 252 -13.83 60.86 7.73
C THR A 252 -15.34 60.89 7.91
N GLU A 253 -15.86 60.12 8.87
CA GLU A 253 -17.30 60.10 9.10
C GLU A 253 -17.83 61.39 9.68
N PHE A 254 -16.95 62.33 10.08
CA PHE A 254 -17.44 63.62 10.51
C PHE A 254 -16.59 64.78 9.98
N PHE A 255 -15.90 64.58 8.87
CA PHE A 255 -15.13 65.64 8.24
C PHE A 255 -15.86 66.11 6.99
N THR A 256 -16.40 67.33 7.04
CA THR A 256 -17.02 67.95 5.89
C THR A 256 -15.95 68.66 5.08
N ASP A 257 -15.72 68.20 3.86
CA ASP A 257 -14.66 68.74 3.03
C ASP A 257 -14.84 70.25 2.83
N GLY A 258 -13.79 71.01 3.14
CA GLY A 258 -13.84 72.45 3.05
C GLY A 258 -14.39 73.14 4.28
N THR A 259 -15.03 72.41 5.18
CA THR A 259 -15.59 72.98 6.41
C THR A 259 -14.77 72.60 7.64
N GLY A 260 -14.48 71.33 7.83
CA GLY A 260 -13.68 70.87 8.94
C GLY A 260 -14.34 69.74 9.71
N TYR A 261 -13.56 69.19 10.64
CA TYR A 261 -14.02 68.07 11.46
C TYR A 261 -15.03 68.58 12.48
N VAL A 262 -16.30 68.24 12.29
CA VAL A 262 -17.33 68.62 13.23
C VAL A 262 -17.36 67.63 14.39
N PHE A 263 -16.62 67.93 15.45
CA PHE A 263 -16.52 67.05 16.61
C PHE A 263 -17.21 67.71 17.79
N GLU A 264 -18.04 66.94 18.51
CA GLU A 264 -18.71 67.36 19.73
C GLU A 264 -19.63 68.56 19.51
N GLY A 265 -19.87 68.93 18.26
CA GLY A 265 -20.69 70.10 17.95
C GLY A 265 -19.92 71.38 17.77
N THR A 266 -18.61 71.32 17.58
CA THR A 266 -17.78 72.50 17.38
C THR A 266 -16.87 72.25 16.18
N THR A 267 -17.02 73.06 15.13
CA THR A 267 -16.18 72.88 13.95
C THR A 267 -14.72 73.12 14.30
N ARG A 268 -13.87 72.19 13.87
CA ARG A 268 -12.46 72.22 14.20
C ARG A 268 -11.63 72.00 12.94
N THR A 269 -10.34 72.26 13.06
CA THR A 269 -9.37 72.00 12.02
C THR A 269 -8.45 70.88 12.46
N ALA A 270 -7.50 70.52 11.59
CA ALA A 270 -6.55 69.45 11.92
C ALA A 270 -5.81 69.75 13.22
N ASP A 271 -5.45 71.01 13.44
CA ASP A 271 -4.72 71.37 14.65
C ASP A 271 -5.57 71.11 15.89
N GLN A 272 -6.86 71.45 15.83
CA GLN A 272 -7.72 71.23 16.99
C GLN A 272 -7.88 69.73 17.29
N MET A 273 -8.02 68.92 16.24
CA MET A 273 -8.09 67.48 16.46
C MET A 273 -6.80 66.93 17.04
N THR A 274 -5.66 67.45 16.59
CA THR A 274 -4.39 67.04 17.18
C THR A 274 -4.31 67.43 18.65
N GLU A 275 -4.83 68.62 18.99
CA GLU A 275 -4.84 69.02 20.40
C GLU A 275 -5.76 68.12 21.22
N PHE A 276 -6.91 67.74 20.66
CA PHE A 276 -7.79 66.82 21.36
C PHE A 276 -7.12 65.47 21.59
N TYR A 277 -6.41 64.96 20.58
CA TYR A 277 -5.69 63.71 20.74
C TYR A 277 -4.59 63.83 21.79
N ALA A 278 -3.84 64.93 21.77
CA ALA A 278 -2.76 65.12 22.74
C ALA A 278 -3.30 65.22 24.15
N GLY A 279 -4.48 65.84 24.31
CA GLY A 279 -5.12 65.84 25.61
C GLY A 279 -5.61 64.48 26.03
N LEU A 280 -6.00 63.65 25.06
CA LEU A 280 -6.38 62.28 25.38
C LEU A 280 -5.18 61.46 25.85
N LEU A 281 -4.04 61.61 25.18
CA LEU A 281 -2.83 60.87 25.54
C LEU A 281 -2.35 61.15 26.96
N GLY A 282 -2.90 62.15 27.64
CA GLY A 282 -2.47 62.45 28.98
C GLY A 282 -3.20 61.66 30.05
N ALA A 283 -4.53 61.78 30.08
CA ALA A 283 -5.32 61.23 31.16
C ALA A 283 -5.64 59.75 31.00
N TYR A 284 -5.25 59.12 29.89
CA TYR A 284 -5.59 57.73 29.65
C TYR A 284 -4.43 57.01 28.98
N PRO A 285 -4.25 55.73 29.26
CA PRO A 285 -3.12 54.97 28.70
C PRO A 285 -3.39 54.47 27.28
N LEU A 286 -3.63 55.39 26.37
CA LEU A 286 -3.79 55.01 24.97
C LEU A 286 -2.48 54.55 24.38
N VAL A 287 -2.55 53.54 23.53
CA VAL A 287 -1.38 53.01 22.83
C VAL A 287 -1.50 53.11 21.32
N SER A 288 -2.69 53.32 20.79
CA SER A 288 -2.88 53.29 19.34
C SER A 288 -4.17 54.02 18.97
N ILE A 289 -4.10 54.86 17.94
CA ILE A 289 -5.25 55.51 17.33
C ILE A 289 -5.17 55.26 15.83
N GLU A 290 -6.31 54.97 15.20
CA GLU A 290 -6.32 54.66 13.78
C GLU A 290 -7.22 55.62 13.02
N ASP A 291 -6.80 55.95 11.80
CA ASP A 291 -7.44 56.96 10.97
C ASP A 291 -7.70 58.26 11.73
N PRO A 292 -6.66 58.89 12.29
CA PRO A 292 -6.92 60.06 13.12
C PRO A 292 -7.62 61.19 12.40
N LEU A 293 -7.29 61.50 11.14
CA LEU A 293 -7.90 62.65 10.48
C LEU A 293 -8.72 62.27 9.24
N SER A 294 -8.12 61.71 8.20
CA SER A 294 -8.84 61.58 6.93
C SER A 294 -7.97 60.87 5.90
N GLU A 295 -8.58 60.54 4.76
CA GLU A 295 -7.89 59.82 3.70
C GLU A 295 -6.95 60.72 2.93
N ASP A 296 -7.43 61.91 2.55
CA ASP A 296 -6.70 62.79 1.66
C ASP A 296 -5.99 63.92 2.38
N ASP A 297 -6.19 64.05 3.69
CA ASP A 297 -5.59 65.12 4.47
C ASP A 297 -4.14 64.77 4.81
N TRP A 298 -3.35 64.50 3.76
CA TRP A 298 -1.98 64.07 3.94
C TRP A 298 -1.18 65.07 4.75
N ASP A 299 -1.29 66.35 4.41
CA ASP A 299 -0.53 67.38 5.11
C ASP A 299 -0.90 67.43 6.58
N GLY A 300 -2.19 67.34 6.89
CA GLY A 300 -2.61 67.32 8.28
C GLY A 300 -2.12 66.09 9.01
N TRP A 301 -1.98 64.97 8.30
CA TRP A 301 -1.45 63.76 8.93
C TRP A 301 0.02 63.92 9.27
N ALA A 302 0.83 64.32 8.28
CA ALA A 302 2.25 64.54 8.52
C ALA A 302 2.46 65.58 9.62
N ALA A 303 1.50 66.46 9.83
CA ALA A 303 1.54 67.42 10.92
C ALA A 303 1.10 66.80 12.25
N LEU A 304 0.34 65.71 12.20
CA LEU A 304 -0.14 65.03 13.40
C LEU A 304 0.79 63.91 13.83
N THR A 305 1.35 63.15 12.88
CA THR A 305 2.31 62.12 13.26
C THR A 305 3.63 62.68 13.76
N ALA A 306 3.76 63.99 13.86
CA ALA A 306 4.93 64.61 14.46
C ALA A 306 4.68 65.14 15.86
N SER A 307 3.45 65.56 16.15
CA SER A 307 3.13 66.09 17.48
C SER A 307 2.90 64.96 18.47
N ILE A 308 2.09 63.97 18.09
CA ILE A 308 1.80 62.83 18.95
C ILE A 308 2.36 61.54 18.39
N GLY A 309 2.98 61.56 17.21
CA GLY A 309 3.43 60.35 16.57
C GLY A 309 4.61 59.68 17.23
N ASP A 310 5.04 60.19 18.38
CA ASP A 310 6.14 59.61 19.14
C ASP A 310 5.68 58.89 20.40
N ARG A 311 4.50 59.21 20.92
CA ARG A 311 4.02 58.66 22.17
C ARG A 311 2.86 57.68 21.98
N VAL A 312 2.52 57.34 20.74
CA VAL A 312 1.34 56.53 20.46
C VAL A 312 1.47 55.98 19.05
N GLN A 313 0.78 54.88 18.78
CA GLN A 313 0.78 54.27 17.46
C GLN A 313 -0.29 54.94 16.60
N ILE A 314 0.03 55.18 15.34
CA ILE A 314 -0.89 55.79 14.40
C ILE A 314 -1.13 54.78 13.28
N VAL A 315 -2.36 54.29 13.18
CA VAL A 315 -2.70 53.23 12.24
C VAL A 315 -3.43 53.84 11.05
N GLY A 316 -2.97 53.53 9.85
CA GLY A 316 -3.66 53.97 8.65
C GLY A 316 -4.67 52.96 8.16
N ASP A 317 -5.94 53.19 8.47
CA ASP A 317 -7.01 52.28 8.07
C ASP A 317 -7.58 52.64 6.71
N ASP A 318 -7.96 53.90 6.51
CA ASP A 318 -8.52 54.36 5.25
C ASP A 318 -7.54 55.14 4.39
N ILE A 319 -6.59 55.85 5.00
CA ILE A 319 -5.62 56.61 4.22
C ILE A 319 -4.82 55.67 3.33
N PHE A 320 -4.69 54.41 3.74
CA PHE A 320 -4.23 53.34 2.88
C PHE A 320 -5.33 52.29 2.87
N VAL A 321 -5.40 51.53 1.78
CA VAL A 321 -6.43 50.50 1.68
C VAL A 321 -5.74 49.16 1.48
N THR A 322 -4.58 48.99 2.13
CA THR A 322 -3.70 47.84 1.95
C THR A 322 -3.14 47.80 0.55
N ASN A 323 -3.09 48.94 -0.12
CA ASN A 323 -2.50 49.04 -1.44
C ASN A 323 -1.03 49.41 -1.30
N PRO A 324 -0.11 48.64 -1.87
CA PRO A 324 1.31 49.02 -1.76
C PRO A 324 1.63 50.36 -2.41
N GLU A 325 0.97 50.67 -3.52
CA GLU A 325 1.27 51.91 -4.24
C GLU A 325 0.95 53.13 -3.40
N ARG A 326 -0.17 53.10 -2.66
CA ARG A 326 -0.46 54.18 -1.74
C ARG A 326 0.45 54.12 -0.52
N LEU A 327 0.85 52.92 -0.11
CA LEU A 327 1.63 52.75 1.10
C LEU A 327 3.02 53.35 0.96
N GLU A 328 3.64 53.19 -0.21
CA GLU A 328 4.96 53.77 -0.43
C GLU A 328 4.90 55.29 -0.33
N GLU A 329 3.98 55.91 -1.06
CA GLU A 329 3.85 57.36 -1.01
C GLU A 329 3.51 57.84 0.39
N GLY A 330 2.80 57.03 1.18
CA GLY A 330 2.58 57.39 2.57
C GLY A 330 3.86 57.30 3.39
N ILE A 331 4.65 56.25 3.17
CA ILE A 331 5.93 56.12 3.85
C ILE A 331 6.79 57.36 3.60
N GLU A 332 6.72 57.89 2.38
CA GLU A 332 7.55 59.05 2.03
C GLU A 332 7.21 60.27 2.87
N ARG A 333 5.94 60.64 2.91
CA ARG A 333 5.52 61.92 3.49
C ARG A 333 5.49 61.94 5.02
N GLY A 334 6.07 61.01 5.77
CA GLY A 334 6.01 61.08 7.21
C GLY A 334 4.60 60.96 7.76
N VAL A 335 3.85 60.01 7.22
CA VAL A 335 2.46 59.77 7.59
C VAL A 335 2.47 58.61 8.57
N ALA A 336 1.29 58.21 9.03
CA ALA A 336 1.06 57.29 10.16
C ALA A 336 2.01 56.09 10.07
N ASN A 337 2.32 55.51 11.24
CA ASN A 337 3.36 54.50 11.34
C ASN A 337 2.79 53.11 11.63
N ALA A 338 1.60 52.83 11.09
CA ALA A 338 0.98 51.52 11.19
C ALA A 338 -0.15 51.44 10.19
N LEU A 339 -0.50 50.22 9.80
CA LEU A 339 -1.59 50.01 8.85
C LEU A 339 -2.38 48.77 9.23
N LEU A 340 -3.62 48.72 8.79
CA LEU A 340 -4.48 47.56 8.94
C LEU A 340 -4.37 46.67 7.72
N VAL A 341 -4.24 45.38 7.94
CA VAL A 341 -4.14 44.44 6.83
C VAL A 341 -5.47 43.70 6.67
N LYS A 342 -6.33 44.21 5.79
CA LYS A 342 -7.59 43.55 5.47
C LYS A 342 -7.41 42.80 4.17
N VAL A 343 -7.64 41.49 4.21
CA VAL A 343 -7.19 40.62 3.12
C VAL A 343 -8.04 40.80 1.87
N ASN A 344 -9.28 41.24 2.02
CA ASN A 344 -10.17 41.36 0.88
C ASN A 344 -10.19 42.76 0.28
N GLN A 345 -9.41 43.69 0.82
CA GLN A 345 -9.19 44.97 0.18
C GLN A 345 -8.07 44.92 -0.85
N ILE A 346 -7.30 43.83 -0.89
CA ILE A 346 -6.22 43.71 -1.86
C ILE A 346 -6.48 42.61 -2.88
N GLY A 347 -7.13 41.51 -2.50
CA GLY A 347 -7.66 40.55 -3.44
C GLY A 347 -6.97 39.21 -3.44
N THR A 348 -5.70 39.14 -3.05
CA THR A 348 -4.98 37.88 -3.01
C THR A 348 -4.16 37.78 -1.74
N LEU A 349 -3.78 36.55 -1.41
CA LEU A 349 -2.85 36.32 -0.31
C LEU A 349 -1.47 36.85 -0.64
N THR A 350 -1.03 36.66 -1.90
CA THR A 350 0.29 37.09 -2.31
C THR A 350 0.47 38.60 -2.14
N GLU A 351 -0.45 39.38 -2.69
CA GLU A 351 -0.33 40.83 -2.55
C GLU A 351 -0.46 41.26 -1.10
N THR A 352 -1.20 40.50 -0.30
CA THR A 352 -1.27 40.77 1.14
C THR A 352 0.12 40.64 1.76
N LEU A 353 0.77 39.51 1.53
CA LEU A 353 2.10 39.28 2.07
C LEU A 353 3.09 40.33 1.56
N ASP A 354 2.97 40.72 0.30
CA ASP A 354 3.89 41.71 -0.25
C ASP A 354 3.69 43.07 0.40
N ALA A 355 2.43 43.47 0.62
CA ALA A 355 2.20 44.77 1.26
C ALA A 355 2.65 44.74 2.71
N VAL A 356 2.43 43.63 3.42
CA VAL A 356 2.87 43.60 4.81
C VAL A 356 4.38 43.60 4.90
N THR A 357 5.06 42.93 3.96
CA THR A 357 6.51 43.01 3.89
C THR A 357 6.96 44.45 3.65
N LEU A 358 6.39 45.10 2.63
CA LEU A 358 6.77 46.48 2.33
C LEU A 358 6.55 47.41 3.52
N ALA A 359 5.54 47.15 4.34
CA ALA A 359 5.28 48.02 5.48
C ALA A 359 6.08 47.65 6.71
N HIS A 360 6.56 46.41 6.80
CA HIS A 360 7.43 46.04 7.91
C HIS A 360 8.76 46.75 7.83
N HIS A 361 9.41 46.69 6.67
CA HIS A 361 10.73 47.28 6.50
C HIS A 361 10.72 48.78 6.60
N GLY A 362 9.56 49.42 6.54
CA GLY A 362 9.46 50.85 6.70
C GLY A 362 9.32 51.33 8.12
N GLY A 363 9.48 50.45 9.10
CA GLY A 363 9.31 50.83 10.48
C GLY A 363 7.87 50.89 10.94
N TYR A 364 6.94 50.35 10.16
CA TYR A 364 5.52 50.35 10.49
C TYR A 364 5.11 49.01 11.04
N ARG A 365 4.44 49.01 12.18
CA ARG A 365 3.80 47.80 12.66
C ARG A 365 2.47 47.59 11.94
N THR A 366 2.07 46.34 11.80
CA THR A 366 0.85 46.00 11.10
C THR A 366 -0.19 45.46 12.09
N MET A 367 -1.40 45.25 11.58
CA MET A 367 -2.49 44.77 12.43
C MET A 367 -3.52 44.08 11.53
N ILE A 368 -3.54 42.75 11.55
CA ILE A 368 -4.56 42.01 10.82
C ILE A 368 -5.92 42.36 11.37
N SER A 369 -6.85 42.66 10.48
CA SER A 369 -8.16 43.17 10.88
C SER A 369 -9.28 42.39 10.24
N HIS A 370 -10.48 42.58 10.77
CA HIS A 370 -11.68 41.89 10.36
C HIS A 370 -12.56 42.81 9.52
N ARG A 371 -13.63 42.26 8.98
CA ARG A 371 -14.63 43.03 8.26
C ARG A 371 -15.92 43.06 9.04
N SER A 372 -16.85 43.91 8.59
CA SER A 372 -18.16 43.98 9.23
C SER A 372 -18.93 42.68 9.05
N GLY A 373 -18.92 42.14 7.84
CA GLY A 373 -19.51 40.83 7.62
C GLY A 373 -18.48 39.74 7.50
N GLU A 374 -18.29 38.98 8.57
CA GLU A 374 -17.37 37.86 8.60
C GLU A 374 -18.14 36.56 8.50
N THR A 375 -17.41 35.45 8.55
CA THR A 375 -18.03 34.13 8.51
C THR A 375 -17.39 33.27 9.60
N GLU A 376 -17.65 31.98 9.57
CA GLU A 376 -17.01 31.05 10.48
C GLU A 376 -15.61 30.65 10.03
N ASP A 377 -15.01 31.41 9.11
CA ASP A 377 -13.68 31.14 8.58
C ASP A 377 -12.65 31.83 9.47
N THR A 378 -11.73 31.05 10.03
CA THR A 378 -10.75 31.55 10.99
C THR A 378 -9.37 31.73 10.37
N MET A 379 -9.31 32.17 9.13
CA MET A 379 -8.03 32.27 8.43
C MET A 379 -7.18 33.44 8.90
N ILE A 380 -7.81 34.54 9.30
CA ILE A 380 -7.02 35.71 9.67
C ILE A 380 -6.28 35.50 10.98
N ALA A 381 -6.71 34.56 11.81
CA ALA A 381 -5.92 34.20 12.99
C ALA A 381 -4.60 33.56 12.58
N ASP A 382 -4.67 32.51 11.76
CA ASP A 382 -3.46 31.90 11.22
C ASP A 382 -2.59 32.92 10.51
N LEU A 383 -3.21 33.86 9.80
CA LEU A 383 -2.44 34.84 9.07
C LEU A 383 -1.77 35.85 9.99
N ALA A 384 -2.39 36.20 11.11
CA ALA A 384 -1.77 37.11 12.05
C ALA A 384 -0.68 36.43 12.85
N VAL A 385 -0.74 35.12 12.99
CA VAL A 385 0.37 34.41 13.62
C VAL A 385 1.52 34.25 12.64
N ALA A 386 1.22 33.93 11.38
CA ALA A 386 2.26 33.66 10.40
C ALA A 386 3.11 34.89 10.12
N ILE A 387 2.49 36.01 9.76
CA ILE A 387 3.25 37.22 9.50
C ILE A 387 3.86 37.81 10.75
N GLY A 388 3.52 37.29 11.92
CA GLY A 388 4.08 37.77 13.17
C GLY A 388 3.79 39.23 13.43
N SER A 389 2.56 39.66 13.22
CA SER A 389 2.23 41.07 13.38
C SER A 389 2.28 41.50 14.84
N GLY A 390 1.94 40.61 15.76
CA GLY A 390 1.91 40.99 17.16
C GLY A 390 0.74 41.85 17.56
N GLN A 391 -0.22 42.04 16.67
CA GLN A 391 -1.48 42.71 16.97
C GLN A 391 -2.56 42.08 16.11
N ILE A 392 -3.76 42.01 16.64
CA ILE A 392 -4.92 41.59 15.87
C ILE A 392 -6.11 42.40 16.33
N LYS A 393 -7.04 42.63 15.42
CA LYS A 393 -8.27 43.38 15.70
C LYS A 393 -9.40 42.55 15.12
N THR A 394 -10.10 41.81 15.97
CA THR A 394 -11.15 40.93 15.50
C THR A 394 -12.35 40.96 16.42
N GLY A 395 -12.64 42.13 17.00
CA GLY A 395 -13.90 42.35 17.66
C GLY A 395 -13.92 41.99 19.13
N ALA A 396 -15.11 42.09 19.71
CA ALA A 396 -15.33 41.77 21.10
C ALA A 396 -15.54 40.27 21.28
N PRO A 397 -15.28 39.76 22.48
CA PRO A 397 -15.55 38.34 22.73
C PRO A 397 -17.04 38.04 22.79
N ALA A 398 -17.71 38.15 21.65
CA ALA A 398 -19.11 37.78 21.51
C ALA A 398 -19.36 37.57 20.02
N ARG A 399 -20.54 37.06 19.69
CA ARG A 399 -20.89 36.89 18.28
C ARG A 399 -19.89 35.97 17.59
N SER A 400 -19.99 34.66 17.84
CA SER A 400 -18.89 33.73 17.62
C SER A 400 -18.26 33.76 16.23
N GLU A 401 -18.79 34.56 15.30
CA GLU A 401 -17.98 34.86 14.13
C GLU A 401 -16.77 35.69 14.48
N ARG A 402 -16.79 36.39 15.63
CA ARG A 402 -15.64 37.07 16.16
C ARG A 402 -14.86 36.20 17.15
N VAL A 403 -15.56 35.33 17.87
CA VAL A 403 -14.90 34.48 18.85
C VAL A 403 -14.25 33.26 18.21
N ALA A 404 -14.71 32.83 17.04
CA ALA A 404 -14.04 31.74 16.33
C ALA A 404 -12.57 32.05 16.12
N LYS A 405 -12.24 33.31 15.87
CA LYS A 405 -10.85 33.70 15.70
C LYS A 405 -10.05 33.48 16.98
N TYR A 406 -10.62 33.88 18.12
CA TYR A 406 -9.93 33.70 19.40
C TYR A 406 -9.79 32.22 19.75
N ASN A 407 -10.80 31.43 19.44
CA ASN A 407 -10.70 29.99 19.67
C ASN A 407 -9.60 29.38 18.82
N GLN A 408 -9.47 29.82 17.57
CA GLN A 408 -8.41 29.32 16.73
C GLN A 408 -7.05 29.75 17.24
N LEU A 409 -6.95 30.97 17.77
CA LEU A 409 -5.68 31.39 18.35
C LEU A 409 -5.33 30.59 19.60
N LEU A 410 -6.33 30.18 20.38
CA LEU A 410 -6.06 29.28 21.51
C LEU A 410 -5.56 27.93 21.02
N ARG A 411 -6.19 27.37 19.99
CA ARG A 411 -5.72 26.12 19.42
C ARG A 411 -4.29 26.26 18.90
N ILE A 412 -4.00 27.36 18.22
CA ILE A 412 -2.65 27.61 17.74
C ILE A 412 -1.67 27.64 18.89
N GLU A 413 -2.04 28.33 19.98
CA GLU A 413 -1.11 28.48 21.09
C GLU A 413 -0.83 27.16 21.77
N GLU A 414 -1.83 26.29 21.88
CA GLU A 414 -1.52 25.01 22.48
C GLU A 414 -0.89 24.03 21.50
N ALA A 415 -1.01 24.30 20.19
CA ALA A 415 -0.34 23.46 19.20
C ALA A 415 1.14 23.81 19.08
N LEU A 416 1.48 25.08 19.30
CA LEU A 416 2.89 25.44 19.39
C LEU A 416 3.54 24.75 20.58
N GLY A 417 2.96 24.89 21.75
CA GLY A 417 3.51 24.29 22.96
C GLY A 417 4.40 25.28 23.68
N ASP A 418 5.59 24.83 24.07
CA ASP A 418 6.54 25.70 24.73
C ASP A 418 7.13 26.73 23.78
N ALA A 419 6.93 26.56 22.47
CA ALA A 419 7.52 27.47 21.50
C ALA A 419 6.81 28.82 21.48
N ALA A 420 5.52 28.84 21.78
CA ALA A 420 4.72 30.05 21.63
C ALA A 420 5.24 31.18 22.51
N ARG A 421 5.02 32.40 22.05
CA ARG A 421 5.34 33.60 22.81
C ARG A 421 4.20 34.58 22.64
N TYR A 422 3.75 35.17 23.73
CA TYR A 422 2.74 36.21 23.67
C TYR A 422 3.41 37.55 23.43
N ALA A 423 2.97 38.25 22.39
CA ALA A 423 3.58 39.52 22.04
C ALA A 423 2.99 40.65 22.88
N GLY A 424 2.95 40.47 24.20
CA GLY A 424 2.42 41.50 25.07
C GLY A 424 3.49 42.51 25.42
N ASP A 425 3.15 43.78 25.25
CA ASP A 425 3.90 44.97 25.66
C ASP A 425 5.20 45.13 24.91
N LEU A 426 5.54 44.18 24.03
CA LEU A 426 6.56 44.40 23.03
C LEU A 426 6.00 44.98 21.75
N ALA A 427 4.68 45.00 21.61
CA ALA A 427 4.02 45.56 20.45
C ALA A 427 3.64 47.02 20.65
N PHE A 428 3.94 47.61 21.80
CA PHE A 428 3.63 49.01 22.09
C PHE A 428 4.75 49.64 22.89
N PRO A 429 5.91 49.86 22.27
CA PRO A 429 7.03 50.46 23.01
C PRO A 429 6.74 51.83 23.57
N ARG A 430 6.00 52.66 22.83
CA ARG A 430 5.69 54.01 23.28
C ARG A 430 4.72 54.02 24.47
N MET B 8 -10.38 0.59 11.93
CA MET B 8 -11.42 0.26 12.89
C MET B 8 -11.92 1.49 13.63
N PRO B 9 -13.20 1.47 14.01
CA PRO B 9 -13.79 2.59 14.77
C PRO B 9 -13.64 2.42 16.29
N ILE B 10 -12.40 2.32 16.74
CA ILE B 10 -12.09 2.19 18.16
C ILE B 10 -11.35 3.45 18.61
N ILE B 11 -11.80 4.03 19.72
CA ILE B 11 -11.25 5.29 20.19
C ILE B 11 -9.84 5.09 20.70
N GLU B 12 -8.93 5.98 20.33
CA GLU B 12 -7.53 5.87 20.71
C GLU B 12 -7.09 6.95 21.68
N GLN B 13 -7.44 8.21 21.41
CA GLN B 13 -6.97 9.33 22.20
C GLN B 13 -8.11 10.34 22.34
N VAL B 14 -8.24 10.93 23.52
CA VAL B 14 -9.29 11.90 23.80
C VAL B 14 -8.67 13.10 24.50
N ARG B 15 -8.97 14.29 24.01
CA ARG B 15 -8.47 15.52 24.59
C ARG B 15 -9.64 16.46 24.84
N ALA B 16 -9.40 17.48 25.66
CA ALA B 16 -10.42 18.48 25.95
C ALA B 16 -9.73 19.78 26.30
N ARG B 17 -10.30 20.88 25.83
CA ARG B 17 -9.77 22.21 26.10
C ARG B 17 -10.94 23.13 26.42
N GLU B 18 -10.61 24.33 26.88
CA GLU B 18 -11.61 25.31 27.30
C GLU B 18 -11.59 26.47 26.32
N ILE B 19 -12.74 26.73 25.69
CA ILE B 19 -12.90 27.76 24.68
C ILE B 19 -14.06 28.67 25.10
N LEU B 20 -14.29 29.72 24.32
CA LEU B 20 -15.38 30.65 24.57
C LEU B 20 -16.56 30.34 23.67
N ASP B 21 -17.76 30.49 24.20
CA ASP B 21 -18.96 30.32 23.39
C ASP B 21 -19.36 31.65 22.78
N SER B 22 -20.51 31.66 22.09
CA SER B 22 -20.92 32.85 21.35
C SER B 22 -21.21 34.04 22.25
N ARG B 23 -21.30 33.84 23.56
CA ARG B 23 -21.62 34.92 24.48
C ARG B 23 -20.44 35.33 25.34
N GLY B 24 -19.26 34.78 25.11
CA GLY B 24 -18.10 35.13 25.88
C GLY B 24 -17.91 34.37 27.16
N ASN B 25 -18.61 33.26 27.35
CA ASN B 25 -18.42 32.43 28.52
C ASN B 25 -17.69 31.15 28.13
N PRO B 26 -16.91 30.57 29.03
CA PRO B 26 -16.15 29.37 28.68
C PRO B 26 -17.07 28.18 28.43
N THR B 27 -16.54 27.23 27.66
CA THR B 27 -17.21 25.96 27.44
C THR B 27 -16.17 24.92 27.09
N VAL B 28 -16.61 23.68 26.92
CA VAL B 28 -15.72 22.55 26.75
C VAL B 28 -15.67 22.16 25.28
N GLU B 29 -14.50 21.76 24.82
CA GLU B 29 -14.33 21.26 23.45
C GLU B 29 -13.54 19.97 23.51
N VAL B 30 -14.15 18.88 23.07
CA VAL B 30 -13.55 17.56 23.11
C VAL B 30 -13.09 17.17 21.72
N GLU B 31 -12.02 16.37 21.63
CA GLU B 31 -11.45 15.94 20.36
C GLU B 31 -11.17 14.44 20.42
N VAL B 32 -12.17 13.63 20.08
CA VAL B 32 -12.00 12.19 20.05
C VAL B 32 -11.22 11.81 18.80
N ALA B 33 -10.17 11.02 18.98
CA ALA B 33 -9.37 10.53 17.87
C ALA B 33 -9.52 9.01 17.76
N LEU B 34 -9.43 8.53 16.52
CA LEU B 34 -9.51 7.11 16.24
C LEU B 34 -8.15 6.57 15.82
N ILE B 35 -8.06 5.24 15.76
CA ILE B 35 -6.79 4.60 15.49
C ILE B 35 -6.31 4.92 14.08
N ASP B 36 -7.24 4.98 13.13
CA ASP B 36 -6.89 5.29 11.75
C ASP B 36 -6.26 6.67 11.64
N GLY B 37 -6.89 7.67 12.23
CA GLY B 37 -6.48 9.05 12.07
C GLY B 37 -7.69 9.97 12.04
N THR B 38 -8.88 9.38 11.98
CA THR B 38 -10.12 10.12 12.16
C THR B 38 -10.04 11.00 13.40
N PHE B 39 -10.13 12.30 13.19
CA PHE B 39 -9.95 13.28 14.25
C PHE B 39 -11.09 14.28 14.20
N ALA B 40 -12.03 14.18 15.13
CA ALA B 40 -13.23 15.00 15.14
C ALA B 40 -13.34 15.76 16.45
N ARG B 41 -13.73 17.02 16.37
CA ARG B 41 -13.94 17.85 17.55
C ARG B 41 -15.40 18.27 17.62
N ALA B 42 -15.87 18.53 18.83
CA ALA B 42 -17.25 18.93 19.06
C ALA B 42 -17.34 19.80 20.30
N ALA B 43 -17.95 20.98 20.15
CA ALA B 43 -18.12 21.91 21.25
C ALA B 43 -19.51 21.80 21.83
N VAL B 44 -19.61 21.98 23.14
CA VAL B 44 -20.85 21.76 23.88
C VAL B 44 -21.52 23.11 24.10
N PRO B 45 -22.74 23.31 23.64
CA PRO B 45 -23.44 24.57 23.92
C PRO B 45 -23.85 24.65 25.38
N SER B 46 -24.42 25.78 25.80
CA SER B 46 -24.79 25.93 27.20
C SER B 46 -25.89 26.97 27.31
N GLY B 47 -26.90 26.66 28.10
CA GLY B 47 -28.02 27.56 28.28
C GLY B 47 -27.77 28.60 29.33
N ALA B 48 -28.65 29.61 29.35
CA ALA B 48 -28.51 30.70 30.30
C ALA B 48 -28.64 30.21 31.74
N SER B 49 -29.43 29.17 31.98
CA SER B 49 -29.63 28.66 33.32
C SER B 49 -29.91 27.16 33.25
N THR B 50 -29.57 26.47 34.33
CA THR B 50 -29.79 25.03 34.45
C THR B 50 -30.94 24.80 35.43
N GLY B 51 -32.04 24.23 34.93
CA GLY B 51 -33.22 24.02 35.74
C GLY B 51 -33.10 22.85 36.70
N GLU B 52 -34.22 22.17 36.97
CA GLU B 52 -34.29 21.14 38.00
C GLU B 52 -34.42 19.74 37.43
N HIS B 53 -34.52 19.59 36.11
CA HIS B 53 -34.58 18.26 35.50
C HIS B 53 -33.53 18.03 34.42
N GLU B 54 -32.84 19.07 33.97
CA GLU B 54 -31.78 18.91 32.98
C GLU B 54 -30.58 18.17 33.58
N ALA B 55 -29.62 17.87 32.74
CA ALA B 55 -28.28 17.54 33.20
C ALA B 55 -27.56 18.84 33.54
N VAL B 56 -26.81 18.82 34.61
CA VAL B 56 -26.18 20.04 35.09
C VAL B 56 -24.80 20.17 34.48
N GLU B 57 -24.40 21.41 34.24
CA GLU B 57 -23.07 21.72 33.77
C GLU B 57 -22.12 21.86 34.95
N LEU B 58 -20.90 21.35 34.79
CA LEU B 58 -19.91 21.37 35.86
C LEU B 58 -19.04 22.60 35.71
N ARG B 59 -19.54 23.72 36.22
CA ARG B 59 -18.77 24.96 36.23
C ARG B 59 -17.77 24.95 37.37
N ASP B 60 -16.70 25.72 37.19
CA ASP B 60 -15.65 25.78 38.21
C ASP B 60 -16.15 26.47 39.47
N GLY B 61 -16.68 27.67 39.33
CA GLY B 61 -17.08 28.45 40.49
C GLY B 61 -15.92 29.18 41.10
N GLY B 62 -16.12 30.43 41.49
CA GLY B 62 -15.05 31.22 42.06
C GLY B 62 -15.00 32.63 41.54
N ASP B 63 -13.81 33.08 41.14
CA ASP B 63 -13.64 34.42 40.59
C ASP B 63 -13.04 34.41 39.20
N ARG B 64 -12.44 33.32 38.75
CA ARG B 64 -11.94 33.23 37.40
C ARG B 64 -13.10 33.11 36.43
N TYR B 65 -13.09 33.94 35.39
CA TYR B 65 -14.12 33.94 34.35
C TYR B 65 -15.50 34.19 34.93
N GLY B 66 -15.58 34.91 36.04
CA GLY B 66 -16.85 35.14 36.69
C GLY B 66 -17.46 33.90 37.30
N GLY B 67 -16.64 32.93 37.69
CA GLY B 67 -17.15 31.71 38.27
C GLY B 67 -17.72 30.73 37.28
N LYS B 68 -17.56 30.97 35.98
CA LYS B 68 -18.09 30.10 34.94
C LYS B 68 -17.00 29.30 34.25
N GLY B 69 -15.82 29.19 34.85
CA GLY B 69 -14.78 28.38 34.25
C GLY B 69 -15.19 26.93 34.16
N VAL B 70 -14.62 26.23 33.18
CA VAL B 70 -14.88 24.81 33.01
C VAL B 70 -13.55 24.06 33.06
N GLN B 71 -12.61 24.58 33.85
CA GLN B 71 -11.30 23.93 33.92
C GLN B 71 -11.35 22.56 34.57
N LYS B 72 -12.42 22.24 35.29
CA LYS B 72 -12.52 20.93 35.94
C LYS B 72 -13.45 19.98 35.22
N ALA B 73 -14.28 20.47 34.30
CA ALA B 73 -14.91 19.57 33.33
C ALA B 73 -13.91 19.18 32.26
N VAL B 74 -12.98 20.07 31.94
CA VAL B 74 -11.88 19.71 31.05
C VAL B 74 -11.02 18.64 31.70
N GLN B 75 -10.86 18.71 33.02
CA GLN B 75 -10.04 17.73 33.71
C GLN B 75 -10.74 16.39 33.85
N ALA B 76 -12.06 16.40 34.03
CA ALA B 76 -12.81 15.15 34.09
C ALA B 76 -12.66 14.34 32.81
N VAL B 77 -12.56 15.00 31.66
CA VAL B 77 -12.41 14.27 30.40
C VAL B 77 -11.01 13.72 30.26
N LEU B 78 -10.00 14.46 30.74
CA LEU B 78 -8.62 14.06 30.56
C LEU B 78 -8.14 13.06 31.60
N ASP B 79 -8.87 12.88 32.69
CA ASP B 79 -8.45 11.98 33.75
C ASP B 79 -9.35 10.78 33.94
N GLU B 80 -10.66 10.91 33.68
CA GLU B 80 -11.58 9.80 33.86
C GLU B 80 -12.18 9.31 32.56
N ILE B 81 -12.85 10.19 31.81
CA ILE B 81 -13.64 9.75 30.66
C ILE B 81 -12.74 9.22 29.56
N GLY B 82 -11.56 9.80 29.39
CA GLY B 82 -10.63 9.37 28.38
C GLY B 82 -10.38 7.88 28.42
N PRO B 83 -9.70 7.41 29.47
CA PRO B 83 -9.49 5.96 29.62
C PRO B 83 -10.77 5.16 29.83
N ALA B 84 -11.85 5.78 30.30
CA ALA B 84 -13.09 5.05 30.48
C ALA B 84 -13.79 4.74 29.16
N VAL B 85 -13.45 5.43 28.08
CA VAL B 85 -13.99 5.10 26.77
C VAL B 85 -12.93 4.62 25.80
N ILE B 86 -11.65 4.95 26.02
CA ILE B 86 -10.60 4.54 25.10
C ILE B 86 -10.62 3.02 24.99
N GLY B 87 -10.90 2.52 23.79
CA GLY B 87 -10.98 1.09 23.54
C GLY B 87 -12.36 0.60 23.15
N LEU B 88 -13.41 1.36 23.43
CA LEU B 88 -14.75 0.95 23.02
C LEU B 88 -14.91 1.13 21.51
N ASN B 89 -16.09 0.77 21.01
CA ASN B 89 -16.38 0.80 19.58
C ASN B 89 -17.21 2.02 19.24
N ALA B 90 -16.71 2.83 18.29
CA ALA B 90 -17.35 4.09 17.98
C ALA B 90 -18.80 3.89 17.52
N ASP B 91 -19.04 2.95 16.62
CA ASP B 91 -20.37 2.77 16.06
C ASP B 91 -21.38 2.28 17.09
N ASP B 92 -20.95 2.01 18.32
CA ASP B 92 -21.85 1.57 19.38
C ASP B 92 -22.17 2.78 20.26
N GLN B 93 -23.04 3.64 19.76
CA GLN B 93 -23.49 4.77 20.55
C GLN B 93 -24.14 4.31 21.84
N ARG B 94 -24.96 3.26 21.78
CA ARG B 94 -25.59 2.75 22.98
C ARG B 94 -24.55 2.30 24.00
N LEU B 95 -23.52 1.60 23.53
CA LEU B 95 -22.47 1.12 24.41
C LEU B 95 -21.77 2.27 25.12
N VAL B 96 -21.19 3.18 24.34
CA VAL B 96 -20.38 4.26 24.91
C VAL B 96 -21.23 5.17 25.77
N ASP B 97 -22.47 5.41 25.37
CA ASP B 97 -23.30 6.33 26.14
C ASP B 97 -23.77 5.70 27.46
N GLN B 98 -24.04 4.39 27.47
CA GLN B 98 -24.32 3.74 28.74
C GLN B 98 -23.06 3.65 29.59
N ALA B 99 -21.90 3.46 28.96
CA ALA B 99 -20.63 3.49 29.69
C ALA B 99 -20.47 4.81 30.44
N LEU B 100 -20.67 5.92 29.74
CA LEU B 100 -20.57 7.24 30.36
C LEU B 100 -21.61 7.40 31.46
N VAL B 101 -22.86 7.04 31.18
CA VAL B 101 -23.92 7.26 32.17
C VAL B 101 -23.68 6.46 33.43
N ASP B 102 -23.07 5.27 33.32
CA ASP B 102 -22.78 4.51 34.53
C ASP B 102 -21.51 5.02 35.21
N LEU B 103 -20.50 5.41 34.43
CA LEU B 103 -19.28 5.97 35.00
C LEU B 103 -19.58 7.22 35.81
N ASP B 104 -20.61 7.97 35.42
CA ASP B 104 -21.02 9.09 36.25
C ASP B 104 -21.76 8.60 37.49
N GLY B 105 -22.89 7.91 37.29
CA GLY B 105 -23.58 7.26 38.38
C GLY B 105 -24.65 8.07 39.07
N THR B 106 -25.00 9.24 38.54
CA THR B 106 -26.01 10.10 39.16
C THR B 106 -27.18 10.31 38.21
N PRO B 107 -28.35 10.68 38.74
CA PRO B 107 -29.52 10.86 37.86
C PRO B 107 -29.44 12.08 36.96
N ASP B 108 -28.47 12.97 37.14
CA ASP B 108 -28.36 14.14 36.26
C ASP B 108 -26.91 14.40 35.86
N LYS B 109 -26.08 13.36 35.87
CA LYS B 109 -24.70 13.44 35.39
C LYS B 109 -23.89 14.52 36.10
N SER B 110 -24.23 14.80 37.37
CA SER B 110 -23.62 15.92 38.06
C SER B 110 -22.17 15.67 38.44
N ARG B 111 -21.80 14.42 38.71
CA ARG B 111 -20.44 14.14 39.16
C ARG B 111 -19.42 14.52 38.10
N LEU B 112 -19.71 14.24 36.84
CA LEU B 112 -18.81 14.56 35.73
C LEU B 112 -19.33 15.71 34.87
N GLY B 113 -20.51 16.22 35.15
CA GLY B 113 -21.03 17.36 34.42
C GLY B 113 -21.68 16.98 33.11
N GLY B 114 -22.87 17.52 32.85
CA GLY B 114 -23.54 17.25 31.60
C GLY B 114 -22.98 17.97 30.39
N ASN B 115 -21.78 18.52 30.51
CA ASN B 115 -21.08 19.10 29.36
C ASN B 115 -19.80 18.37 29.02
N ALA B 116 -19.13 17.78 30.00
CA ALA B 116 -17.95 16.98 29.70
C ALA B 116 -18.30 15.66 29.07
N ILE B 117 -19.52 15.18 29.28
CA ILE B 117 -19.96 13.90 28.72
C ILE B 117 -20.53 14.09 27.32
N LEU B 118 -21.42 15.07 27.15
CA LEU B 118 -22.02 15.30 25.84
C LEU B 118 -20.96 15.61 24.79
N GLY B 119 -19.88 16.28 25.18
CA GLY B 119 -18.82 16.53 24.23
C GLY B 119 -18.22 15.24 23.71
N VAL B 120 -18.01 14.27 24.60
CA VAL B 120 -17.42 13.00 24.17
C VAL B 120 -18.42 12.21 23.35
N SER B 121 -19.69 12.19 23.76
CA SER B 121 -20.72 11.54 22.96
C SER B 121 -20.73 12.08 21.54
N LEU B 122 -20.84 13.41 21.40
CA LEU B 122 -20.92 14.01 20.07
C LEU B 122 -19.66 13.75 19.27
N ALA B 123 -18.49 14.04 19.84
CA ALA B 123 -17.26 13.84 19.09
C ALA B 123 -17.00 12.38 18.78
N VAL B 124 -17.67 11.45 19.46
CA VAL B 124 -17.61 10.05 19.05
C VAL B 124 -18.54 9.81 17.87
N ALA B 125 -19.75 10.37 17.93
CA ALA B 125 -20.65 10.25 16.79
C ALA B 125 -20.09 10.94 15.55
N LYS B 126 -19.30 12.00 15.72
CA LYS B 126 -18.65 12.65 14.59
C LYS B 126 -17.46 11.87 14.08
N ALA B 127 -17.15 10.72 14.67
CA ALA B 127 -16.13 9.83 14.15
C ALA B 127 -16.68 8.47 13.73
N ALA B 128 -17.80 8.04 14.29
CA ALA B 128 -18.53 6.89 13.75
C ALA B 128 -19.26 7.24 12.47
N ALA B 129 -19.29 8.51 12.09
CA ALA B 129 -19.74 8.96 10.78
C ALA B 129 -18.59 9.36 9.88
N ASP B 130 -17.54 9.98 10.44
CA ASP B 130 -16.36 10.27 9.65
C ASP B 130 -15.65 9.00 9.23
N SER B 131 -15.70 7.96 10.05
CA SER B 131 -15.03 6.70 9.71
C SER B 131 -15.70 6.04 8.52
N ALA B 132 -17.00 5.79 8.64
CA ALA B 132 -17.78 5.15 7.58
C ALA B 132 -17.82 6.02 6.33
N GLU B 133 -17.21 7.20 6.40
CA GLU B 133 -17.13 8.15 5.30
C GLU B 133 -18.50 8.69 4.93
N LEU B 134 -19.53 8.28 5.65
CA LEU B 134 -20.81 8.92 5.53
C LEU B 134 -20.71 10.35 6.06
N PRO B 135 -21.62 11.24 5.65
CA PRO B 135 -21.71 12.54 6.31
C PRO B 135 -22.58 12.45 7.55
N LEU B 136 -22.25 13.29 8.53
CA LEU B 136 -22.82 13.13 9.87
C LEU B 136 -24.34 13.05 9.87
N PHE B 137 -25.00 13.56 8.85
CA PHE B 137 -26.45 13.49 8.83
C PHE B 137 -26.96 12.19 8.24
N ARG B 138 -26.19 11.56 7.36
CA ARG B 138 -26.60 10.29 6.79
C ARG B 138 -26.42 9.16 7.79
N TYR B 139 -25.34 9.23 8.59
CA TYR B 139 -25.12 8.22 9.62
C TYR B 139 -26.28 8.18 10.61
N VAL B 140 -26.49 9.28 11.34
CA VAL B 140 -27.44 9.28 12.44
C VAL B 140 -28.87 8.98 11.99
N GLY B 141 -29.19 9.19 10.72
CA GLY B 141 -30.56 9.04 10.27
C GLY B 141 -30.77 7.91 9.28
N GLY B 142 -29.69 7.31 8.81
CA GLY B 142 -29.77 6.15 7.95
C GLY B 142 -29.68 6.50 6.47
N PRO B 143 -30.33 5.70 5.63
CA PRO B 143 -30.32 6.00 4.19
C PRO B 143 -31.45 6.91 3.78
N ASN B 144 -32.51 6.95 4.56
CA ASN B 144 -33.72 7.68 4.23
C ASN B 144 -33.70 9.11 4.76
N ALA B 145 -32.54 9.61 5.16
CA ALA B 145 -32.42 10.96 5.69
C ALA B 145 -32.37 11.94 4.52
N HIS B 146 -33.50 12.56 4.21
CA HIS B 146 -33.58 13.43 3.04
C HIS B 146 -34.37 14.71 3.26
N ILE B 147 -34.97 14.93 4.41
CA ILE B 147 -35.93 16.02 4.59
C ILE B 147 -35.22 17.21 5.19
N LEU B 148 -35.25 18.34 4.49
CA LEU B 148 -34.69 19.59 4.99
C LEU B 148 -35.75 20.32 5.81
N PRO B 149 -35.40 20.84 6.98
CA PRO B 149 -36.41 21.36 7.89
C PRO B 149 -36.82 22.79 7.56
N VAL B 150 -37.98 23.18 8.07
CA VAL B 150 -38.46 24.54 7.91
C VAL B 150 -37.77 25.42 8.93
N PRO B 151 -36.93 26.36 8.52
CA PRO B 151 -36.27 27.24 9.50
C PRO B 151 -37.29 28.18 10.13
N MET B 152 -37.32 28.20 11.46
CA MET B 152 -38.18 29.10 12.21
C MET B 152 -37.30 30.20 12.77
N MET B 153 -37.37 31.37 12.18
CA MET B 153 -36.42 32.45 12.42
C MET B 153 -36.99 33.43 13.44
N ASN B 154 -36.29 33.60 14.54
CA ASN B 154 -36.66 34.51 15.61
C ASN B 154 -36.18 35.91 15.25
N ILE B 155 -37.07 36.75 14.76
CA ILE B 155 -36.66 38.07 14.29
C ILE B 155 -36.95 39.20 15.27
N LEU B 156 -37.85 39.00 16.23
CA LEU B 156 -38.25 40.06 17.13
C LEU B 156 -38.33 39.51 18.54
N ASN B 157 -37.47 39.99 19.43
CA ASN B 157 -37.38 39.49 20.80
C ASN B 157 -38.14 40.41 21.76
N GLY B 158 -38.72 39.79 22.78
CA GLY B 158 -39.41 40.55 23.81
C GLY B 158 -39.53 39.75 25.08
N GLY B 159 -40.23 40.32 26.05
CA GLY B 159 -40.50 39.62 27.29
C GLY B 159 -39.32 39.68 28.22
N ALA B 160 -38.85 38.51 28.65
CA ALA B 160 -37.74 38.40 29.59
C ALA B 160 -36.40 38.75 28.97
N HIS B 161 -36.33 39.27 27.76
CA HIS B 161 -35.05 39.58 27.12
C HIS B 161 -34.69 41.05 27.21
N ALA B 162 -35.64 41.95 27.05
CA ALA B 162 -35.35 43.38 27.09
C ALA B 162 -36.41 44.09 27.93
N ASP B 163 -36.09 45.33 28.31
CA ASP B 163 -37.02 46.16 29.07
C ASP B 163 -38.04 46.74 28.10
N THR B 164 -39.17 46.06 27.96
CA THR B 164 -40.18 46.45 26.99
C THR B 164 -41.54 46.00 27.48
N ALA B 165 -42.57 46.65 26.94
CA ALA B 165 -43.96 46.32 27.26
C ALA B 165 -44.46 45.08 26.52
N VAL B 166 -43.56 44.29 25.94
CA VAL B 166 -43.94 43.06 25.26
C VAL B 166 -43.81 41.91 26.25
N ASP B 167 -44.69 40.93 26.12
CA ASP B 167 -44.76 39.82 27.06
C ASP B 167 -44.42 38.47 26.45
N ILE B 168 -44.59 38.31 25.15
CA ILE B 168 -44.15 37.10 24.45
C ILE B 168 -42.64 37.17 24.28
N GLN B 169 -41.97 36.03 24.42
CA GLN B 169 -40.51 36.03 24.41
C GLN B 169 -39.96 36.17 22.99
N GLU B 170 -40.25 35.19 22.13
CA GLU B 170 -39.71 35.15 20.78
C GLU B 170 -40.86 35.14 19.79
N PHE B 171 -40.85 36.10 18.86
CA PHE B 171 -41.70 36.07 17.68
C PHE B 171 -40.89 35.50 16.52
N MET B 172 -41.47 34.55 15.81
CA MET B 172 -40.77 33.83 14.76
C MET B 172 -41.56 33.87 13.47
N VAL B 173 -40.83 33.80 12.35
CA VAL B 173 -41.43 33.62 11.04
C VAL B 173 -40.98 32.28 10.49
N ALA B 174 -41.82 31.70 9.64
CA ALA B 174 -41.50 30.40 9.08
C ALA B 174 -41.88 30.37 7.60
N PRO B 175 -40.91 30.34 6.71
CA PRO B 175 -41.23 30.28 5.28
C PRO B 175 -41.72 28.92 4.86
N ILE B 176 -43.02 28.66 5.05
CA ILE B 176 -43.56 27.33 4.76
C ILE B 176 -43.90 27.15 3.29
N GLY B 177 -44.01 28.23 2.53
CA GLY B 177 -44.43 28.15 1.15
C GLY B 177 -43.33 28.09 0.12
N ALA B 178 -42.08 27.94 0.53
CA ALA B 178 -40.97 27.98 -0.40
C ALA B 178 -40.86 26.67 -1.18
N PRO B 179 -40.33 26.72 -2.39
CA PRO B 179 -40.20 25.49 -3.19
C PRO B 179 -39.03 24.61 -2.74
N SER B 180 -37.95 25.23 -2.29
CA SER B 180 -36.77 24.52 -1.81
C SER B 180 -36.32 25.15 -0.50
N PHE B 181 -35.23 24.63 0.05
CA PHE B 181 -34.73 25.20 1.30
C PHE B 181 -33.99 26.51 1.05
N VAL B 182 -33.26 26.60 -0.05
CA VAL B 182 -32.47 27.80 -0.30
C VAL B 182 -33.38 29.01 -0.52
N GLU B 183 -34.53 28.80 -1.15
CA GLU B 183 -35.49 29.89 -1.28
C GLU B 183 -36.13 30.24 0.06
N ALA B 184 -36.32 29.25 0.93
CA ALA B 184 -36.82 29.54 2.28
C ALA B 184 -35.83 30.40 3.06
N LEU B 185 -34.54 30.07 2.96
CA LEU B 185 -33.54 30.88 3.62
C LEU B 185 -33.51 32.29 3.06
N ARG B 186 -33.65 32.42 1.73
CA ARG B 186 -33.71 33.75 1.13
C ARG B 186 -34.89 34.55 1.65
N TRP B 187 -36.07 33.92 1.70
CA TRP B 187 -37.25 34.62 2.19
C TRP B 187 -37.09 35.04 3.64
N GLY B 188 -36.51 34.17 4.47
CA GLY B 188 -36.28 34.54 5.85
C GLY B 188 -35.35 35.72 5.99
N ALA B 189 -34.24 35.70 5.25
CA ALA B 189 -33.31 36.82 5.31
C ALA B 189 -33.95 38.11 4.80
N GLU B 190 -34.80 38.01 3.78
CA GLU B 190 -35.44 39.20 3.24
C GLU B 190 -36.45 39.77 4.21
N VAL B 191 -37.22 38.92 4.89
CA VAL B 191 -38.15 39.41 5.91
C VAL B 191 -37.37 40.04 7.05
N TYR B 192 -36.23 39.46 7.41
CA TYR B 192 -35.40 40.02 8.47
C TYR B 192 -34.94 41.42 8.13
N HIS B 193 -34.40 41.62 6.93
CA HIS B 193 -33.94 42.95 6.56
C HIS B 193 -35.10 43.92 6.37
N ALA B 194 -36.24 43.44 5.87
CA ALA B 194 -37.40 44.31 5.78
C ALA B 194 -37.82 44.82 7.14
N LEU B 195 -37.85 43.94 8.15
CA LEU B 195 -38.17 44.38 9.50
C LEU B 195 -37.13 45.33 10.04
N LYS B 196 -35.85 45.08 9.75
CA LYS B 196 -34.81 46.00 10.17
C LYS B 196 -35.04 47.39 9.60
N SER B 197 -35.57 47.47 8.39
CA SER B 197 -35.86 48.77 7.81
C SER B 197 -37.13 49.38 8.41
N VAL B 198 -38.14 48.56 8.65
CA VAL B 198 -39.41 49.06 9.17
C VAL B 198 -39.22 49.64 10.57
N LEU B 199 -38.46 48.96 11.42
CA LEU B 199 -38.21 49.48 12.76
C LEU B 199 -37.54 50.83 12.72
N LYS B 200 -36.49 50.96 11.91
CA LYS B 200 -35.79 52.25 11.79
C LYS B 200 -36.72 53.32 11.24
N LYS B 201 -37.57 52.97 10.28
CA LYS B 201 -38.46 53.95 9.68
C LYS B 201 -39.58 54.35 10.64
N GLU B 202 -39.90 53.51 11.63
CA GLU B 202 -40.91 53.85 12.62
C GLU B 202 -40.29 54.27 13.96
N GLY B 203 -39.12 54.88 13.93
CA GLY B 203 -38.49 55.39 15.12
C GLY B 203 -38.30 54.37 16.23
N LEU B 204 -37.42 53.39 16.02
CA LEU B 204 -37.16 52.35 17.00
C LEU B 204 -35.69 51.97 16.94
N SER B 205 -35.31 50.97 17.71
CA SER B 205 -33.91 50.61 17.89
C SER B 205 -33.59 49.29 17.20
N THR B 206 -32.31 49.13 16.86
CA THR B 206 -31.82 47.98 16.12
C THR B 206 -30.68 47.30 16.88
N GLY B 207 -30.88 47.07 18.17
CA GLY B 207 -29.88 46.39 18.97
C GLY B 207 -30.12 44.89 19.05
N LEU B 208 -29.22 44.10 18.49
CA LEU B 208 -29.43 42.67 18.39
C LEU B 208 -29.33 42.01 19.76
N GLY B 209 -30.24 41.07 20.01
CA GLY B 209 -30.21 40.31 21.24
C GLY B 209 -29.18 39.21 21.20
N ASP B 210 -29.48 38.06 21.81
CA ASP B 210 -28.58 36.92 21.78
C ASP B 210 -28.85 35.97 20.61
N GLU B 211 -29.95 36.17 19.89
CA GLU B 211 -30.31 35.32 18.77
C GLU B 211 -30.29 36.06 17.44
N GLY B 212 -29.79 37.30 17.42
CA GLY B 212 -29.89 38.14 16.25
C GLY B 212 -31.21 38.84 16.08
N GLY B 213 -32.24 38.46 16.86
CA GLY B 213 -33.51 39.14 16.78
C GLY B 213 -33.42 40.54 17.34
N PHE B 214 -34.44 41.33 17.04
CA PHE B 214 -34.46 42.73 17.44
C PHE B 214 -35.12 42.91 18.79
N ALA B 215 -34.75 44.00 19.46
CA ALA B 215 -35.31 44.38 20.75
C ALA B 215 -35.95 45.76 20.59
N PRO B 216 -37.16 45.82 20.03
CA PRO B 216 -37.83 47.11 19.86
C PRO B 216 -38.69 47.46 21.06
N ASP B 217 -38.90 48.77 21.21
CA ASP B 217 -39.75 49.29 22.29
C ASP B 217 -41.16 49.52 21.76
N VAL B 218 -41.85 48.43 21.51
CA VAL B 218 -43.22 48.48 21.00
C VAL B 218 -44.16 48.12 22.14
N ALA B 219 -45.44 48.45 21.95
CA ALA B 219 -46.45 48.32 22.99
C ALA B 219 -47.41 47.18 22.61
N GLY B 220 -47.42 46.13 23.42
CA GLY B 220 -48.39 45.07 23.28
C GLY B 220 -47.99 44.02 22.25
N THR B 221 -48.51 42.82 22.46
CA THR B 221 -48.23 41.70 21.56
C THR B 221 -48.78 41.97 20.16
N THR B 222 -50.03 42.43 20.07
CA THR B 222 -50.68 42.57 18.78
C THR B 222 -49.92 43.53 17.87
N ALA B 223 -49.37 44.61 18.43
CA ALA B 223 -48.57 45.52 17.62
C ALA B 223 -47.32 44.83 17.07
N ALA B 224 -46.75 43.89 17.83
CA ALA B 224 -45.58 43.17 17.34
C ALA B 224 -45.94 42.30 16.14
N LEU B 225 -47.01 41.52 16.26
CA LEU B 225 -47.45 40.71 15.13
C LEU B 225 -47.82 41.58 13.94
N ASP B 226 -48.34 42.78 14.18
CA ASP B 226 -48.65 43.67 13.08
C ASP B 226 -47.39 44.19 12.39
N LEU B 227 -46.36 44.53 13.18
CA LEU B 227 -45.07 44.89 12.58
C LEU B 227 -44.52 43.74 11.75
N ILE B 228 -44.62 42.52 12.26
CA ILE B 228 -44.08 41.38 11.53
C ILE B 228 -44.84 41.17 10.23
N SER B 229 -46.17 41.31 10.26
CA SER B 229 -46.94 41.17 9.03
C SER B 229 -46.61 42.28 8.04
N ARG B 230 -46.36 43.49 8.54
CA ARG B 230 -45.98 44.57 7.65
C ARG B 230 -44.62 44.30 7.01
N ALA B 231 -43.70 43.72 7.78
CA ALA B 231 -42.39 43.39 7.21
C ALA B 231 -42.50 42.27 6.18
N ILE B 232 -43.35 41.29 6.44
CA ILE B 232 -43.57 40.22 5.45
C ILE B 232 -44.16 40.81 4.18
N GLU B 233 -45.09 41.76 4.32
CA GLU B 233 -45.66 42.40 3.13
C GLU B 233 -44.61 43.21 2.38
N SER B 234 -43.77 43.96 3.11
CA SER B 234 -42.77 44.80 2.49
C SER B 234 -41.66 43.99 1.84
N ALA B 235 -41.42 42.76 2.30
CA ALA B 235 -40.40 41.92 1.70
C ALA B 235 -40.76 41.50 0.28
N GLY B 236 -42.04 41.47 -0.06
CA GLY B 236 -42.49 40.99 -1.34
C GLY B 236 -43.28 39.71 -1.30
N LEU B 237 -43.60 39.21 -0.11
CA LEU B 237 -44.29 37.95 0.08
C LEU B 237 -45.70 38.23 0.56
N ARG B 238 -46.43 37.16 0.89
CA ARG B 238 -47.78 37.30 1.41
C ARG B 238 -47.94 36.41 2.64
N PRO B 239 -48.43 36.96 3.76
CA PRO B 239 -48.50 36.18 4.99
C PRO B 239 -49.43 34.98 4.85
N GLY B 240 -49.04 33.88 5.46
CA GLY B 240 -49.85 32.66 5.46
C GLY B 240 -49.58 31.75 4.29
N ALA B 241 -49.59 32.29 3.08
CA ALA B 241 -49.32 31.47 1.91
C ALA B 241 -47.83 31.27 1.70
N ASP B 242 -47.03 32.31 1.96
CA ASP B 242 -45.58 32.21 1.87
C ASP B 242 -44.94 32.06 3.24
N VAL B 243 -45.18 33.00 4.15
CA VAL B 243 -44.55 33.02 5.46
C VAL B 243 -45.62 32.97 6.53
N ALA B 244 -45.48 32.03 7.46
CA ALA B 244 -46.38 31.90 8.60
C ALA B 244 -45.83 32.68 9.78
N LEU B 245 -46.38 32.45 10.97
CA LEU B 245 -45.90 33.06 12.20
C LEU B 245 -45.81 32.00 13.28
N ALA B 246 -45.05 32.31 14.33
CA ALA B 246 -44.89 31.40 15.46
C ALA B 246 -44.65 32.21 16.71
N LEU B 247 -44.84 31.56 17.86
CA LEU B 247 -44.69 32.21 19.15
C LEU B 247 -43.88 31.34 20.11
N ASP B 248 -43.20 32.01 21.04
CA ASP B 248 -42.58 31.38 22.19
C ASP B 248 -43.05 32.18 23.39
N ALA B 249 -44.20 31.80 23.96
CA ALA B 249 -44.78 32.56 25.04
C ALA B 249 -43.86 32.63 26.24
N ALA B 250 -43.24 31.49 26.59
CA ALA B 250 -42.36 31.40 27.76
C ALA B 250 -43.07 31.90 29.00
N ALA B 251 -44.32 31.46 29.16
CA ALA B 251 -45.22 32.07 30.13
C ALA B 251 -44.81 31.82 31.57
N THR B 252 -43.90 30.88 31.81
CA THR B 252 -43.35 30.71 33.15
C THR B 252 -42.66 31.97 33.63
N GLU B 253 -42.19 32.79 32.70
CA GLU B 253 -41.48 34.01 33.07
C GLU B 253 -42.40 35.10 33.61
N PHE B 254 -43.73 34.90 33.55
CA PHE B 254 -44.62 35.90 34.14
C PHE B 254 -45.79 35.26 34.88
N PHE B 255 -45.65 34.03 35.35
CA PHE B 255 -46.69 33.36 36.12
C PHE B 255 -46.29 33.39 37.59
N THR B 256 -46.83 34.35 38.34
CA THR B 256 -46.63 34.39 39.78
C THR B 256 -47.46 33.29 40.42
N ASP B 257 -46.79 32.29 40.99
CA ASP B 257 -47.48 31.13 41.53
C ASP B 257 -48.50 31.55 42.59
N GLY B 258 -49.73 31.10 42.41
CA GLY B 258 -50.81 31.45 43.30
C GLY B 258 -51.49 32.78 43.01
N THR B 259 -50.93 33.58 42.10
CA THR B 259 -51.51 34.87 41.73
C THR B 259 -52.06 34.87 40.31
N GLY B 260 -51.27 34.45 39.33
CA GLY B 260 -51.73 34.41 37.97
C GLY B 260 -50.74 34.96 36.96
N TYR B 261 -51.10 34.88 35.68
CA TYR B 261 -50.24 35.32 34.59
C TYR B 261 -50.37 36.83 34.44
N VAL B 262 -49.71 37.55 35.34
CA VAL B 262 -49.75 39.02 35.30
C VAL B 262 -48.93 39.51 34.13
N PHE B 263 -49.56 40.27 33.24
CA PHE B 263 -48.85 40.85 32.10
C PHE B 263 -49.72 41.93 31.47
N GLU B 264 -49.05 42.91 30.88
CA GLU B 264 -49.64 44.12 30.30
C GLU B 264 -50.68 44.73 31.23
N GLY B 265 -50.48 44.59 32.54
CA GLY B 265 -51.37 45.17 33.52
C GLY B 265 -52.72 44.49 33.61
N THR B 266 -52.73 43.15 33.68
CA THR B 266 -53.97 42.40 33.86
C THR B 266 -53.61 41.04 34.44
N THR B 267 -54.01 40.78 35.68
CA THR B 267 -53.84 39.46 36.26
C THR B 267 -54.91 38.54 35.69
N ARG B 268 -54.48 37.42 35.12
CA ARG B 268 -55.36 36.54 34.38
C ARG B 268 -55.21 35.10 34.83
N THR B 269 -56.27 34.34 34.67
CA THR B 269 -56.25 32.91 34.94
C THR B 269 -55.78 32.17 33.69
N ALA B 270 -55.66 30.85 33.80
CA ALA B 270 -55.31 30.05 32.63
C ALA B 270 -56.36 30.18 31.55
N ASP B 271 -57.62 30.42 31.93
CA ASP B 271 -58.68 30.54 30.93
C ASP B 271 -58.49 31.78 30.07
N GLN B 272 -58.07 32.89 30.68
CA GLN B 272 -57.90 34.13 29.93
C GLN B 272 -56.80 34.00 28.88
N MET B 273 -55.70 33.35 29.24
CA MET B 273 -54.60 33.16 28.29
C MET B 273 -55.07 32.37 27.07
N THR B 274 -55.94 31.39 27.28
CA THR B 274 -56.50 30.66 26.14
C THR B 274 -57.32 31.55 25.23
N GLU B 275 -58.07 32.49 25.82
CA GLU B 275 -58.84 33.42 25.00
C GLU B 275 -57.92 34.36 24.22
N PHE B 276 -56.84 34.82 24.86
CA PHE B 276 -55.85 35.63 24.16
C PHE B 276 -55.26 34.87 22.98
N TYR B 277 -54.90 33.61 23.21
CA TYR B 277 -54.32 32.79 22.15
C TYR B 277 -55.32 32.54 21.04
N ALA B 278 -56.60 32.36 21.38
CA ALA B 278 -57.62 32.15 20.36
C ALA B 278 -57.78 33.39 19.50
N GLY B 279 -57.80 34.57 20.12
CA GLY B 279 -57.88 35.80 19.36
C GLY B 279 -56.69 35.98 18.43
N LEU B 280 -55.48 35.74 18.94
CA LEU B 280 -54.29 35.80 18.09
C LEU B 280 -54.39 34.82 16.93
N LEU B 281 -54.71 33.57 17.22
CA LEU B 281 -54.79 32.55 16.17
C LEU B 281 -55.82 32.92 15.13
N GLY B 282 -56.90 33.58 15.54
CA GLY B 282 -57.89 34.02 14.57
C GLY B 282 -57.36 35.14 13.69
N ALA B 283 -56.82 36.19 14.31
CA ALA B 283 -56.46 37.37 13.54
C ALA B 283 -55.12 37.27 12.83
N TYR B 284 -54.38 36.17 12.98
CA TYR B 284 -53.06 36.06 12.39
C TYR B 284 -52.79 34.63 11.97
N PRO B 285 -51.92 34.40 10.99
CA PRO B 285 -51.64 33.03 10.52
C PRO B 285 -50.60 32.30 11.36
N LEU B 286 -50.88 32.16 12.65
CA LEU B 286 -49.98 31.41 13.53
C LEU B 286 -50.09 29.92 13.24
N VAL B 287 -48.96 29.23 13.31
CA VAL B 287 -48.93 27.79 13.14
C VAL B 287 -48.41 27.06 14.36
N SER B 288 -47.77 27.74 15.31
CA SER B 288 -47.15 27.07 16.44
C SER B 288 -46.95 28.06 17.57
N ILE B 289 -47.28 27.65 18.79
CA ILE B 289 -47.01 28.41 20.00
C ILE B 289 -46.25 27.51 20.96
N GLU B 290 -45.22 28.06 21.59
CA GLU B 290 -44.29 27.29 22.41
C GLU B 290 -44.40 27.71 23.86
N ASP B 291 -44.53 26.72 24.75
CA ASP B 291 -44.73 26.92 26.18
C ASP B 291 -45.80 27.99 26.41
N PRO B 292 -47.06 27.67 26.14
CA PRO B 292 -48.10 28.71 26.25
C PRO B 292 -48.47 29.08 27.67
N LEU B 293 -48.44 28.14 28.62
CA LEU B 293 -48.95 28.44 29.96
C LEU B 293 -47.90 28.39 31.05
N SER B 294 -47.26 27.24 31.31
CA SER B 294 -46.41 27.16 32.50
C SER B 294 -45.74 25.81 32.57
N GLU B 295 -44.75 25.72 33.44
CA GLU B 295 -43.95 24.51 33.59
C GLU B 295 -44.63 23.46 34.44
N ASP B 296 -45.64 23.83 35.23
CA ASP B 296 -46.30 22.90 36.14
C ASP B 296 -47.81 22.92 36.07
N ASP B 297 -48.42 23.83 35.31
CA ASP B 297 -49.88 23.93 35.23
C ASP B 297 -50.38 22.87 34.24
N TRP B 298 -50.22 21.60 34.64
CA TRP B 298 -50.61 20.50 33.76
C TRP B 298 -52.08 20.57 33.38
N ASP B 299 -52.95 20.80 34.37
CA ASP B 299 -54.39 20.86 34.08
C ASP B 299 -54.71 22.00 33.13
N GLY B 300 -54.12 23.18 33.35
CA GLY B 300 -54.31 24.27 32.42
C GLY B 300 -53.81 23.93 31.03
N TRP B 301 -52.73 23.16 30.95
CA TRP B 301 -52.22 22.75 29.65
C TRP B 301 -53.18 21.82 28.95
N ALA B 302 -53.77 20.88 29.69
CA ALA B 302 -54.77 19.99 29.08
C ALA B 302 -55.98 20.78 28.61
N ALA B 303 -56.41 21.77 29.39
CA ALA B 303 -57.53 22.61 28.99
C ALA B 303 -57.22 23.38 27.70
N LEU B 304 -56.05 24.02 27.66
CA LEU B 304 -55.69 24.81 26.48
C LEU B 304 -55.47 23.93 25.26
N THR B 305 -54.94 22.72 25.46
CA THR B 305 -54.79 21.78 24.35
C THR B 305 -56.15 21.34 23.82
N ALA B 306 -57.10 21.08 24.71
CA ALA B 306 -58.45 20.77 24.25
C ALA B 306 -59.06 21.95 23.51
N SER B 307 -58.70 23.17 23.92
CA SER B 307 -59.36 24.34 23.34
C SER B 307 -58.82 24.69 21.96
N ILE B 308 -57.50 24.70 21.80
CA ILE B 308 -56.90 25.14 20.53
C ILE B 308 -55.85 24.16 20.03
N GLY B 309 -55.78 22.97 20.62
CA GLY B 309 -54.68 22.09 20.33
C GLY B 309 -54.84 21.19 19.12
N ASP B 310 -55.74 21.56 18.21
CA ASP B 310 -55.85 20.90 16.92
C ASP B 310 -55.92 21.90 15.77
N ARG B 311 -55.87 23.18 16.06
CA ARG B 311 -55.81 24.23 15.04
C ARG B 311 -54.45 24.94 15.06
N VAL B 312 -53.51 24.47 15.88
CA VAL B 312 -52.19 25.08 15.98
C VAL B 312 -51.30 24.08 16.68
N GLN B 313 -49.99 24.23 16.50
CA GLN B 313 -49.03 23.35 17.15
C GLN B 313 -48.72 23.87 18.54
N ILE B 314 -48.62 22.96 19.51
CA ILE B 314 -48.35 23.30 20.89
C ILE B 314 -47.02 22.68 21.26
N VAL B 315 -46.01 23.53 21.46
CA VAL B 315 -44.64 23.07 21.70
C VAL B 315 -44.36 23.10 23.19
N GLY B 316 -43.94 21.97 23.74
CA GLY B 316 -43.53 21.91 25.12
C GLY B 316 -42.05 22.11 25.30
N ASP B 317 -41.64 23.32 25.67
CA ASP B 317 -40.23 23.65 25.84
C ASP B 317 -39.76 23.40 27.27
N ASP B 318 -40.49 23.93 28.25
CA ASP B 318 -40.13 23.75 29.66
C ASP B 318 -40.96 22.70 30.37
N ILE B 319 -42.22 22.52 30.00
CA ILE B 319 -43.05 21.53 30.66
C ILE B 319 -42.47 20.14 30.48
N PHE B 320 -41.80 19.90 29.36
CA PHE B 320 -40.93 18.76 29.18
C PHE B 320 -39.52 19.30 29.00
N VAL B 321 -38.54 18.55 29.45
CA VAL B 321 -37.18 19.07 29.44
C VAL B 321 -36.34 18.12 28.60
N THR B 322 -36.94 17.59 27.54
CA THR B 322 -36.35 16.55 26.70
C THR B 322 -36.10 15.28 27.51
N ASN B 323 -36.78 15.16 28.64
CA ASN B 323 -36.73 13.98 29.48
C ASN B 323 -37.85 13.03 29.11
N PRO B 324 -37.55 11.77 28.79
CA PRO B 324 -38.62 10.83 28.43
C PRO B 324 -39.62 10.61 29.55
N GLU B 325 -39.18 10.66 30.81
CA GLU B 325 -40.07 10.34 31.92
C GLU B 325 -41.17 11.38 32.08
N ARG B 326 -40.86 12.66 31.89
CA ARG B 326 -41.91 13.67 31.90
C ARG B 326 -42.69 13.65 30.60
N LEU B 327 -42.06 13.20 29.51
CA LEU B 327 -42.72 13.19 28.22
C LEU B 327 -43.85 12.17 28.19
N GLU B 328 -43.63 10.99 28.74
CA GLU B 328 -44.68 9.98 28.79
C GLU B 328 -45.88 10.48 29.57
N GLU B 329 -45.63 11.19 30.69
CA GLU B 329 -46.70 11.76 31.47
C GLU B 329 -47.49 12.80 30.69
N GLY B 330 -46.77 13.70 30.00
CA GLY B 330 -47.45 14.71 29.21
C GLY B 330 -48.20 14.13 28.02
N ILE B 331 -47.74 12.99 27.51
CA ILE B 331 -48.49 12.29 26.47
C ILE B 331 -49.80 11.75 27.04
N GLU B 332 -49.70 10.97 28.12
CA GLU B 332 -50.90 10.32 28.64
C GLU B 332 -51.92 11.32 29.15
N ARG B 333 -51.46 12.47 29.67
CA ARG B 333 -52.41 13.49 30.09
C ARG B 333 -52.88 14.37 28.96
N GLY B 334 -52.39 14.16 27.74
CA GLY B 334 -52.86 14.91 26.59
C GLY B 334 -52.58 16.40 26.61
N VAL B 335 -51.30 16.77 26.64
CA VAL B 335 -50.87 18.16 26.60
C VAL B 335 -49.76 18.26 25.56
N ALA B 336 -49.65 19.43 24.92
CA ALA B 336 -48.43 19.77 24.21
C ALA B 336 -48.07 18.80 23.08
N ASN B 337 -48.80 18.86 21.96
CA ASN B 337 -48.51 17.99 20.83
C ASN B 337 -47.28 18.45 20.05
N ALA B 338 -46.16 18.67 20.74
CA ALA B 338 -44.86 18.99 20.17
C ALA B 338 -43.88 19.21 21.31
N LEU B 339 -42.60 19.02 21.01
CA LEU B 339 -41.55 19.28 22.00
C LEU B 339 -40.30 19.81 21.30
N LEU B 340 -39.46 20.50 22.07
CA LEU B 340 -38.17 20.96 21.61
C LEU B 340 -37.10 19.95 21.99
N VAL B 341 -36.19 19.66 21.08
CA VAL B 341 -35.13 18.69 21.32
C VAL B 341 -33.84 19.48 21.46
N LYS B 342 -33.48 19.78 22.70
CA LYS B 342 -32.22 20.42 23.03
C LYS B 342 -31.25 19.36 23.52
N VAL B 343 -30.12 19.21 22.83
CA VAL B 343 -29.29 18.03 22.99
C VAL B 343 -28.56 18.04 24.33
N ASN B 344 -28.33 19.22 24.90
CA ASN B 344 -27.57 19.30 26.14
C ASN B 344 -28.44 19.35 27.38
N GLN B 345 -29.76 19.26 27.22
CA GLN B 345 -30.63 19.06 28.35
C GLN B 345 -30.82 17.59 28.70
N ILE B 346 -30.34 16.69 27.86
CA ILE B 346 -30.46 15.27 28.11
C ILE B 346 -29.11 14.60 28.36
N GLY B 347 -28.04 15.04 27.69
CA GLY B 347 -26.69 14.68 28.06
C GLY B 347 -25.98 13.79 27.07
N THR B 348 -26.71 12.99 26.29
CA THR B 348 -26.10 12.11 25.31
C THR B 348 -26.86 12.17 24.00
N LEU B 349 -26.20 11.73 22.94
CA LEU B 349 -26.87 11.58 21.65
C LEU B 349 -27.90 10.46 21.70
N THR B 350 -27.57 9.37 22.38
CA THR B 350 -28.47 8.22 22.46
C THR B 350 -29.80 8.60 23.08
N GLU B 351 -29.77 9.13 24.30
CA GLU B 351 -31.01 9.49 24.95
C GLU B 351 -31.80 10.52 24.16
N THR B 352 -31.10 11.35 23.39
CA THR B 352 -31.78 12.28 22.49
C THR B 352 -32.61 11.53 21.47
N LEU B 353 -32.00 10.58 20.77
CA LEU B 353 -32.71 9.79 19.78
C LEU B 353 -33.84 8.99 20.41
N ASP B 354 -33.64 8.49 21.63
CA ASP B 354 -34.68 7.71 22.28
C ASP B 354 -35.88 8.59 22.62
N ALA B 355 -35.64 9.80 23.13
CA ALA B 355 -36.75 10.70 23.44
C ALA B 355 -37.47 11.15 22.18
N VAL B 356 -36.72 11.41 21.10
CA VAL B 356 -37.38 11.85 19.89
C VAL B 356 -38.20 10.72 19.29
N THR B 357 -37.73 9.49 19.39
CA THR B 357 -38.54 8.33 18.98
C THR B 357 -39.82 8.25 19.80
N LEU B 358 -39.68 8.29 21.13
CA LEU B 358 -40.85 8.21 22.01
C LEU B 358 -41.87 9.29 21.71
N ALA B 359 -41.42 10.48 21.32
CA ALA B 359 -42.38 11.54 21.02
C ALA B 359 -42.88 11.49 19.58
N HIS B 360 -42.15 10.82 18.69
CA HIS B 360 -42.66 10.60 17.34
C HIS B 360 -43.81 9.62 17.37
N HIS B 361 -43.62 8.49 18.04
CA HIS B 361 -44.65 7.47 18.07
C HIS B 361 -45.84 7.85 18.91
N GLY B 362 -45.94 9.08 19.39
CA GLY B 362 -47.10 9.53 20.13
C GLY B 362 -47.93 10.59 19.45
N GLY B 363 -47.66 10.90 18.18
CA GLY B 363 -48.38 11.95 17.48
C GLY B 363 -47.82 13.34 17.67
N TYR B 364 -46.62 13.45 18.24
CA TYR B 364 -46.00 14.74 18.53
C TYR B 364 -44.92 15.02 17.50
N ARG B 365 -44.98 16.20 16.90
CA ARG B 365 -43.89 16.66 16.06
C ARG B 365 -42.79 17.25 16.93
N THR B 366 -41.55 17.12 16.48
CA THR B 366 -40.40 17.60 17.23
C THR B 366 -39.82 18.83 16.57
N MET B 367 -38.84 19.43 17.23
CA MET B 367 -38.20 20.64 16.71
C MET B 367 -36.82 20.76 17.36
N ILE B 368 -35.77 20.44 16.60
CA ILE B 368 -34.42 20.62 17.08
C ILE B 368 -34.19 22.10 17.35
N SER B 369 -33.67 22.41 18.52
CA SER B 369 -33.54 23.80 18.95
C SER B 369 -32.11 24.09 19.39
N HIS B 370 -31.82 25.37 19.54
CA HIS B 370 -30.51 25.88 19.88
C HIS B 370 -30.50 26.37 21.32
N ARG B 371 -29.32 26.77 21.78
CA ARG B 371 -29.17 27.36 23.10
C ARG B 371 -28.81 28.83 22.97
N SER B 372 -28.82 29.52 24.11
CA SER B 372 -28.44 30.93 24.12
C SER B 372 -26.96 31.10 23.81
N GLY B 373 -26.12 30.26 24.41
CA GLY B 373 -24.72 30.26 24.07
C GLY B 373 -24.34 29.11 23.17
N GLU B 374 -24.20 29.38 21.88
CA GLU B 374 -23.82 28.38 20.90
C GLU B 374 -22.36 28.59 20.52
N THR B 375 -21.88 27.75 19.61
CA THR B 375 -20.52 27.85 19.11
C THR B 375 -20.55 27.74 17.59
N GLU B 376 -19.39 27.60 16.97
CA GLU B 376 -19.32 27.36 15.54
C GLU B 376 -19.58 25.91 15.16
N ASP B 377 -20.10 25.12 16.09
CA ASP B 377 -20.42 23.72 15.85
C ASP B 377 -21.80 23.61 15.20
N THR B 378 -21.87 22.95 14.04
CA THR B 378 -23.09 22.87 13.25
C THR B 378 -23.72 21.48 13.31
N MET B 379 -23.67 20.85 14.47
CA MET B 379 -24.16 19.47 14.59
C MET B 379 -25.68 19.40 14.61
N ILE B 380 -26.36 20.41 15.16
CA ILE B 380 -27.80 20.30 15.28
C ILE B 380 -28.49 20.40 13.93
N ALA B 381 -27.84 20.96 12.92
CA ALA B 381 -28.37 20.88 11.56
C ALA B 381 -28.40 19.44 11.06
N ASP B 382 -27.22 18.80 11.06
CA ASP B 382 -27.12 17.39 10.71
C ASP B 382 -28.09 16.54 11.52
N LEU B 383 -28.38 16.93 12.75
CA LEU B 383 -29.27 16.14 13.58
C LEU B 383 -30.74 16.43 13.27
N ALA B 384 -31.06 17.64 12.85
CA ALA B 384 -32.44 17.95 12.50
C ALA B 384 -32.83 17.35 11.16
N VAL B 385 -31.86 17.16 10.27
CA VAL B 385 -32.16 16.48 9.01
C VAL B 385 -32.09 14.97 9.15
N ALA B 386 -31.32 14.44 10.11
CA ALA B 386 -31.21 13.01 10.28
C ALA B 386 -32.48 12.42 10.89
N ILE B 387 -32.93 12.99 12.01
CA ILE B 387 -34.17 12.51 12.62
C ILE B 387 -35.39 12.88 11.81
N GLY B 388 -35.23 13.67 10.76
CA GLY B 388 -36.36 14.06 9.91
C GLY B 388 -37.43 14.82 10.64
N SER B 389 -37.05 15.78 11.49
CA SER B 389 -38.03 16.50 12.28
C SER B 389 -38.90 17.40 11.42
N GLY B 390 -38.36 17.94 10.35
CA GLY B 390 -39.12 18.86 9.52
C GLY B 390 -39.32 20.23 10.11
N GLN B 391 -38.66 20.53 11.23
CA GLN B 391 -38.64 21.85 11.82
C GLN B 391 -37.30 22.05 12.48
N ILE B 392 -36.86 23.31 12.54
CA ILE B 392 -35.66 23.66 13.29
C ILE B 392 -35.83 25.08 13.78
N LYS B 393 -35.26 25.35 14.96
CA LYS B 393 -35.30 26.67 15.58
C LYS B 393 -33.86 27.01 15.92
N THR B 394 -33.23 27.83 15.09
CA THR B 394 -31.83 28.15 15.29
C THR B 394 -31.56 29.63 15.04
N GLY B 395 -32.53 30.49 15.36
CA GLY B 395 -32.28 31.92 15.43
C GLY B 395 -32.51 32.65 14.13
N ALA B 396 -32.18 33.93 14.17
CA ALA B 396 -32.32 34.81 13.02
C ALA B 396 -31.11 34.68 12.11
N PRO B 397 -31.26 35.02 10.83
CA PRO B 397 -30.09 35.01 9.93
C PRO B 397 -29.12 36.13 10.23
N ALA B 398 -28.47 36.05 11.38
CA ALA B 398 -27.41 36.97 11.78
C ALA B 398 -26.63 36.28 12.87
N ARG B 399 -25.53 36.91 13.30
CA ARG B 399 -24.75 36.35 14.40
C ARG B 399 -24.25 34.96 14.05
N SER B 400 -23.22 34.88 13.22
CA SER B 400 -22.84 33.67 12.49
C SER B 400 -22.72 32.40 13.31
N GLU B 401 -22.88 32.45 14.63
CA GLU B 401 -23.13 31.22 15.36
C GLU B 401 -24.52 30.66 15.06
N ARG B 402 -25.43 31.51 14.58
CA ARG B 402 -26.75 31.09 14.14
C ARG B 402 -26.80 30.81 12.66
N VAL B 403 -26.00 31.54 11.88
CA VAL B 403 -25.98 31.36 10.43
C VAL B 403 -25.16 30.16 10.01
N ALA B 404 -24.20 29.74 10.82
CA ALA B 404 -23.43 28.53 10.51
C ALA B 404 -24.34 27.33 10.32
N LYS B 405 -25.41 27.26 11.11
CA LYS B 405 -26.37 26.17 10.97
C LYS B 405 -27.06 26.21 9.62
N TYR B 406 -27.49 27.39 9.18
CA TYR B 406 -28.14 27.52 7.88
C TYR B 406 -27.18 27.22 6.75
N ASN B 407 -25.93 27.63 6.88
CA ASN B 407 -24.94 27.30 5.87
C ASN B 407 -24.72 25.80 5.77
N GLN B 408 -24.70 25.12 6.93
CA GLN B 408 -24.55 23.67 6.89
C GLN B 408 -25.76 23.00 6.28
N LEU B 409 -26.96 23.53 6.52
CA LEU B 409 -28.14 22.98 5.89
C LEU B 409 -28.12 23.21 4.39
N LEU B 410 -27.58 24.33 3.93
CA LEU B 410 -27.40 24.54 2.49
C LEU B 410 -26.44 23.50 1.91
N ARG B 411 -25.32 23.27 2.59
CA ARG B 411 -24.39 22.24 2.13
C ARG B 411 -25.05 20.87 2.11
N ILE B 412 -25.87 20.56 3.12
CA ILE B 412 -26.57 19.28 3.16
C ILE B 412 -27.49 19.14 1.95
N GLU B 413 -28.29 20.19 1.69
CA GLU B 413 -29.21 20.14 0.56
C GLU B 413 -28.46 20.01 -0.76
N GLU B 414 -27.27 20.60 -0.85
CA GLU B 414 -26.49 20.46 -2.06
C GLU B 414 -25.91 19.06 -2.19
N ALA B 415 -25.53 18.46 -1.06
CA ALA B 415 -24.93 17.12 -1.10
C ALA B 415 -25.96 16.05 -1.36
N LEU B 416 -27.20 16.24 -0.92
CA LEU B 416 -28.25 15.30 -1.26
C LEU B 416 -28.49 15.29 -2.77
N GLY B 417 -28.65 16.46 -3.36
CA GLY B 417 -28.90 16.54 -4.79
C GLY B 417 -30.38 16.49 -5.09
N ASP B 418 -30.75 15.66 -6.05
CA ASP B 418 -32.16 15.49 -6.38
C ASP B 418 -32.94 14.77 -5.29
N ALA B 419 -32.24 14.14 -4.34
CA ALA B 419 -32.92 13.37 -3.31
C ALA B 419 -33.61 14.27 -2.28
N ALA B 420 -33.07 15.47 -2.05
CA ALA B 420 -33.55 16.32 -0.98
C ALA B 420 -35.01 16.69 -1.18
N ARG B 421 -35.70 16.94 -0.07
CA ARG B 421 -37.07 17.43 -0.07
C ARG B 421 -37.20 18.48 1.00
N TYR B 422 -37.81 19.60 0.67
CA TYR B 422 -38.09 20.63 1.66
C TYR B 422 -39.41 20.32 2.35
N ALA B 423 -39.38 20.28 3.68
CA ALA B 423 -40.57 19.95 4.44
C ALA B 423 -41.46 21.16 4.63
N GLY B 424 -41.63 21.94 3.57
CA GLY B 424 -42.45 23.17 3.64
C GLY B 424 -43.92 22.86 3.40
N ASP B 425 -44.77 23.20 4.38
CA ASP B 425 -46.26 23.04 4.41
C ASP B 425 -46.69 21.62 4.81
N LEU B 426 -45.76 20.66 4.87
CA LEU B 426 -46.08 19.27 5.25
C LEU B 426 -45.68 19.06 6.71
N ALA B 427 -45.50 20.17 7.44
CA ALA B 427 -45.11 20.11 8.87
C ALA B 427 -46.13 20.89 9.71
N PHE B 428 -47.03 21.62 9.05
CA PHE B 428 -48.05 22.42 9.73
C PHE B 428 -49.40 22.15 9.09
N PRO B 429 -49.95 20.94 9.26
CA PRO B 429 -51.24 20.65 8.63
C PRO B 429 -52.38 21.53 9.11
N ARG B 430 -52.38 21.90 10.39
CA ARG B 430 -53.44 22.73 10.94
C ARG B 430 -53.39 24.16 10.41
N MET C 8 -14.91 4.01 -3.05
CA MET C 8 -16.11 4.77 -3.33
C MET C 8 -17.31 3.84 -3.54
N PRO C 9 -18.49 4.26 -3.08
CA PRO C 9 -19.70 3.44 -3.23
C PRO C 9 -20.48 3.73 -4.53
N ILE C 10 -19.83 3.47 -5.65
CA ILE C 10 -20.45 3.68 -6.97
C ILE C 10 -20.55 2.32 -7.66
N ILE C 11 -21.72 2.04 -8.22
CA ILE C 11 -22.01 0.72 -8.77
C ILE C 11 -21.21 0.51 -10.04
N GLU C 12 -20.62 -0.68 -10.17
CA GLU C 12 -19.83 -1.03 -11.34
C GLU C 12 -20.47 -2.10 -12.21
N GLN C 13 -20.94 -3.19 -11.60
CA GLN C 13 -21.59 -4.26 -12.34
C GLN C 13 -22.91 -4.62 -11.67
N VAL C 14 -23.85 -5.08 -12.49
CA VAL C 14 -25.11 -5.65 -12.03
C VAL C 14 -25.39 -6.86 -12.90
N ARG C 15 -25.76 -7.98 -12.28
CA ARG C 15 -26.08 -9.18 -13.05
C ARG C 15 -27.03 -10.04 -12.27
N ALA C 16 -28.08 -10.51 -12.93
CA ALA C 16 -29.11 -11.32 -12.31
C ALA C 16 -29.09 -12.73 -12.87
N ARG C 17 -29.58 -13.68 -12.07
CA ARG C 17 -29.74 -15.05 -12.49
C ARG C 17 -31.07 -15.55 -11.96
N GLU C 18 -31.48 -16.72 -12.41
CA GLU C 18 -32.76 -17.31 -12.03
C GLU C 18 -32.51 -18.51 -11.14
N ILE C 19 -33.11 -18.50 -9.95
CA ILE C 19 -32.93 -19.52 -8.95
C ILE C 19 -34.31 -20.03 -8.52
N LEU C 20 -34.34 -20.94 -7.57
CA LEU C 20 -35.59 -21.47 -7.04
C LEU C 20 -35.83 -20.92 -5.63
N ASP C 21 -37.10 -20.64 -5.33
CA ASP C 21 -37.45 -20.18 -4.01
C ASP C 21 -37.83 -21.38 -3.13
N SER C 22 -38.27 -21.12 -1.91
CA SER C 22 -38.52 -22.19 -0.97
C SER C 22 -39.65 -23.11 -1.39
N ARG C 23 -40.44 -22.74 -2.38
CA ARG C 23 -41.56 -23.55 -2.83
C ARG C 23 -41.31 -24.25 -4.14
N GLY C 24 -40.13 -24.09 -4.73
CA GLY C 24 -39.82 -24.72 -5.99
C GLY C 24 -40.21 -23.92 -7.21
N ASN C 25 -40.49 -22.64 -7.06
CA ASN C 25 -40.79 -21.78 -8.19
C ASN C 25 -39.62 -20.85 -8.45
N PRO C 26 -39.42 -20.44 -9.70
CA PRO C 26 -38.28 -19.58 -10.00
C PRO C 26 -38.43 -18.19 -9.40
N THR C 27 -37.29 -17.54 -9.23
CA THR C 27 -37.23 -16.15 -8.78
C THR C 27 -35.89 -15.57 -9.19
N VAL C 28 -35.75 -14.27 -8.98
CA VAL C 28 -34.61 -13.51 -9.47
C VAL C 28 -33.60 -13.34 -8.35
N GLU C 29 -32.32 -13.33 -8.73
CA GLU C 29 -31.26 -13.08 -7.76
C GLU C 29 -30.25 -12.13 -8.39
N VAL C 30 -30.05 -10.97 -7.79
CA VAL C 30 -29.23 -9.92 -8.35
C VAL C 30 -27.93 -9.84 -7.57
N GLU C 31 -26.85 -9.44 -8.24
CA GLU C 31 -25.52 -9.36 -7.62
C GLU C 31 -24.86 -8.05 -8.03
N VAL C 32 -25.07 -7.01 -7.23
CA VAL C 32 -24.53 -5.69 -7.50
C VAL C 32 -23.11 -5.60 -6.96
N ALA C 33 -22.13 -5.48 -7.84
CA ALA C 33 -20.76 -5.25 -7.43
C ALA C 33 -20.46 -3.76 -7.40
N LEU C 34 -19.44 -3.39 -6.63
CA LEU C 34 -19.02 -2.01 -6.51
C LEU C 34 -17.62 -1.85 -7.07
N ILE C 35 -17.24 -0.59 -7.33
CA ILE C 35 -15.95 -0.29 -7.94
C ILE C 35 -14.78 -0.64 -7.03
N ASP C 36 -15.05 -1.01 -5.78
CA ASP C 36 -14.03 -1.41 -4.82
C ASP C 36 -13.77 -2.91 -4.85
N GLY C 37 -14.84 -3.71 -4.85
CA GLY C 37 -14.76 -5.14 -4.72
C GLY C 37 -15.92 -5.66 -3.91
N THR C 38 -16.60 -4.74 -3.22
CA THR C 38 -17.84 -5.06 -2.53
C THR C 38 -18.81 -5.77 -3.47
N PHE C 39 -19.16 -7.00 -3.12
CA PHE C 39 -19.97 -7.86 -3.98
C PHE C 39 -21.14 -8.39 -3.17
N ALA C 40 -22.33 -7.86 -3.42
CA ALA C 40 -23.52 -8.24 -2.68
C ALA C 40 -24.35 -9.23 -3.48
N ARG C 41 -25.46 -9.66 -2.89
CA ARG C 41 -26.38 -10.60 -3.52
C ARG C 41 -27.69 -10.61 -2.76
N ALA C 42 -28.81 -10.44 -3.44
CA ALA C 42 -30.11 -10.39 -2.79
C ALA C 42 -31.15 -11.08 -3.66
N ALA C 43 -31.87 -12.02 -3.07
CA ALA C 43 -32.94 -12.73 -3.74
C ALA C 43 -34.28 -12.13 -3.37
N VAL C 44 -35.20 -12.16 -4.32
CA VAL C 44 -36.48 -11.47 -4.19
C VAL C 44 -37.54 -12.51 -3.83
N PRO C 45 -38.23 -12.36 -2.70
CA PRO C 45 -39.30 -13.30 -2.37
C PRO C 45 -40.50 -13.09 -3.27
N SER C 46 -41.53 -13.93 -3.15
CA SER C 46 -42.68 -13.80 -4.03
C SER C 46 -43.89 -14.42 -3.36
N GLY C 47 -45.02 -13.73 -3.43
CA GLY C 47 -46.24 -14.20 -2.82
C GLY C 47 -47.04 -15.11 -3.73
N ALA C 48 -48.07 -15.71 -3.15
CA ALA C 48 -48.91 -16.64 -3.90
C ALA C 48 -49.65 -15.93 -5.03
N SER C 49 -50.09 -14.70 -4.79
CA SER C 49 -50.86 -13.96 -5.79
C SER C 49 -50.56 -12.47 -5.62
N THR C 50 -51.39 -11.63 -6.25
CA THR C 50 -51.22 -10.18 -6.21
C THR C 50 -52.57 -9.52 -6.38
N GLY C 51 -52.90 -8.61 -5.48
CA GLY C 51 -54.13 -7.85 -5.56
C GLY C 51 -54.11 -6.79 -6.64
N GLU C 52 -54.84 -5.70 -6.43
CA GLU C 52 -54.96 -4.66 -7.44
C GLU C 52 -54.04 -3.47 -7.20
N HIS C 53 -53.31 -3.45 -6.07
CA HIS C 53 -52.50 -2.28 -5.73
C HIS C 53 -51.03 -2.57 -5.51
N GLU C 54 -50.64 -3.83 -5.34
CA GLU C 54 -49.23 -4.14 -5.15
C GLU C 54 -48.47 -3.96 -6.45
N ALA C 55 -47.14 -4.07 -6.36
CA ALA C 55 -46.32 -4.16 -7.56
C ALA C 55 -46.41 -5.56 -8.12
N VAL C 56 -46.39 -5.66 -9.44
CA VAL C 56 -46.57 -6.95 -10.08
C VAL C 56 -45.22 -7.58 -10.37
N GLU C 57 -45.19 -8.90 -10.35
CA GLU C 57 -44.00 -9.65 -10.72
C GLU C 57 -44.06 -9.94 -12.22
N LEU C 58 -42.91 -9.83 -12.88
CA LEU C 58 -42.81 -10.03 -14.31
C LEU C 58 -42.45 -11.48 -14.57
N ARG C 59 -43.48 -12.33 -14.64
CA ARG C 59 -43.29 -13.74 -14.95
C ARG C 59 -43.25 -13.96 -16.46
N ASP C 60 -42.63 -15.06 -16.85
CA ASP C 60 -42.47 -15.35 -18.28
C ASP C 60 -43.79 -15.74 -18.92
N GLY C 61 -44.46 -16.75 -18.36
CA GLY C 61 -45.69 -17.24 -18.96
C GLY C 61 -45.40 -18.24 -20.06
N GLY C 62 -46.17 -19.32 -20.11
CA GLY C 62 -45.95 -20.34 -21.11
C GLY C 62 -46.01 -21.74 -20.55
N ASP C 63 -45.05 -22.58 -20.96
CA ASP C 63 -44.96 -23.95 -20.47
C ASP C 63 -43.73 -24.22 -19.64
N ARG C 64 -42.67 -23.45 -19.81
CA ARG C 64 -41.46 -23.65 -19.05
C ARG C 64 -41.67 -23.23 -17.60
N TYR C 65 -41.43 -24.15 -16.67
CA TYR C 65 -41.57 -23.91 -15.23
C TYR C 65 -43.02 -23.64 -14.85
N GLY C 66 -43.97 -24.16 -15.61
CA GLY C 66 -45.36 -23.93 -15.31
C GLY C 66 -45.82 -22.52 -15.55
N GLY C 67 -45.19 -21.81 -16.48
CA GLY C 67 -45.55 -20.45 -16.77
C GLY C 67 -45.03 -19.43 -15.79
N LYS C 68 -44.18 -19.85 -14.85
CA LYS C 68 -43.68 -18.97 -13.80
C LYS C 68 -42.19 -18.69 -13.93
N GLY C 69 -41.63 -18.83 -15.12
CA GLY C 69 -40.25 -18.48 -15.32
C GLY C 69 -40.02 -16.99 -15.17
N VAL C 70 -38.78 -16.63 -14.84
CA VAL C 70 -38.43 -15.23 -14.67
C VAL C 70 -37.25 -14.88 -15.57
N GLN C 71 -37.15 -15.52 -16.73
CA GLN C 71 -36.08 -15.16 -17.66
C GLN C 71 -36.23 -13.74 -18.16
N LYS C 72 -37.47 -13.22 -18.20
CA LYS C 72 -37.69 -11.87 -18.70
C LYS C 72 -37.21 -10.83 -17.70
N ALA C 73 -37.42 -11.06 -16.41
CA ALA C 73 -36.90 -10.12 -15.40
C ALA C 73 -35.38 -10.17 -15.35
N VAL C 74 -34.80 -11.36 -15.50
CA VAL C 74 -33.35 -11.48 -15.58
C VAL C 74 -32.83 -10.68 -16.76
N GLN C 75 -33.50 -10.79 -17.92
CA GLN C 75 -33.06 -10.05 -19.09
C GLN C 75 -33.24 -8.55 -18.88
N ALA C 76 -34.32 -8.15 -18.22
CA ALA C 76 -34.53 -6.73 -17.94
C ALA C 76 -33.42 -6.17 -17.09
N VAL C 77 -33.02 -6.89 -16.04
CA VAL C 77 -31.90 -6.44 -15.22
C VAL C 77 -30.63 -6.38 -16.06
N LEU C 78 -30.40 -7.38 -16.90
CA LEU C 78 -29.13 -7.45 -17.62
C LEU C 78 -29.02 -6.48 -18.79
N ASP C 79 -30.14 -5.95 -19.29
CA ASP C 79 -30.11 -5.04 -20.43
C ASP C 79 -30.39 -3.60 -20.09
N GLU C 80 -31.32 -3.31 -19.19
CA GLU C 80 -31.72 -1.93 -18.94
C GLU C 80 -31.34 -1.46 -17.54
N ILE C 81 -31.78 -2.16 -16.50
CA ILE C 81 -31.52 -1.73 -15.13
C ILE C 81 -30.05 -1.73 -14.82
N GLY C 82 -29.26 -2.53 -15.52
CA GLY C 82 -27.84 -2.55 -15.32
C GLY C 82 -27.21 -1.20 -15.58
N PRO C 83 -27.18 -0.78 -16.84
CA PRO C 83 -26.57 0.52 -17.17
C PRO C 83 -27.37 1.72 -16.68
N ALA C 84 -28.65 1.55 -16.33
CA ALA C 84 -29.41 2.69 -15.82
C ALA C 84 -29.04 3.08 -14.40
N VAL C 85 -28.27 2.25 -13.70
CA VAL C 85 -27.78 2.61 -12.37
C VAL C 85 -26.27 2.56 -12.27
N ILE C 86 -25.57 1.87 -13.18
CA ILE C 86 -24.12 1.81 -13.12
C ILE C 86 -23.57 3.22 -13.17
N GLY C 87 -22.93 3.65 -12.10
CA GLY C 87 -22.43 5.01 -11.98
C GLY C 87 -23.12 5.84 -10.93
N LEU C 88 -24.27 5.42 -10.41
CA LEU C 88 -24.92 6.18 -9.35
C LEU C 88 -24.23 5.91 -8.03
N ASN C 89 -24.69 6.61 -6.99
CA ASN C 89 -24.09 6.54 -5.66
C ASN C 89 -24.87 5.57 -4.79
N ALA C 90 -24.18 4.55 -4.27
CA ALA C 90 -24.84 3.51 -3.50
C ALA C 90 -25.57 4.07 -2.29
N ASP C 91 -24.91 4.93 -1.51
CA ASP C 91 -25.51 5.47 -0.31
C ASP C 91 -26.70 6.38 -0.59
N ASP C 92 -26.97 6.68 -1.85
CA ASP C 92 -28.11 7.51 -2.21
C ASP C 92 -29.28 6.60 -2.61
N GLN C 93 -29.79 5.87 -1.62
CA GLN C 93 -30.92 5.00 -1.84
C GLN C 93 -32.10 5.76 -2.44
N ARG C 94 -32.28 7.02 -2.08
CA ARG C 94 -33.38 7.78 -2.65
C ARG C 94 -33.07 8.25 -4.07
N LEU C 95 -31.80 8.24 -4.46
CA LEU C 95 -31.46 8.51 -5.85
C LEU C 95 -31.74 7.30 -6.73
N VAL C 96 -31.15 6.16 -6.37
CA VAL C 96 -31.24 4.97 -7.21
C VAL C 96 -32.68 4.48 -7.29
N ASP C 97 -33.43 4.56 -6.19
CA ASP C 97 -34.78 4.03 -6.22
C ASP C 97 -35.70 4.90 -7.07
N GLN C 98 -35.52 6.21 -7.04
CA GLN C 98 -36.27 7.07 -7.95
C GLN C 98 -35.81 6.89 -9.39
N ALA C 99 -34.50 6.67 -9.59
CA ALA C 99 -34.00 6.33 -10.92
C ALA C 99 -34.74 5.13 -11.49
N LEU C 100 -34.84 4.06 -10.69
CA LEU C 100 -35.55 2.87 -11.14
C LEU C 100 -37.02 3.16 -11.39
N VAL C 101 -37.68 3.85 -10.46
CA VAL C 101 -39.11 4.09 -10.58
C VAL C 101 -39.43 4.94 -11.82
N ASP C 102 -38.52 5.84 -12.21
CA ASP C 102 -38.76 6.60 -13.43
C ASP C 102 -38.39 5.78 -14.67
N LEU C 103 -37.31 4.99 -14.59
CA LEU C 103 -36.95 4.11 -15.69
C LEU C 103 -38.08 3.18 -16.04
N ASP C 104 -38.87 2.77 -15.06
CA ASP C 104 -40.02 1.93 -15.37
C ASP C 104 -41.15 2.77 -15.96
N GLY C 105 -41.65 3.74 -15.20
CA GLY C 105 -42.62 4.68 -15.71
C GLY C 105 -44.06 4.35 -15.45
N THR C 106 -44.36 3.28 -14.72
CA THR C 106 -45.72 2.85 -14.47
C THR C 106 -46.01 2.84 -12.98
N PRO C 107 -47.29 2.92 -12.59
CA PRO C 107 -47.62 2.90 -11.16
C PRO C 107 -47.49 1.53 -10.51
N ASP C 108 -47.15 0.48 -11.25
CA ASP C 108 -46.99 -0.85 -10.70
C ASP C 108 -45.63 -1.47 -11.02
N LYS C 109 -44.72 -0.71 -11.64
CA LYS C 109 -43.45 -1.25 -12.11
C LYS C 109 -43.66 -2.41 -13.07
N SER C 110 -44.77 -2.40 -13.80
CA SER C 110 -45.14 -3.53 -14.64
C SER C 110 -44.15 -3.73 -15.79
N ARG C 111 -43.67 -2.63 -16.38
CA ARG C 111 -42.79 -2.74 -17.54
C ARG C 111 -41.52 -3.53 -17.21
N LEU C 112 -41.02 -3.42 -15.99
CA LEU C 112 -39.81 -4.13 -15.60
C LEU C 112 -40.02 -5.10 -14.45
N GLY C 113 -41.22 -5.16 -13.88
CA GLY C 113 -41.50 -6.10 -12.81
C GLY C 113 -40.99 -5.63 -11.48
N GLY C 114 -41.82 -5.75 -10.44
CA GLY C 114 -41.38 -5.37 -9.11
C GLY C 114 -40.23 -6.19 -8.58
N ASN C 115 -40.07 -7.41 -9.08
CA ASN C 115 -39.04 -8.30 -8.56
C ASN C 115 -37.65 -7.86 -8.99
N ALA C 116 -37.48 -7.46 -10.25
CA ALA C 116 -36.16 -6.99 -10.67
C ALA C 116 -35.78 -5.69 -9.99
N ILE C 117 -36.72 -4.74 -9.91
CA ILE C 117 -36.48 -3.48 -9.22
C ILE C 117 -36.08 -3.73 -7.78
N LEU C 118 -36.84 -4.59 -7.08
CA LEU C 118 -36.54 -4.83 -5.69
C LEU C 118 -35.22 -5.54 -5.51
N GLY C 119 -34.86 -6.44 -6.42
CA GLY C 119 -33.58 -7.10 -6.33
C GLY C 119 -32.43 -6.13 -6.42
N VAL C 120 -32.51 -5.19 -7.36
CA VAL C 120 -31.42 -4.22 -7.48
C VAL C 120 -31.41 -3.28 -6.30
N SER C 121 -32.58 -2.84 -5.84
CA SER C 121 -32.65 -2.00 -4.65
C SER C 121 -31.97 -2.67 -3.46
N LEU C 122 -32.38 -3.90 -3.14
CA LEU C 122 -31.85 -4.58 -1.97
C LEU C 122 -30.37 -4.86 -2.11
N ALA C 123 -29.90 -5.21 -3.30
CA ALA C 123 -28.49 -5.51 -3.45
C ALA C 123 -27.63 -4.25 -3.32
N VAL C 124 -28.09 -3.12 -3.85
CA VAL C 124 -27.29 -1.91 -3.67
C VAL C 124 -27.36 -1.45 -2.23
N ALA C 125 -28.45 -1.74 -1.52
CA ALA C 125 -28.46 -1.45 -0.09
C ALA C 125 -27.47 -2.33 0.66
N LYS C 126 -27.41 -3.62 0.31
CA LYS C 126 -26.45 -4.52 0.95
C LYS C 126 -25.02 -4.20 0.57
N ALA C 127 -24.81 -3.43 -0.49
CA ALA C 127 -23.46 -2.98 -0.80
C ALA C 127 -23.14 -1.62 -0.21
N ALA C 128 -24.14 -0.77 0.00
CA ALA C 128 -23.96 0.49 0.70
C ALA C 128 -23.96 0.33 2.22
N ALA C 129 -24.24 -0.87 2.70
CA ALA C 129 -23.97 -1.24 4.08
C ALA C 129 -22.67 -2.03 4.21
N ASP C 130 -22.36 -2.88 3.24
CA ASP C 130 -21.07 -3.57 3.25
C ASP C 130 -19.93 -2.59 3.02
N SER C 131 -20.17 -1.52 2.26
CA SER C 131 -19.10 -0.56 1.97
C SER C 131 -18.63 0.12 3.24
N ALA C 132 -19.56 0.78 3.94
CA ALA C 132 -19.25 1.50 5.17
C ALA C 132 -18.80 0.54 6.27
N GLU C 133 -18.76 -0.76 5.96
CA GLU C 133 -18.37 -1.81 6.90
C GLU C 133 -19.34 -1.92 8.07
N LEU C 134 -20.39 -1.12 8.05
CA LEU C 134 -21.47 -1.31 8.99
C LEU C 134 -22.17 -2.63 8.68
N PRO C 135 -22.89 -3.19 9.65
CA PRO C 135 -23.81 -4.30 9.34
C PRO C 135 -25.15 -3.75 8.92
N LEU C 136 -25.83 -4.53 8.06
CA LEU C 136 -26.99 -4.02 7.34
C LEU C 136 -28.01 -3.37 8.26
N PHE C 137 -28.23 -3.94 9.45
CA PHE C 137 -29.22 -3.35 10.35
C PHE C 137 -28.73 -1.99 10.87
N ARG C 138 -27.44 -1.88 11.16
CA ARG C 138 -26.90 -0.62 11.64
C ARG C 138 -26.98 0.45 10.57
N TYR C 139 -26.64 0.10 9.32
CA TYR C 139 -26.76 1.06 8.23
C TYR C 139 -28.19 1.52 8.08
N VAL C 140 -29.11 0.60 7.78
CA VAL C 140 -30.48 1.00 7.50
C VAL C 140 -31.14 1.68 8.70
N GLY C 141 -30.64 1.45 9.91
CA GLY C 141 -31.28 2.03 11.07
C GLY C 141 -30.49 3.10 11.79
N GLY C 142 -29.19 3.19 11.51
CA GLY C 142 -28.36 4.22 12.08
C GLY C 142 -27.59 3.74 13.29
N PRO C 143 -27.38 4.64 14.26
CA PRO C 143 -26.67 4.25 15.48
C PRO C 143 -27.58 3.70 16.56
N ASN C 144 -28.86 4.06 16.52
CA ASN C 144 -29.81 3.73 17.56
C ASN C 144 -30.55 2.43 17.28
N ALA C 145 -30.10 1.65 16.31
CA ALA C 145 -30.75 0.38 15.98
C ALA C 145 -30.31 -0.66 17.00
N HIS C 146 -31.15 -0.90 17.99
CA HIS C 146 -30.77 -1.77 19.09
C HIS C 146 -31.86 -2.73 19.55
N ILE C 147 -33.06 -2.67 18.98
CA ILE C 147 -34.20 -3.41 19.50
C ILE C 147 -34.35 -4.71 18.72
N LEU C 148 -34.50 -5.82 19.43
CA LEU C 148 -34.78 -7.12 18.84
C LEU C 148 -36.26 -7.39 18.89
N PRO C 149 -36.88 -7.88 17.82
CA PRO C 149 -38.33 -7.95 17.76
C PRO C 149 -38.88 -9.20 18.42
N VAL C 150 -40.17 -9.14 18.75
CA VAL C 150 -40.86 -10.30 19.30
C VAL C 150 -41.27 -11.22 18.17
N PRO C 151 -40.73 -12.43 18.08
CA PRO C 151 -41.10 -13.32 16.97
C PRO C 151 -42.50 -13.86 17.17
N MET C 152 -43.36 -13.65 16.18
CA MET C 152 -44.70 -14.22 16.17
C MET C 152 -44.64 -15.49 15.33
N MET C 153 -44.74 -16.63 15.98
CA MET C 153 -44.48 -17.92 15.35
C MET C 153 -45.79 -18.61 15.01
N ASN C 154 -46.09 -18.68 13.71
CA ASN C 154 -47.31 -19.34 13.23
C ASN C 154 -47.12 -20.84 13.33
N ILE C 155 -47.72 -21.45 14.35
CA ILE C 155 -47.52 -22.87 14.59
C ILE C 155 -48.66 -23.75 14.07
N LEU C 156 -49.86 -23.21 13.90
CA LEU C 156 -51.02 -24.01 13.53
C LEU C 156 -51.74 -23.30 12.39
N ASN C 157 -51.77 -23.95 11.22
CA ASN C 157 -52.36 -23.37 10.03
C ASN C 157 -53.77 -23.90 9.82
N GLY C 158 -54.63 -23.03 9.31
CA GLY C 158 -55.99 -23.43 9.00
C GLY C 158 -56.60 -22.50 7.97
N GLY C 159 -57.87 -22.73 7.67
CA GLY C 159 -58.60 -21.87 6.77
C GLY C 159 -58.34 -22.16 5.31
N ALA C 160 -57.81 -21.18 4.60
CA ALA C 160 -57.55 -21.30 3.17
C ALA C 160 -56.30 -22.12 2.85
N HIS C 161 -55.76 -22.86 3.81
CA HIS C 161 -54.54 -23.61 3.61
C HIS C 161 -54.78 -25.12 3.57
N ALA C 162 -55.40 -25.68 4.60
CA ALA C 162 -55.53 -27.13 4.71
C ALA C 162 -56.94 -27.62 4.38
N ASP C 163 -57.83 -26.73 3.93
CA ASP C 163 -59.23 -27.03 3.63
C ASP C 163 -59.83 -27.99 4.66
N THR C 164 -59.86 -27.53 5.90
CA THR C 164 -60.42 -28.28 7.02
C THR C 164 -61.50 -27.44 7.72
N ALA C 165 -61.94 -27.93 8.89
CA ALA C 165 -63.03 -27.31 9.62
C ALA C 165 -62.64 -26.01 10.29
N VAL C 166 -61.41 -25.52 10.11
CA VAL C 166 -60.97 -24.27 10.72
C VAL C 166 -61.11 -23.18 9.68
N ASP C 167 -61.37 -21.96 10.16
CA ASP C 167 -61.56 -20.82 9.29
C ASP C 167 -60.50 -19.74 9.46
N ILE C 168 -59.98 -19.56 10.67
CA ILE C 168 -58.85 -18.66 10.88
C ILE C 168 -57.63 -19.20 10.15
N GLN C 169 -56.87 -18.30 9.52
CA GLN C 169 -55.77 -18.75 8.66
C GLN C 169 -54.55 -19.18 9.48
N GLU C 170 -53.96 -18.26 10.23
CA GLU C 170 -52.74 -18.52 10.97
C GLU C 170 -52.98 -18.26 12.45
N PHE C 171 -52.72 -19.27 13.27
CA PHE C 171 -52.63 -19.11 14.72
C PHE C 171 -51.16 -18.95 15.10
N MET C 172 -50.87 -17.94 15.90
CA MET C 172 -49.50 -17.60 16.24
C MET C 172 -49.33 -17.52 17.75
N VAL C 173 -48.11 -17.80 18.21
CA VAL C 173 -47.73 -17.58 19.59
C VAL C 173 -46.65 -16.52 19.61
N ALA C 174 -46.57 -15.81 20.72
CA ALA C 174 -45.60 -14.73 20.83
C ALA C 174 -44.98 -14.74 22.23
N PRO C 175 -43.72 -15.11 22.35
CA PRO C 175 -43.08 -15.12 23.67
C PRO C 175 -42.77 -13.72 24.16
N ILE C 176 -43.75 -13.05 24.75
CA ILE C 176 -43.57 -11.67 25.17
C ILE C 176 -42.88 -11.55 26.51
N GLY C 177 -42.84 -12.62 27.31
CA GLY C 177 -42.31 -12.56 28.65
C GLY C 177 -40.85 -12.95 28.79
N ALA C 178 -40.14 -13.17 27.71
CA ALA C 178 -38.77 -13.64 27.78
C ALA C 178 -37.82 -12.53 28.20
N PRO C 179 -36.72 -12.86 28.86
CA PRO C 179 -35.76 -11.83 29.27
C PRO C 179 -34.90 -11.33 28.13
N SER C 180 -34.57 -12.20 27.18
CA SER C 180 -33.76 -11.84 26.03
C SER C 180 -34.40 -12.43 24.79
N PHE C 181 -33.76 -12.22 23.64
CA PHE C 181 -34.31 -12.78 22.41
C PHE C 181 -34.03 -14.28 22.31
N VAL C 182 -32.86 -14.72 22.76
CA VAL C 182 -32.51 -16.12 22.61
C VAL C 182 -33.43 -17.00 23.46
N GLU C 183 -33.84 -16.50 24.63
CA GLU C 183 -34.81 -17.25 25.41
C GLU C 183 -36.18 -17.23 24.77
N ALA C 184 -36.54 -16.16 24.07
CA ALA C 184 -37.80 -16.13 23.35
C ALA C 184 -37.81 -17.15 22.23
N LEU C 185 -36.71 -17.26 21.49
CA LEU C 185 -36.61 -18.27 20.45
C LEU C 185 -36.69 -19.67 21.04
N ARG C 186 -36.05 -19.88 22.19
CA ARG C 186 -36.15 -21.18 22.84
C ARG C 186 -37.58 -21.51 23.23
N TRP C 187 -38.29 -20.55 23.82
CA TRP C 187 -39.67 -20.79 24.22
C TRP C 187 -40.55 -21.08 23.02
N GLY C 188 -40.35 -20.35 21.93
CA GLY C 188 -41.12 -20.62 20.72
C GLY C 188 -40.88 -22.02 20.18
N ALA C 189 -39.60 -22.41 20.10
CA ALA C 189 -39.28 -23.75 19.62
C ALA C 189 -39.85 -24.82 20.55
N GLU C 190 -39.88 -24.56 21.85
CA GLU C 190 -40.40 -25.55 22.79
C GLU C 190 -41.91 -25.69 22.67
N VAL C 191 -42.61 -24.56 22.51
CA VAL C 191 -44.06 -24.64 22.29
C VAL C 191 -44.36 -25.37 20.99
N TYR C 192 -43.56 -25.12 19.95
CA TYR C 192 -43.73 -25.83 18.69
C TYR C 192 -43.58 -27.33 18.86
N HIS C 193 -42.50 -27.76 19.50
CA HIS C 193 -42.28 -29.19 19.67
C HIS C 193 -43.26 -29.81 20.66
N ALA C 194 -43.86 -29.02 21.55
CA ALA C 194 -44.88 -29.55 22.43
C ALA C 194 -46.18 -29.77 21.68
N LEU C 195 -46.56 -28.82 20.83
CA LEU C 195 -47.76 -29.01 20.00
C LEU C 195 -47.59 -30.18 19.06
N LYS C 196 -46.38 -30.38 18.55
CA LYS C 196 -46.13 -31.51 17.65
C LYS C 196 -46.45 -32.84 18.32
N SER C 197 -46.37 -32.90 19.65
CA SER C 197 -46.71 -34.12 20.38
C SER C 197 -48.14 -34.14 20.87
N VAL C 198 -48.69 -32.97 21.22
CA VAL C 198 -50.11 -32.89 21.57
C VAL C 198 -50.97 -33.34 20.40
N LEU C 199 -50.54 -33.05 19.17
CA LEU C 199 -51.29 -33.51 18.00
C LEU C 199 -51.37 -35.02 17.96
N LYS C 200 -50.24 -35.70 18.13
CA LYS C 200 -50.25 -37.16 18.14
C LYS C 200 -51.06 -37.69 19.32
N LYS C 201 -50.93 -37.07 20.48
CA LYS C 201 -51.70 -37.46 21.65
C LYS C 201 -53.18 -37.11 21.53
N GLU C 202 -53.57 -36.44 20.44
CA GLU C 202 -54.99 -36.27 20.12
C GLU C 202 -55.33 -36.84 18.75
N GLY C 203 -54.54 -37.79 18.25
CA GLY C 203 -54.83 -38.44 16.99
C GLY C 203 -55.01 -37.51 15.83
N LEU C 204 -53.93 -36.84 15.39
CA LEU C 204 -54.00 -35.88 14.30
C LEU C 204 -52.75 -36.05 13.44
N SER C 205 -52.58 -35.16 12.47
CA SER C 205 -51.54 -35.28 11.46
C SER C 205 -50.47 -34.21 11.65
N THR C 206 -49.27 -34.52 11.18
CA THR C 206 -48.12 -33.63 11.34
C THR C 206 -47.53 -33.24 10.00
N GLY C 207 -48.38 -32.86 9.05
CA GLY C 207 -47.90 -32.43 7.75
C GLY C 207 -47.67 -30.95 7.67
N LEU C 208 -46.42 -30.54 7.49
CA LEU C 208 -46.07 -29.13 7.55
C LEU C 208 -46.61 -28.38 6.33
N GLY C 209 -47.12 -27.18 6.57
CA GLY C 209 -47.61 -26.35 5.49
C GLY C 209 -46.49 -25.63 4.79
N ASP C 210 -46.71 -24.36 4.43
CA ASP C 210 -45.67 -23.57 3.79
C ASP C 210 -44.86 -22.75 4.79
N GLU C 211 -45.37 -22.55 6.00
CA GLU C 211 -44.68 -21.78 7.03
C GLU C 211 -44.09 -22.65 8.12
N GLY C 212 -44.10 -23.97 7.95
CA GLY C 212 -43.74 -24.87 9.01
C GLY C 212 -44.83 -25.15 10.01
N GLY C 213 -45.93 -24.40 9.97
CA GLY C 213 -47.03 -24.67 10.87
C GLY C 213 -47.74 -25.97 10.53
N PHE C 214 -48.55 -26.43 11.46
CA PHE C 214 -49.22 -27.71 11.30
C PHE C 214 -50.57 -27.54 10.64
N ALA C 215 -51.05 -28.63 10.05
CA ALA C 215 -52.35 -28.68 9.37
C ALA C 215 -53.21 -29.72 10.09
N PRO C 216 -53.80 -29.37 11.23
CA PRO C 216 -54.63 -30.32 11.96
C PRO C 216 -56.09 -30.22 11.55
N ASP C 217 -56.79 -31.34 11.75
CA ASP C 217 -58.23 -31.40 11.49
C ASP C 217 -59.00 -31.25 12.80
N VAL C 218 -58.85 -30.09 13.43
CA VAL C 218 -59.49 -29.84 14.71
C VAL C 218 -60.89 -29.31 14.47
N ALA C 219 -61.71 -29.32 15.53
CA ALA C 219 -63.12 -29.01 15.41
C ALA C 219 -63.36 -27.57 14.94
N GLY C 220 -62.96 -26.59 15.74
CA GLY C 220 -63.25 -25.21 15.44
C GLY C 220 -62.19 -24.29 15.98
N THR C 221 -62.42 -22.99 15.78
CA THR C 221 -61.46 -21.98 16.22
C THR C 221 -61.16 -22.10 17.71
N THR C 222 -62.21 -22.14 18.54
CA THR C 222 -62.02 -22.25 19.98
C THR C 222 -61.24 -23.50 20.35
N ALA C 223 -61.51 -24.62 19.67
CA ALA C 223 -60.74 -25.83 19.92
C ALA C 223 -59.28 -25.63 19.55
N ALA C 224 -59.01 -24.85 18.51
CA ALA C 224 -57.63 -24.59 18.11
C ALA C 224 -56.89 -23.79 19.17
N LEU C 225 -57.50 -22.70 19.64
CA LEU C 225 -56.86 -21.91 20.68
C LEU C 225 -56.68 -22.72 21.96
N ASP C 226 -57.62 -23.61 22.26
CA ASP C 226 -57.48 -24.46 23.44
C ASP C 226 -56.33 -25.45 23.27
N LEU C 227 -56.18 -26.01 22.07
CA LEU C 227 -55.06 -26.90 21.78
C LEU C 227 -53.73 -26.15 21.94
N ILE C 228 -53.68 -24.92 21.45
CA ILE C 228 -52.45 -24.13 21.56
C ILE C 228 -52.16 -23.83 23.02
N SER C 229 -53.18 -23.51 23.81
CA SER C 229 -52.95 -23.25 25.23
C SER C 229 -52.47 -24.51 25.94
N ARG C 230 -53.00 -25.66 25.56
CA ARG C 230 -52.52 -26.92 26.13
C ARG C 230 -51.06 -27.14 25.80
N ALA C 231 -50.67 -26.84 24.56
CA ALA C 231 -49.27 -27.00 24.19
C ALA C 231 -48.37 -26.03 24.96
N ILE C 232 -48.85 -24.79 25.17
CA ILE C 232 -48.07 -23.83 25.94
C ILE C 232 -47.88 -24.32 27.37
N GLU C 233 -48.95 -24.86 27.98
CA GLU C 233 -48.82 -25.39 29.32
C GLU C 233 -47.88 -26.59 29.37
N SER C 234 -47.95 -27.46 28.36
CA SER C 234 -47.10 -28.65 28.34
C SER C 234 -45.65 -28.28 28.11
N ALA C 235 -45.38 -27.15 27.47
CA ALA C 235 -44.00 -26.73 27.27
C ALA C 235 -43.32 -26.39 28.58
N GLY C 236 -44.08 -25.92 29.56
CA GLY C 236 -43.54 -25.50 30.82
C GLY C 236 -43.69 -24.02 31.11
N LEU C 237 -44.59 -23.33 30.40
CA LEU C 237 -44.72 -21.89 30.49
C LEU C 237 -46.13 -21.55 30.97
N ARG C 238 -46.40 -20.25 31.07
CA ARG C 238 -47.69 -19.77 31.56
C ARG C 238 -48.36 -18.94 30.46
N PRO C 239 -49.51 -19.35 29.95
CA PRO C 239 -50.17 -18.57 28.88
C PRO C 239 -50.47 -17.16 29.34
N GLY C 240 -50.11 -16.20 28.51
CA GLY C 240 -50.35 -14.79 28.80
C GLY C 240 -49.21 -14.09 29.50
N ALA C 241 -48.67 -14.72 30.54
CA ALA C 241 -47.55 -14.11 31.26
C ALA C 241 -46.23 -14.40 30.57
N ASP C 242 -46.09 -15.59 29.99
CA ASP C 242 -44.91 -15.95 29.21
C ASP C 242 -45.18 -15.85 27.72
N VAL C 243 -46.18 -16.58 27.23
CA VAL C 243 -46.48 -16.65 25.81
C VAL C 243 -47.90 -16.17 25.58
N ALA C 244 -48.07 -15.23 24.66
CA ALA C 244 -49.37 -14.70 24.28
C ALA C 244 -49.90 -15.48 23.09
N LEU C 245 -50.95 -14.97 22.45
CA LEU C 245 -51.50 -15.58 21.25
C LEU C 245 -51.78 -14.49 20.22
N ALA C 246 -51.94 -14.90 18.97
CA ALA C 246 -52.23 -13.97 17.90
C ALA C 246 -53.04 -14.67 16.83
N LEU C 247 -53.68 -13.88 15.97
CA LEU C 247 -54.55 -14.40 14.93
C LEU C 247 -54.26 -13.72 13.60
N ASP C 248 -54.50 -14.47 12.52
CA ASP C 248 -54.54 -13.93 11.16
C ASP C 248 -55.86 -14.41 10.56
N ALA C 249 -56.91 -13.62 10.74
CA ALA C 249 -58.24 -14.05 10.32
C ALA C 249 -58.32 -14.25 8.81
N ALA C 250 -57.75 -13.33 8.05
CA ALA C 250 -57.80 -13.37 6.59
C ALA C 250 -59.23 -13.47 6.11
N ALA C 251 -60.01 -12.44 6.45
CA ALA C 251 -61.46 -12.51 6.30
C ALA C 251 -61.90 -12.62 4.85
N THR C 252 -61.13 -12.05 3.92
CA THR C 252 -61.51 -12.10 2.52
C THR C 252 -61.67 -13.53 2.01
N GLU C 253 -61.02 -14.50 2.65
CA GLU C 253 -61.11 -15.88 2.21
C GLU C 253 -62.43 -16.53 2.57
N PHE C 254 -63.31 -15.85 3.30
CA PHE C 254 -64.62 -16.43 3.59
C PHE C 254 -65.74 -15.41 3.52
N PHE C 255 -65.52 -14.27 2.88
CA PHE C 255 -66.53 -13.23 2.76
C PHE C 255 -67.05 -13.21 1.32
N THR C 256 -68.29 -13.66 1.14
CA THR C 256 -68.96 -13.59 -0.15
C THR C 256 -69.60 -12.22 -0.29
N ASP C 257 -69.12 -11.43 -1.24
CA ASP C 257 -69.66 -10.10 -1.46
C ASP C 257 -71.15 -10.16 -1.76
N GLY C 258 -71.88 -9.18 -1.26
CA GLY C 258 -73.33 -9.21 -1.30
C GLY C 258 -73.97 -10.04 -0.21
N THR C 259 -73.21 -10.90 0.45
CA THR C 259 -73.70 -11.71 1.56
C THR C 259 -72.77 -11.48 2.75
N GLY C 260 -72.93 -12.25 3.82
CA GLY C 260 -72.10 -12.10 4.99
C GLY C 260 -70.90 -13.02 4.99
N TYR C 261 -70.10 -12.90 6.04
CA TYR C 261 -68.99 -13.82 6.24
C TYR C 261 -69.52 -15.19 6.62
N VAL C 262 -69.08 -16.21 5.90
CA VAL C 262 -69.51 -17.58 6.18
C VAL C 262 -68.50 -18.20 7.14
N PHE C 263 -68.84 -18.23 8.42
CA PHE C 263 -67.94 -18.73 9.44
C PHE C 263 -68.61 -19.87 10.21
N GLU C 264 -67.88 -20.97 10.38
CA GLU C 264 -68.33 -22.13 11.16
C GLU C 264 -69.60 -22.75 10.58
N GLY C 265 -69.98 -22.38 9.38
CA GLY C 265 -71.22 -22.86 8.79
C GLY C 265 -72.41 -21.96 8.99
N THR C 266 -72.20 -20.70 9.36
CA THR C 266 -73.27 -19.73 9.53
C THR C 266 -72.89 -18.44 8.82
N THR C 267 -73.88 -17.81 8.20
CA THR C 267 -73.67 -16.50 7.58
C THR C 267 -73.84 -15.41 8.62
N ARG C 268 -72.87 -14.51 8.69
CA ARG C 268 -72.83 -13.50 9.73
C ARG C 268 -72.53 -12.14 9.12
N THR C 269 -72.85 -11.10 9.88
CA THR C 269 -72.53 -9.73 9.51
C THR C 269 -71.23 -9.32 10.18
N ALA C 270 -70.79 -8.10 9.88
CA ALA C 270 -69.59 -7.58 10.56
C ALA C 270 -69.79 -7.54 12.07
N ASP C 271 -71.01 -7.21 12.51
CA ASP C 271 -71.29 -7.17 13.94
C ASP C 271 -71.09 -8.54 14.58
N GLN C 272 -71.53 -9.60 13.91
CA GLN C 272 -71.39 -10.94 14.46
C GLN C 272 -69.92 -11.34 14.55
N MET C 273 -69.12 -10.98 13.54
CA MET C 273 -67.69 -11.27 13.61
C MET C 273 -67.03 -10.48 14.73
N THR C 274 -67.46 -9.24 14.95
CA THR C 274 -66.92 -8.48 16.08
C THR C 274 -67.30 -9.13 17.41
N GLU C 275 -68.52 -9.65 17.51
CA GLU C 275 -68.90 -10.35 18.74
C GLU C 275 -68.07 -11.61 18.93
N PHE C 276 -67.79 -12.34 17.85
CA PHE C 276 -66.93 -13.51 17.95
C PHE C 276 -65.53 -13.12 18.42
N TYR C 277 -64.99 -12.02 17.88
CA TYR C 277 -63.67 -11.57 18.30
C TYR C 277 -63.66 -11.09 19.75
N ALA C 278 -64.75 -10.49 20.21
CA ALA C 278 -64.84 -10.10 21.62
C ALA C 278 -64.87 -11.32 22.52
N GLY C 279 -65.66 -12.33 22.14
CA GLY C 279 -65.64 -13.58 22.88
C GLY C 279 -64.28 -14.25 22.89
N LEU C 280 -63.51 -14.07 21.82
CA LEU C 280 -62.15 -14.59 21.80
C LEU C 280 -61.25 -13.81 22.77
N LEU C 281 -61.22 -12.48 22.62
CA LEU C 281 -60.48 -11.63 23.55
C LEU C 281 -60.83 -11.91 25.01
N GLY C 282 -62.03 -12.40 25.26
CA GLY C 282 -62.41 -12.73 26.62
C GLY C 282 -61.56 -13.84 27.23
N ALA C 283 -61.66 -15.05 26.69
CA ALA C 283 -61.13 -16.24 27.33
C ALA C 283 -59.71 -16.59 26.92
N TYR C 284 -59.02 -15.72 26.18
CA TYR C 284 -57.68 -16.03 25.72
C TYR C 284 -56.81 -14.79 25.74
N PRO C 285 -55.51 -14.95 25.97
CA PRO C 285 -54.60 -13.80 26.00
C PRO C 285 -54.19 -13.34 24.61
N LEU C 286 -55.17 -13.00 23.80
CA LEU C 286 -54.90 -12.51 22.46
C LEU C 286 -54.34 -11.09 22.53
N VAL C 287 -53.24 -10.86 21.81
CA VAL C 287 -52.63 -9.54 21.77
C VAL C 287 -52.76 -8.87 20.40
N SER C 288 -53.11 -9.62 19.36
CA SER C 288 -53.12 -9.07 18.02
C SER C 288 -53.96 -9.95 17.10
N ILE C 289 -54.80 -9.32 16.29
CA ILE C 289 -55.57 -9.97 15.25
C ILE C 289 -55.29 -9.26 13.93
N GLU C 290 -55.10 -10.04 12.87
CA GLU C 290 -54.65 -9.52 11.59
C GLU C 290 -55.74 -9.73 10.54
N ASP C 291 -56.07 -8.66 9.82
CA ASP C 291 -57.15 -8.66 8.83
C ASP C 291 -58.40 -9.30 9.39
N PRO C 292 -59.08 -8.65 10.33
CA PRO C 292 -60.29 -9.26 10.91
C PRO C 292 -61.48 -9.20 9.98
N LEU C 293 -61.57 -8.20 9.10
CA LEU C 293 -62.65 -8.08 8.14
C LEU C 293 -62.05 -7.83 6.76
N SER C 294 -62.92 -7.86 5.74
CA SER C 294 -62.47 -7.78 4.36
C SER C 294 -61.76 -6.46 4.10
N GLU C 295 -61.02 -6.42 2.98
CA GLU C 295 -60.19 -5.27 2.66
C GLU C 295 -60.95 -4.17 1.95
N ASP C 296 -62.27 -4.31 1.80
CA ASP C 296 -63.08 -3.25 1.23
C ASP C 296 -64.16 -2.76 2.18
N ASP C 297 -64.40 -3.47 3.30
CA ASP C 297 -65.41 -3.09 4.27
C ASP C 297 -64.81 -2.08 5.25
N TRP C 298 -64.55 -0.88 4.75
CA TRP C 298 -63.96 0.15 5.58
C TRP C 298 -64.85 0.50 6.77
N ASP C 299 -66.16 0.60 6.54
CA ASP C 299 -67.08 0.95 7.63
C ASP C 299 -67.10 -0.14 8.70
N GLY C 300 -67.17 -1.40 8.28
CA GLY C 300 -67.08 -2.48 9.25
C GLY C 300 -65.76 -2.47 9.99
N TRP C 301 -64.69 -2.08 9.30
CA TRP C 301 -63.39 -1.99 9.95
C TRP C 301 -63.39 -0.90 11.02
N ALA C 302 -63.99 0.25 10.73
CA ALA C 302 -64.07 1.32 11.73
C ALA C 302 -64.92 0.89 12.91
N ALA C 303 -66.03 0.17 12.64
CA ALA C 303 -66.87 -0.33 13.72
C ALA C 303 -66.09 -1.28 14.63
N LEU C 304 -65.40 -2.26 14.03
CA LEU C 304 -64.65 -3.24 14.81
C LEU C 304 -63.49 -2.59 15.53
N THR C 305 -62.85 -1.59 14.92
CA THR C 305 -61.76 -0.88 15.58
C THR C 305 -62.27 -0.12 16.79
N ALA C 306 -63.41 0.57 16.68
CA ALA C 306 -63.96 1.23 17.84
C ALA C 306 -64.44 0.25 18.89
N SER C 307 -64.86 -0.95 18.49
CA SER C 307 -65.42 -1.90 19.45
C SER C 307 -64.34 -2.62 20.24
N ILE C 308 -63.33 -3.18 19.56
CA ILE C 308 -62.32 -3.97 20.24
C ILE C 308 -60.93 -3.43 19.97
N GLY C 309 -60.80 -2.14 19.70
CA GLY C 309 -59.51 -1.60 19.35
C GLY C 309 -58.72 -1.02 20.49
N ASP C 310 -59.23 -1.15 21.71
CA ASP C 310 -58.53 -0.70 22.90
C ASP C 310 -57.92 -1.85 23.69
N ARG C 311 -58.26 -3.09 23.34
CA ARG C 311 -57.82 -4.25 24.08
C ARG C 311 -56.95 -5.21 23.28
N VAL C 312 -56.67 -4.91 22.01
CA VAL C 312 -55.95 -5.84 21.15
C VAL C 312 -55.41 -5.05 19.97
N GLN C 313 -54.38 -5.59 19.32
CA GLN C 313 -53.80 -4.96 18.15
C GLN C 313 -54.56 -5.35 16.91
N ILE C 314 -54.73 -4.41 15.99
CA ILE C 314 -55.47 -4.63 14.75
C ILE C 314 -54.49 -4.44 13.60
N VAL C 315 -54.16 -5.52 12.90
CA VAL C 315 -53.17 -5.49 11.84
C VAL C 315 -53.87 -5.43 10.50
N GLY C 316 -53.51 -4.45 9.68
CA GLY C 316 -54.02 -4.39 8.33
C GLY C 316 -53.09 -5.04 7.34
N ASP C 317 -53.39 -6.29 6.96
CA ASP C 317 -52.56 -7.04 6.02
C ASP C 317 -53.00 -6.82 4.58
N ASP C 318 -54.30 -6.97 4.30
CA ASP C 318 -54.81 -6.79 2.95
C ASP C 318 -55.51 -5.46 2.74
N ILE C 319 -56.12 -4.89 3.78
CA ILE C 319 -56.80 -3.61 3.63
C ILE C 319 -55.81 -2.53 3.24
N PHE C 320 -54.55 -2.70 3.61
CA PHE C 320 -53.45 -1.93 3.05
C PHE C 320 -52.47 -2.93 2.46
N VAL C 321 -51.74 -2.51 1.44
CA VAL C 321 -50.78 -3.40 0.80
C VAL C 321 -49.40 -2.80 0.89
N THR C 322 -49.13 -2.12 2.01
CA THR C 322 -47.92 -1.34 2.23
C THR C 322 -47.86 -0.14 1.30
N ASN C 323 -49.01 0.27 0.78
CA ASN C 323 -49.11 1.45 -0.04
C ASN C 323 -49.41 2.65 0.84
N PRO C 324 -48.60 3.70 0.82
CA PRO C 324 -48.91 4.87 1.65
C PRO C 324 -50.23 5.53 1.31
N GLU C 325 -50.61 5.52 0.03
CA GLU C 325 -51.81 6.22 -0.40
C GLU C 325 -53.07 5.60 0.21
N ARG C 326 -53.07 4.28 0.42
CA ARG C 326 -54.19 3.67 1.13
C ARG C 326 -54.00 3.75 2.64
N LEU C 327 -52.75 3.83 3.09
CA LEU C 327 -52.48 3.90 4.52
C LEU C 327 -53.00 5.20 5.13
N GLU C 328 -52.80 6.33 4.43
CA GLU C 328 -53.33 7.59 4.92
C GLU C 328 -54.85 7.53 5.03
N GLU C 329 -55.51 6.99 4.02
CA GLU C 329 -56.96 6.86 4.04
C GLU C 329 -57.43 6.00 5.22
N GLY C 330 -56.74 4.88 5.46
CA GLY C 330 -57.09 4.04 6.59
C GLY C 330 -56.80 4.69 7.94
N ILE C 331 -55.81 5.58 7.97
CA ILE C 331 -55.57 6.37 9.17
C ILE C 331 -56.75 7.29 9.43
N GLU C 332 -57.30 7.89 8.37
CA GLU C 332 -58.37 8.87 8.53
C GLU C 332 -59.62 8.22 9.14
N ARG C 333 -60.10 7.15 8.52
CA ARG C 333 -61.37 6.55 8.95
C ARG C 333 -61.25 5.75 10.24
N GLY C 334 -60.13 5.78 10.95
CA GLY C 334 -60.02 5.09 12.22
C GLY C 334 -60.12 3.58 12.14
N VAL C 335 -59.26 2.96 11.32
CA VAL C 335 -59.22 1.51 11.18
C VAL C 335 -57.78 1.06 11.33
N ALA C 336 -57.58 -0.18 11.77
CA ALA C 336 -56.30 -0.84 11.62
C ALA C 336 -55.15 -0.11 12.33
N ASN C 337 -55.11 -0.19 13.65
CA ASN C 337 -54.07 0.48 14.42
C ASN C 337 -52.69 -0.17 14.28
N ALA C 338 -52.50 -1.05 13.30
CA ALA C 338 -51.18 -1.63 13.04
C ALA C 338 -51.06 -1.99 11.56
N LEU C 339 -49.84 -1.88 11.06
CA LEU C 339 -49.50 -2.16 9.67
C LEU C 339 -48.69 -3.45 9.58
N LEU C 340 -48.57 -3.99 8.37
CA LEU C 340 -47.78 -5.19 8.10
C LEU C 340 -46.91 -4.92 6.89
N VAL C 341 -45.59 -4.81 7.11
CA VAL C 341 -44.67 -4.34 6.09
C VAL C 341 -44.10 -5.53 5.33
N LYS C 342 -44.56 -5.73 4.10
CA LYS C 342 -43.97 -6.69 3.18
C LYS C 342 -43.21 -5.94 2.11
N VAL C 343 -41.94 -6.28 1.94
CA VAL C 343 -41.02 -5.42 1.20
C VAL C 343 -41.27 -5.50 -0.30
N ASN C 344 -41.85 -6.59 -0.79
CA ASN C 344 -42.06 -6.75 -2.22
C ASN C 344 -43.46 -6.39 -2.65
N GLN C 345 -44.31 -5.92 -1.74
CA GLN C 345 -45.59 -5.36 -2.13
C GLN C 345 -45.50 -3.89 -2.49
N ILE C 346 -44.35 -3.27 -2.32
CA ILE C 346 -44.16 -1.89 -2.71
C ILE C 346 -43.03 -1.70 -3.71
N GLY C 347 -42.05 -2.60 -3.77
CA GLY C 347 -41.13 -2.67 -4.88
C GLY C 347 -39.75 -2.13 -4.61
N THR C 348 -39.56 -1.32 -3.58
CA THR C 348 -38.24 -0.78 -3.31
C THR C 348 -38.08 -0.50 -1.82
N LEU C 349 -36.83 -0.46 -1.37
CA LEU C 349 -36.54 -0.24 0.04
C LEU C 349 -37.04 1.12 0.51
N THR C 350 -36.76 2.16 -0.28
CA THR C 350 -37.11 3.52 0.10
C THR C 350 -38.60 3.66 0.38
N GLU C 351 -39.44 3.08 -0.47
CA GLU C 351 -40.87 3.23 -0.24
C GLU C 351 -41.33 2.45 0.99
N THR C 352 -40.68 1.34 1.30
CA THR C 352 -40.96 0.67 2.58
C THR C 352 -40.63 1.56 3.74
N LEU C 353 -39.45 2.19 3.71
CA LEU C 353 -39.05 3.08 4.80
C LEU C 353 -40.02 4.24 4.94
N ASP C 354 -40.45 4.82 3.82
CA ASP C 354 -41.38 5.94 3.89
C ASP C 354 -42.74 5.51 4.43
N ALA C 355 -43.24 4.34 4.01
CA ALA C 355 -44.53 3.89 4.50
C ALA C 355 -44.47 3.53 5.98
N VAL C 356 -43.35 2.95 6.43
CA VAL C 356 -43.26 2.61 7.84
C VAL C 356 -43.12 3.87 8.69
N THR C 357 -42.44 4.90 8.16
CA THR C 357 -42.43 6.19 8.84
C THR C 357 -43.84 6.76 8.97
N LEU C 358 -44.58 6.76 7.85
CA LEU C 358 -45.93 7.29 7.87
C LEU C 358 -46.84 6.55 8.83
N ALA C 359 -46.63 5.24 8.98
CA ALA C 359 -47.45 4.49 9.92
C ALA C 359 -46.97 4.62 11.36
N HIS C 360 -45.69 4.92 11.55
CA HIS C 360 -45.19 5.19 12.89
C HIS C 360 -45.76 6.48 13.43
N HIS C 361 -45.66 7.55 12.65
CA HIS C 361 -46.13 8.85 13.11
C HIS C 361 -47.63 8.94 13.19
N GLY C 362 -48.37 7.86 12.99
CA GLY C 362 -49.81 7.87 13.15
C GLY C 362 -50.33 7.04 14.30
N GLY C 363 -49.47 6.55 15.18
CA GLY C 363 -49.90 5.72 16.29
C GLY C 363 -50.06 4.26 15.95
N TYR C 364 -49.51 3.82 14.83
CA TYR C 364 -49.65 2.44 14.36
C TYR C 364 -48.34 1.70 14.58
N ARG C 365 -48.42 0.55 15.25
CA ARG C 365 -47.28 -0.36 15.27
C ARG C 365 -47.17 -1.05 13.92
N THR C 366 -45.95 -1.44 13.57
CA THR C 366 -45.71 -2.15 12.33
C THR C 366 -45.18 -3.54 12.63
N MET C 367 -45.08 -4.37 11.58
CA MET C 367 -44.67 -5.76 11.74
C MET C 367 -44.06 -6.22 10.42
N ILE C 368 -42.74 -6.32 10.37
CA ILE C 368 -42.08 -6.86 9.19
C ILE C 368 -42.52 -8.30 9.00
N SER C 369 -42.94 -8.64 7.78
CA SER C 369 -43.54 -9.93 7.51
C SER C 369 -42.83 -10.61 6.35
N HIS C 370 -43.11 -11.90 6.20
CA HIS C 370 -42.50 -12.75 5.20
C HIS C 370 -43.50 -13.06 4.11
N ARG C 371 -43.01 -13.71 3.05
CA ARG C 371 -43.87 -14.18 1.98
C ARG C 371 -43.98 -15.70 2.03
N SER C 372 -44.92 -16.23 1.24
CA SER C 372 -45.09 -17.68 1.19
C SER C 372 -43.87 -18.34 0.54
N GLY C 373 -43.36 -17.75 -0.52
CA GLY C 373 -42.13 -18.24 -1.11
C GLY C 373 -40.94 -17.38 -0.76
N GLU C 374 -40.15 -17.82 0.21
CA GLU C 374 -38.97 -17.12 0.65
C GLU C 374 -37.72 -17.80 0.10
N THR C 375 -36.56 -17.25 0.45
CA THR C 375 -35.29 -17.80 0.06
C THR C 375 -34.37 -17.85 1.27
N GLU C 376 -33.10 -18.17 1.06
CA GLU C 376 -32.12 -18.12 2.12
C GLU C 376 -31.63 -16.71 2.42
N ASP C 377 -32.31 -15.70 1.90
CA ASP C 377 -31.98 -14.31 2.15
C ASP C 377 -32.57 -13.87 3.48
N THR C 378 -31.75 -13.26 4.33
CA THR C 378 -32.13 -12.89 5.68
C THR C 378 -32.18 -11.38 5.87
N MET C 379 -32.71 -10.66 4.88
CA MET C 379 -32.72 -9.20 4.97
C MET C 379 -33.85 -8.68 5.84
N ILE C 380 -34.97 -9.38 5.93
CA ILE C 380 -36.07 -8.84 6.71
C ILE C 380 -35.77 -8.84 8.20
N ALA C 381 -34.84 -9.69 8.65
CA ALA C 381 -34.37 -9.60 10.02
C ALA C 381 -33.64 -8.30 10.28
N ASP C 382 -32.63 -8.00 9.46
CA ASP C 382 -31.92 -6.73 9.56
C ASP C 382 -32.88 -5.55 9.45
N LEU C 383 -33.89 -5.68 8.60
CA LEU C 383 -34.83 -4.58 8.39
C LEU C 383 -35.78 -4.41 9.55
N ALA C 384 -36.15 -5.49 10.24
CA ALA C 384 -36.98 -5.37 11.42
C ALA C 384 -36.20 -4.88 12.63
N VAL C 385 -34.88 -5.09 12.64
CA VAL C 385 -34.08 -4.47 13.69
C VAL C 385 -33.86 -3.00 13.40
N ALA C 386 -33.59 -2.65 12.15
CA ALA C 386 -33.25 -1.29 11.79
C ALA C 386 -34.41 -0.34 12.05
N ILE C 387 -35.58 -0.62 11.46
CA ILE C 387 -36.73 0.24 11.67
C ILE C 387 -37.25 0.17 13.10
N GLY C 388 -36.74 -0.74 13.91
CA GLY C 388 -37.16 -0.86 15.30
C GLY C 388 -38.64 -1.15 15.46
N SER C 389 -39.17 -2.08 14.67
CA SER C 389 -40.60 -2.36 14.72
C SER C 389 -41.01 -3.03 16.02
N GLY C 390 -40.13 -3.83 16.61
CA GLY C 390 -40.49 -4.54 17.82
C GLY C 390 -41.42 -5.71 17.60
N GLN C 391 -41.70 -6.08 16.37
CA GLN C 391 -42.46 -7.27 16.03
C GLN C 391 -41.93 -7.81 14.71
N ILE C 392 -42.01 -9.12 14.54
CA ILE C 392 -41.68 -9.75 13.27
C ILE C 392 -42.55 -10.98 13.12
N LYS C 393 -42.89 -11.30 11.88
CA LYS C 393 -43.71 -12.46 11.56
C LYS C 393 -42.95 -13.22 10.47
N THR C 394 -42.25 -14.29 10.86
CA THR C 394 -41.46 -15.02 9.87
C THR C 394 -41.58 -16.53 10.07
N GLY C 395 -42.74 -17.01 10.49
CA GLY C 395 -43.04 -18.43 10.43
C GLY C 395 -42.66 -19.18 11.68
N ALA C 396 -42.86 -20.48 11.62
CA ALA C 396 -42.55 -21.38 12.71
C ALA C 396 -41.06 -21.74 12.69
N PRO C 397 -40.51 -22.13 13.83
CA PRO C 397 -39.11 -22.57 13.84
C PRO C 397 -38.91 -23.90 13.14
N ALA C 398 -39.09 -23.91 11.83
CA ALA C 398 -38.84 -25.07 10.98
C ALA C 398 -38.71 -24.55 9.56
N ARG C 399 -38.35 -25.46 8.64
CA ARG C 399 -38.27 -25.06 7.23
C ARG C 399 -37.27 -23.93 7.06
N SER C 400 -35.98 -24.26 7.06
CA SER C 400 -34.89 -23.32 7.33
C SER C 400 -34.93 -22.02 6.53
N GLU C 401 -35.83 -21.87 5.56
CA GLU C 401 -36.08 -20.55 5.02
C GLU C 401 -36.73 -19.63 6.03
N ARG C 402 -37.41 -20.17 7.04
CA ARG C 402 -37.94 -19.40 8.14
C ARG C 402 -36.94 -19.27 9.26
N VAL C 403 -36.14 -20.31 9.48
CA VAL C 403 -35.19 -20.31 10.59
C VAL C 403 -33.93 -19.51 10.29
N ALA C 404 -33.61 -19.31 9.01
CA ALA C 404 -32.49 -18.44 8.67
C ALA C 404 -32.69 -17.06 9.26
N LYS C 405 -33.93 -16.56 9.27
CA LYS C 405 -34.22 -15.26 9.84
C LYS C 405 -33.94 -15.23 11.33
N TYR C 406 -34.36 -16.26 12.06
CA TYR C 406 -34.12 -16.32 13.50
C TYR C 406 -32.64 -16.46 13.80
N ASN C 407 -31.92 -17.22 12.99
CA ASN C 407 -30.48 -17.34 13.16
C ASN C 407 -29.79 -16.00 12.95
N GLN C 408 -30.23 -15.23 11.95
CA GLN C 408 -29.64 -13.92 11.72
C GLN C 408 -29.97 -12.98 12.87
N LEU C 409 -31.17 -13.08 13.44
CA LEU C 409 -31.50 -12.25 14.60
C LEU C 409 -30.64 -12.63 15.81
N LEU C 410 -30.32 -13.92 15.97
CA LEU C 410 -29.41 -14.32 17.02
C LEU C 410 -28.03 -13.70 16.81
N ARG C 411 -27.54 -13.74 15.58
CA ARG C 411 -26.24 -13.12 15.29
C ARG C 411 -26.28 -11.62 15.51
N ILE C 412 -27.40 -10.98 15.17
CA ILE C 412 -27.55 -9.54 15.38
C ILE C 412 -27.47 -9.22 16.86
N GLU C 413 -28.19 -10.01 17.69
CA GLU C 413 -28.16 -9.77 19.12
C GLU C 413 -26.76 -9.98 19.68
N GLU C 414 -26.07 -11.01 19.21
CA GLU C 414 -24.71 -11.25 19.66
C GLU C 414 -23.77 -10.13 19.25
N ALA C 415 -23.98 -9.56 18.06
CA ALA C 415 -23.12 -8.50 17.58
C ALA C 415 -23.37 -7.20 18.34
N LEU C 416 -24.63 -6.90 18.65
CA LEU C 416 -24.92 -5.79 19.53
C LEU C 416 -24.25 -5.99 20.88
N GLY C 417 -24.60 -7.05 21.57
CA GLY C 417 -23.99 -7.35 22.87
C GLY C 417 -24.79 -6.72 24.00
N ASP C 418 -24.12 -5.90 24.81
CA ASP C 418 -24.79 -5.24 25.92
C ASP C 418 -25.79 -4.20 25.44
N ALA C 419 -25.66 -3.73 24.20
CA ALA C 419 -26.53 -2.69 23.70
C ALA C 419 -27.93 -3.20 23.40
N ALA C 420 -28.05 -4.48 23.02
CA ALA C 420 -29.32 -5.01 22.54
C ALA C 420 -30.39 -4.93 23.62
N ARG C 421 -31.63 -4.84 23.19
CA ARG C 421 -32.79 -4.88 24.07
C ARG C 421 -33.86 -5.72 23.40
N TYR C 422 -34.47 -6.61 24.17
CA TYR C 422 -35.59 -7.39 23.66
C TYR C 422 -36.87 -6.61 23.88
N ALA C 423 -37.64 -6.43 22.81
CA ALA C 423 -38.88 -5.66 22.88
C ALA C 423 -40.04 -6.49 23.38
N GLY C 424 -39.87 -7.16 24.51
CA GLY C 424 -40.91 -8.02 25.05
C GLY C 424 -41.78 -7.24 26.03
N ASP C 425 -43.09 -7.33 25.83
CA ASP C 425 -44.12 -6.70 26.65
C ASP C 425 -44.12 -5.18 26.52
N LEU C 426 -43.18 -4.60 25.79
CA LEU C 426 -43.25 -3.20 25.41
C LEU C 426 -43.84 -3.02 24.02
N ALA C 427 -44.27 -4.11 23.40
CA ALA C 427 -44.88 -4.07 22.08
C ALA C 427 -46.34 -4.47 22.10
N PHE C 428 -46.91 -4.76 23.27
CA PHE C 428 -48.32 -5.11 23.39
C PHE C 428 -48.88 -4.53 24.67
N PRO C 429 -49.01 -3.20 24.75
CA PRO C 429 -49.50 -2.59 26.00
C PRO C 429 -50.90 -2.99 26.36
N ARG C 430 -51.77 -3.20 25.38
CA ARG C 430 -53.15 -3.59 25.66
C ARG C 430 -53.26 -5.01 26.21
N MET D 8 -1.22 -14.76 5.37
CA MET D 8 -0.97 -16.18 5.53
C MET D 8 -2.24 -16.94 5.94
N PRO D 9 -2.30 -18.22 5.60
CA PRO D 9 -3.43 -19.08 5.99
C PRO D 9 -3.22 -19.76 7.35
N ILE D 10 -3.03 -18.95 8.39
CA ILE D 10 -2.85 -19.45 9.74
C ILE D 10 -4.06 -19.00 10.57
N ILE D 11 -4.63 -19.94 11.32
CA ILE D 11 -5.86 -19.66 12.06
C ILE D 11 -5.57 -18.72 13.21
N GLU D 12 -6.43 -17.72 13.38
CA GLU D 12 -6.25 -16.74 14.44
C GLU D 12 -7.35 -16.76 15.49
N GLN D 13 -8.62 -16.84 15.08
CA GLN D 13 -9.71 -16.88 16.03
C GLN D 13 -10.69 -17.98 15.65
N VAL D 14 -11.30 -18.59 16.66
CA VAL D 14 -12.37 -19.56 16.48
C VAL D 14 -13.49 -19.20 17.43
N ARG D 15 -14.72 -19.19 16.94
CA ARG D 15 -15.87 -18.82 17.76
C ARG D 15 -17.04 -19.72 17.43
N ALA D 16 -17.63 -20.36 18.44
CA ALA D 16 -18.80 -21.18 18.23
C ALA D 16 -20.02 -20.53 18.86
N ARG D 17 -21.17 -20.72 18.22
CA ARG D 17 -22.44 -20.28 18.76
C ARG D 17 -23.47 -21.37 18.51
N GLU D 18 -24.64 -21.20 19.12
CA GLU D 18 -25.70 -22.20 19.03
C GLU D 18 -26.87 -21.61 18.25
N ILE D 19 -27.27 -22.30 17.18
CA ILE D 19 -28.32 -21.86 16.29
C ILE D 19 -29.34 -22.97 16.16
N LEU D 20 -30.35 -22.77 15.33
CA LEU D 20 -31.37 -23.78 15.08
C LEU D 20 -31.20 -24.36 13.69
N ASP D 21 -31.42 -25.67 13.57
CA ASP D 21 -31.36 -26.32 12.26
C ASP D 21 -32.72 -26.28 11.61
N SER D 22 -32.83 -26.91 10.43
CA SER D 22 -34.05 -26.83 9.66
C SER D 22 -35.25 -27.47 10.34
N ARG D 23 -35.04 -28.22 11.41
CA ARG D 23 -36.13 -28.89 12.11
C ARG D 23 -36.44 -28.28 13.47
N GLY D 24 -35.80 -27.19 13.83
CA GLY D 24 -36.06 -26.54 15.09
C GLY D 24 -35.26 -27.07 16.26
N ASN D 25 -34.21 -27.84 16.01
CA ASN D 25 -33.36 -28.31 17.08
C ASN D 25 -32.04 -27.57 17.05
N PRO D 26 -31.39 -27.39 18.19
CA PRO D 26 -30.14 -26.64 18.21
C PRO D 26 -29.01 -27.37 17.50
N THR D 27 -28.04 -26.59 17.05
CA THR D 27 -26.82 -27.12 16.46
C THR D 27 -25.74 -26.06 16.59
N VAL D 28 -24.52 -26.44 16.21
CA VAL D 28 -23.33 -25.63 16.43
C VAL D 28 -22.99 -24.89 15.15
N GLU D 29 -22.57 -23.64 15.27
CA GLU D 29 -22.05 -22.88 14.14
C GLU D 29 -20.69 -22.33 14.52
N VAL D 30 -19.68 -22.65 13.72
CA VAL D 30 -18.29 -22.29 14.02
C VAL D 30 -17.84 -21.27 12.99
N GLU D 31 -17.20 -20.20 13.48
CA GLU D 31 -16.66 -19.14 12.65
C GLU D 31 -15.16 -19.08 12.89
N VAL D 32 -14.39 -19.26 11.82
CA VAL D 32 -12.93 -19.23 11.87
C VAL D 32 -12.46 -17.97 11.18
N ALA D 33 -11.68 -17.17 11.89
CA ALA D 33 -11.12 -15.93 11.36
C ALA D 33 -9.62 -16.09 11.22
N LEU D 34 -9.13 -15.86 10.00
CA LEU D 34 -7.70 -15.87 9.74
C LEU D 34 -7.11 -14.50 10.05
N ILE D 35 -5.77 -14.41 9.94
CA ILE D 35 -5.05 -13.26 10.48
C ILE D 35 -5.43 -11.98 9.76
N ASP D 36 -5.55 -12.03 8.44
CA ASP D 36 -5.82 -10.83 7.66
C ASP D 36 -7.26 -10.36 7.78
N GLY D 37 -8.21 -11.30 7.89
CA GLY D 37 -9.62 -10.95 7.89
C GLY D 37 -10.50 -11.97 7.20
N THR D 38 -9.90 -12.93 6.52
CA THR D 38 -10.64 -14.08 6.01
C THR D 38 -11.47 -14.68 7.14
N PHE D 39 -12.79 -14.63 6.97
CA PHE D 39 -13.73 -14.96 8.04
C PHE D 39 -14.77 -15.93 7.49
N ALA D 40 -14.62 -17.21 7.80
CA ALA D 40 -15.52 -18.23 7.29
C ALA D 40 -16.44 -18.72 8.39
N ARG D 41 -17.56 -19.27 7.99
CA ARG D 41 -18.61 -19.71 8.90
C ARG D 41 -19.21 -21.00 8.38
N ALA D 42 -19.34 -22.00 9.25
CA ALA D 42 -19.89 -23.30 8.85
C ALA D 42 -20.76 -23.86 9.95
N ALA D 43 -21.90 -24.41 9.56
CA ALA D 43 -22.86 -25.01 10.47
C ALA D 43 -22.90 -26.51 10.25
N VAL D 44 -23.09 -27.26 11.33
CA VAL D 44 -22.97 -28.71 11.33
C VAL D 44 -24.36 -29.32 11.23
N PRO D 45 -24.65 -30.11 10.21
CA PRO D 45 -25.94 -30.80 10.15
C PRO D 45 -25.99 -31.90 11.19
N SER D 46 -27.19 -32.44 11.40
CA SER D 46 -27.38 -33.46 12.42
C SER D 46 -28.59 -34.29 12.07
N GLY D 47 -28.41 -35.60 11.97
CA GLY D 47 -29.50 -36.53 11.74
C GLY D 47 -29.81 -37.29 13.01
N ALA D 48 -31.09 -37.60 13.19
CA ALA D 48 -31.56 -38.31 14.38
C ALA D 48 -31.28 -39.80 14.21
N SER D 49 -30.06 -40.19 14.52
CA SER D 49 -29.65 -41.59 14.38
C SER D 49 -28.37 -41.83 15.15
N THR D 50 -28.16 -43.08 15.55
CA THR D 50 -26.95 -43.51 16.25
C THR D 50 -26.78 -44.99 15.95
N GLY D 51 -25.85 -45.31 15.03
CA GLY D 51 -25.66 -46.67 14.58
C GLY D 51 -24.40 -47.33 15.08
N GLU D 52 -23.91 -46.92 16.24
CA GLU D 52 -22.83 -47.59 16.95
C GLU D 52 -21.48 -47.39 16.26
N HIS D 53 -21.49 -46.75 15.08
CA HIS D 53 -20.26 -46.52 14.35
C HIS D 53 -20.02 -45.08 13.93
N GLU D 54 -21.05 -44.23 13.92
CA GLU D 54 -20.86 -42.83 13.59
C GLU D 54 -20.03 -42.13 14.64
N ALA D 55 -19.61 -40.91 14.33
CA ALA D 55 -19.16 -40.00 15.37
C ALA D 55 -20.36 -39.57 16.20
N VAL D 56 -20.11 -39.24 17.45
CA VAL D 56 -21.17 -38.95 18.40
C VAL D 56 -21.34 -37.45 18.51
N GLU D 57 -22.59 -36.99 18.47
CA GLU D 57 -22.91 -35.60 18.72
C GLU D 57 -22.97 -35.37 20.23
N LEU D 58 -22.33 -34.31 20.70
CA LEU D 58 -22.26 -34.01 22.12
C LEU D 58 -23.43 -33.08 22.46
N ARG D 59 -24.55 -33.67 22.86
CA ARG D 59 -25.72 -32.91 23.25
C ARG D 59 -25.67 -32.62 24.76
N ASP D 60 -26.38 -31.56 25.16
CA ASP D 60 -26.38 -31.15 26.55
C ASP D 60 -27.10 -32.16 27.43
N GLY D 61 -28.34 -32.48 27.08
CA GLY D 61 -29.15 -33.36 27.90
C GLY D 61 -29.78 -32.62 29.06
N GLY D 62 -31.03 -32.93 29.36
CA GLY D 62 -31.72 -32.24 30.44
C GLY D 62 -33.13 -31.85 30.06
N ASP D 63 -33.51 -30.61 30.36
CA ASP D 63 -34.82 -30.10 30.03
C ASP D 63 -34.79 -28.90 29.11
N ARG D 64 -33.65 -28.23 28.97
CA ARG D 64 -33.54 -27.12 28.04
C ARG D 64 -33.51 -27.63 26.61
N TYR D 65 -34.36 -27.06 25.76
CA TYR D 65 -34.45 -27.43 24.35
C TYR D 65 -34.79 -28.90 24.17
N GLY D 66 -35.49 -29.49 25.13
CA GLY D 66 -35.81 -30.90 25.06
C GLY D 66 -34.60 -31.80 25.22
N GLY D 67 -33.58 -31.34 25.93
CA GLY D 67 -32.38 -32.14 26.12
C GLY D 67 -31.46 -32.19 24.93
N LYS D 68 -31.68 -31.35 23.92
CA LYS D 68 -30.87 -31.33 22.72
C LYS D 68 -30.00 -30.09 22.62
N GLY D 69 -29.81 -29.38 23.72
CA GLY D 69 -28.93 -28.22 23.69
C GLY D 69 -27.51 -28.60 23.32
N VAL D 70 -26.79 -27.66 22.73
CA VAL D 70 -25.41 -27.89 22.34
C VAL D 70 -24.52 -26.86 22.98
N GLN D 71 -24.87 -26.39 24.18
CA GLN D 71 -24.00 -25.45 24.88
C GLN D 71 -22.68 -26.10 25.25
N LYS D 72 -22.66 -27.43 25.41
CA LYS D 72 -21.43 -28.12 25.77
C LYS D 72 -20.44 -28.14 24.61
N ALA D 73 -20.93 -28.38 23.39
CA ALA D 73 -20.04 -28.36 22.23
C ALA D 73 -19.55 -26.94 21.94
N VAL D 74 -20.42 -25.95 22.11
CA VAL D 74 -20.00 -24.56 21.99
C VAL D 74 -18.88 -24.26 22.98
N GLN D 75 -19.05 -24.71 24.22
CA GLN D 75 -18.02 -24.46 25.22
C GLN D 75 -16.74 -25.20 24.90
N ALA D 76 -16.85 -26.43 24.39
CA ALA D 76 -15.68 -27.19 24.00
C ALA D 76 -14.89 -26.47 22.92
N VAL D 77 -15.57 -25.93 21.92
CA VAL D 77 -14.88 -25.17 20.89
C VAL D 77 -14.25 -23.91 21.48
N LEU D 78 -14.98 -23.22 22.37
CA LEU D 78 -14.49 -21.92 22.84
C LEU D 78 -13.35 -22.04 23.83
N ASP D 79 -13.23 -23.15 24.55
CA ASP D 79 -12.19 -23.30 25.56
C ASP D 79 -11.05 -24.21 25.13
N GLU D 80 -11.33 -25.26 24.35
CA GLU D 80 -10.33 -26.28 24.09
C GLU D 80 -9.86 -26.32 22.65
N ILE D 81 -10.77 -26.47 21.69
CA ILE D 81 -10.38 -26.63 20.29
C ILE D 81 -9.74 -25.36 19.74
N GLY D 82 -10.25 -24.21 20.14
CA GLY D 82 -9.75 -22.94 19.66
C GLY D 82 -8.25 -22.81 19.77
N PRO D 83 -7.74 -22.71 20.99
CA PRO D 83 -6.27 -22.64 21.16
C PRO D 83 -5.54 -23.88 20.69
N ALA D 84 -6.21 -25.04 20.60
CA ALA D 84 -5.55 -26.22 20.09
C ALA D 84 -5.34 -26.19 18.59
N VAL D 85 -6.04 -25.31 17.88
CA VAL D 85 -5.81 -25.15 16.44
C VAL D 85 -5.27 -23.77 16.09
N ILE D 86 -5.51 -22.75 16.91
CA ILE D 86 -4.99 -21.42 16.59
C ILE D 86 -3.47 -21.50 16.46
N GLY D 87 -2.99 -21.21 15.26
CA GLY D 87 -1.58 -21.27 14.94
C GLY D 87 -1.21 -22.29 13.89
N LEU D 88 -2.06 -23.28 13.64
CA LEU D 88 -1.77 -24.24 12.59
C LEU D 88 -1.99 -23.62 11.22
N ASN D 89 -1.71 -24.39 10.18
CA ASN D 89 -1.77 -23.91 8.79
C ASN D 89 -3.05 -24.39 8.14
N ALA D 90 -3.83 -23.44 7.60
CA ALA D 90 -5.14 -23.76 7.06
C ALA D 90 -5.05 -24.80 5.94
N ASP D 91 -4.17 -24.57 4.97
CA ASP D 91 -4.09 -25.47 3.82
C ASP D 91 -3.65 -26.87 4.19
N ASP D 92 -3.27 -27.10 5.44
CA ASP D 92 -2.89 -28.43 5.89
C ASP D 92 -4.09 -29.09 6.58
N GLN D 93 -5.06 -29.48 5.74
CA GLN D 93 -6.24 -30.15 6.26
C GLN D 93 -5.89 -31.37 7.08
N ARG D 94 -4.94 -32.18 6.59
CA ARG D 94 -4.59 -33.39 7.32
C ARG D 94 -3.91 -33.06 8.63
N LEU D 95 -3.10 -32.00 8.67
CA LEU D 95 -2.50 -31.56 9.91
C LEU D 95 -3.56 -31.24 10.95
N VAL D 96 -4.45 -30.29 10.63
CA VAL D 96 -5.45 -29.82 11.59
C VAL D 96 -6.40 -30.94 11.97
N ASP D 97 -6.73 -31.81 11.02
CA ASP D 97 -7.70 -32.86 11.32
C ASP D 97 -7.09 -33.94 12.19
N GLN D 98 -5.81 -34.27 12.00
CA GLN D 98 -5.16 -35.18 12.93
C GLN D 98 -4.97 -34.51 14.29
N ALA D 99 -4.70 -33.20 14.30
CA ALA D 99 -4.63 -32.47 15.56
C ALA D 99 -5.92 -32.63 16.35
N LEU D 100 -7.05 -32.39 15.69
CA LEU D 100 -8.34 -32.54 16.37
C LEU D 100 -8.56 -33.98 16.82
N VAL D 101 -8.30 -34.95 15.94
CA VAL D 101 -8.57 -36.34 16.28
C VAL D 101 -7.72 -36.81 17.45
N ASP D 102 -6.50 -36.29 17.59
CA ASP D 102 -5.69 -36.66 18.74
C ASP D 102 -6.09 -35.88 19.98
N LEU D 103 -6.43 -34.60 19.83
CA LEU D 103 -6.92 -33.80 20.94
C LEU D 103 -8.15 -34.44 21.58
N ASP D 104 -8.98 -35.09 20.77
CA ASP D 104 -10.11 -35.79 21.35
C ASP D 104 -9.67 -37.07 22.04
N GLY D 105 -9.06 -37.98 21.29
CA GLY D 105 -8.46 -39.17 21.86
C GLY D 105 -9.32 -40.41 21.86
N THR D 106 -10.54 -40.35 21.34
CA THR D 106 -11.47 -41.47 21.36
C THR D 106 -11.81 -41.90 19.94
N PRO D 107 -12.26 -43.15 19.76
CA PRO D 107 -12.62 -43.61 18.41
C PRO D 107 -13.93 -43.05 17.90
N ASP D 108 -14.68 -42.29 18.70
CA ASP D 108 -15.94 -41.70 18.28
C ASP D 108 -15.95 -40.19 18.38
N LYS D 109 -14.84 -39.58 18.78
CA LYS D 109 -14.77 -38.14 19.03
C LYS D 109 -15.80 -37.69 20.07
N SER D 110 -16.28 -38.61 20.89
CA SER D 110 -17.38 -38.30 21.81
C SER D 110 -16.95 -37.40 22.96
N ARG D 111 -15.66 -37.33 23.28
CA ARG D 111 -15.22 -36.44 24.35
C ARG D 111 -15.47 -34.98 24.00
N LEU D 112 -15.29 -34.61 22.73
CA LEU D 112 -15.55 -33.27 22.25
C LEU D 112 -16.72 -33.21 21.27
N GLY D 113 -17.31 -34.35 20.92
CA GLY D 113 -18.45 -34.37 20.04
C GLY D 113 -18.05 -34.26 18.59
N GLY D 114 -18.66 -35.08 17.72
CA GLY D 114 -18.35 -35.00 16.31
C GLY D 114 -18.77 -33.69 15.69
N ASN D 115 -19.78 -33.04 16.27
CA ASN D 115 -20.31 -31.82 15.68
C ASN D 115 -19.34 -30.65 15.83
N ALA D 116 -18.74 -30.48 17.00
CA ALA D 116 -17.78 -29.39 17.17
C ALA D 116 -16.55 -29.58 16.29
N ILE D 117 -16.02 -30.81 16.26
CA ILE D 117 -14.86 -31.10 15.44
C ILE D 117 -15.16 -30.87 13.98
N LEU D 118 -16.31 -31.35 13.51
CA LEU D 118 -16.66 -31.16 12.10
C LEU D 118 -16.87 -29.69 11.78
N GLY D 119 -17.45 -28.93 12.70
CA GLY D 119 -17.61 -27.52 12.46
C GLY D 119 -16.28 -26.81 12.28
N VAL D 120 -15.31 -27.12 13.13
CA VAL D 120 -14.00 -26.48 12.97
C VAL D 120 -13.32 -26.95 11.69
N SER D 121 -13.41 -28.24 11.38
CA SER D 121 -12.84 -28.75 10.14
C SER D 121 -13.40 -28.01 8.94
N LEU D 122 -14.73 -27.94 8.83
CA LEU D 122 -15.35 -27.33 7.67
C LEU D 122 -15.07 -25.84 7.59
N ALA D 123 -15.10 -25.13 8.71
CA ALA D 123 -14.80 -23.70 8.65
C ALA D 123 -13.34 -23.46 8.28
N VAL D 124 -12.43 -24.36 8.70
CA VAL D 124 -11.03 -24.24 8.29
C VAL D 124 -10.88 -24.46 6.79
N ALA D 125 -11.58 -25.46 6.26
CA ALA D 125 -11.52 -25.68 4.82
C ALA D 125 -12.09 -24.50 4.06
N LYS D 126 -13.19 -23.92 4.56
CA LYS D 126 -13.78 -22.77 3.89
C LYS D 126 -12.85 -21.57 3.93
N ALA D 127 -12.15 -21.37 5.05
CA ALA D 127 -11.22 -20.25 5.12
C ALA D 127 -9.98 -20.48 4.27
N ALA D 128 -9.55 -21.73 4.12
CA ALA D 128 -8.43 -22.02 3.22
C ALA D 128 -8.81 -21.78 1.77
N ALA D 129 -10.00 -22.22 1.38
CA ALA D 129 -10.47 -21.94 0.02
C ALA D 129 -10.67 -20.45 -0.20
N ASP D 130 -11.18 -19.73 0.80
CA ASP D 130 -11.29 -18.28 0.68
C ASP D 130 -9.92 -17.63 0.59
N SER D 131 -8.93 -18.18 1.30
CA SER D 131 -7.59 -17.60 1.28
C SER D 131 -6.97 -17.74 -0.10
N ALA D 132 -6.93 -18.97 -0.61
CA ALA D 132 -6.42 -19.19 -1.96
C ALA D 132 -7.20 -18.42 -3.01
N GLU D 133 -8.32 -17.81 -2.63
CA GLU D 133 -9.27 -17.10 -3.48
C GLU D 133 -9.96 -18.02 -4.47
N LEU D 134 -9.64 -19.31 -4.46
CA LEU D 134 -10.40 -20.27 -5.20
C LEU D 134 -11.81 -20.38 -4.61
N PRO D 135 -12.77 -20.87 -5.38
CA PRO D 135 -14.05 -21.25 -4.78
C PRO D 135 -13.97 -22.65 -4.21
N LEU D 136 -14.78 -22.88 -3.18
CA LEU D 136 -14.60 -24.06 -2.32
C LEU D 136 -14.53 -25.35 -3.13
N PHE D 137 -15.35 -25.49 -4.17
CA PHE D 137 -15.31 -26.71 -4.95
C PHE D 137 -13.99 -26.83 -5.70
N ARG D 138 -13.48 -25.71 -6.22
CA ARG D 138 -12.24 -25.75 -6.96
C ARG D 138 -11.07 -26.09 -6.04
N TYR D 139 -11.04 -25.50 -4.84
CA TYR D 139 -10.02 -25.87 -3.87
C TYR D 139 -10.08 -27.35 -3.54
N VAL D 140 -11.20 -27.82 -2.98
CA VAL D 140 -11.26 -29.18 -2.51
C VAL D 140 -11.09 -30.20 -3.64
N GLY D 141 -11.34 -29.80 -4.88
CA GLY D 141 -11.26 -30.76 -5.98
C GLY D 141 -10.10 -30.55 -6.92
N GLY D 142 -9.44 -29.41 -6.84
CA GLY D 142 -8.27 -29.13 -7.64
C GLY D 142 -8.58 -28.32 -8.88
N PRO D 143 -7.86 -28.59 -9.97
CA PRO D 143 -8.15 -27.89 -11.22
C PRO D 143 -9.18 -28.58 -12.09
N ASN D 144 -9.33 -29.89 -11.89
CA ASN D 144 -10.15 -30.72 -12.75
C ASN D 144 -11.57 -30.88 -12.23
N ALA D 145 -11.97 -30.08 -11.25
CA ALA D 145 -13.31 -30.16 -10.67
C ALA D 145 -14.28 -29.47 -11.62
N HIS D 146 -14.99 -30.25 -12.44
CA HIS D 146 -15.84 -29.69 -13.46
C HIS D 146 -17.19 -30.39 -13.62
N ILE D 147 -17.45 -31.47 -12.89
CA ILE D 147 -18.63 -32.30 -13.14
C ILE D 147 -19.74 -31.87 -12.20
N LEU D 148 -20.93 -31.64 -12.77
CA LEU D 148 -22.13 -31.33 -12.01
C LEU D 148 -22.92 -32.59 -11.79
N PRO D 149 -23.41 -32.86 -10.59
CA PRO D 149 -23.99 -34.16 -10.28
C PRO D 149 -25.45 -34.26 -10.69
N VAL D 150 -25.91 -35.51 -10.84
CA VAL D 150 -27.32 -35.76 -11.14
C VAL D 150 -28.11 -35.65 -9.85
N PRO D 151 -29.01 -34.68 -9.73
CA PRO D 151 -29.79 -34.55 -8.48
C PRO D 151 -30.82 -35.67 -8.37
N MET D 152 -30.72 -36.45 -7.31
CA MET D 152 -31.70 -37.47 -7.00
C MET D 152 -32.72 -36.85 -6.05
N MET D 153 -33.91 -36.55 -6.57
CA MET D 153 -34.91 -35.77 -5.84
C MET D 153 -35.92 -36.71 -5.21
N ASN D 154 -35.94 -36.75 -3.89
CA ASN D 154 -36.90 -37.54 -3.12
C ASN D 154 -38.24 -36.83 -3.13
N ILE D 155 -39.21 -37.35 -3.88
CA ILE D 155 -40.48 -36.67 -4.03
C ILE D 155 -41.62 -37.33 -3.26
N LEU D 156 -41.50 -38.61 -2.90
CA LEU D 156 -42.59 -39.32 -2.24
C LEU D 156 -42.01 -40.14 -1.10
N ASN D 157 -42.43 -39.82 0.12
CA ASN D 157 -41.91 -40.46 1.32
C ASN D 157 -42.87 -41.54 1.82
N GLY D 158 -42.30 -42.59 2.40
CA GLY D 158 -43.09 -43.65 2.98
C GLY D 158 -42.27 -44.41 4.00
N GLY D 159 -42.93 -45.38 4.63
CA GLY D 159 -42.25 -46.25 5.56
C GLY D 159 -42.13 -45.69 6.97
N ALA D 160 -40.92 -45.57 7.47
CA ALA D 160 -40.66 -45.03 8.80
C ALA D 160 -40.91 -43.55 8.91
N HIS D 161 -41.46 -42.89 7.89
CA HIS D 161 -41.68 -41.46 7.92
C HIS D 161 -43.13 -41.07 8.16
N ALA D 162 -44.10 -41.91 7.79
CA ALA D 162 -45.50 -41.59 7.99
C ALA D 162 -46.29 -42.87 8.20
N ASP D 163 -47.52 -42.70 8.66
CA ASP D 163 -48.44 -43.83 8.86
C ASP D 163 -49.03 -44.19 7.51
N THR D 164 -48.44 -45.18 6.85
CA THR D 164 -48.84 -45.54 5.50
C THR D 164 -48.50 -47.01 5.26
N ALA D 165 -49.22 -47.62 4.32
CA ALA D 165 -49.02 -49.03 4.03
C ALA D 165 -47.62 -49.29 3.47
N VAL D 166 -47.13 -48.39 2.62
CA VAL D 166 -45.83 -48.60 1.99
C VAL D 166 -44.72 -48.51 3.03
N ASP D 167 -43.69 -49.33 2.85
CA ASP D 167 -42.55 -49.32 3.76
C ASP D 167 -41.23 -49.07 3.04
N ILE D 168 -41.27 -48.66 1.78
CA ILE D 168 -40.08 -48.11 1.12
C ILE D 168 -39.91 -46.68 1.61
N GLN D 169 -38.71 -46.33 2.06
CA GLN D 169 -38.54 -45.06 2.75
C GLN D 169 -38.63 -43.90 1.76
N GLU D 170 -37.75 -43.87 0.76
CA GLU D 170 -37.67 -42.73 -0.14
C GLU D 170 -37.88 -43.18 -1.58
N PHE D 171 -38.73 -42.46 -2.30
CA PHE D 171 -38.91 -42.62 -3.75
C PHE D 171 -38.33 -41.39 -4.42
N MET D 172 -37.32 -41.60 -5.26
CA MET D 172 -36.58 -40.50 -5.86
C MET D 172 -36.66 -40.57 -7.38
N VAL D 173 -36.70 -39.41 -8.01
CA VAL D 173 -36.56 -39.30 -9.46
C VAL D 173 -35.17 -38.75 -9.77
N ALA D 174 -34.70 -39.06 -10.96
CA ALA D 174 -33.38 -38.61 -11.35
C ALA D 174 -33.39 -38.22 -12.81
N PRO D 175 -33.29 -36.93 -13.12
CA PRO D 175 -33.26 -36.48 -14.53
C PRO D 175 -31.92 -36.76 -15.20
N ILE D 176 -31.77 -37.98 -15.68
CA ILE D 176 -30.51 -38.39 -16.28
C ILE D 176 -30.36 -37.96 -17.73
N GLY D 177 -31.45 -37.59 -18.39
CA GLY D 177 -31.41 -37.27 -19.80
C GLY D 177 -31.30 -35.79 -20.14
N ALA D 178 -31.04 -34.94 -19.17
CA ALA D 178 -31.02 -33.51 -19.42
C ALA D 178 -29.71 -33.10 -20.09
N PRO D 179 -29.74 -32.03 -20.88
CA PRO D 179 -28.52 -31.58 -21.56
C PRO D 179 -27.55 -30.86 -20.64
N SER D 180 -28.08 -30.11 -19.67
CA SER D 180 -27.27 -29.38 -18.72
C SER D 180 -27.84 -29.61 -17.33
N PHE D 181 -27.23 -28.98 -16.32
CA PHE D 181 -27.75 -29.14 -14.97
C PHE D 181 -29.00 -28.31 -14.74
N VAL D 182 -29.05 -27.11 -15.33
CA VAL D 182 -30.19 -26.24 -15.08
C VAL D 182 -31.47 -26.85 -15.67
N GLU D 183 -31.36 -27.54 -16.80
CA GLU D 183 -32.52 -28.23 -17.34
C GLU D 183 -32.89 -29.44 -16.48
N ALA D 184 -31.92 -30.09 -15.86
CA ALA D 184 -32.22 -31.18 -14.94
C ALA D 184 -32.99 -30.68 -13.73
N LEU D 185 -32.57 -29.54 -13.18
CA LEU D 185 -33.29 -28.95 -12.06
C LEU D 185 -34.70 -28.56 -12.47
N ARG D 186 -34.86 -28.02 -13.68
CA ARG D 186 -36.20 -27.68 -14.16
C ARG D 186 -37.07 -28.91 -14.28
N TRP D 187 -36.54 -29.99 -14.85
CA TRP D 187 -37.33 -31.22 -14.98
C TRP D 187 -37.71 -31.78 -13.63
N GLY D 188 -36.78 -31.75 -12.66
CA GLY D 188 -37.12 -32.22 -11.33
C GLY D 188 -38.22 -31.42 -10.69
N ALA D 189 -38.13 -30.09 -10.78
CA ALA D 189 -39.17 -29.24 -10.21
C ALA D 189 -40.51 -29.46 -10.90
N GLU D 190 -40.49 -29.70 -12.21
CA GLU D 190 -41.74 -29.90 -12.93
C GLU D 190 -42.38 -31.24 -12.57
N VAL D 191 -41.57 -32.29 -12.42
CA VAL D 191 -42.11 -33.57 -11.97
C VAL D 191 -42.67 -33.43 -10.57
N TYR D 192 -41.99 -32.66 -9.71
CA TYR D 192 -42.48 -32.45 -8.35
C TYR D 192 -43.85 -31.79 -8.35
N HIS D 193 -44.01 -30.72 -9.11
CA HIS D 193 -45.31 -30.05 -9.13
C HIS D 193 -46.38 -30.90 -9.81
N ALA D 194 -46.01 -31.67 -10.83
CA ALA D 194 -46.98 -32.57 -11.45
C ALA D 194 -47.47 -33.61 -10.44
N LEU D 195 -46.56 -34.18 -9.66
CA LEU D 195 -46.98 -35.13 -8.64
C LEU D 195 -47.85 -34.47 -7.59
N LYS D 196 -47.53 -33.22 -7.22
CA LYS D 196 -48.39 -32.50 -6.29
C LYS D 196 -49.80 -32.39 -6.83
N SER D 197 -49.94 -32.07 -8.12
CA SER D 197 -51.27 -31.97 -8.71
C SER D 197 -51.97 -33.32 -8.74
N VAL D 198 -51.25 -34.38 -9.09
CA VAL D 198 -51.84 -35.71 -9.16
C VAL D 198 -52.35 -36.13 -7.79
N LEU D 199 -51.57 -35.88 -6.74
CA LEU D 199 -52.00 -36.20 -5.39
C LEU D 199 -53.21 -35.38 -4.99
N LYS D 200 -53.12 -34.05 -5.11
CA LYS D 200 -54.22 -33.18 -4.73
C LYS D 200 -55.50 -33.54 -5.46
N LYS D 201 -55.40 -34.11 -6.66
CA LYS D 201 -56.60 -34.50 -7.38
C LYS D 201 -57.33 -35.64 -6.67
N GLU D 202 -56.59 -36.64 -6.20
CA GLU D 202 -57.19 -37.82 -5.59
C GLU D 202 -57.46 -37.66 -4.11
N GLY D 203 -57.58 -36.42 -3.63
CA GLY D 203 -57.89 -36.17 -2.23
C GLY D 203 -56.84 -36.69 -1.27
N LEU D 204 -55.59 -36.75 -1.68
CA LEU D 204 -54.52 -37.23 -0.83
C LEU D 204 -53.79 -36.05 -0.18
N SER D 205 -53.04 -36.35 0.87
CA SER D 205 -52.44 -35.32 1.69
C SER D 205 -51.24 -34.69 0.99
N THR D 206 -51.11 -33.37 1.14
CA THR D 206 -50.01 -32.61 0.58
C THR D 206 -49.18 -31.98 1.69
N GLY D 207 -48.92 -32.75 2.75
CA GLY D 207 -48.13 -32.29 3.86
C GLY D 207 -46.69 -32.75 3.72
N LEU D 208 -45.78 -31.79 3.60
CA LEU D 208 -44.39 -32.10 3.34
C LEU D 208 -43.72 -32.72 4.54
N GLY D 209 -42.88 -33.72 4.30
CA GLY D 209 -42.11 -34.33 5.37
C GLY D 209 -40.93 -33.48 5.76
N ASP D 210 -39.81 -34.12 6.10
CA ASP D 210 -38.60 -33.37 6.42
C ASP D 210 -37.73 -33.09 5.20
N GLU D 211 -38.02 -33.73 4.07
CA GLU D 211 -37.25 -33.54 2.84
C GLU D 211 -38.03 -32.80 1.77
N GLY D 212 -39.22 -32.29 2.09
CA GLY D 212 -40.08 -31.71 1.10
C GLY D 212 -40.88 -32.71 0.30
N GLY D 213 -40.57 -33.99 0.38
CA GLY D 213 -41.34 -34.99 -0.33
C GLY D 213 -42.67 -35.24 0.33
N PHE D 214 -43.61 -35.74 -0.47
CA PHE D 214 -44.94 -36.01 0.04
C PHE D 214 -44.99 -37.36 0.74
N ALA D 215 -46.04 -37.55 1.53
CA ALA D 215 -46.29 -38.82 2.21
C ALA D 215 -47.78 -39.12 2.14
N PRO D 216 -48.27 -39.59 1.00
CA PRO D 216 -49.67 -39.95 0.89
C PRO D 216 -49.90 -41.42 1.19
N ASP D 217 -51.17 -41.75 1.45
CA ASP D 217 -51.56 -43.12 1.76
C ASP D 217 -51.80 -43.86 0.45
N VAL D 218 -50.72 -44.39 -0.10
CA VAL D 218 -50.79 -45.17 -1.33
C VAL D 218 -50.98 -46.63 -0.97
N ALA D 219 -51.44 -47.41 -1.95
CA ALA D 219 -51.67 -48.84 -1.73
C ALA D 219 -50.38 -49.57 -1.39
N GLY D 220 -49.44 -49.59 -2.32
CA GLY D 220 -48.19 -50.29 -2.09
C GLY D 220 -47.04 -49.73 -2.91
N THR D 221 -45.89 -50.40 -2.85
CA THR D 221 -44.72 -49.93 -3.59
C THR D 221 -45.02 -49.81 -5.07
N THR D 222 -45.67 -50.80 -5.65
CA THR D 222 -45.98 -50.76 -7.08
C THR D 222 -46.91 -49.60 -7.41
N ALA D 223 -47.92 -49.38 -6.57
CA ALA D 223 -48.82 -48.24 -6.78
C ALA D 223 -48.05 -46.93 -6.68
N ALA D 224 -47.08 -46.86 -5.76
CA ALA D 224 -46.28 -45.64 -5.62
C ALA D 224 -45.45 -45.39 -6.87
N LEU D 225 -44.77 -46.42 -7.36
CA LEU D 225 -43.97 -46.25 -8.57
C LEU D 225 -44.84 -45.89 -9.77
N ASP D 226 -46.06 -46.45 -9.82
CA ASP D 226 -46.96 -46.13 -10.92
C ASP D 226 -47.44 -44.69 -10.82
N LEU D 227 -47.70 -44.20 -9.61
CA LEU D 227 -48.07 -42.81 -9.41
C LEU D 227 -46.94 -41.88 -9.84
N ILE D 228 -45.70 -42.26 -9.50
CA ILE D 228 -44.56 -41.45 -9.90
C ILE D 228 -44.41 -41.44 -11.41
N SER D 229 -44.62 -42.58 -12.06
CA SER D 229 -44.55 -42.62 -13.51
C SER D 229 -45.65 -41.77 -14.15
N ARG D 230 -46.84 -41.77 -13.55
CA ARG D 230 -47.90 -40.91 -14.05
C ARG D 230 -47.50 -39.45 -13.93
N ALA D 231 -46.87 -39.09 -12.81
CA ALA D 231 -46.44 -37.70 -12.64
C ALA D 231 -45.35 -37.33 -13.64
N ILE D 232 -44.44 -38.26 -13.93
CA ILE D 232 -43.42 -37.98 -14.94
C ILE D 232 -44.05 -37.80 -16.31
N GLU D 233 -45.03 -38.63 -16.65
CA GLU D 233 -45.71 -38.49 -17.93
C GLU D 233 -46.46 -37.16 -18.02
N SER D 234 -47.12 -36.76 -16.93
CA SER D 234 -47.90 -35.53 -16.94
C SER D 234 -47.04 -34.29 -17.05
N ALA D 235 -45.75 -34.39 -16.71
CA ALA D 235 -44.86 -33.24 -16.80
C ALA D 235 -44.48 -32.92 -18.24
N GLY D 236 -44.51 -33.92 -19.10
CA GLY D 236 -44.07 -33.76 -20.47
C GLY D 236 -42.80 -34.50 -20.82
N LEU D 237 -42.41 -35.49 -20.04
CA LEU D 237 -41.14 -36.18 -20.19
C LEU D 237 -41.40 -37.66 -20.46
N ARG D 238 -40.32 -38.40 -20.70
CA ARG D 238 -40.42 -39.83 -20.97
C ARG D 238 -39.74 -40.60 -19.86
N PRO D 239 -40.46 -41.45 -19.13
CA PRO D 239 -39.81 -42.25 -18.08
C PRO D 239 -38.69 -43.10 -18.63
N GLY D 240 -37.54 -43.03 -18.00
CA GLY D 240 -36.37 -43.80 -18.42
C GLY D 240 -35.46 -43.09 -19.38
N ALA D 241 -36.03 -42.48 -20.42
CA ALA D 241 -35.22 -41.74 -21.37
C ALA D 241 -34.87 -40.35 -20.86
N ASP D 242 -35.81 -39.71 -20.18
CA ASP D 242 -35.58 -38.40 -19.56
C ASP D 242 -35.34 -38.53 -18.06
N VAL D 243 -36.29 -39.13 -17.33
CA VAL D 243 -36.22 -39.23 -15.88
C VAL D 243 -36.27 -40.70 -15.50
N ALA D 244 -35.38 -41.10 -14.60
CA ALA D 244 -35.32 -42.45 -14.07
C ALA D 244 -35.78 -42.45 -12.62
N LEU D 245 -35.88 -43.65 -12.04
CA LEU D 245 -36.37 -43.81 -10.68
C LEU D 245 -35.28 -44.40 -9.79
N ALA D 246 -35.44 -44.21 -8.49
CA ALA D 246 -34.52 -44.75 -7.51
C ALA D 246 -35.26 -44.94 -6.19
N LEU D 247 -34.76 -45.89 -5.39
CA LEU D 247 -35.38 -46.25 -4.13
C LEU D 247 -34.39 -46.11 -2.97
N ASP D 248 -34.93 -45.81 -1.80
CA ASP D 248 -34.24 -45.96 -0.52
C ASP D 248 -35.14 -46.83 0.33
N ALA D 249 -34.83 -48.12 0.39
CA ALA D 249 -35.70 -49.08 1.05
C ALA D 249 -35.60 -48.96 2.57
N ALA D 250 -34.38 -48.86 3.10
CA ALA D 250 -34.13 -48.81 4.53
C ALA D 250 -34.76 -50.02 5.22
N ALA D 251 -34.33 -51.20 4.76
CA ALA D 251 -34.96 -52.44 5.18
C ALA D 251 -34.86 -52.68 6.68
N THR D 252 -33.85 -52.10 7.34
CA THR D 252 -33.73 -52.24 8.79
C THR D 252 -34.99 -51.76 9.50
N GLU D 253 -35.71 -50.81 8.90
CA GLU D 253 -36.91 -50.29 9.52
C GLU D 253 -38.07 -51.27 9.49
N PHE D 254 -37.94 -52.41 8.80
CA PHE D 254 -39.00 -53.41 8.84
C PHE D 254 -38.45 -54.83 8.93
N PHE D 255 -37.24 -55.01 9.41
CA PHE D 255 -36.63 -56.33 9.57
C PHE D 255 -36.59 -56.66 11.05
N THR D 256 -37.39 -57.65 11.46
CA THR D 256 -37.35 -58.18 12.81
C THR D 256 -36.29 -59.27 12.88
N ASP D 257 -35.26 -59.05 13.70
CA ASP D 257 -34.14 -59.99 13.77
C ASP D 257 -34.62 -61.36 14.18
N GLY D 258 -34.23 -62.38 13.41
CA GLY D 258 -34.66 -63.73 13.64
C GLY D 258 -36.03 -64.08 13.11
N THR D 259 -36.80 -63.10 12.62
CA THR D 259 -38.11 -63.34 12.05
C THR D 259 -38.15 -63.11 10.55
N GLY D 260 -37.67 -61.97 10.08
CA GLY D 260 -37.62 -61.68 8.67
C GLY D 260 -38.18 -60.31 8.34
N TYR D 261 -38.00 -59.93 7.09
CA TYR D 261 -38.46 -58.63 6.58
C TYR D 261 -39.97 -58.66 6.44
N VAL D 262 -40.68 -58.05 7.39
CA VAL D 262 -42.14 -57.96 7.33
C VAL D 262 -42.48 -56.91 6.29
N PHE D 263 -42.82 -57.34 5.08
CA PHE D 263 -43.14 -56.44 3.98
C PHE D 263 -44.59 -56.64 3.58
N GLU D 264 -45.41 -55.60 3.76
CA GLU D 264 -46.81 -55.59 3.33
C GLU D 264 -47.61 -56.71 3.99
N GLY D 265 -47.24 -57.07 5.22
CA GLY D 265 -47.96 -58.08 5.96
C GLY D 265 -47.62 -59.51 5.61
N THR D 266 -46.49 -59.75 4.95
CA THR D 266 -46.04 -61.10 4.63
C THR D 266 -44.58 -61.22 4.99
N THR D 267 -44.26 -62.09 5.95
CA THR D 267 -42.87 -62.29 6.33
C THR D 267 -42.12 -63.00 5.21
N ARG D 268 -40.97 -62.44 4.83
CA ARG D 268 -40.18 -62.97 3.73
C ARG D 268 -38.73 -63.08 4.15
N THR D 269 -38.00 -63.97 3.46
CA THR D 269 -36.57 -64.08 3.63
C THR D 269 -35.87 -63.08 2.72
N ALA D 270 -34.54 -63.08 2.75
CA ALA D 270 -33.79 -62.24 1.83
C ALA D 270 -34.08 -62.61 0.39
N ASP D 271 -34.31 -63.89 0.12
CA ASP D 271 -34.53 -64.34 -1.25
C ASP D 271 -35.79 -63.70 -1.84
N GLN D 272 -36.88 -63.69 -1.08
CA GLN D 272 -38.12 -63.11 -1.59
C GLN D 272 -38.04 -61.60 -1.73
N MET D 273 -37.29 -60.93 -0.85
CA MET D 273 -37.04 -59.51 -1.04
C MET D 273 -36.26 -59.25 -2.33
N THR D 274 -35.27 -60.11 -2.62
CA THR D 274 -34.54 -59.99 -3.88
C THR D 274 -35.46 -60.23 -5.07
N GLU D 275 -36.41 -61.16 -4.93
CA GLU D 275 -37.37 -61.39 -6.02
C GLU D 275 -38.25 -60.17 -6.23
N PHE D 276 -38.72 -59.56 -5.14
CA PHE D 276 -39.50 -58.33 -5.25
C PHE D 276 -38.69 -57.24 -5.94
N TYR D 277 -37.42 -57.11 -5.58
CA TYR D 277 -36.57 -56.11 -6.22
C TYR D 277 -36.36 -56.40 -7.69
N ALA D 278 -36.23 -57.68 -8.05
CA ALA D 278 -36.05 -58.04 -9.46
C ALA D 278 -37.31 -57.71 -10.26
N GLY D 279 -38.48 -58.01 -9.71
CA GLY D 279 -39.71 -57.62 -10.38
C GLY D 279 -39.83 -56.11 -10.56
N LEU D 280 -39.51 -55.35 -9.49
CA LEU D 280 -39.51 -53.90 -9.60
C LEU D 280 -38.58 -53.43 -10.70
N LEU D 281 -37.32 -53.90 -10.68
CA LEU D 281 -36.35 -53.49 -11.67
C LEU D 281 -36.82 -53.82 -13.08
N GLY D 282 -37.50 -54.95 -13.23
CA GLY D 282 -38.02 -55.30 -14.55
C GLY D 282 -39.10 -54.35 -15.02
N ALA D 283 -40.08 -54.09 -14.17
CA ALA D 283 -41.25 -53.34 -14.61
C ALA D 283 -41.07 -51.82 -14.56
N TYR D 284 -39.91 -51.32 -14.15
CA TYR D 284 -39.72 -49.88 -13.98
C TYR D 284 -38.29 -49.53 -14.34
N PRO D 285 -38.03 -48.27 -14.73
CA PRO D 285 -36.66 -47.85 -15.06
C PRO D 285 -35.85 -47.46 -13.83
N LEU D 286 -35.77 -48.38 -12.87
CA LEU D 286 -34.98 -48.13 -11.67
C LEU D 286 -33.50 -48.16 -11.99
N VAL D 287 -32.76 -47.20 -11.45
CA VAL D 287 -31.32 -47.11 -11.68
C VAL D 287 -30.51 -47.26 -10.42
N SER D 288 -31.13 -47.30 -9.24
CA SER D 288 -30.38 -47.36 -8.00
C SER D 288 -31.32 -47.71 -6.86
N ILE D 289 -30.87 -48.62 -5.99
CA ILE D 289 -31.59 -48.97 -4.77
C ILE D 289 -30.63 -48.83 -3.60
N GLU D 290 -31.12 -48.22 -2.52
CA GLU D 290 -30.28 -47.87 -1.37
C GLU D 290 -30.71 -48.68 -0.16
N ASP D 291 -29.74 -49.32 0.49
CA ASP D 291 -29.98 -50.20 1.63
C ASP D 291 -31.11 -51.15 1.34
N PRO D 292 -30.92 -52.14 0.45
CA PRO D 292 -32.01 -53.05 0.14
C PRO D 292 -32.28 -54.06 1.24
N LEU D 293 -31.27 -54.40 2.05
CA LEU D 293 -31.43 -55.32 3.17
C LEU D 293 -30.77 -54.71 4.40
N SER D 294 -30.87 -55.42 5.53
CA SER D 294 -30.38 -54.91 6.80
C SER D 294 -28.87 -54.72 6.76
N GLU D 295 -28.37 -53.97 7.74
CA GLU D 295 -26.95 -53.61 7.80
C GLU D 295 -26.09 -54.64 8.50
N ASP D 296 -26.66 -55.78 8.86
CA ASP D 296 -25.89 -56.88 9.43
C ASP D 296 -25.98 -58.16 8.62
N ASP D 297 -26.90 -58.23 7.66
CA ASP D 297 -27.08 -59.41 6.81
C ASP D 297 -26.11 -59.34 5.64
N TRP D 298 -24.83 -59.51 5.97
CA TRP D 298 -23.80 -59.45 4.93
C TRP D 298 -24.01 -60.53 3.87
N ASP D 299 -24.36 -61.75 4.30
CA ASP D 299 -24.55 -62.83 3.34
C ASP D 299 -25.73 -62.56 2.42
N GLY D 300 -26.84 -62.07 2.97
CA GLY D 300 -27.96 -61.69 2.14
C GLY D 300 -27.59 -60.58 1.18
N TRP D 301 -26.74 -59.65 1.62
CA TRP D 301 -26.30 -58.58 0.75
C TRP D 301 -25.46 -59.12 -0.40
N ALA D 302 -24.59 -60.08 -0.12
CA ALA D 302 -23.80 -60.69 -1.19
C ALA D 302 -24.69 -61.45 -2.17
N ALA D 303 -25.70 -62.14 -1.65
CA ALA D 303 -26.64 -62.84 -2.52
C ALA D 303 -27.38 -61.85 -3.43
N LEU D 304 -27.87 -60.75 -2.86
CA LEU D 304 -28.61 -59.76 -3.65
C LEU D 304 -27.70 -59.07 -4.65
N THR D 305 -26.46 -58.79 -4.26
CA THR D 305 -25.50 -58.18 -5.19
C THR D 305 -25.17 -59.11 -6.34
N ALA D 306 -25.08 -60.42 -6.07
CA ALA D 306 -24.87 -61.35 -7.17
C ALA D 306 -26.10 -61.43 -8.06
N SER D 307 -27.29 -61.32 -7.46
CA SER D 307 -28.51 -61.53 -8.23
C SER D 307 -28.84 -60.34 -9.12
N ILE D 308 -28.81 -59.12 -8.57
CA ILE D 308 -29.22 -57.95 -9.34
C ILE D 308 -28.18 -56.85 -9.30
N GLY D 309 -26.95 -57.19 -8.92
CA GLY D 309 -25.96 -56.16 -8.67
C GLY D 309 -25.16 -55.70 -9.87
N ASP D 310 -25.65 -55.97 -11.07
CA ASP D 310 -25.06 -55.40 -12.28
C ASP D 310 -26.11 -54.85 -13.23
N ARG D 311 -27.39 -54.94 -12.88
CA ARG D 311 -28.45 -54.27 -13.60
C ARG D 311 -28.91 -53.00 -12.90
N VAL D 312 -28.33 -52.66 -11.75
CA VAL D 312 -28.79 -51.54 -10.95
C VAL D 312 -27.69 -51.19 -9.95
N GLN D 313 -27.74 -49.97 -9.44
CA GLN D 313 -26.79 -49.51 -8.44
C GLN D 313 -27.27 -49.91 -7.04
N ILE D 314 -26.36 -50.42 -6.24
CA ILE D 314 -26.66 -50.88 -4.89
C ILE D 314 -25.96 -49.95 -3.92
N VAL D 315 -26.72 -49.07 -3.28
CA VAL D 315 -26.15 -48.06 -2.41
C VAL D 315 -26.14 -48.57 -0.98
N GLY D 316 -24.97 -48.54 -0.35
CA GLY D 316 -24.85 -48.89 1.04
C GLY D 316 -24.94 -47.69 1.96
N ASP D 317 -26.11 -47.45 2.54
CA ASP D 317 -26.31 -46.31 3.41
C ASP D 317 -26.01 -46.65 4.87
N ASP D 318 -26.58 -47.73 5.38
CA ASP D 318 -26.36 -48.14 6.77
C ASP D 318 -25.34 -49.26 6.92
N ILE D 319 -25.26 -50.17 5.94
CA ILE D 319 -24.32 -51.28 6.07
C ILE D 319 -22.90 -50.76 6.13
N PHE D 320 -22.63 -49.63 5.50
CA PHE D 320 -21.43 -48.86 5.73
C PHE D 320 -21.86 -47.53 6.31
N VAL D 321 -21.02 -46.96 7.16
CA VAL D 321 -21.43 -45.75 7.87
C VAL D 321 -20.42 -44.66 7.51
N THR D 322 -19.95 -44.68 6.27
CA THR D 322 -18.89 -43.82 5.78
C THR D 322 -17.60 -44.06 6.55
N ASN D 323 -17.50 -45.22 7.17
CA ASN D 323 -16.29 -45.67 7.87
C ASN D 323 -15.45 -46.51 6.93
N PRO D 324 -14.17 -46.15 6.72
CA PRO D 324 -13.34 -46.97 5.84
C PRO D 324 -13.17 -48.40 6.33
N GLU D 325 -13.14 -48.59 7.65
CA GLU D 325 -12.88 -49.92 8.20
C GLU D 325 -13.99 -50.90 7.85
N ARG D 326 -15.24 -50.42 7.79
CA ARG D 326 -16.32 -51.27 7.32
C ARG D 326 -16.42 -51.28 5.81
N LEU D 327 -15.94 -50.23 5.15
CA LEU D 327 -16.00 -50.16 3.71
C LEU D 327 -15.09 -51.22 3.08
N GLU D 328 -13.88 -51.38 3.60
CA GLU D 328 -13.00 -52.42 3.10
C GLU D 328 -13.61 -53.80 3.27
N GLU D 329 -14.21 -54.05 4.45
CA GLU D 329 -14.82 -55.34 4.71
C GLU D 329 -16.01 -55.61 3.80
N GLY D 330 -16.71 -54.55 3.38
CA GLY D 330 -17.78 -54.75 2.41
C GLY D 330 -17.27 -54.87 0.99
N ILE D 331 -16.11 -54.28 0.71
CA ILE D 331 -15.49 -54.46 -0.61
C ILE D 331 -15.08 -55.92 -0.79
N GLU D 332 -14.44 -56.50 0.23
CA GLU D 332 -13.89 -57.83 0.08
C GLU D 332 -14.96 -58.89 -0.12
N ARG D 333 -16.14 -58.70 0.47
CA ARG D 333 -17.20 -59.71 0.42
C ARG D 333 -18.18 -59.47 -0.71
N GLY D 334 -17.89 -58.54 -1.62
CA GLY D 334 -18.74 -58.31 -2.77
C GLY D 334 -20.16 -57.88 -2.44
N VAL D 335 -20.31 -56.69 -1.86
CA VAL D 335 -21.63 -56.14 -1.55
C VAL D 335 -21.62 -54.65 -1.89
N ALA D 336 -22.78 -54.15 -2.28
CA ALA D 336 -23.05 -52.71 -2.27
C ALA D 336 -22.06 -51.94 -3.16
N ASN D 337 -22.25 -52.10 -4.46
CA ASN D 337 -21.39 -51.37 -5.40
C ASN D 337 -21.76 -49.89 -5.47
N ALA D 338 -21.83 -49.23 -4.32
CA ALA D 338 -22.04 -47.79 -4.20
C ALA D 338 -21.95 -47.39 -2.74
N LEU D 339 -21.45 -46.19 -2.50
CA LEU D 339 -21.32 -45.64 -1.16
C LEU D 339 -22.21 -44.40 -1.05
N LEU D 340 -22.50 -43.99 0.19
CA LEU D 340 -23.29 -42.79 0.46
C LEU D 340 -22.52 -41.94 1.47
N VAL D 341 -22.00 -40.81 1.01
CA VAL D 341 -21.05 -40.03 1.80
C VAL D 341 -21.81 -38.98 2.59
N LYS D 342 -21.97 -39.20 3.89
CA LYS D 342 -22.50 -38.20 4.81
C LYS D 342 -21.36 -37.69 5.66
N VAL D 343 -21.17 -36.37 5.67
CA VAL D 343 -19.93 -35.80 6.17
C VAL D 343 -19.87 -35.82 7.69
N ASN D 344 -21.01 -35.83 8.37
CA ASN D 344 -21.01 -35.78 9.82
C ASN D 344 -21.09 -37.16 10.46
N GLN D 345 -21.10 -38.22 9.66
CA GLN D 345 -20.96 -39.56 10.18
C GLN D 345 -19.51 -39.98 10.32
N ILE D 346 -18.57 -39.20 9.78
CA ILE D 346 -17.17 -39.52 9.89
C ILE D 346 -16.39 -38.51 10.72
N GLY D 347 -16.75 -37.23 10.70
CA GLY D 347 -16.29 -36.25 11.66
C GLY D 347 -15.36 -35.20 11.10
N THR D 348 -14.64 -35.50 10.02
CA THR D 348 -13.73 -34.53 9.43
C THR D 348 -13.86 -34.56 7.91
N LEU D 349 -13.38 -33.49 7.29
CA LEU D 349 -13.29 -33.45 5.84
C LEU D 349 -12.24 -34.42 5.33
N THR D 350 -11.10 -34.52 6.04
CA THR D 350 -10.02 -35.38 5.61
C THR D 350 -10.45 -36.83 5.53
N GLU D 351 -11.05 -37.35 6.61
CA GLU D 351 -11.49 -38.73 6.59
C GLU D 351 -12.59 -38.94 5.56
N THR D 352 -13.37 -37.91 5.29
CA THR D 352 -14.37 -37.98 4.22
C THR D 352 -13.69 -38.23 2.88
N LEU D 353 -12.70 -37.41 2.55
CA LEU D 353 -11.98 -37.56 1.29
C LEU D 353 -11.28 -38.90 1.21
N ASP D 354 -10.73 -39.37 2.33
CA ASP D 354 -10.04 -40.66 2.31
C ASP D 354 -11.02 -41.81 2.06
N ALA D 355 -12.19 -41.78 2.69
CA ALA D 355 -13.16 -42.84 2.47
C ALA D 355 -13.71 -42.79 1.05
N VAL D 356 -13.91 -41.59 0.50
CA VAL D 356 -14.43 -41.54 -0.86
C VAL D 356 -13.38 -42.01 -1.85
N THR D 357 -12.10 -41.73 -1.59
CA THR D 357 -11.03 -42.28 -2.41
C THR D 357 -11.04 -43.81 -2.35
N LEU D 358 -11.08 -44.37 -1.14
CA LEU D 358 -11.09 -45.82 -0.98
C LEU D 358 -12.27 -46.46 -1.69
N ALA D 359 -13.43 -45.79 -1.72
CA ALA D 359 -14.57 -46.37 -2.42
C ALA D 359 -14.51 -46.13 -3.92
N HIS D 360 -13.79 -45.09 -4.37
CA HIS D 360 -13.59 -44.89 -5.79
C HIS D 360 -12.71 -45.97 -6.38
N HIS D 361 -11.57 -46.21 -5.75
CA HIS D 361 -10.63 -47.18 -6.29
C HIS D 361 -11.08 -48.60 -6.14
N GLY D 362 -12.32 -48.85 -5.71
CA GLY D 362 -12.84 -50.19 -5.64
C GLY D 362 -13.98 -50.50 -6.59
N GLY D 363 -14.27 -49.61 -7.55
CA GLY D 363 -15.37 -49.81 -8.45
C GLY D 363 -16.71 -49.37 -7.94
N TYR D 364 -16.74 -48.59 -6.86
CA TYR D 364 -17.97 -48.13 -6.24
C TYR D 364 -18.21 -46.67 -6.58
N ARG D 365 -19.41 -46.37 -7.08
CA ARG D 365 -19.83 -44.99 -7.19
C ARG D 365 -20.21 -44.46 -5.81
N THR D 366 -20.05 -43.16 -5.63
CA THR D 366 -20.41 -42.52 -4.38
C THR D 366 -21.56 -41.54 -4.61
N MET D 367 -22.10 -41.03 -3.51
CA MET D 367 -23.26 -40.14 -3.59
C MET D 367 -23.27 -39.27 -2.33
N ILE D 368 -22.88 -37.99 -2.49
CA ILE D 368 -22.96 -37.07 -1.37
C ILE D 368 -24.41 -36.91 -0.95
N SER D 369 -24.67 -37.03 0.34
CA SER D 369 -26.02 -37.05 0.84
C SER D 369 -26.21 -36.02 1.94
N HIS D 370 -27.47 -35.77 2.27
CA HIS D 370 -27.88 -34.77 3.25
C HIS D 370 -28.35 -35.45 4.52
N ARG D 371 -28.63 -34.65 5.54
CA ARG D 371 -29.19 -35.15 6.78
C ARG D 371 -30.63 -34.67 6.93
N SER D 372 -31.30 -35.21 7.93
CA SER D 372 -32.67 -34.79 8.20
C SER D 372 -32.70 -33.35 8.69
N GLY D 373 -31.82 -33.00 9.61
CA GLY D 373 -31.68 -31.62 10.03
C GLY D 373 -30.53 -30.91 9.36
N GLU D 374 -30.82 -30.15 8.32
CA GLU D 374 -29.83 -29.37 7.60
C GLU D 374 -29.93 -27.92 8.01
N THR D 375 -29.06 -27.09 7.42
CA THR D 375 -29.06 -25.67 7.67
C THR D 375 -28.97 -24.94 6.33
N GLU D 376 -28.77 -23.63 6.37
CA GLU D 376 -28.55 -22.86 5.16
C GLU D 376 -27.12 -22.99 4.63
N ASP D 377 -26.35 -23.94 5.15
CA ASP D 377 -25.00 -24.19 4.68
C ASP D 377 -25.03 -25.05 3.43
N THR D 378 -24.30 -24.62 2.40
CA THR D 378 -24.32 -25.27 1.10
C THR D 378 -22.98 -25.90 0.76
N MET D 379 -22.35 -26.55 1.72
CA MET D 379 -21.03 -27.13 1.47
C MET D 379 -21.09 -28.46 0.76
N ILE D 380 -22.17 -29.23 0.93
CA ILE D 380 -22.20 -30.53 0.28
C ILE D 380 -22.33 -30.41 -1.23
N ALA D 381 -22.85 -29.29 -1.73
CA ALA D 381 -22.83 -29.05 -3.16
C ALA D 381 -21.40 -28.90 -3.68
N ASP D 382 -20.63 -27.99 -3.08
CA ASP D 382 -19.23 -27.83 -3.42
C ASP D 382 -18.47 -29.14 -3.29
N LEU D 383 -18.82 -29.94 -2.28
CA LEU D 383 -18.11 -31.18 -2.05
C LEU D 383 -18.49 -32.25 -3.06
N ALA D 384 -19.73 -32.25 -3.54
CA ALA D 384 -20.12 -33.21 -4.58
C ALA D 384 -19.58 -32.81 -5.94
N VAL D 385 -19.29 -31.53 -6.14
CA VAL D 385 -18.61 -31.14 -7.38
C VAL D 385 -17.13 -31.45 -7.29
N ALA D 386 -16.51 -31.19 -6.13
CA ALA D 386 -15.07 -31.36 -5.99
C ALA D 386 -14.66 -32.82 -6.15
N ILE D 387 -15.26 -33.72 -5.37
CA ILE D 387 -14.90 -35.12 -5.49
C ILE D 387 -15.39 -35.74 -6.78
N GLY D 388 -16.17 -35.01 -7.58
CA GLY D 388 -16.65 -35.52 -8.85
C GLY D 388 -17.49 -36.77 -8.73
N SER D 389 -18.40 -36.81 -7.76
CA SER D 389 -19.18 -38.03 -7.55
C SER D 389 -20.16 -38.29 -8.68
N GLY D 390 -20.68 -37.24 -9.31
CA GLY D 390 -21.66 -37.44 -10.36
C GLY D 390 -23.03 -37.84 -9.87
N GLN D 391 -23.26 -37.80 -8.57
CA GLN D 391 -24.58 -38.02 -7.98
C GLN D 391 -24.66 -37.18 -6.71
N ILE D 392 -25.87 -36.73 -6.39
CA ILE D 392 -26.12 -36.05 -5.13
C ILE D 392 -27.54 -36.36 -4.72
N LYS D 393 -27.76 -36.40 -3.41
CA LYS D 393 -29.07 -36.68 -2.82
C LYS D 393 -29.30 -35.59 -1.79
N THR D 394 -30.09 -34.58 -2.14
CA THR D 394 -30.32 -33.46 -1.24
C THR D 394 -31.78 -33.02 -1.26
N GLY D 395 -32.68 -33.97 -1.43
CA GLY D 395 -34.09 -33.73 -1.18
C GLY D 395 -34.85 -33.22 -2.39
N ALA D 396 -36.11 -32.89 -2.12
CA ALA D 396 -37.00 -32.37 -3.14
C ALA D 396 -36.80 -30.88 -3.33
N PRO D 397 -37.15 -30.34 -4.49
CA PRO D 397 -37.05 -28.89 -4.68
C PRO D 397 -38.10 -28.13 -3.88
N ALA D 398 -37.95 -28.15 -2.56
CA ALA D 398 -38.79 -27.38 -1.65
C ALA D 398 -38.03 -27.27 -0.34
N ARG D 399 -38.56 -26.48 0.59
CA ARG D 399 -37.94 -26.37 1.90
C ARG D 399 -36.50 -25.89 1.77
N SER D 400 -36.31 -24.60 1.50
CA SER D 400 -35.08 -24.06 0.93
C SER D 400 -33.80 -24.47 1.65
N GLU D 401 -33.87 -25.18 2.78
CA GLU D 401 -32.66 -25.85 3.24
C GLU D 401 -32.23 -26.95 2.29
N ARG D 402 -33.13 -27.46 1.47
CA ARG D 402 -32.79 -28.38 0.38
C ARG D 402 -32.50 -27.65 -0.91
N VAL D 403 -33.18 -26.53 -1.15
CA VAL D 403 -33.05 -25.80 -2.40
C VAL D 403 -31.80 -24.92 -2.41
N ALA D 404 -31.28 -24.55 -1.25
CA ALA D 404 -30.02 -23.81 -1.20
C ALA D 404 -28.91 -24.59 -1.88
N LYS D 405 -28.92 -25.92 -1.74
CA LYS D 405 -27.91 -26.75 -2.40
C LYS D 405 -28.03 -26.67 -3.91
N TYR D 406 -29.26 -26.74 -4.44
CA TYR D 406 -29.45 -26.65 -5.87
C TYR D 406 -29.11 -25.27 -6.40
N ASN D 407 -29.40 -24.22 -5.63
CA ASN D 407 -29.02 -22.88 -6.03
C ASN D 407 -27.52 -22.73 -6.08
N GLN D 408 -26.81 -23.32 -5.11
CA GLN D 408 -25.36 -23.25 -5.14
C GLN D 408 -24.79 -24.04 -6.30
N LEU D 409 -25.42 -25.17 -6.65
CA LEU D 409 -24.97 -25.90 -7.82
C LEU D 409 -25.21 -25.11 -9.11
N LEU D 410 -26.30 -24.35 -9.18
CA LEU D 410 -26.51 -23.45 -10.32
C LEU D 410 -25.40 -22.41 -10.41
N ARG D 411 -25.06 -21.80 -9.27
CA ARG D 411 -23.98 -20.82 -9.26
C ARG D 411 -22.65 -21.46 -9.64
N ILE D 412 -22.41 -22.69 -9.20
CA ILE D 412 -21.18 -23.39 -9.55
C ILE D 412 -21.11 -23.61 -11.05
N GLU D 413 -22.21 -24.06 -11.64
CA GLU D 413 -22.23 -24.27 -13.08
C GLU D 413 -22.01 -22.98 -13.83
N GLU D 414 -22.61 -21.90 -13.37
CA GLU D 414 -22.43 -20.62 -14.02
C GLU D 414 -20.99 -20.12 -13.88
N ALA D 415 -20.36 -20.40 -12.74
CA ALA D 415 -18.99 -19.96 -12.53
C ALA D 415 -18.00 -20.77 -13.38
N LEU D 416 -18.24 -22.07 -13.50
CA LEU D 416 -17.48 -22.87 -14.45
C LEU D 416 -17.63 -22.32 -15.85
N GLY D 417 -18.84 -22.30 -16.36
CA GLY D 417 -19.11 -21.77 -17.69
C GLY D 417 -19.00 -22.86 -18.75
N ASP D 418 -18.14 -22.67 -19.74
CA ASP D 418 -17.97 -23.67 -20.79
C ASP D 418 -17.29 -24.92 -20.27
N ALA D 419 -16.60 -24.84 -19.13
CA ALA D 419 -15.88 -25.98 -18.61
C ALA D 419 -16.81 -27.03 -18.03
N ALA D 420 -17.96 -26.62 -17.50
CA ALA D 420 -18.82 -27.52 -16.77
C ALA D 420 -19.32 -28.65 -17.66
N ARG D 421 -19.59 -29.79 -17.03
CA ARG D 421 -20.20 -30.93 -17.70
C ARG D 421 -21.24 -31.52 -16.79
N TYR D 422 -22.41 -31.82 -17.32
CA TYR D 422 -23.44 -32.49 -16.56
C TYR D 422 -23.22 -34.00 -16.63
N ALA D 423 -23.08 -34.61 -15.45
CA ALA D 423 -22.81 -36.06 -15.33
C ALA D 423 -24.13 -36.84 -15.41
N GLY D 424 -24.99 -36.50 -16.36
CA GLY D 424 -26.28 -37.21 -16.51
C GLY D 424 -26.17 -38.28 -17.58
N ASP D 425 -26.54 -39.52 -17.23
CA ASP D 425 -26.54 -40.77 -18.05
C ASP D 425 -25.16 -41.45 -18.06
N LEU D 426 -24.11 -40.77 -17.63
CA LEU D 426 -22.73 -41.32 -17.57
C LEU D 426 -22.44 -41.73 -16.13
N ALA D 427 -23.49 -41.86 -15.31
CA ALA D 427 -23.37 -42.24 -13.88
C ALA D 427 -24.23 -43.48 -13.61
N PHE D 428 -25.04 -43.88 -14.60
CA PHE D 428 -25.91 -45.06 -14.47
C PHE D 428 -25.78 -45.92 -15.72
N PRO D 429 -24.61 -46.54 -15.92
CA PRO D 429 -24.44 -47.35 -17.13
C PRO D 429 -25.38 -48.54 -17.23
N ARG D 430 -25.71 -49.15 -16.10
CA ARG D 430 -26.60 -50.31 -16.09
C ARG D 430 -28.03 -49.92 -16.45
N MET E 8 -5.09 -10.93 -10.22
CA MET E 8 -5.93 -11.93 -10.84
C MET E 8 -5.11 -12.98 -11.61
N PRO E 9 -5.65 -14.19 -11.72
CA PRO E 9 -4.97 -15.25 -12.48
C PRO E 9 -5.32 -15.25 -13.97
N ILE E 10 -5.08 -14.12 -14.63
CA ILE E 10 -5.34 -13.96 -16.05
C ILE E 10 -4.00 -13.83 -16.76
N ILE E 11 -3.83 -14.58 -17.86
CA ILE E 11 -2.54 -14.65 -18.53
C ILE E 11 -2.27 -13.33 -19.26
N GLU E 12 -1.06 -12.81 -19.11
CA GLU E 12 -0.67 -11.56 -19.74
C GLU E 12 0.35 -11.73 -20.84
N GLN E 13 1.42 -12.48 -20.60
CA GLN E 13 2.45 -12.71 -21.60
C GLN E 13 2.77 -14.19 -21.71
N VAL E 14 3.10 -14.65 -22.92
CA VAL E 14 3.44 -16.08 -23.14
C VAL E 14 4.58 -16.17 -24.15
N ARG E 15 5.83 -16.07 -23.68
CA ARG E 15 7.03 -16.19 -24.57
C ARG E 15 7.48 -17.65 -24.62
N ALA E 16 8.44 -17.95 -25.51
CA ALA E 16 8.97 -19.34 -25.65
C ALA E 16 10.39 -19.28 -26.23
N ARG E 17 11.22 -20.27 -25.91
CA ARG E 17 12.59 -20.31 -26.40
C ARG E 17 12.97 -21.77 -26.64
N GLU E 18 14.11 -21.96 -27.29
CA GLU E 18 14.60 -23.29 -27.63
C GLU E 18 15.83 -23.59 -26.79
N ILE E 19 15.79 -24.70 -26.06
CA ILE E 19 16.84 -25.10 -25.15
C ILE E 19 17.24 -26.54 -25.50
N LEU E 20 18.17 -27.09 -24.73
CA LEU E 20 18.60 -28.47 -24.93
C LEU E 20 18.06 -29.36 -23.82
N ASP E 21 17.66 -30.57 -24.17
CA ASP E 21 17.21 -31.52 -23.17
C ASP E 21 18.39 -32.33 -22.66
N SER E 22 18.10 -33.30 -21.79
CA SER E 22 19.17 -34.06 -21.14
C SER E 22 20.00 -34.87 -22.09
N ARG E 23 19.56 -35.03 -23.34
CA ARG E 23 20.29 -35.83 -24.32
C ARG E 23 20.95 -35.00 -25.40
N GLY E 24 20.90 -33.69 -25.31
CA GLY E 24 21.53 -32.83 -26.29
C GLY E 24 20.69 -32.52 -27.50
N ASN E 25 19.39 -32.76 -27.44
CA ASN E 25 18.50 -32.41 -28.53
C ASN E 25 17.65 -31.21 -28.14
N PRO E 26 17.25 -30.38 -29.09
CA PRO E 26 16.47 -29.19 -28.75
C PRO E 26 15.09 -29.53 -28.24
N THR E 27 14.54 -28.61 -27.47
CA THR E 27 13.17 -28.71 -26.99
C THR E 27 12.68 -27.31 -26.66
N VAL E 28 11.40 -27.21 -26.35
CA VAL E 28 10.72 -25.93 -26.17
C VAL E 28 10.64 -25.62 -24.68
N GLU E 29 10.84 -24.35 -24.34
CA GLU E 29 10.63 -23.88 -22.98
C GLU E 29 9.70 -22.69 -23.02
N VAL E 30 8.59 -22.78 -22.30
CA VAL E 30 7.53 -21.77 -22.35
C VAL E 30 7.49 -21.04 -21.02
N GLU E 31 7.35 -19.71 -21.07
CA GLU E 31 7.31 -18.86 -19.90
C GLU E 31 6.02 -18.05 -19.93
N VAL E 32 5.15 -18.30 -18.96
CA VAL E 32 3.89 -17.58 -18.83
C VAL E 32 4.02 -16.56 -17.71
N ALA E 33 3.68 -15.31 -18.00
CA ALA E 33 3.71 -14.23 -17.03
C ALA E 33 2.29 -13.72 -16.82
N LEU E 34 1.83 -13.77 -15.58
CA LEU E 34 0.52 -13.28 -15.21
C LEU E 34 0.58 -11.77 -14.96
N ILE E 35 -0.61 -11.18 -14.76
CA ILE E 35 -0.72 -9.74 -14.63
C ILE E 35 -0.03 -9.26 -13.37
N ASP E 36 -0.18 -10.01 -12.27
CA ASP E 36 0.44 -9.64 -11.00
C ASP E 36 1.96 -9.57 -11.13
N GLY E 37 2.56 -10.59 -11.72
CA GLY E 37 4.00 -10.72 -11.76
C GLY E 37 4.41 -12.17 -11.64
N THR E 38 3.44 -13.02 -11.31
CA THR E 38 3.63 -14.46 -11.36
C THR E 38 4.22 -14.87 -12.70
N PHE E 39 5.45 -15.40 -12.65
CA PHE E 39 6.22 -15.71 -13.85
C PHE E 39 6.72 -17.13 -13.73
N ALA E 40 6.14 -18.04 -14.50
CA ALA E 40 6.48 -19.44 -14.42
C ALA E 40 7.06 -19.90 -15.74
N ARG E 41 7.93 -20.91 -15.68
CA ARG E 41 8.50 -21.51 -16.88
C ARG E 41 8.38 -23.02 -16.79
N ALA E 42 8.25 -23.64 -17.95
CA ALA E 42 8.11 -25.09 -18.02
C ALA E 42 8.72 -25.60 -19.33
N ALA E 43 9.46 -26.69 -19.23
CA ALA E 43 10.12 -27.31 -20.36
C ALA E 43 9.45 -28.63 -20.68
N VAL E 44 9.35 -28.95 -21.96
CA VAL E 44 8.59 -30.10 -22.44
C VAL E 44 9.54 -31.25 -22.67
N PRO E 45 9.37 -32.38 -22.00
CA PRO E 45 10.20 -33.55 -22.29
C PRO E 45 9.84 -34.12 -23.66
N SER E 46 10.66 -35.04 -24.14
CA SER E 46 10.44 -35.57 -25.47
C SER E 46 11.03 -36.97 -25.56
N GLY E 47 10.21 -37.92 -26.02
CA GLY E 47 10.66 -39.27 -26.25
C GLY E 47 11.25 -39.44 -27.63
N ALA E 48 11.72 -40.65 -27.89
CA ALA E 48 12.38 -40.95 -29.16
C ALA E 48 11.41 -41.42 -30.23
N SER E 49 10.39 -42.19 -29.86
CA SER E 49 9.54 -42.86 -30.83
C SER E 49 8.14 -42.26 -30.86
N THR E 50 7.28 -42.87 -31.67
CA THR E 50 5.86 -42.55 -31.69
C THR E 50 5.10 -43.80 -32.11
N GLY E 51 3.97 -44.05 -31.45
CA GLY E 51 3.19 -45.24 -31.71
C GLY E 51 1.93 -44.96 -32.50
N GLU E 52 1.92 -43.84 -33.22
CA GLU E 52 0.82 -43.43 -34.08
C GLU E 52 -0.47 -43.19 -33.30
N HIS E 53 -0.37 -43.01 -31.99
CA HIS E 53 -1.50 -42.59 -31.16
C HIS E 53 -1.18 -41.42 -30.25
N GLU E 54 0.08 -41.10 -30.02
CA GLU E 54 0.47 -39.97 -29.19
C GLU E 54 0.10 -38.66 -29.87
N ALA E 55 0.27 -37.57 -29.12
CA ALA E 55 0.32 -36.26 -29.75
C ALA E 55 1.61 -36.13 -30.53
N VAL E 56 1.56 -35.41 -31.62
CA VAL E 56 2.70 -35.30 -32.51
C VAL E 56 3.58 -34.16 -32.05
N GLU E 57 4.88 -34.40 -32.08
CA GLU E 57 5.89 -33.43 -31.66
C GLU E 57 6.41 -32.73 -32.91
N LEU E 58 6.20 -31.42 -32.98
CA LEU E 58 6.48 -30.64 -34.18
C LEU E 58 7.95 -30.26 -34.23
N ARG E 59 8.72 -30.97 -35.03
CA ARG E 59 10.14 -30.68 -35.23
C ARG E 59 10.35 -29.93 -36.53
N ASP E 60 11.49 -29.24 -36.61
CA ASP E 60 11.78 -28.41 -37.78
C ASP E 60 12.06 -29.26 -39.00
N GLY E 61 13.04 -30.15 -38.91
CA GLY E 61 13.44 -30.93 -40.06
C GLY E 61 14.44 -30.20 -40.93
N GLY E 62 15.46 -30.91 -41.41
CA GLY E 62 16.47 -30.28 -42.22
C GLY E 62 17.88 -30.71 -41.84
N ASP E 63 18.80 -29.75 -41.79
CA ASP E 63 20.18 -30.03 -41.40
C ASP E 63 20.57 -29.37 -40.08
N ARG E 64 19.85 -28.35 -39.66
CA ARG E 64 20.15 -27.71 -38.38
C ARG E 64 19.77 -28.63 -37.23
N TYR E 65 20.70 -28.83 -36.30
CA TYR E 65 20.49 -29.66 -35.12
C TYR E 65 20.11 -31.09 -35.49
N GLY E 66 20.56 -31.55 -36.65
CA GLY E 66 20.21 -32.88 -37.10
C GLY E 66 18.75 -33.04 -37.46
N GLY E 67 18.09 -31.95 -37.87
CA GLY E 67 16.69 -32.01 -38.22
C GLY E 67 15.74 -32.04 -37.05
N LYS E 68 16.23 -31.80 -35.84
CA LYS E 68 15.41 -31.84 -34.64
C LYS E 68 15.18 -30.45 -34.05
N GLY E 69 15.43 -29.41 -34.81
CA GLY E 69 15.16 -28.07 -34.31
C GLY E 69 13.69 -27.89 -33.98
N VAL E 70 13.42 -26.99 -33.04
CA VAL E 70 12.05 -26.70 -32.64
C VAL E 70 11.78 -25.21 -32.81
N GLN E 71 12.41 -24.58 -33.80
CA GLN E 71 12.12 -23.17 -34.04
C GLN E 71 10.68 -22.97 -34.49
N LYS E 72 10.07 -23.99 -35.11
CA LYS E 72 8.71 -23.85 -35.59
C LYS E 72 7.70 -23.88 -34.43
N ALA E 73 7.95 -24.72 -33.43
CA ALA E 73 7.07 -24.71 -32.25
C ALA E 73 7.23 -23.44 -31.45
N VAL E 74 8.46 -22.93 -31.34
CA VAL E 74 8.69 -21.64 -30.70
C VAL E 74 7.91 -20.55 -31.43
N GLN E 75 7.96 -20.57 -32.77
CA GLN E 75 7.24 -19.56 -33.53
C GLN E 75 5.74 -19.72 -33.37
N ALA E 76 5.26 -20.96 -33.32
CA ALA E 76 3.83 -21.21 -33.12
C ALA E 76 3.36 -20.65 -31.79
N VAL E 77 4.14 -20.85 -30.73
CA VAL E 77 3.77 -20.27 -29.43
C VAL E 77 3.79 -18.74 -29.52
N LEU E 78 4.81 -18.18 -30.18
CA LEU E 78 4.98 -16.74 -30.16
C LEU E 78 4.01 -16.00 -31.08
N ASP E 79 3.39 -16.68 -32.05
CA ASP E 79 2.47 -16.02 -32.97
C ASP E 79 1.02 -16.40 -32.80
N GLU E 80 0.71 -17.65 -32.43
CA GLU E 80 -0.67 -18.10 -32.36
C GLU E 80 -1.13 -18.33 -30.93
N ILE E 81 -0.45 -19.21 -30.19
CA ILE E 81 -0.95 -19.64 -28.89
C ILE E 81 -0.95 -18.49 -27.89
N GLY E 82 0.04 -17.60 -28.00
CA GLY E 82 0.14 -16.47 -27.11
C GLY E 82 -1.14 -15.68 -27.04
N PRO E 83 -1.49 -15.00 -28.12
CA PRO E 83 -2.77 -14.27 -28.14
C PRO E 83 -4.00 -15.17 -28.05
N ALA E 84 -3.88 -16.45 -28.40
CA ALA E 84 -5.04 -17.33 -28.31
C ALA E 84 -5.38 -17.70 -26.87
N VAL E 85 -4.44 -17.52 -25.94
CA VAL E 85 -4.73 -17.74 -24.52
C VAL E 85 -4.63 -16.48 -23.70
N ILE E 86 -3.91 -15.46 -24.16
CA ILE E 86 -3.75 -14.24 -23.38
C ILE E 86 -5.14 -13.66 -23.10
N GLY E 87 -5.50 -13.60 -21.82
CA GLY E 87 -6.79 -13.10 -21.40
C GLY E 87 -7.67 -14.14 -20.75
N LEU E 88 -7.39 -15.43 -20.94
CA LEU E 88 -8.18 -16.46 -20.27
C LEU E 88 -7.81 -16.52 -18.80
N ASN E 89 -8.50 -17.40 -18.07
CA ASN E 89 -8.35 -17.50 -16.62
C ASN E 89 -7.49 -18.72 -16.28
N ALA E 90 -6.41 -18.47 -15.53
CA ALA E 90 -5.45 -19.53 -15.24
C ALA E 90 -6.10 -20.72 -14.55
N ASP E 91 -6.85 -20.47 -13.48
CA ASP E 91 -7.44 -21.57 -12.72
C ASP E 91 -8.48 -22.35 -13.51
N ASP E 92 -8.85 -21.89 -14.70
CA ASP E 92 -9.76 -22.62 -15.55
C ASP E 92 -8.95 -23.49 -16.51
N GLN E 93 -8.29 -24.48 -15.93
CA GLN E 93 -7.43 -25.37 -16.69
C GLN E 93 -8.19 -26.01 -17.85
N ARG E 94 -9.42 -26.45 -17.61
CA ARG E 94 -10.18 -27.07 -18.69
C ARG E 94 -10.55 -26.07 -19.77
N LEU E 95 -10.80 -24.81 -19.38
CA LEU E 95 -11.04 -23.77 -20.35
C LEU E 95 -9.86 -23.61 -21.30
N VAL E 96 -8.68 -23.33 -20.73
CA VAL E 96 -7.51 -23.06 -21.56
C VAL E 96 -7.12 -24.28 -22.36
N ASP E 97 -7.28 -25.47 -21.79
CA ASP E 97 -6.86 -26.67 -22.50
C ASP E 97 -7.80 -27.00 -23.65
N GLN E 98 -9.10 -26.77 -23.48
CA GLN E 98 -10.01 -26.91 -24.61
C GLN E 98 -9.78 -25.81 -25.64
N ALA E 99 -9.44 -24.61 -25.19
CA ALA E 99 -9.08 -23.54 -26.11
C ALA E 99 -7.93 -23.98 -27.02
N LEU E 100 -6.86 -24.50 -26.42
CA LEU E 100 -5.73 -24.99 -27.19
C LEU E 100 -6.14 -26.11 -28.13
N VAL E 101 -6.86 -27.10 -27.61
CA VAL E 101 -7.21 -28.26 -28.42
C VAL E 101 -8.08 -27.88 -29.61
N ASP E 102 -8.93 -26.86 -29.46
CA ASP E 102 -9.72 -26.44 -30.61
C ASP E 102 -8.92 -25.55 -31.54
N LEU E 103 -8.07 -24.67 -30.99
CA LEU E 103 -7.22 -23.84 -31.82
C LEU E 103 -6.33 -24.67 -32.71
N ASP E 104 -5.93 -25.86 -32.24
CA ASP E 104 -5.17 -26.75 -33.11
C ASP E 104 -6.08 -27.38 -34.15
N GLY E 105 -7.08 -28.14 -33.71
CA GLY E 105 -8.10 -28.65 -34.61
C GLY E 105 -7.86 -30.03 -35.17
N THR E 106 -6.83 -30.73 -34.73
CA THR E 106 -6.49 -32.05 -35.25
C THR E 106 -6.56 -33.09 -34.15
N PRO E 107 -6.73 -34.38 -34.50
CA PRO E 107 -6.83 -35.41 -33.46
C PRO E 107 -5.52 -35.71 -32.74
N ASP E 108 -4.40 -35.16 -33.19
CA ASP E 108 -3.13 -35.40 -32.50
C ASP E 108 -2.31 -34.12 -32.36
N LYS E 109 -2.94 -32.96 -32.42
CA LYS E 109 -2.31 -31.67 -32.20
C LYS E 109 -1.12 -31.41 -33.12
N SER E 110 -1.07 -32.09 -34.28
CA SER E 110 0.10 -32.01 -35.14
C SER E 110 0.27 -30.64 -35.79
N ARG E 111 -0.80 -29.85 -35.92
CA ARG E 111 -0.66 -28.56 -36.59
C ARG E 111 0.22 -27.62 -35.78
N LEU E 112 0.08 -27.64 -34.46
CA LEU E 112 0.87 -26.81 -33.56
C LEU E 112 1.85 -27.62 -32.74
N GLY E 113 1.81 -28.95 -32.83
CA GLY E 113 2.74 -29.79 -32.11
C GLY E 113 2.34 -30.00 -30.67
N GLY E 114 2.41 -31.24 -30.20
CA GLY E 114 2.07 -31.51 -28.81
C GLY E 114 2.99 -30.83 -27.83
N ASN E 115 4.23 -30.52 -28.25
CA ASN E 115 5.20 -29.95 -27.33
C ASN E 115 4.86 -28.50 -26.98
N ALA E 116 4.50 -27.68 -27.97
CA ALA E 116 4.16 -26.30 -27.68
C ALA E 116 2.90 -26.20 -26.82
N ILE E 117 1.88 -27.00 -27.17
CA ILE E 117 0.63 -26.99 -26.41
C ILE E 117 0.89 -27.44 -24.98
N LEU E 118 1.67 -28.51 -24.80
CA LEU E 118 1.94 -29.00 -23.45
C LEU E 118 2.76 -27.99 -22.67
N GLY E 119 3.70 -27.31 -23.32
CA GLY E 119 4.45 -26.29 -22.61
C GLY E 119 3.57 -25.18 -22.09
N VAL E 120 2.63 -24.72 -22.90
CA VAL E 120 1.75 -23.65 -22.44
C VAL E 120 0.82 -24.17 -21.34
N SER E 121 0.29 -25.39 -21.50
CA SER E 121 -0.55 -25.98 -20.47
C SER E 121 0.17 -26.04 -19.13
N LEU E 122 1.38 -26.60 -19.13
CA LEU E 122 2.12 -26.78 -17.88
C LEU E 122 2.52 -25.45 -17.27
N ALA E 123 2.96 -24.50 -18.07
CA ALA E 123 3.32 -23.20 -17.50
C ALA E 123 2.10 -22.48 -16.95
N VAL E 124 0.93 -22.67 -17.57
CA VAL E 124 -0.30 -22.09 -17.04
C VAL E 124 -0.65 -22.71 -15.70
N ALA E 125 -0.53 -24.03 -15.59
CA ALA E 125 -0.79 -24.69 -14.31
C ALA E 125 0.19 -24.23 -13.25
N LYS E 126 1.46 -24.07 -13.61
CA LYS E 126 2.45 -23.61 -12.65
C LYS E 126 2.15 -22.20 -12.19
N ALA E 127 1.71 -21.34 -13.10
CA ALA E 127 1.39 -19.97 -12.71
C ALA E 127 0.10 -19.90 -11.90
N ALA E 128 -0.85 -20.80 -12.14
CA ALA E 128 -2.05 -20.84 -11.31
C ALA E 128 -1.73 -21.32 -9.89
N ALA E 129 -0.89 -22.34 -9.78
CA ALA E 129 -0.46 -22.80 -8.46
C ALA E 129 0.36 -21.73 -7.75
N ASP E 130 1.23 -21.03 -8.47
CA ASP E 130 1.97 -19.93 -7.87
C ASP E 130 1.05 -18.80 -7.46
N SER E 131 -0.03 -18.58 -8.21
CA SER E 131 -0.97 -17.51 -7.87
C SER E 131 -1.70 -17.83 -6.60
N ALA E 132 -2.33 -19.01 -6.53
CA ALA E 132 -2.98 -19.44 -5.30
C ALA E 132 -2.02 -19.52 -4.12
N GLU E 133 -0.72 -19.38 -4.38
CA GLU E 133 0.34 -19.47 -3.37
C GLU E 133 0.43 -20.87 -2.79
N LEU E 134 -0.42 -21.78 -3.26
CA LEU E 134 -0.24 -23.18 -2.98
C LEU E 134 1.01 -23.68 -3.70
N PRO E 135 1.57 -24.79 -3.25
CA PRO E 135 2.60 -25.46 -4.05
C PRO E 135 1.97 -26.40 -5.05
N LEU E 136 2.66 -26.59 -6.18
CA LEU E 136 2.06 -27.21 -7.35
C LEU E 136 1.34 -28.52 -7.02
N PHE E 137 1.91 -29.33 -6.14
CA PHE E 137 1.27 -30.60 -5.82
C PHE E 137 -0.03 -30.37 -5.05
N ARG E 138 -0.04 -29.39 -4.15
CA ARG E 138 -1.25 -29.10 -3.39
C ARG E 138 -2.34 -28.54 -4.30
N TYR E 139 -1.97 -27.65 -5.22
CA TYR E 139 -2.96 -27.15 -6.17
C TYR E 139 -3.55 -28.29 -7.00
N VAL E 140 -2.70 -28.99 -7.76
CA VAL E 140 -3.21 -30.00 -8.67
C VAL E 140 -3.92 -31.13 -7.93
N GLY E 141 -3.64 -31.32 -6.64
CA GLY E 141 -4.25 -32.42 -5.93
C GLY E 141 -5.25 -32.02 -4.85
N GLY E 142 -5.26 -30.75 -4.46
CA GLY E 142 -6.20 -30.26 -3.50
C GLY E 142 -5.65 -30.23 -2.09
N PRO E 143 -6.52 -30.50 -1.11
CA PRO E 143 -6.06 -30.51 0.29
C PRO E 143 -5.56 -31.87 0.74
N ASN E 144 -5.99 -32.93 0.07
CA ASN E 144 -5.73 -34.29 0.51
C ASN E 144 -4.51 -34.89 -0.17
N ALA E 145 -3.69 -34.07 -0.83
CA ALA E 145 -2.50 -34.55 -1.52
C ALA E 145 -1.40 -34.75 -0.48
N HIS E 146 -1.20 -35.99 -0.06
CA HIS E 146 -0.25 -36.27 1.01
C HIS E 146 0.61 -37.51 0.80
N ILE E 147 0.40 -38.27 -0.26
CA ILE E 147 1.06 -39.56 -0.40
C ILE E 147 2.33 -39.39 -1.23
N LEU E 148 3.44 -39.87 -0.69
CA LEU E 148 4.71 -39.88 -1.42
C LEU E 148 4.88 -41.21 -2.14
N PRO E 149 5.29 -41.21 -3.40
CA PRO E 149 5.25 -42.43 -4.19
C PRO E 149 6.46 -43.33 -3.94
N VAL E 150 6.29 -44.59 -4.31
CA VAL E 150 7.39 -45.56 -4.20
C VAL E 150 8.28 -45.42 -5.43
N PRO E 151 9.51 -44.95 -5.29
CA PRO E 151 10.37 -44.76 -6.46
C PRO E 151 10.80 -46.09 -7.04
N MET E 152 10.47 -46.33 -8.30
CA MET E 152 10.93 -47.51 -9.02
C MET E 152 12.18 -47.13 -9.78
N MET E 153 13.33 -47.59 -9.31
CA MET E 153 14.62 -47.15 -9.80
C MET E 153 15.16 -48.16 -10.79
N ASN E 154 15.28 -47.73 -12.05
CA ASN E 154 15.84 -48.56 -13.12
C ASN E 154 17.36 -48.58 -12.99
N ILE E 155 17.91 -49.70 -12.53
CA ILE E 155 19.34 -49.76 -12.27
C ILE E 155 20.12 -50.56 -13.31
N LEU E 156 19.47 -51.42 -14.09
CA LEU E 156 20.19 -52.27 -15.04
C LEU E 156 19.41 -52.29 -16.34
N ASN E 157 20.05 -51.80 -17.41
CA ASN E 157 19.40 -51.68 -18.70
C ASN E 157 19.81 -52.81 -19.62
N GLY E 158 18.87 -53.23 -20.48
CA GLY E 158 19.16 -54.25 -21.47
C GLY E 158 18.14 -54.16 -22.60
N GLY E 159 18.33 -55.02 -23.58
CA GLY E 159 17.37 -55.13 -24.68
C GLY E 159 17.69 -54.14 -25.79
N ALA E 160 16.71 -53.32 -26.15
CA ALA E 160 16.86 -52.30 -27.18
C ALA E 160 17.75 -51.16 -26.76
N HIS E 161 18.42 -51.24 -25.61
CA HIS E 161 19.24 -50.15 -25.12
C HIS E 161 20.72 -50.39 -25.32
N ALA E 162 21.17 -51.64 -25.40
CA ALA E 162 22.59 -51.92 -25.60
C ALA E 162 22.72 -53.26 -26.31
N ASP E 163 23.94 -53.51 -26.80
CA ASP E 163 24.28 -54.77 -27.45
C ASP E 163 24.54 -55.81 -26.37
N THR E 164 23.52 -56.60 -26.06
CA THR E 164 23.60 -57.54 -24.95
C THR E 164 22.61 -58.66 -25.20
N ALA E 165 22.88 -59.83 -24.59
CA ALA E 165 22.00 -60.98 -24.75
C ALA E 165 20.62 -60.73 -24.15
N VAL E 166 20.54 -59.88 -23.13
CA VAL E 166 19.26 -59.60 -22.49
C VAL E 166 18.35 -58.84 -23.45
N ASP E 167 17.05 -59.13 -23.39
CA ASP E 167 16.07 -58.37 -24.13
C ASP E 167 14.95 -57.84 -23.25
N ILE E 168 15.02 -58.05 -21.94
CA ILE E 168 14.20 -57.27 -21.01
C ILE E 168 14.76 -55.86 -20.96
N GLN E 169 13.89 -54.87 -21.15
CA GLN E 169 14.39 -53.50 -21.34
C GLN E 169 14.93 -52.92 -20.03
N GLU E 170 14.08 -52.85 -19.01
CA GLU E 170 14.46 -52.18 -17.77
C GLU E 170 14.33 -53.13 -16.59
N PHE E 171 15.35 -53.17 -15.74
CA PHE E 171 15.31 -53.87 -14.46
C PHE E 171 15.29 -52.83 -13.35
N MET E 172 14.22 -52.83 -12.55
CA MET E 172 14.01 -51.81 -11.56
C MET E 172 13.92 -52.42 -10.17
N VAL E 173 14.40 -51.68 -9.18
CA VAL E 173 14.20 -52.03 -7.78
C VAL E 173 13.20 -51.07 -7.18
N ALA E 174 12.54 -51.52 -6.13
CA ALA E 174 11.53 -50.70 -5.49
C ALA E 174 11.61 -50.87 -3.99
N PRO E 175 12.05 -49.86 -3.26
CA PRO E 175 12.12 -49.97 -1.80
C PRO E 175 10.75 -49.86 -1.16
N ILE E 176 10.02 -50.97 -1.10
CA ILE E 176 8.66 -50.93 -0.58
C ILE E 176 8.61 -51.01 0.93
N GLY E 177 9.68 -51.43 1.59
CA GLY E 177 9.69 -51.63 3.02
C GLY E 177 10.20 -50.48 3.85
N ALA E 178 10.45 -49.33 3.25
CA ALA E 178 11.03 -48.21 3.97
C ALA E 178 10.00 -47.54 4.86
N PRO E 179 10.44 -46.94 5.97
CA PRO E 179 9.49 -46.27 6.86
C PRO E 179 9.02 -44.92 6.34
N SER E 180 9.88 -44.23 5.60
CA SER E 180 9.56 -42.93 5.03
C SER E 180 10.12 -42.88 3.62
N PHE E 181 9.94 -41.74 2.96
CA PHE E 181 10.48 -41.60 1.62
C PHE E 181 11.99 -41.39 1.62
N VAL E 182 12.51 -40.69 2.63
CA VAL E 182 13.93 -40.42 2.69
C VAL E 182 14.72 -41.72 2.79
N GLU E 183 14.24 -42.65 3.63
CA GLU E 183 14.92 -43.93 3.74
C GLU E 183 14.76 -44.76 2.47
N ALA E 184 13.64 -44.61 1.75
CA ALA E 184 13.49 -45.29 0.47
C ALA E 184 14.51 -44.80 -0.53
N LEU E 185 14.70 -43.48 -0.62
CA LEU E 185 15.71 -42.93 -1.52
C LEU E 185 17.10 -43.39 -1.11
N ARG E 186 17.38 -43.45 0.20
CA ARG E 186 18.68 -43.93 0.64
C ARG E 186 18.90 -45.37 0.25
N TRP E 187 17.91 -46.23 0.44
CA TRP E 187 18.06 -47.64 0.08
C TRP E 187 18.25 -47.80 -1.41
N GLY E 188 17.53 -47.02 -2.21
CA GLY E 188 17.71 -47.09 -3.65
C GLY E 188 19.12 -46.70 -4.06
N ALA E 189 19.63 -45.59 -3.51
CA ALA E 189 20.98 -45.17 -3.84
C ALA E 189 22.02 -46.19 -3.38
N GLU E 190 21.78 -46.82 -2.24
CA GLU E 190 22.74 -47.80 -1.74
C GLU E 190 22.74 -49.06 -2.59
N VAL E 191 21.57 -49.52 -3.02
CA VAL E 191 21.51 -50.66 -3.93
C VAL E 191 22.19 -50.31 -5.25
N TYR E 192 22.01 -49.08 -5.72
CA TYR E 192 22.65 -48.65 -6.96
C TYR E 192 24.17 -48.72 -6.85
N HIS E 193 24.73 -48.17 -5.77
CA HIS E 193 26.19 -48.21 -5.64
C HIS E 193 26.70 -49.62 -5.38
N ALA E 194 25.95 -50.44 -4.65
CA ALA E 194 26.34 -51.82 -4.48
C ALA E 194 26.41 -52.56 -5.81
N LEU E 195 25.41 -52.35 -6.66
CA LEU E 195 25.44 -52.98 -7.98
C LEU E 195 26.61 -52.46 -8.81
N LYS E 196 26.91 -51.17 -8.70
CA LYS E 196 28.08 -50.63 -9.39
C LYS E 196 29.33 -51.36 -8.97
N SER E 197 29.50 -51.60 -7.66
CA SER E 197 30.68 -52.32 -7.19
C SER E 197 30.69 -53.76 -7.69
N VAL E 198 29.54 -54.44 -7.63
CA VAL E 198 29.45 -55.82 -8.09
C VAL E 198 29.83 -55.93 -9.56
N LEU E 199 29.38 -54.98 -10.37
CA LEU E 199 29.73 -54.98 -11.79
C LEU E 199 31.21 -54.71 -11.99
N LYS E 200 31.73 -53.66 -11.35
CA LYS E 200 33.15 -53.32 -11.51
C LYS E 200 34.05 -54.47 -11.09
N LYS E 201 33.60 -55.30 -10.14
CA LYS E 201 34.43 -56.43 -9.71
C LYS E 201 34.61 -57.43 -10.84
N GLU E 202 33.56 -57.72 -11.60
CA GLU E 202 33.60 -58.73 -12.65
C GLU E 202 34.05 -58.16 -13.99
N GLY E 203 34.75 -57.03 -13.98
CA GLY E 203 35.24 -56.44 -15.21
C GLY E 203 34.16 -56.08 -16.22
N LEU E 204 32.97 -55.72 -15.75
CA LEU E 204 31.87 -55.36 -16.62
C LEU E 204 31.80 -53.84 -16.77
N SER E 205 31.10 -53.41 -17.82
CA SER E 205 31.09 -52.01 -18.18
C SER E 205 30.24 -51.19 -17.21
N THR E 206 30.73 -50.00 -16.87
CA THR E 206 30.03 -49.07 -15.99
C THR E 206 29.67 -47.80 -16.74
N GLY E 207 29.19 -47.95 -17.98
CA GLY E 207 28.77 -46.83 -18.79
C GLY E 207 27.28 -46.62 -18.71
N LEU E 208 26.88 -45.46 -18.20
CA LEU E 208 25.48 -45.20 -17.93
C LEU E 208 24.71 -44.99 -19.23
N GLY E 209 23.49 -45.52 -19.26
CA GLY E 209 22.59 -45.31 -20.38
C GLY E 209 21.97 -43.94 -20.34
N ASP E 210 20.73 -43.84 -20.81
CA ASP E 210 20.00 -42.58 -20.76
C ASP E 210 19.25 -42.40 -19.45
N GLU E 211 19.13 -43.44 -18.64
CA GLU E 211 18.41 -43.38 -17.37
C GLU E 211 19.34 -43.48 -16.17
N GLY E 212 20.66 -43.49 -16.39
CA GLY E 212 21.60 -43.73 -15.33
C GLY E 212 21.82 -45.19 -14.99
N GLY E 213 20.98 -46.09 -15.48
CA GLY E 213 21.18 -47.50 -15.23
C GLY E 213 22.35 -48.04 -16.02
N PHE E 214 22.83 -49.21 -15.60
CA PHE E 214 23.98 -49.82 -16.22
C PHE E 214 23.56 -50.68 -17.40
N ALA E 215 24.53 -50.99 -18.26
CA ALA E 215 24.32 -51.86 -19.41
C ALA E 215 25.45 -52.88 -19.46
N PRO E 216 25.41 -53.90 -18.61
CA PRO E 216 26.42 -54.94 -18.65
C PRO E 216 26.00 -56.12 -19.54
N ASP E 217 27.01 -56.84 -20.00
CA ASP E 217 26.79 -58.01 -20.86
C ASP E 217 26.63 -59.25 -19.96
N VAL E 218 25.46 -59.36 -19.36
CA VAL E 218 25.17 -60.50 -18.50
C VAL E 218 24.56 -61.61 -19.35
N ALA E 219 24.54 -62.82 -18.80
CA ALA E 219 24.11 -63.98 -19.56
C ALA E 219 22.65 -63.86 -20.00
N GLY E 220 21.73 -63.82 -19.04
CA GLY E 220 20.32 -63.76 -19.38
C GLY E 220 19.47 -63.07 -18.33
N THR E 221 18.16 -63.09 -18.55
CA THR E 221 17.24 -62.44 -17.60
C THR E 221 17.43 -62.99 -16.20
N THR E 222 17.52 -64.31 -16.06
CA THR E 222 17.69 -64.90 -14.73
C THR E 222 19.01 -64.48 -14.11
N ALA E 223 20.08 -64.44 -14.90
CA ALA E 223 21.37 -63.97 -14.39
C ALA E 223 21.28 -62.51 -13.97
N ALA E 224 20.52 -61.71 -14.72
CA ALA E 224 20.37 -60.30 -14.36
C ALA E 224 19.64 -60.15 -13.04
N LEU E 225 18.53 -60.86 -12.87
CA LEU E 225 17.79 -60.79 -11.61
C LEU E 225 18.62 -61.29 -10.45
N ASP E 226 19.45 -62.32 -10.69
CA ASP E 226 20.30 -62.83 -9.62
C ASP E 226 21.39 -61.82 -9.26
N LEU E 227 21.93 -61.12 -10.26
CA LEU E 227 22.90 -60.07 -10.00
C LEU E 227 22.28 -58.94 -9.18
N ILE E 228 21.03 -58.58 -9.53
CA ILE E 228 20.33 -57.53 -8.78
C ILE E 228 20.09 -57.98 -7.35
N SER E 229 19.72 -59.25 -7.15
CA SER E 229 19.51 -59.75 -5.80
C SER E 229 20.81 -59.76 -5.01
N ARG E 230 21.92 -60.09 -5.66
CA ARG E 230 23.21 -60.01 -4.99
C ARG E 230 23.53 -58.58 -4.57
N ALA E 231 23.21 -57.63 -5.43
CA ALA E 231 23.46 -56.23 -5.08
C ALA E 231 22.57 -55.78 -3.93
N ILE E 232 21.33 -56.25 -3.89
CA ILE E 232 20.45 -55.91 -2.77
C ILE E 232 20.98 -56.51 -1.48
N GLU E 233 21.46 -57.75 -1.53
CA GLU E 233 22.02 -58.37 -0.33
C GLU E 233 23.27 -57.64 0.13
N SER E 234 24.13 -57.24 -0.80
CA SER E 234 25.37 -56.58 -0.44
C SER E 234 25.15 -55.20 0.17
N ALA E 235 23.98 -54.60 -0.07
CA ALA E 235 23.70 -53.28 0.48
C ALA E 235 23.38 -53.34 1.97
N GLY E 236 22.88 -54.48 2.44
CA GLY E 236 22.45 -54.62 3.81
C GLY E 236 20.96 -54.79 3.98
N LEU E 237 20.23 -55.15 2.94
CA LEU E 237 18.78 -55.21 2.95
C LEU E 237 18.32 -56.64 2.65
N ARG E 238 17.02 -56.86 2.75
CA ARG E 238 16.45 -58.18 2.50
C ARG E 238 15.59 -58.13 1.25
N PRO E 239 15.92 -58.90 0.21
CA PRO E 239 15.08 -58.89 -1.00
C PRO E 239 13.64 -59.30 -0.68
N GLY E 240 12.71 -58.50 -1.15
CA GLY E 240 11.30 -58.76 -0.92
C GLY E 240 10.72 -58.09 0.29
N ALA E 241 11.40 -58.21 1.43
CA ALA E 241 10.92 -57.56 2.64
C ALA E 241 11.27 -56.08 2.66
N ASP E 242 12.46 -55.73 2.17
CA ASP E 242 12.88 -54.34 2.06
C ASP E 242 12.75 -53.83 0.63
N VAL E 243 13.39 -54.49 -0.32
CA VAL E 243 13.41 -54.05 -1.72
C VAL E 243 12.82 -55.15 -2.58
N ALA E 244 11.92 -54.76 -3.48
CA ALA E 244 11.32 -55.68 -4.45
C ALA E 244 11.85 -55.38 -5.84
N LEU E 245 11.46 -56.22 -6.80
CA LEU E 245 11.93 -56.10 -8.17
C LEU E 245 10.77 -55.79 -9.11
N ALA E 246 11.11 -55.26 -10.28
CA ALA E 246 10.14 -54.96 -11.31
C ALA E 246 10.81 -54.99 -12.66
N LEU E 247 10.02 -55.29 -13.69
CA LEU E 247 10.51 -55.42 -15.05
C LEU E 247 9.78 -54.47 -16.00
N ASP E 248 10.50 -54.07 -17.04
CA ASP E 248 9.93 -53.43 -18.22
C ASP E 248 10.40 -54.27 -19.40
N ALA E 249 9.54 -55.16 -19.87
CA ALA E 249 9.93 -56.12 -20.90
C ALA E 249 10.04 -55.46 -22.27
N ALA E 250 9.05 -54.63 -22.62
CA ALA E 250 8.98 -53.99 -23.93
C ALA E 250 9.06 -55.03 -25.04
N ALA E 251 8.11 -55.96 -24.99
CA ALA E 251 8.15 -57.14 -25.86
C ALA E 251 8.07 -56.77 -27.33
N THR E 252 7.50 -55.61 -27.66
CA THR E 252 7.45 -55.18 -29.05
C THR E 252 8.84 -55.10 -29.67
N GLU E 253 9.86 -54.86 -28.84
CA GLU E 253 11.21 -54.76 -29.35
C GLU E 253 11.80 -56.10 -29.76
N PHE E 254 11.12 -57.21 -29.49
CA PHE E 254 11.62 -58.50 -29.94
C PHE E 254 10.50 -59.40 -30.44
N PHE E 255 9.41 -58.82 -30.93
CA PHE E 255 8.29 -59.57 -31.47
C PHE E 255 8.21 -59.32 -32.97
N THR E 256 8.55 -60.35 -33.76
CA THR E 256 8.38 -60.30 -35.20
C THR E 256 6.96 -60.71 -35.53
N ASP E 257 6.20 -59.78 -36.12
CA ASP E 257 4.79 -60.03 -36.40
C ASP E 257 4.63 -61.24 -37.30
N GLY E 258 3.78 -62.18 -36.89
CA GLY E 258 3.57 -63.41 -37.61
C GLY E 258 4.58 -64.50 -37.33
N THR E 259 5.66 -64.21 -36.62
CA THR E 259 6.68 -65.19 -36.27
C THR E 259 6.69 -65.53 -34.80
N GLY E 260 6.74 -64.53 -33.93
CA GLY E 260 6.71 -64.76 -32.49
C GLY E 260 7.80 -63.98 -31.77
N TYR E 261 7.71 -64.02 -30.45
CA TYR E 261 8.64 -63.32 -29.57
C TYR E 261 9.96 -64.09 -29.56
N VAL E 262 10.95 -63.57 -30.28
CA VAL E 262 12.28 -64.18 -30.31
C VAL E 262 12.97 -63.83 -28.99
N PHE E 263 12.94 -64.76 -28.04
CA PHE E 263 13.54 -64.56 -26.72
C PHE E 263 14.72 -65.49 -26.56
N GLU E 264 15.91 -64.91 -26.40
CA GLU E 264 17.14 -65.66 -26.12
C GLU E 264 17.42 -66.71 -27.20
N GLY E 265 17.02 -66.44 -28.43
CA GLY E 265 17.30 -67.34 -29.53
C GLY E 265 16.30 -68.46 -29.72
N THR E 266 15.12 -68.39 -29.10
CA THR E 266 14.10 -69.41 -29.26
C THR E 266 12.77 -68.73 -29.52
N THR E 267 12.16 -69.02 -30.66
CA THR E 267 10.87 -68.42 -30.98
C THR E 267 9.79 -69.05 -30.12
N ARG E 268 9.00 -68.20 -29.45
CA ARG E 268 7.97 -68.66 -28.53
C ARG E 268 6.66 -67.95 -28.84
N THR E 269 5.57 -68.60 -28.45
CA THR E 269 4.25 -68.00 -28.54
C THR E 269 3.99 -67.17 -27.28
N ALA E 270 2.81 -66.57 -27.20
CA ALA E 270 2.44 -65.86 -25.98
C ALA E 270 2.40 -66.79 -24.78
N ASP E 271 2.02 -68.05 -24.99
CA ASP E 271 1.91 -68.99 -23.90
C ASP E 271 3.25 -69.23 -23.23
N GLN E 272 4.30 -69.44 -24.02
CA GLN E 272 5.61 -69.71 -23.44
C GLN E 272 6.21 -68.47 -22.79
N MET E 273 5.91 -67.27 -23.31
CA MET E 273 6.31 -66.06 -22.63
C MET E 273 5.62 -65.94 -21.28
N THR E 274 4.33 -66.29 -21.22
CA THR E 274 3.63 -66.30 -19.93
C THR E 274 4.24 -67.33 -18.98
N GLU E 275 4.68 -68.47 -19.51
CA GLU E 275 5.34 -69.46 -18.66
C GLU E 275 6.66 -68.93 -18.12
N PHE E 276 7.43 -68.25 -18.95
CA PHE E 276 8.66 -67.63 -18.50
C PHE E 276 8.39 -66.59 -17.41
N TYR E 277 7.34 -65.79 -17.60
CA TYR E 277 6.98 -64.81 -16.59
C TYR E 277 6.54 -65.47 -15.29
N ALA E 278 5.83 -66.59 -15.38
CA ALA E 278 5.39 -67.28 -14.17
C ALA E 278 6.59 -67.85 -13.42
N GLY E 279 7.55 -68.43 -14.14
CA GLY E 279 8.76 -68.89 -13.48
C GLY E 279 9.52 -67.76 -12.81
N LEU E 280 9.67 -66.63 -13.51
CA LEU E 280 10.31 -65.46 -12.92
C LEU E 280 9.60 -65.04 -11.64
N LEU E 281 8.27 -64.86 -11.73
CA LEU E 281 7.50 -64.43 -10.57
C LEU E 281 7.65 -65.39 -9.41
N GLY E 282 7.75 -66.68 -9.70
CA GLY E 282 7.94 -67.66 -8.64
C GLY E 282 9.29 -67.51 -7.97
N ALA E 283 10.36 -67.46 -8.77
CA ALA E 283 11.70 -67.50 -8.18
C ALA E 283 12.21 -66.16 -7.69
N TYR E 284 11.44 -65.07 -7.82
CA TYR E 284 11.92 -63.75 -7.45
C TYR E 284 10.78 -62.94 -6.88
N PRO E 285 11.07 -61.92 -6.07
CA PRO E 285 10.01 -61.08 -5.49
C PRO E 285 9.56 -59.96 -6.44
N LEU E 286 9.17 -60.36 -7.65
CA LEU E 286 8.69 -59.39 -8.63
C LEU E 286 7.33 -58.86 -8.20
N VAL E 287 7.15 -57.55 -8.30
CA VAL E 287 5.88 -56.92 -7.93
C VAL E 287 5.18 -56.26 -9.10
N SER E 288 5.83 -56.15 -10.26
CA SER E 288 5.24 -55.44 -11.39
C SER E 288 6.01 -55.76 -12.66
N ILE E 289 5.29 -56.00 -13.74
CA ILE E 289 5.87 -56.20 -15.06
C ILE E 289 5.19 -55.25 -16.03
N GLU E 290 5.97 -54.59 -16.87
CA GLU E 290 5.48 -53.53 -17.75
C GLU E 290 5.60 -53.97 -19.20
N ASP E 291 4.50 -53.84 -19.95
CA ASP E 291 4.41 -54.29 -21.33
C ASP E 291 4.98 -55.70 -21.48
N PRO E 292 4.30 -56.71 -20.97
CA PRO E 292 4.83 -58.08 -21.09
C PRO E 292 4.71 -58.64 -22.50
N LEU E 293 3.75 -58.18 -23.28
CA LEU E 293 3.56 -58.62 -24.67
C LEU E 293 3.36 -57.40 -25.56
N SER E 294 3.20 -57.64 -26.85
CA SER E 294 3.11 -56.57 -27.82
C SER E 294 1.85 -55.74 -27.60
N GLU E 295 1.80 -54.56 -28.23
CA GLU E 295 0.72 -53.61 -28.02
C GLU E 295 -0.45 -53.84 -28.95
N ASP E 296 -0.43 -54.91 -29.74
CA ASP E 296 -1.56 -55.28 -30.57
C ASP E 296 -2.10 -56.67 -30.24
N ASP E 297 -1.37 -57.45 -29.45
CA ASP E 297 -1.77 -58.80 -29.09
C ASP E 297 -2.73 -58.75 -27.91
N TRP E 298 -3.91 -58.17 -28.17
CA TRP E 298 -4.91 -58.01 -27.13
C TRP E 298 -5.30 -59.35 -26.51
N ASP E 299 -5.52 -60.36 -27.36
CA ASP E 299 -5.91 -61.67 -26.84
C ASP E 299 -4.82 -62.29 -25.97
N GLY E 300 -3.57 -62.19 -26.40
CA GLY E 300 -2.48 -62.67 -25.57
C GLY E 300 -2.39 -61.91 -24.27
N TRP E 301 -2.70 -60.62 -24.29
CA TRP E 301 -2.69 -59.83 -23.07
C TRP E 301 -3.78 -60.29 -22.12
N ALA E 302 -4.97 -60.59 -22.64
CA ALA E 302 -6.04 -61.11 -21.79
C ALA E 302 -5.66 -62.46 -21.20
N ALA E 303 -5.03 -63.31 -22.01
CA ALA E 303 -4.59 -64.61 -21.52
C ALA E 303 -3.57 -64.46 -20.39
N LEU E 304 -2.58 -63.58 -20.58
CA LEU E 304 -1.55 -63.38 -19.58
C LEU E 304 -2.13 -62.73 -18.31
N THR E 305 -3.07 -61.80 -18.48
CA THR E 305 -3.72 -61.18 -17.32
C THR E 305 -4.54 -62.21 -16.54
N ALA E 306 -5.18 -63.14 -17.23
CA ALA E 306 -5.87 -64.21 -16.51
C ALA E 306 -4.89 -65.13 -15.82
N SER E 307 -3.74 -65.38 -16.44
CA SER E 307 -2.80 -66.37 -15.91
C SER E 307 -2.05 -65.85 -14.69
N ILE E 308 -1.49 -64.64 -14.76
CA ILE E 308 -0.65 -64.13 -13.69
C ILE E 308 -1.09 -62.74 -13.25
N GLY E 309 -2.29 -62.32 -13.63
CA GLY E 309 -2.67 -60.94 -13.41
C GLY E 309 -3.31 -60.63 -12.08
N ASP E 310 -3.08 -61.49 -11.09
CA ASP E 310 -3.46 -61.18 -9.72
C ASP E 310 -2.37 -61.51 -8.73
N ARG E 311 -1.24 -62.03 -9.19
CA ARG E 311 -0.04 -62.19 -8.37
C ARG E 311 1.00 -61.11 -8.62
N VAL E 312 0.72 -60.18 -9.54
CA VAL E 312 1.71 -59.18 -9.94
C VAL E 312 0.97 -58.07 -10.66
N GLN E 313 1.60 -56.90 -10.73
CA GLN E 313 1.05 -55.75 -11.42
C GLN E 313 1.41 -55.81 -12.90
N ILE E 314 0.42 -55.56 -13.76
CA ILE E 314 0.60 -55.62 -15.20
C ILE E 314 0.47 -54.20 -15.73
N VAL E 315 1.60 -53.60 -16.08
CA VAL E 315 1.63 -52.20 -16.49
C VAL E 315 1.51 -52.12 -18.01
N GLY E 316 0.53 -51.36 -18.49
CA GLY E 316 0.39 -51.13 -19.91
C GLY E 316 1.08 -49.85 -20.35
N ASP E 317 2.27 -49.97 -20.92
CA ASP E 317 3.04 -48.82 -21.36
C ASP E 317 2.74 -48.45 -22.80
N ASP E 318 2.81 -49.43 -23.71
CA ASP E 318 2.55 -49.19 -25.12
C ASP E 318 1.16 -49.62 -25.56
N ILE E 319 0.59 -50.67 -24.96
CA ILE E 319 -0.72 -51.13 -25.38
C ILE E 319 -1.76 -50.04 -25.15
N PHE E 320 -1.56 -49.21 -24.13
CA PHE E 320 -2.27 -47.96 -23.99
C PHE E 320 -1.24 -46.85 -24.12
N VAL E 321 -1.65 -45.72 -24.65
CA VAL E 321 -0.68 -44.66 -24.92
C VAL E 321 -1.11 -43.44 -24.12
N THR E 322 -1.65 -43.68 -22.93
CA THR E 322 -2.25 -42.63 -22.09
C THR E 322 -3.44 -42.00 -22.78
N ASN E 323 -4.01 -42.70 -23.75
CA ASN E 323 -5.21 -42.29 -24.45
C ASN E 323 -6.42 -42.93 -23.79
N PRO E 324 -7.41 -42.15 -23.38
CA PRO E 324 -8.60 -42.75 -22.76
C PRO E 324 -9.35 -43.70 -23.70
N GLU E 325 -9.35 -43.40 -25.00
CA GLU E 325 -10.13 -44.19 -25.95
C GLU E 325 -9.60 -45.61 -26.05
N ARG E 326 -8.28 -45.79 -25.93
CA ARG E 326 -7.74 -47.14 -25.89
C ARG E 326 -7.78 -47.71 -24.49
N LEU E 327 -7.79 -46.85 -23.47
CA LEU E 327 -7.83 -47.33 -22.09
C LEU E 327 -9.16 -48.01 -21.79
N GLU E 328 -10.26 -47.41 -22.23
CA GLU E 328 -11.56 -48.06 -22.04
C GLU E 328 -11.62 -49.41 -22.73
N GLU E 329 -11.10 -49.48 -23.96
CA GLU E 329 -11.10 -50.74 -24.70
C GLU E 329 -10.25 -51.80 -24.02
N GLY E 330 -9.16 -51.40 -23.37
CA GLY E 330 -8.37 -52.36 -22.62
C GLY E 330 -8.97 -52.71 -21.28
N ILE E 331 -9.78 -51.82 -20.72
CA ILE E 331 -10.50 -52.14 -19.49
C ILE E 331 -11.54 -53.21 -19.75
N GLU E 332 -12.35 -53.04 -20.80
CA GLU E 332 -13.46 -53.95 -21.05
C GLU E 332 -12.99 -55.36 -21.36
N ARG E 333 -11.82 -55.51 -21.98
CA ARG E 333 -11.35 -56.83 -22.40
C ARG E 333 -10.46 -57.51 -21.37
N GLY E 334 -10.43 -57.01 -20.14
CA GLY E 334 -9.65 -57.64 -19.09
C GLY E 334 -8.17 -57.71 -19.39
N VAL E 335 -7.50 -56.56 -19.43
CA VAL E 335 -6.11 -56.48 -19.84
C VAL E 335 -5.41 -55.39 -19.03
N ALA E 336 -4.21 -55.68 -18.53
CA ALA E 336 -3.28 -54.67 -18.05
C ALA E 336 -3.87 -53.87 -16.88
N ASN E 337 -3.92 -54.52 -15.71
CA ASN E 337 -4.41 -53.85 -14.52
C ASN E 337 -3.42 -52.82 -13.97
N ALA E 338 -2.94 -51.92 -14.82
CA ALA E 338 -2.10 -50.79 -14.43
C ALA E 338 -1.85 -49.91 -15.65
N LEU E 339 -1.73 -48.61 -15.41
CA LEU E 339 -1.49 -47.63 -16.45
C LEU E 339 -0.15 -46.94 -16.19
N LEU E 340 0.41 -46.34 -17.24
CA LEU E 340 1.67 -45.60 -17.14
C LEU E 340 1.45 -44.22 -17.73
N VAL E 341 1.46 -43.20 -16.89
CA VAL E 341 1.02 -41.86 -17.26
C VAL E 341 2.25 -41.05 -17.69
N LYS E 342 2.40 -40.87 -19.00
CA LYS E 342 3.40 -39.96 -19.56
C LYS E 342 2.67 -38.73 -20.08
N VAL E 343 3.10 -37.55 -19.62
CA VAL E 343 2.28 -36.35 -19.77
C VAL E 343 2.34 -35.83 -21.20
N ASN E 344 3.42 -36.09 -21.93
CA ASN E 344 3.56 -35.55 -23.27
C ASN E 344 3.06 -36.50 -24.34
N GLN E 345 2.55 -37.66 -23.97
CA GLN E 345 1.87 -38.52 -24.92
C GLN E 345 0.39 -38.18 -25.06
N ILE E 346 -0.13 -37.30 -24.21
CA ILE E 346 -1.52 -36.90 -24.30
C ILE E 346 -1.69 -35.44 -24.68
N GLY E 347 -0.80 -34.55 -24.24
CA GLY E 347 -0.69 -33.20 -24.77
C GLY E 347 -1.11 -32.11 -23.81
N THR E 348 -1.97 -32.40 -22.84
CA THR E 348 -2.40 -31.40 -21.87
C THR E 348 -2.43 -32.01 -20.47
N LEU E 349 -2.43 -31.11 -19.48
CA LEU E 349 -2.61 -31.55 -18.10
C LEU E 349 -4.03 -32.06 -17.87
N THR E 350 -5.01 -31.39 -18.48
CA THR E 350 -6.41 -31.77 -18.28
C THR E 350 -6.68 -33.19 -18.74
N GLU E 351 -6.27 -33.51 -19.98
CA GLU E 351 -6.50 -34.86 -20.48
C GLU E 351 -5.72 -35.88 -19.68
N THR E 352 -4.57 -35.47 -19.13
CA THR E 352 -3.81 -36.34 -18.23
C THR E 352 -4.63 -36.70 -17.02
N LEU E 353 -5.18 -35.68 -16.34
CA LEU E 353 -5.99 -35.93 -15.16
C LEU E 353 -7.22 -36.76 -15.48
N ASP E 354 -7.82 -36.51 -16.65
CA ASP E 354 -9.01 -37.28 -17.01
C ASP E 354 -8.68 -38.74 -17.25
N ALA E 355 -7.57 -39.02 -17.94
CA ALA E 355 -7.21 -40.41 -18.17
C ALA E 355 -6.81 -41.11 -16.88
N VAL E 356 -6.14 -40.39 -15.97
CA VAL E 356 -5.76 -41.05 -14.71
C VAL E 356 -7.00 -41.31 -13.86
N THR E 357 -7.99 -40.41 -13.91
CA THR E 357 -9.27 -40.68 -13.24
C THR E 357 -9.93 -41.92 -13.82
N LEU E 358 -10.04 -41.98 -15.15
CA LEU E 358 -10.66 -43.13 -15.79
C LEU E 358 -9.96 -44.43 -15.46
N ALA E 359 -8.64 -44.41 -15.30
CA ALA E 359 -7.93 -45.63 -14.93
C ALA E 359 -8.01 -45.93 -13.44
N HIS E 360 -8.22 -44.90 -12.61
CA HIS E 360 -8.42 -45.14 -11.18
C HIS E 360 -9.75 -45.83 -10.94
N HIS E 361 -10.81 -45.30 -11.52
CA HIS E 361 -12.13 -45.87 -11.27
C HIS E 361 -12.35 -47.20 -11.93
N GLY E 362 -11.33 -47.81 -12.53
CA GLY E 362 -11.45 -49.13 -13.10
C GLY E 362 -10.65 -50.21 -12.41
N GLY E 363 -10.08 -49.93 -11.24
CA GLY E 363 -9.27 -50.91 -10.55
C GLY E 363 -7.83 -50.96 -10.99
N TYR E 364 -7.36 -49.95 -11.72
CA TYR E 364 -6.01 -49.93 -12.26
C TYR E 364 -5.17 -48.95 -11.46
N ARG E 365 -4.01 -49.41 -10.99
CA ARG E 365 -3.03 -48.49 -10.45
C ARG E 365 -2.32 -47.76 -11.57
N THR E 366 -1.90 -46.53 -11.30
CA THR E 366 -1.18 -45.74 -12.29
C THR E 366 0.26 -45.52 -11.83
N MET E 367 1.07 -44.96 -12.72
CA MET E 367 2.49 -44.77 -12.43
C MET E 367 3.00 -43.62 -13.30
N ILE E 368 3.19 -42.46 -12.69
CA ILE E 368 3.78 -41.34 -13.42
C ILE E 368 5.18 -41.71 -13.87
N SER E 369 5.46 -41.48 -15.15
CA SER E 369 6.70 -41.93 -15.75
C SER E 369 7.42 -40.79 -16.43
N HIS E 370 8.68 -41.02 -16.75
CA HIS E 370 9.57 -40.04 -17.36
C HIS E 370 9.78 -40.38 -18.82
N ARG E 371 10.51 -39.51 -19.52
CA ARG E 371 10.88 -39.73 -20.90
C ARG E 371 12.38 -39.95 -21.01
N SER E 372 12.81 -40.34 -22.20
CA SER E 372 14.24 -40.53 -22.42
C SER E 372 14.97 -39.19 -22.39
N GLY E 373 14.41 -38.18 -23.02
CA GLY E 373 14.97 -36.85 -22.91
C GLY E 373 14.20 -35.96 -21.96
N GLU E 374 14.71 -35.81 -20.75
CA GLU E 374 14.10 -34.96 -19.74
C GLU E 374 14.87 -33.66 -19.63
N THR E 375 14.41 -32.80 -18.73
CA THR E 375 15.08 -31.53 -18.47
C THR E 375 15.21 -31.34 -16.95
N GLU E 376 15.61 -30.16 -16.52
CA GLU E 376 15.66 -29.85 -15.11
C GLU E 376 14.29 -29.51 -14.53
N ASP E 377 13.21 -29.77 -15.28
CA ASP E 377 11.86 -29.53 -14.82
C ASP E 377 11.41 -30.67 -13.93
N THR E 378 10.92 -30.35 -12.74
CA THR E 378 10.53 -31.34 -11.75
C THR E 378 9.01 -31.40 -11.55
N MET E 379 8.27 -31.27 -12.64
CA MET E 379 6.81 -31.20 -12.54
C MET E 379 6.19 -32.57 -12.30
N ILE E 380 6.77 -33.65 -12.83
CA ILE E 380 6.14 -34.95 -12.68
C ILE E 380 6.20 -35.45 -11.25
N ALA E 381 7.12 -34.93 -10.43
CA ALA E 381 7.10 -35.24 -9.01
C ALA E 381 5.87 -34.67 -8.33
N ASP E 382 5.63 -33.37 -8.51
CA ASP E 382 4.43 -32.74 -8.01
C ASP E 382 3.18 -33.45 -8.53
N LEU E 383 3.23 -33.88 -9.79
CA LEU E 383 2.05 -34.51 -10.38
C LEU E 383 1.82 -35.91 -9.81
N ALA E 384 2.88 -36.64 -9.48
CA ALA E 384 2.71 -37.96 -8.88
C ALA E 384 2.29 -37.86 -7.43
N VAL E 385 2.60 -36.75 -6.76
CA VAL E 385 2.07 -36.54 -5.42
C VAL E 385 0.61 -36.13 -5.47
N ALA E 386 0.27 -35.23 -6.41
CA ALA E 386 -1.09 -34.69 -6.47
C ALA E 386 -2.11 -35.77 -6.78
N ILE E 387 -1.93 -36.50 -7.88
CA ILE E 387 -2.87 -37.55 -8.23
C ILE E 387 -2.83 -38.72 -7.25
N GLY E 388 -1.86 -38.73 -6.34
CA GLY E 388 -1.77 -39.81 -5.37
C GLY E 388 -1.58 -41.18 -5.99
N SER E 389 -0.69 -41.30 -6.98
CA SER E 389 -0.53 -42.58 -7.66
C SER E 389 0.12 -43.61 -6.77
N GLY E 390 1.01 -43.20 -5.86
CA GLY E 390 1.70 -44.16 -5.04
C GLY E 390 2.79 -44.93 -5.74
N GLN E 391 3.12 -44.56 -6.97
CA GLN E 391 4.24 -45.12 -7.71
C GLN E 391 4.80 -44.03 -8.60
N ILE E 392 6.09 -44.10 -8.85
CA ILE E 392 6.73 -43.21 -9.82
C ILE E 392 7.90 -43.96 -10.44
N LYS E 393 8.18 -43.64 -11.69
CA LYS E 393 9.27 -44.25 -12.45
C LYS E 393 10.06 -43.10 -13.06
N THR E 394 11.18 -42.73 -12.44
CA THR E 394 11.95 -41.60 -12.92
C THR E 394 13.44 -41.90 -12.88
N GLY E 395 13.82 -43.15 -13.11
CA GLY E 395 15.20 -43.49 -13.39
C GLY E 395 16.01 -43.83 -12.15
N ALA E 396 17.30 -44.02 -12.39
CA ALA E 396 18.23 -44.34 -11.33
C ALA E 396 18.71 -43.08 -10.63
N PRO E 397 19.16 -43.20 -9.38
CA PRO E 397 19.71 -42.02 -8.70
C PRO E 397 21.04 -41.58 -9.27
N ALA E 398 21.02 -41.07 -10.50
CA ALA E 398 22.18 -40.49 -11.15
C ALA E 398 21.66 -39.62 -12.29
N ARG E 399 22.56 -38.88 -12.92
CA ARG E 399 22.17 -38.06 -14.06
C ARG E 399 21.08 -37.07 -13.67
N SER E 400 21.46 -36.00 -12.97
CA SER E 400 20.55 -35.20 -12.17
C SER E 400 19.28 -34.74 -12.87
N GLU E 401 19.12 -35.00 -14.17
CA GLU E 401 17.78 -34.88 -14.74
C GLU E 401 16.82 -35.91 -14.14
N ARG E 402 17.35 -37.02 -13.63
CA ARG E 402 16.55 -37.98 -12.89
C ARG E 402 16.52 -37.68 -11.41
N VAL E 403 17.60 -37.14 -10.86
CA VAL E 403 17.69 -36.91 -9.42
C VAL E 403 16.99 -35.62 -9.01
N ALA E 404 16.79 -34.68 -9.93
CA ALA E 404 16.01 -33.50 -9.62
C ALA E 404 14.61 -33.87 -9.15
N LYS E 405 14.04 -34.92 -9.74
CA LYS E 405 12.72 -35.39 -9.33
C LYS E 405 12.73 -35.89 -7.89
N TYR E 406 13.74 -36.68 -7.54
CA TYR E 406 13.84 -37.19 -6.17
C TYR E 406 14.10 -36.07 -5.17
N ASN E 407 14.91 -35.08 -5.56
CA ASN E 407 15.13 -33.94 -4.68
C ASN E 407 13.85 -33.16 -4.47
N GLN E 408 13.04 -32.99 -5.52
CA GLN E 408 11.78 -32.30 -5.35
C GLN E 408 10.82 -33.10 -4.48
N LEU E 409 10.85 -34.43 -4.59
CA LEU E 409 10.01 -35.24 -3.70
C LEU E 409 10.47 -35.13 -2.26
N LEU E 410 11.78 -35.02 -2.03
CA LEU E 410 12.27 -34.76 -0.67
C LEU E 410 11.75 -33.43 -0.14
N ARG E 411 11.81 -32.39 -0.96
CA ARG E 411 11.28 -31.09 -0.53
C ARG E 411 9.78 -31.15 -0.29
N ILE E 412 9.06 -31.90 -1.11
CA ILE E 412 7.62 -32.05 -0.92
C ILE E 412 7.33 -32.71 0.41
N GLU E 413 8.06 -33.78 0.73
CA GLU E 413 7.86 -34.47 1.99
C GLU E 413 8.18 -33.56 3.16
N GLU E 414 9.25 -32.78 3.05
CA GLU E 414 9.61 -31.86 4.11
C GLU E 414 8.57 -30.77 4.28
N ALA E 415 7.96 -30.33 3.18
CA ALA E 415 6.95 -29.28 3.25
C ALA E 415 5.65 -29.80 3.84
N LEU E 416 5.26 -31.01 3.49
CA LEU E 416 4.14 -31.66 4.16
C LEU E 416 4.41 -31.77 5.65
N GLY E 417 5.45 -32.47 6.02
CA GLY E 417 5.81 -32.61 7.44
C GLY E 417 5.14 -33.84 8.05
N ASP E 418 4.38 -33.62 9.11
CA ASP E 418 3.68 -34.73 9.76
C ASP E 418 2.57 -35.29 8.90
N ALA E 419 2.09 -34.52 7.92
CA ALA E 419 0.98 -34.96 7.10
C ALA E 419 1.39 -36.04 6.12
N ALA E 420 2.64 -36.04 5.68
CA ALA E 420 3.07 -36.93 4.60
C ALA E 420 2.93 -38.38 5.01
N ARG E 421 2.75 -39.23 4.00
CA ARG E 421 2.71 -40.68 4.18
C ARG E 421 3.45 -41.34 3.05
N TYR E 422 4.31 -42.29 3.37
CA TYR E 422 4.97 -43.07 2.34
C TYR E 422 4.07 -44.20 1.89
N ALA E 423 3.93 -44.36 0.58
CA ALA E 423 3.03 -45.33 -0.01
C ALA E 423 3.60 -46.73 -0.06
N GLY E 424 4.68 -47.02 0.68
CA GLY E 424 5.30 -48.32 0.57
C GLY E 424 4.45 -49.41 1.19
N ASP E 425 4.42 -50.56 0.52
CA ASP E 425 3.69 -51.78 0.90
C ASP E 425 2.18 -51.62 0.82
N LEU E 426 1.67 -50.43 0.51
CA LEU E 426 0.26 -50.24 0.22
C LEU E 426 0.03 -50.07 -1.27
N ALA E 427 1.07 -50.20 -2.09
CA ALA E 427 0.95 -50.07 -3.53
C ALA E 427 1.22 -51.36 -4.26
N PHE E 428 1.49 -52.45 -3.54
CA PHE E 428 1.75 -53.76 -4.16
C PHE E 428 1.14 -54.86 -3.29
N PRO E 429 -0.19 -54.92 -3.21
CA PRO E 429 -0.82 -55.92 -2.35
C PRO E 429 -0.52 -57.35 -2.76
N ARG E 430 -0.39 -57.62 -4.05
CA ARG E 430 -0.12 -58.97 -4.53
C ARG E 430 1.29 -59.43 -4.18
N MET F 8 14.93 -4.46 2.84
CA MET F 8 16.31 -4.46 3.31
C MET F 8 16.95 -5.83 3.10
N PRO F 9 18.24 -5.84 2.75
CA PRO F 9 18.97 -7.10 2.53
C PRO F 9 19.65 -7.64 3.79
N ILE F 10 18.86 -7.90 4.83
CA ILE F 10 19.34 -8.47 6.07
C ILE F 10 18.78 -9.88 6.20
N ILE F 11 19.66 -10.83 6.53
CA ILE F 11 19.28 -12.24 6.55
C ILE F 11 18.36 -12.52 7.74
N GLU F 12 17.31 -13.29 7.49
CA GLU F 12 16.35 -13.62 8.53
C GLU F 12 16.32 -15.09 8.88
N GLN F 13 16.33 -15.99 7.89
CA GLN F 13 16.32 -17.42 8.17
C GLN F 13 17.34 -18.12 7.30
N VAL F 14 17.89 -19.21 7.83
CA VAL F 14 18.78 -20.10 7.10
C VAL F 14 18.35 -21.52 7.39
N ARG F 15 18.24 -22.34 6.33
CA ARG F 15 17.80 -23.72 6.49
C ARG F 15 18.60 -24.62 5.58
N ALA F 16 19.20 -25.67 6.13
CA ALA F 16 19.93 -26.62 5.32
C ALA F 16 19.20 -27.95 5.28
N ARG F 17 19.30 -28.64 4.15
CA ARG F 17 18.77 -29.98 4.01
C ARG F 17 19.77 -30.81 3.22
N GLU F 18 19.53 -32.11 3.18
CA GLU F 18 20.44 -33.04 2.52
C GLU F 18 19.75 -33.63 1.29
N ILE F 19 20.40 -33.48 0.13
CA ILE F 19 19.87 -33.90 -1.14
C ILE F 19 20.89 -34.79 -1.82
N LEU F 20 20.60 -35.24 -3.03
CA LEU F 20 21.53 -36.05 -3.82
C LEU F 20 22.10 -35.23 -4.96
N ASP F 21 23.38 -35.44 -5.25
CA ASP F 21 24.01 -34.78 -6.37
C ASP F 21 23.88 -35.63 -7.62
N SER F 22 24.47 -35.16 -8.71
CA SER F 22 24.29 -35.82 -10.00
C SER F 22 24.85 -37.24 -10.03
N ARG F 23 25.63 -37.63 -9.04
CA ARG F 23 26.23 -38.96 -9.01
C ARG F 23 25.61 -39.87 -7.97
N GLY F 24 24.57 -39.43 -7.27
CA GLY F 24 23.93 -40.26 -6.28
C GLY F 24 24.53 -40.19 -4.90
N ASN F 25 25.37 -39.21 -4.62
CA ASN F 25 25.93 -39.03 -3.30
C ASN F 25 25.28 -37.84 -2.63
N PRO F 26 25.17 -37.84 -1.30
CA PRO F 26 24.51 -36.72 -0.62
C PRO F 26 25.32 -35.44 -0.71
N THR F 27 24.61 -34.33 -0.58
CA THR F 27 25.22 -33.01 -0.51
C THR F 27 24.25 -32.08 0.19
N VAL F 28 24.71 -30.86 0.46
CA VAL F 28 24.00 -29.90 1.28
C VAL F 28 23.28 -28.91 0.38
N GLU F 29 22.06 -28.54 0.76
CA GLU F 29 21.33 -27.48 0.08
C GLU F 29 20.88 -26.46 1.10
N VAL F 30 21.27 -25.21 0.91
CA VAL F 30 21.01 -24.15 1.87
C VAL F 30 20.00 -23.17 1.27
N GLU F 31 19.02 -22.79 2.06
CA GLU F 31 17.98 -21.85 1.67
C GLU F 31 18.03 -20.67 2.63
N VAL F 32 18.25 -19.48 2.08
CA VAL F 32 18.33 -18.25 2.86
C VAL F 32 17.11 -17.40 2.56
N ALA F 33 16.42 -16.98 3.62
CA ALA F 33 15.26 -16.11 3.50
C ALA F 33 15.60 -14.76 4.11
N LEU F 34 15.44 -13.70 3.31
CA LEU F 34 15.68 -12.34 3.77
C LEU F 34 14.44 -11.80 4.47
N ILE F 35 14.63 -10.69 5.18
CA ILE F 35 13.57 -10.10 5.98
C ILE F 35 12.42 -9.56 5.13
N ASP F 36 12.57 -9.56 3.81
CA ASP F 36 11.54 -9.09 2.89
C ASP F 36 10.63 -10.21 2.42
N GLY F 37 11.21 -11.34 2.03
CA GLY F 37 10.50 -12.43 1.42
C GLY F 37 11.36 -13.10 0.37
N THR F 38 12.43 -12.41 -0.03
CA THR F 38 13.45 -12.99 -0.88
C THR F 38 13.91 -14.33 -0.32
N PHE F 39 13.70 -15.39 -1.09
CA PHE F 39 13.96 -16.76 -0.65
C PHE F 39 14.83 -17.44 -1.69
N ALA F 40 16.13 -17.55 -1.41
CA ALA F 40 17.07 -18.13 -2.35
C ALA F 40 17.50 -19.51 -1.88
N ARG F 41 17.98 -20.31 -2.83
CA ARG F 41 18.35 -21.69 -2.58
C ARG F 41 19.59 -22.02 -3.39
N ALA F 42 20.58 -22.64 -2.76
CA ALA F 42 21.82 -22.98 -3.44
C ALA F 42 22.33 -24.32 -2.95
N ALA F 43 22.80 -25.14 -3.89
CA ALA F 43 23.33 -26.46 -3.60
C ALA F 43 24.83 -26.48 -3.89
N VAL F 44 25.56 -27.23 -3.09
CA VAL F 44 27.03 -27.21 -3.10
C VAL F 44 27.52 -28.39 -3.91
N PRO F 45 28.28 -28.18 -4.98
CA PRO F 45 28.87 -29.30 -5.71
C PRO F 45 29.98 -29.94 -4.88
N SER F 46 30.42 -31.10 -5.33
CA SER F 46 31.44 -31.84 -4.57
C SER F 46 32.20 -32.74 -5.52
N GLY F 47 33.51 -32.58 -5.56
CA GLY F 47 34.37 -33.42 -6.37
C GLY F 47 35.03 -34.49 -5.54
N ALA F 48 35.31 -35.63 -6.17
CA ALA F 48 35.91 -36.75 -5.46
C ALA F 48 37.38 -36.51 -5.17
N SER F 49 38.15 -36.12 -6.19
CA SER F 49 39.59 -35.97 -6.05
C SER F 49 39.95 -34.73 -5.25
N THR F 50 40.03 -34.86 -3.93
CA THR F 50 40.40 -33.75 -3.06
C THR F 50 41.89 -33.84 -2.73
N GLY F 51 42.61 -32.74 -2.98
CA GLY F 51 44.03 -32.70 -2.77
C GLY F 51 44.42 -32.41 -1.33
N GLU F 52 45.33 -31.46 -1.13
CA GLU F 52 45.88 -31.17 0.18
C GLU F 52 45.74 -29.73 0.62
N HIS F 53 45.34 -28.81 -0.27
CA HIS F 53 45.22 -27.41 0.08
C HIS F 53 43.80 -26.87 -0.06
N GLU F 54 42.88 -27.62 -0.64
CA GLU F 54 41.52 -27.14 -0.81
C GLU F 54 40.79 -27.10 0.52
N ALA F 55 39.59 -26.54 0.50
CA ALA F 55 38.72 -26.65 1.65
C ALA F 55 38.22 -28.08 1.80
N VAL F 56 37.85 -28.44 3.02
CA VAL F 56 37.48 -29.81 3.36
C VAL F 56 35.98 -29.92 3.44
N GLU F 57 35.42 -30.96 2.84
CA GLU F 57 34.00 -31.27 2.98
C GLU F 57 33.79 -32.07 4.26
N LEU F 58 32.79 -31.69 5.03
CA LEU F 58 32.52 -32.33 6.31
C LEU F 58 31.51 -33.45 6.08
N ARG F 59 32.02 -34.64 5.82
CA ARG F 59 31.17 -35.81 5.63
C ARG F 59 30.91 -36.50 6.96
N ASP F 60 29.82 -37.26 7.00
CA ASP F 60 29.42 -37.93 8.24
C ASP F 60 30.38 -39.07 8.58
N GLY F 61 30.58 -39.99 7.67
CA GLY F 61 31.40 -41.16 7.95
C GLY F 61 30.61 -42.24 8.65
N GLY F 62 30.81 -43.48 8.26
CA GLY F 62 30.07 -44.58 8.86
C GLY F 62 29.57 -45.57 7.84
N ASP F 63 28.32 -46.02 8.01
CA ASP F 63 27.70 -46.95 7.09
C ASP F 63 26.53 -46.35 6.34
N ARG F 64 25.95 -45.27 6.84
CA ARG F 64 24.84 -44.62 6.15
C ARG F 64 25.36 -43.92 4.90
N TYR F 65 24.71 -44.19 3.77
CA TYR F 65 25.05 -43.56 2.48
C TYR F 65 26.49 -43.85 2.09
N GLY F 66 27.02 -44.99 2.50
CA GLY F 66 28.40 -45.31 2.22
C GLY F 66 29.40 -44.44 2.93
N GLY F 67 29.03 -43.90 4.09
CA GLY F 67 29.92 -43.03 4.83
C GLY F 67 30.04 -41.64 4.29
N LYS F 68 29.19 -41.26 3.33
CA LYS F 68 29.25 -39.94 2.70
C LYS F 68 28.06 -39.07 3.04
N GLY F 69 27.36 -39.36 4.13
CA GLY F 69 26.28 -38.51 4.55
C GLY F 69 26.76 -37.13 4.96
N VAL F 70 25.85 -36.17 4.86
CA VAL F 70 26.19 -34.79 5.23
C VAL F 70 25.23 -34.29 6.29
N GLN F 71 24.75 -35.16 7.17
CA GLN F 71 23.89 -34.71 8.26
C GLN F 71 24.64 -33.78 9.20
N LYS F 72 25.97 -33.94 9.29
CA LYS F 72 26.75 -33.09 10.19
C LYS F 72 26.83 -31.67 9.66
N ALA F 73 27.01 -31.48 8.36
CA ALA F 73 27.04 -30.13 7.81
C ALA F 73 25.66 -29.48 7.86
N VAL F 74 24.61 -30.27 7.63
CA VAL F 74 23.26 -29.75 7.80
C VAL F 74 23.05 -29.27 9.23
N GLN F 75 23.52 -30.06 10.21
CA GLN F 75 23.36 -29.65 11.60
C GLN F 75 24.19 -28.42 11.92
N ALA F 76 25.40 -28.34 11.35
CA ALA F 76 26.25 -27.18 11.57
C ALA F 76 25.61 -25.91 11.03
N VAL F 77 24.94 -25.99 9.89
CA VAL F 77 24.24 -24.82 9.38
C VAL F 77 23.04 -24.50 10.26
N LEU F 78 22.31 -25.52 10.71
CA LEU F 78 21.07 -25.26 11.43
C LEU F 78 21.27 -24.81 12.87
N ASP F 79 22.42 -25.11 13.48
CA ASP F 79 22.66 -24.71 14.86
C ASP F 79 23.67 -23.59 15.02
N GLU F 80 24.67 -23.48 14.15
CA GLU F 80 25.76 -22.55 14.36
C GLU F 80 25.78 -21.42 13.34
N ILE F 81 25.84 -21.74 12.05
CA ILE F 81 26.02 -20.71 11.03
C ILE F 81 24.78 -19.82 10.93
N GLY F 82 23.60 -20.40 11.12
CA GLY F 82 22.37 -19.66 11.03
C GLY F 82 22.37 -18.41 11.86
N PRO F 83 22.35 -18.55 13.18
CA PRO F 83 22.44 -17.36 14.05
C PRO F 83 23.75 -16.60 13.92
N ALA F 84 24.82 -17.22 13.43
CA ALA F 84 26.07 -16.51 13.27
C ALA F 84 26.04 -15.54 12.09
N VAL F 85 25.11 -15.70 11.16
CA VAL F 85 24.94 -14.75 10.07
C VAL F 85 23.60 -14.02 10.12
N ILE F 86 22.60 -14.58 10.79
CA ILE F 86 21.29 -13.93 10.84
C ILE F 86 21.45 -12.55 11.43
N GLY F 87 21.15 -11.52 10.64
CA GLY F 87 21.28 -10.15 11.06
C GLY F 87 22.32 -9.36 10.30
N LEU F 88 23.24 -10.02 9.60
CA LEU F 88 24.21 -9.30 8.80
C LEU F 88 23.56 -8.76 7.53
N ASN F 89 24.33 -8.03 6.74
CA ASN F 89 23.82 -7.35 5.55
C ASN F 89 24.20 -8.16 4.32
N ALA F 90 23.19 -8.53 3.53
CA ALA F 90 23.41 -9.41 2.38
C ALA F 90 24.42 -8.81 1.40
N ASP F 91 24.22 -7.55 1.01
CA ASP F 91 25.10 -6.93 0.02
C ASP F 91 26.53 -6.80 0.51
N ASP F 92 26.80 -7.07 1.78
CA ASP F 92 28.15 -7.03 2.30
C ASP F 92 28.75 -8.44 2.28
N GLN F 93 29.02 -8.91 1.06
CA GLN F 93 29.56 -10.25 0.89
C GLN F 93 30.85 -10.44 1.67
N ARG F 94 31.74 -9.43 1.65
CA ARG F 94 32.99 -9.59 2.37
C ARG F 94 32.76 -9.65 3.87
N LEU F 95 31.77 -8.91 4.37
CA LEU F 95 31.40 -9.00 5.78
C LEU F 95 31.01 -10.42 6.16
N VAL F 96 30.00 -10.96 5.48
CA VAL F 96 29.46 -12.27 5.83
C VAL F 96 30.51 -13.35 5.62
N ASP F 97 31.33 -13.21 4.58
CA ASP F 97 32.30 -14.25 4.30
C ASP F 97 33.45 -14.24 5.30
N GLN F 98 33.87 -13.05 5.75
CA GLN F 98 34.84 -13.02 6.85
C GLN F 98 34.22 -13.50 8.14
N ALA F 99 32.94 -13.20 8.36
CA ALA F 99 32.22 -13.73 9.52
C ALA F 99 32.30 -15.24 9.55
N LEU F 100 31.97 -15.88 8.42
CA LEU F 100 32.03 -17.34 8.34
C LEU F 100 33.46 -17.85 8.55
N VAL F 101 34.43 -17.23 7.87
CA VAL F 101 35.79 -17.72 7.94
C VAL F 101 36.35 -17.62 9.36
N ASP F 102 35.92 -16.60 10.12
CA ASP F 102 36.39 -16.52 11.50
C ASP F 102 35.61 -17.46 12.41
N LEU F 103 34.29 -17.58 12.19
CA LEU F 103 33.48 -18.50 12.97
C LEU F 103 33.99 -19.93 12.84
N ASP F 104 34.56 -20.27 11.69
CA ASP F 104 35.19 -21.58 11.57
C ASP F 104 36.52 -21.60 12.32
N GLY F 105 37.47 -20.76 11.91
CA GLY F 105 38.70 -20.59 12.64
C GLY F 105 39.86 -21.48 12.24
N THR F 106 39.76 -22.17 11.12
CA THR F 106 40.80 -23.09 10.68
C THR F 106 41.29 -22.69 9.28
N PRO F 107 42.50 -23.13 8.89
CA PRO F 107 43.02 -22.76 7.57
C PRO F 107 42.31 -23.42 6.40
N ASP F 108 41.45 -24.42 6.64
CA ASP F 108 40.74 -25.06 5.54
C ASP F 108 39.28 -25.31 5.87
N LYS F 109 38.71 -24.55 6.81
CA LYS F 109 37.29 -24.60 7.14
C LYS F 109 36.82 -25.98 7.54
N SER F 110 37.72 -26.85 8.00
CA SER F 110 37.38 -28.24 8.29
C SER F 110 36.44 -28.37 9.48
N ARG F 111 36.42 -27.40 10.40
CA ARG F 111 35.57 -27.53 11.57
C ARG F 111 34.10 -27.52 11.20
N LEU F 112 33.70 -26.63 10.29
CA LEU F 112 32.33 -26.55 9.81
C LEU F 112 32.17 -27.06 8.39
N GLY F 113 33.25 -27.46 7.73
CA GLY F 113 33.17 -28.01 6.40
C GLY F 113 33.04 -26.92 5.34
N GLY F 114 33.81 -27.06 4.26
CA GLY F 114 33.73 -26.08 3.20
C GLY F 114 32.38 -26.06 2.50
N ASN F 115 31.66 -27.18 2.54
CA ASN F 115 30.39 -27.27 1.83
C ASN F 115 29.31 -26.44 2.50
N ALA F 116 29.20 -26.50 3.83
CA ALA F 116 28.19 -25.69 4.51
C ALA F 116 28.46 -24.21 4.35
N ILE F 117 29.72 -23.80 4.53
CA ILE F 117 30.09 -22.40 4.39
C ILE F 117 29.82 -21.92 2.98
N LEU F 118 30.19 -22.71 1.97
CA LEU F 118 29.96 -22.29 0.59
C LEU F 118 28.47 -22.23 0.29
N GLY F 119 27.68 -23.15 0.83
CA GLY F 119 26.25 -23.08 0.61
C GLY F 119 25.65 -21.80 1.15
N VAL F 120 26.06 -21.40 2.36
CA VAL F 120 25.51 -20.16 2.91
C VAL F 120 26.01 -18.96 2.12
N SER F 121 27.29 -18.96 1.74
CA SER F 121 27.83 -17.87 0.92
C SER F 121 27.04 -17.70 -0.36
N LEU F 122 26.85 -18.80 -1.11
CA LEU F 122 26.18 -18.72 -2.40
C LEU F 122 24.72 -18.34 -2.25
N ALA F 123 24.02 -18.89 -1.26
CA ALA F 123 22.62 -18.51 -1.09
C ALA F 123 22.49 -17.06 -0.67
N VAL F 124 23.45 -16.54 0.09
CA VAL F 124 23.44 -15.12 0.45
C VAL F 124 23.65 -14.26 -0.78
N ALA F 125 24.59 -14.64 -1.64
CA ALA F 125 24.79 -13.88 -2.87
C ALA F 125 23.56 -13.93 -3.75
N LYS F 126 22.90 -15.09 -3.84
CA LYS F 126 21.70 -15.20 -4.65
C LYS F 126 20.58 -14.34 -4.10
N ALA F 127 20.44 -14.29 -2.77
CA ALA F 127 19.39 -13.46 -2.19
C ALA F 127 19.72 -11.99 -2.31
N ALA F 128 21.00 -11.61 -2.30
CA ALA F 128 21.34 -10.20 -2.52
C ALA F 128 21.07 -9.78 -3.95
N ALA F 129 21.42 -10.64 -4.92
CA ALA F 129 21.10 -10.35 -6.32
C ALA F 129 19.60 -10.31 -6.54
N ASP F 130 18.85 -11.22 -5.90
CA ASP F 130 17.40 -11.16 -6.00
C ASP F 130 16.84 -9.92 -5.34
N SER F 131 17.48 -9.45 -4.26
CA SER F 131 16.99 -8.25 -3.58
C SER F 131 17.17 -7.02 -4.45
N ALA F 132 18.39 -6.80 -4.94
CA ALA F 132 18.64 -5.70 -5.86
C ALA F 132 17.79 -5.79 -7.12
N GLU F 133 17.10 -6.90 -7.32
CA GLU F 133 16.30 -7.24 -8.50
C GLU F 133 17.15 -7.38 -9.75
N LEU F 134 18.46 -7.19 -9.64
CA LEU F 134 19.35 -7.55 -10.72
C LEU F 134 19.34 -9.07 -10.91
N PRO F 135 19.77 -9.55 -12.07
CA PRO F 135 20.04 -10.98 -12.20
C PRO F 135 21.46 -11.29 -11.74
N LEU F 136 21.64 -12.52 -11.26
CA LEU F 136 22.84 -12.86 -10.50
C LEU F 136 24.12 -12.46 -11.22
N PHE F 137 24.18 -12.66 -12.54
CA PHE F 137 25.39 -12.30 -13.26
C PHE F 137 25.60 -10.80 -13.25
N ARG F 138 24.52 -10.03 -13.40
CA ARG F 138 24.65 -8.59 -13.41
C ARG F 138 25.10 -8.07 -12.06
N TYR F 139 24.52 -8.61 -10.98
CA TYR F 139 24.98 -8.24 -9.65
C TYR F 139 26.46 -8.54 -9.47
N VAL F 140 26.84 -9.81 -9.57
CA VAL F 140 28.20 -10.19 -9.25
C VAL F 140 29.21 -9.53 -10.19
N GLY F 141 28.78 -9.10 -11.38
CA GLY F 141 29.74 -8.55 -12.32
C GLY F 141 29.61 -7.06 -12.56
N GLY F 142 28.51 -6.46 -12.11
CA GLY F 142 28.33 -5.04 -12.20
C GLY F 142 27.47 -4.62 -13.38
N PRO F 143 27.77 -3.48 -13.97
CA PRO F 143 27.03 -3.05 -15.17
C PRO F 143 27.63 -3.55 -16.47
N ASN F 144 28.92 -3.86 -16.43
CA ASN F 144 29.68 -4.19 -17.63
C ASN F 144 29.74 -5.68 -17.89
N ALA F 145 28.91 -6.47 -17.21
CA ALA F 145 28.91 -7.92 -17.39
C ALA F 145 28.14 -8.25 -18.67
N HIS F 146 28.86 -8.50 -19.76
CA HIS F 146 28.22 -8.70 -21.04
C HIS F 146 28.82 -9.82 -21.88
N ILE F 147 29.88 -10.46 -21.44
CA ILE F 147 30.61 -11.40 -22.29
C ILE F 147 30.11 -12.80 -22.02
N LEU F 148 29.78 -13.54 -23.08
CA LEU F 148 29.38 -14.93 -23.00
C LEU F 148 30.60 -15.81 -23.28
N PRO F 149 30.83 -16.84 -22.50
CA PRO F 149 32.09 -17.58 -22.58
C PRO F 149 32.07 -18.64 -23.67
N VAL F 150 33.27 -19.03 -24.09
CA VAL F 150 33.42 -20.11 -25.06
C VAL F 150 33.27 -21.43 -24.33
N PRO F 151 32.24 -22.22 -24.63
CA PRO F 151 32.06 -23.50 -23.94
C PRO F 151 33.10 -24.51 -24.41
N MET F 152 33.91 -25.00 -23.48
CA MET F 152 34.86 -26.08 -23.76
C MET F 152 34.17 -27.39 -23.41
N MET F 153 33.77 -28.13 -24.44
CA MET F 153 32.93 -29.31 -24.27
C MET F 153 33.80 -30.56 -24.27
N ASN F 154 33.85 -31.24 -23.14
CA ASN F 154 34.59 -32.50 -23.00
C ASN F 154 33.77 -33.61 -23.64
N ILE F 155 34.21 -34.09 -24.80
CA ILE F 155 33.43 -35.09 -25.53
C ILE F 155 34.01 -36.49 -25.45
N LEU F 156 35.30 -36.64 -25.17
CA LEU F 156 35.94 -37.95 -25.19
C LEU F 156 36.80 -38.09 -23.96
N ASN F 157 36.46 -39.06 -23.10
CA ASN F 157 37.14 -39.26 -21.84
C ASN F 157 38.17 -40.38 -21.93
N GLY F 158 39.26 -40.22 -21.20
CA GLY F 158 40.28 -41.24 -21.15
C GLY F 158 41.11 -41.10 -19.89
N GLY F 159 42.12 -41.94 -19.78
CA GLY F 159 43.06 -41.85 -18.67
C GLY F 159 42.53 -42.48 -17.39
N ALA F 160 42.48 -41.70 -16.32
CA ALA F 160 42.01 -42.17 -15.03
C ALA F 160 40.51 -42.36 -14.97
N HIS F 161 39.77 -42.28 -16.08
CA HIS F 161 38.33 -42.42 -16.07
C HIS F 161 37.83 -43.76 -16.55
N ALA F 162 38.56 -44.43 -17.44
CA ALA F 162 38.12 -45.73 -17.94
C ALA F 162 39.33 -46.61 -18.18
N ASP F 163 39.06 -47.91 -18.29
CA ASP F 163 40.10 -48.90 -18.58
C ASP F 163 40.38 -48.85 -20.08
N THR F 164 41.36 -48.03 -20.44
CA THR F 164 41.67 -47.80 -21.85
C THR F 164 43.14 -47.44 -21.99
N ALA F 165 43.67 -47.66 -23.19
CA ALA F 165 45.05 -47.31 -23.50
C ALA F 165 45.29 -45.81 -23.55
N VAL F 166 44.22 -45.00 -23.54
CA VAL F 166 44.39 -43.56 -23.58
C VAL F 166 44.92 -43.08 -22.24
N ASP F 167 45.74 -42.03 -22.27
CA ASP F 167 46.35 -41.49 -21.08
C ASP F 167 45.94 -40.05 -20.78
N ILE F 168 45.65 -39.25 -21.81
CA ILE F 168 45.09 -37.92 -21.58
C ILE F 168 43.71 -38.07 -20.97
N GLN F 169 43.39 -37.23 -19.99
CA GLN F 169 42.14 -37.40 -19.25
C GLN F 169 40.94 -36.91 -20.07
N GLU F 170 40.92 -35.63 -20.43
CA GLU F 170 39.78 -35.05 -21.11
C GLU F 170 40.18 -34.50 -22.48
N PHE F 171 39.37 -34.81 -23.49
CA PHE F 171 39.49 -34.22 -24.81
C PHE F 171 38.29 -33.32 -25.04
N MET F 172 38.55 -32.03 -25.27
CA MET F 172 37.51 -31.04 -25.37
C MET F 172 37.55 -30.34 -26.71
N VAL F 173 36.38 -29.99 -27.22
CA VAL F 173 36.26 -29.13 -28.39
C VAL F 173 35.82 -27.76 -27.95
N ALA F 174 36.15 -26.76 -28.75
CA ALA F 174 35.80 -25.39 -28.41
C ALA F 174 35.38 -24.66 -29.66
N PRO F 175 34.11 -24.34 -29.81
CA PRO F 175 33.64 -23.58 -30.99
C PRO F 175 34.00 -22.10 -30.92
N ILE F 176 35.23 -21.80 -31.32
CA ILE F 176 35.73 -20.44 -31.23
C ILE F 176 35.29 -19.57 -32.39
N GLY F 177 34.83 -20.16 -33.49
CA GLY F 177 34.49 -19.41 -34.68
C GLY F 177 33.04 -19.04 -34.83
N ALA F 178 32.22 -19.28 -33.83
CA ALA F 178 30.79 -19.03 -33.94
C ALA F 178 30.48 -17.54 -33.87
N PRO F 179 29.41 -17.10 -34.50
CA PRO F 179 29.06 -15.68 -34.45
C PRO F 179 28.40 -15.26 -33.15
N SER F 180 27.68 -16.17 -32.52
CA SER F 180 27.02 -15.90 -31.24
C SER F 180 27.19 -17.13 -30.35
N PHE F 181 26.63 -17.06 -29.15
CA PHE F 181 26.70 -18.20 -28.25
C PHE F 181 25.77 -19.31 -28.67
N VAL F 182 24.60 -18.98 -29.22
CA VAL F 182 23.64 -19.99 -29.61
C VAL F 182 24.22 -20.89 -30.69
N GLU F 183 24.91 -20.29 -31.66
CA GLU F 183 25.53 -21.09 -32.71
C GLU F 183 26.70 -21.89 -32.17
N ALA F 184 27.40 -21.38 -31.16
CA ALA F 184 28.46 -22.16 -30.53
C ALA F 184 27.91 -23.40 -29.86
N LEU F 185 26.81 -23.25 -29.12
CA LEU F 185 26.18 -24.40 -28.49
C LEU F 185 25.68 -25.39 -29.54
N ARG F 186 25.13 -24.89 -30.65
CA ARG F 186 24.68 -25.78 -31.71
C ARG F 186 25.83 -26.56 -32.31
N TRP F 187 26.95 -25.89 -32.58
CA TRP F 187 28.10 -26.58 -33.16
C TRP F 187 28.66 -27.61 -32.19
N GLY F 188 28.69 -27.29 -30.91
CA GLY F 188 29.15 -28.26 -29.93
C GLY F 188 28.27 -29.50 -29.90
N ALA F 189 26.95 -29.30 -29.86
CA ALA F 189 26.04 -30.43 -29.85
C ALA F 189 26.15 -31.25 -31.13
N GLU F 190 26.37 -30.59 -32.26
CA GLU F 190 26.48 -31.32 -33.53
C GLU F 190 27.76 -32.13 -33.59
N VAL F 191 28.87 -31.57 -33.12
CA VAL F 191 30.11 -32.34 -33.05
C VAL F 191 29.95 -33.52 -32.11
N TYR F 192 29.24 -33.32 -31.00
CA TYR F 192 29.00 -34.40 -30.05
C TYR F 192 28.25 -35.55 -30.70
N HIS F 193 27.15 -35.24 -31.40
CA HIS F 193 26.39 -36.32 -32.03
C HIS F 193 27.15 -36.95 -33.20
N ALA F 194 27.92 -36.17 -33.93
CA ALA F 194 28.75 -36.73 -34.99
C ALA F 194 29.74 -37.73 -34.42
N LEU F 195 30.40 -37.37 -33.31
CA LEU F 195 31.33 -38.30 -32.69
C LEU F 195 30.61 -39.54 -32.19
N LYS F 196 29.41 -39.38 -31.65
CA LYS F 196 28.63 -40.55 -31.24
C LYS F 196 28.42 -41.50 -32.41
N SER F 197 28.08 -40.95 -33.58
CA SER F 197 27.87 -41.79 -34.75
C SER F 197 29.16 -42.47 -35.19
N VAL F 198 30.26 -41.70 -35.21
CA VAL F 198 31.55 -42.25 -35.62
C VAL F 198 31.95 -43.40 -34.70
N LEU F 199 31.74 -43.25 -33.40
CA LEU F 199 32.06 -44.33 -32.47
C LEU F 199 31.15 -45.53 -32.69
N LYS F 200 29.83 -45.31 -32.77
CA LYS F 200 28.91 -46.41 -32.95
C LYS F 200 29.20 -47.20 -34.21
N LYS F 201 29.72 -46.53 -35.25
CA LYS F 201 30.02 -47.25 -36.49
C LYS F 201 31.16 -48.24 -36.29
N GLU F 202 32.16 -47.87 -35.48
CA GLU F 202 33.33 -48.71 -35.26
C GLU F 202 33.12 -49.73 -34.14
N GLY F 203 31.87 -50.02 -33.78
CA GLY F 203 31.60 -50.98 -32.73
C GLY F 203 32.17 -50.60 -31.38
N LEU F 204 32.38 -49.31 -31.15
CA LEU F 204 32.95 -48.84 -29.89
C LEU F 204 31.85 -48.48 -28.91
N SER F 205 32.22 -48.37 -27.64
CA SER F 205 31.24 -48.21 -26.57
C SER F 205 30.71 -46.79 -26.53
N THR F 206 29.41 -46.66 -26.24
CA THR F 206 28.73 -45.39 -26.13
C THR F 206 28.19 -45.20 -24.71
N GLY F 207 29.00 -45.54 -23.71
CA GLY F 207 28.63 -45.40 -22.32
C GLY F 207 29.18 -44.12 -21.74
N LEU F 208 28.28 -43.23 -21.34
CA LEU F 208 28.68 -41.90 -20.90
C LEU F 208 29.37 -41.97 -19.54
N GLY F 209 30.41 -41.16 -19.38
CA GLY F 209 31.10 -41.07 -18.11
C GLY F 209 30.34 -40.19 -17.14
N ASP F 210 31.07 -39.43 -16.32
CA ASP F 210 30.42 -38.51 -15.39
C ASP F 210 30.20 -37.13 -16.00
N GLU F 211 30.78 -36.85 -17.16
CA GLU F 211 30.66 -35.55 -17.82
C GLU F 211 29.85 -35.62 -19.10
N GLY F 212 29.25 -36.78 -19.41
CA GLY F 212 28.61 -36.97 -20.68
C GLY F 212 29.55 -37.35 -21.80
N GLY F 213 30.86 -37.26 -21.60
CA GLY F 213 31.80 -37.65 -22.62
C GLY F 213 31.80 -39.15 -22.82
N PHE F 214 32.45 -39.58 -23.89
CA PHE F 214 32.46 -40.98 -24.25
C PHE F 214 33.70 -41.67 -23.69
N ALA F 215 33.59 -42.99 -23.56
CA ALA F 215 34.68 -43.85 -23.10
C ALA F 215 34.99 -44.84 -24.21
N PRO F 216 35.72 -44.43 -25.25
CA PRO F 216 36.05 -45.32 -26.34
C PRO F 216 37.37 -46.04 -26.11
N ASP F 217 37.50 -47.20 -26.75
CA ASP F 217 38.71 -47.99 -26.66
C ASP F 217 39.60 -47.74 -27.89
N VAL F 218 40.08 -46.51 -27.97
CA VAL F 218 40.89 -46.11 -29.10
C VAL F 218 42.36 -46.36 -28.79
N ALA F 219 43.19 -46.37 -29.83
CA ALA F 219 44.58 -46.78 -29.70
C ALA F 219 45.36 -45.85 -28.78
N GLY F 220 45.52 -44.59 -29.18
CA GLY F 220 46.35 -43.68 -28.43
C GLY F 220 45.87 -42.25 -28.55
N THR F 221 46.63 -41.34 -27.94
CA THR F 221 46.27 -39.93 -27.93
C THR F 221 46.10 -39.39 -29.35
N THR F 222 47.07 -39.69 -30.23
CA THR F 222 46.99 -39.20 -31.59
C THR F 222 45.77 -39.77 -32.31
N ALA F 223 45.46 -41.04 -32.08
CA ALA F 223 44.26 -41.62 -32.67
C ALA F 223 43.00 -40.94 -32.13
N ALA F 224 43.03 -40.55 -30.84
CA ALA F 224 41.88 -39.86 -30.27
C ALA F 224 41.68 -38.50 -30.92
N LEU F 225 42.76 -37.72 -31.05
CA LEU F 225 42.64 -36.41 -31.68
C LEU F 225 42.21 -36.54 -33.13
N ASP F 226 42.67 -37.59 -33.81
CA ASP F 226 42.26 -37.79 -35.21
C ASP F 226 40.79 -38.16 -35.29
N LEU F 227 40.31 -38.97 -34.34
CA LEU F 227 38.89 -39.30 -34.29
C LEU F 227 38.05 -38.06 -34.04
N ILE F 228 38.51 -37.18 -33.15
CA ILE F 228 37.81 -35.94 -32.88
C ILE F 228 37.78 -35.05 -34.12
N SER F 229 38.90 -34.99 -34.85
CA SER F 229 38.92 -34.19 -36.06
C SER F 229 37.98 -34.77 -37.12
N ARG F 230 37.90 -36.10 -37.19
CA ARG F 230 36.95 -36.71 -38.11
C ARG F 230 35.52 -36.35 -37.73
N ALA F 231 35.22 -36.33 -36.44
CA ALA F 231 33.88 -35.96 -36.00
C ALA F 231 33.58 -34.50 -36.30
N ILE F 232 34.57 -33.62 -36.15
CA ILE F 232 34.36 -32.23 -36.50
C ILE F 232 34.12 -32.07 -37.99
N GLU F 233 34.85 -32.81 -38.81
CA GLU F 233 34.63 -32.75 -40.25
C GLU F 233 33.25 -33.27 -40.62
N SER F 234 32.81 -34.36 -40.00
CA SER F 234 31.53 -34.96 -40.34
C SER F 234 30.36 -34.08 -39.94
N ALA F 235 30.56 -33.15 -39.01
CA ALA F 235 29.50 -32.25 -38.60
C ALA F 235 29.21 -31.18 -39.63
N GLY F 236 30.20 -30.81 -40.43
CA GLY F 236 30.06 -29.75 -41.40
C GLY F 236 30.87 -28.51 -41.10
N LEU F 237 31.87 -28.59 -40.25
CA LEU F 237 32.67 -27.46 -39.83
C LEU F 237 34.12 -27.67 -40.24
N ARG F 238 34.96 -26.67 -39.95
CA ARG F 238 36.36 -26.71 -40.32
C ARG F 238 37.21 -26.73 -39.05
N PRO F 239 38.01 -27.76 -38.81
CA PRO F 239 38.86 -27.77 -37.62
C PRO F 239 39.79 -26.58 -37.59
N GLY F 240 39.81 -25.90 -36.46
CA GLY F 240 40.65 -24.73 -36.28
C GLY F 240 40.00 -23.41 -36.62
N ALA F 241 39.34 -23.35 -37.77
CA ALA F 241 38.63 -22.13 -38.16
C ALA F 241 37.30 -22.02 -37.46
N ASP F 242 36.59 -23.14 -37.32
CA ASP F 242 35.31 -23.17 -36.60
C ASP F 242 35.48 -23.73 -35.19
N VAL F 243 36.01 -24.94 -35.07
CA VAL F 243 36.14 -25.62 -33.78
C VAL F 243 37.61 -25.93 -33.55
N ALA F 244 38.09 -25.64 -32.35
CA ALA F 244 39.45 -25.94 -31.92
C ALA F 244 39.43 -27.06 -30.90
N LEU F 245 40.63 -27.51 -30.51
CA LEU F 245 40.76 -28.62 -29.58
C LEU F 245 41.45 -28.16 -28.30
N ALA F 246 41.26 -28.95 -27.25
CA ALA F 246 41.89 -28.68 -25.96
C ALA F 246 42.04 -29.99 -25.20
N LEU F 247 43.04 -30.03 -24.32
CA LEU F 247 43.36 -31.22 -23.55
C LEU F 247 43.31 -30.93 -22.06
N ASP F 248 42.99 -31.97 -21.29
CA ASP F 248 43.21 -32.02 -19.85
C ASP F 248 44.02 -33.27 -19.60
N ALA F 249 45.33 -33.09 -19.44
CA ALA F 249 46.24 -34.24 -19.32
C ALA F 249 46.14 -34.90 -17.96
N ALA F 250 46.06 -34.12 -16.89
CA ALA F 250 46.03 -34.63 -15.53
C ALA F 250 47.23 -35.53 -15.27
N ALA F 251 48.41 -34.92 -15.36
CA ALA F 251 49.65 -35.70 -15.40
C ALA F 251 49.90 -36.46 -14.10
N THR F 252 49.41 -35.93 -12.97
CA THR F 252 49.61 -36.61 -11.70
C THR F 252 49.06 -38.04 -11.74
N GLU F 253 48.07 -38.29 -12.59
CA GLU F 253 47.48 -39.62 -12.67
C GLU F 253 48.38 -40.64 -13.33
N PHE F 254 49.54 -40.24 -13.87
CA PHE F 254 50.45 -41.21 -14.45
C PHE F 254 51.91 -40.91 -14.14
N PHE F 255 52.18 -40.06 -13.15
CA PHE F 255 53.55 -39.71 -12.79
C PHE F 255 53.92 -40.43 -11.50
N THR F 256 54.79 -41.43 -11.61
CA THR F 256 55.33 -42.10 -10.45
C THR F 256 56.50 -41.28 -9.91
N ASP F 257 56.37 -40.78 -8.69
CA ASP F 257 57.39 -39.91 -8.12
C ASP F 257 58.74 -40.62 -8.06
N GLY F 258 59.75 -39.97 -8.62
CA GLY F 258 61.08 -40.55 -8.69
C GLY F 258 61.31 -41.47 -9.87
N THR F 259 60.27 -41.85 -10.60
CA THR F 259 60.40 -42.72 -11.77
C THR F 259 60.16 -41.97 -13.07
N GLY F 260 59.05 -41.24 -13.17
CA GLY F 260 58.74 -40.46 -14.34
C GLY F 260 57.34 -40.70 -14.85
N TYR F 261 56.96 -39.89 -15.84
CA TYR F 261 55.64 -39.98 -16.45
C TYR F 261 55.56 -41.21 -17.33
N VAL F 262 54.83 -42.22 -16.89
CA VAL F 262 54.65 -43.43 -17.69
C VAL F 262 53.55 -43.19 -18.71
N PHE F 263 53.91 -42.74 -19.90
CA PHE F 263 52.95 -42.44 -20.96
C PHE F 263 53.11 -43.45 -22.08
N GLU F 264 51.98 -43.99 -22.55
CA GLU F 264 51.93 -44.88 -23.71
C GLU F 264 52.70 -46.18 -23.48
N GLY F 265 53.25 -46.35 -22.29
CA GLY F 265 54.07 -47.50 -21.99
C GLY F 265 55.56 -47.27 -22.01
N THR F 266 56.01 -46.01 -22.01
CA THR F 266 57.43 -45.68 -22.01
C THR F 266 57.68 -44.60 -20.98
N THR F 267 58.62 -44.84 -20.07
CA THR F 267 58.94 -43.85 -19.06
C THR F 267 59.68 -42.68 -19.68
N ARG F 268 59.19 -41.47 -19.45
CA ARG F 268 59.77 -40.27 -20.03
C ARG F 268 60.00 -39.23 -18.94
N THR F 269 60.93 -38.32 -19.21
CA THR F 269 61.16 -37.18 -18.35
C THR F 269 60.20 -36.05 -18.73
N ALA F 270 60.31 -34.92 -18.03
CA ALA F 270 59.50 -33.77 -18.41
C ALA F 270 59.83 -33.30 -19.82
N ASP F 271 61.09 -33.44 -20.23
CA ASP F 271 61.50 -32.98 -21.55
C ASP F 271 60.77 -33.72 -22.64
N GLN F 272 60.68 -35.05 -22.53
CA GLN F 272 60.01 -35.83 -23.57
C GLN F 272 58.51 -35.60 -23.57
N MET F 273 57.90 -35.36 -22.41
CA MET F 273 56.50 -34.97 -22.38
C MET F 273 56.30 -33.64 -23.08
N THR F 274 57.22 -32.69 -22.88
CA THR F 274 57.13 -31.42 -23.60
C THR F 274 57.29 -31.62 -25.10
N GLU F 275 58.14 -32.57 -25.51
CA GLU F 275 58.28 -32.85 -26.94
C GLU F 275 57.00 -33.45 -27.51
N PHE F 276 56.37 -34.35 -26.75
CA PHE F 276 55.08 -34.91 -27.18
C PHE F 276 54.05 -33.81 -27.32
N TYR F 277 54.00 -32.88 -26.36
CA TYR F 277 53.06 -31.76 -26.44
C TYR F 277 53.36 -30.87 -27.64
N ALA F 278 54.64 -30.65 -27.94
CA ALA F 278 55.00 -29.82 -29.09
C ALA F 278 54.56 -30.48 -30.38
N GLY F 279 54.76 -31.79 -30.51
CA GLY F 279 54.28 -32.49 -31.69
C GLY F 279 52.77 -32.42 -31.82
N LEU F 280 52.06 -32.64 -30.71
CA LEU F 280 50.60 -32.51 -30.73
C LEU F 280 50.18 -31.11 -31.19
N LEU F 281 50.75 -30.08 -30.57
CA LEU F 281 50.40 -28.71 -30.92
C LEU F 281 50.67 -28.42 -32.38
N GLY F 282 51.75 -29.00 -32.92
CA GLY F 282 52.04 -28.80 -34.33
C GLY F 282 51.01 -29.44 -35.23
N ALA F 283 50.69 -30.71 -34.98
CA ALA F 283 49.84 -31.45 -35.91
C ALA F 283 48.35 -31.21 -35.69
N TYR F 284 47.95 -30.39 -34.74
CA TYR F 284 46.54 -30.22 -34.43
C TYR F 284 46.28 -28.78 -34.00
N PRO F 285 45.05 -28.29 -34.14
CA PRO F 285 44.70 -26.92 -33.73
C PRO F 285 44.40 -26.80 -32.23
N LEU F 286 45.33 -27.29 -31.41
CA LEU F 286 45.15 -27.20 -29.97
C LEU F 286 45.30 -25.76 -29.50
N VAL F 287 44.40 -25.32 -28.63
CA VAL F 287 44.43 -23.96 -28.11
C VAL F 287 44.69 -23.90 -26.61
N SER F 288 44.67 -25.03 -25.91
CA SER F 288 44.80 -25.00 -24.46
C SER F 288 45.10 -26.41 -23.96
N ILE F 289 46.05 -26.52 -23.03
CA ILE F 289 46.36 -27.77 -22.36
C ILE F 289 46.32 -27.53 -20.85
N GLU F 290 45.69 -28.45 -20.13
CA GLU F 290 45.41 -28.29 -18.71
C GLU F 290 46.19 -29.31 -17.91
N ASP F 291 46.92 -28.83 -16.90
CA ASP F 291 47.79 -29.66 -16.07
C ASP F 291 48.66 -30.55 -16.95
N PRO F 292 49.64 -29.99 -17.65
CA PRO F 292 50.49 -30.82 -18.50
C PRO F 292 51.48 -31.67 -17.73
N LEU F 293 51.92 -31.21 -16.55
CA LEU F 293 52.85 -31.96 -15.71
C LEU F 293 52.29 -31.98 -14.28
N SER F 294 53.00 -32.66 -13.39
CA SER F 294 52.52 -32.86 -12.03
C SER F 294 52.43 -31.53 -11.28
N GLU F 295 51.73 -31.57 -10.14
CA GLU F 295 51.47 -30.35 -9.37
C GLU F 295 52.59 -30.00 -8.41
N ASP F 296 53.68 -30.76 -8.41
CA ASP F 296 54.86 -30.42 -7.64
C ASP F 296 56.09 -30.22 -8.51
N ASP F 297 56.01 -30.59 -9.79
CA ASP F 297 57.12 -30.47 -10.74
C ASP F 297 57.25 -29.03 -11.22
N TRP F 298 57.52 -28.13 -10.27
CA TRP F 298 57.55 -26.71 -10.59
C TRP F 298 58.60 -26.38 -11.66
N ASP F 299 59.79 -26.96 -11.53
CA ASP F 299 60.86 -26.63 -12.47
C ASP F 299 60.53 -27.14 -13.88
N GLY F 300 60.06 -28.38 -13.98
CA GLY F 300 59.61 -28.87 -15.28
C GLY F 300 58.45 -28.08 -15.83
N TRP F 301 57.56 -27.62 -14.94
CA TRP F 301 56.45 -26.77 -15.37
C TRP F 301 56.96 -25.48 -15.98
N ALA F 302 57.94 -24.84 -15.34
CA ALA F 302 58.50 -23.60 -15.89
C ALA F 302 59.23 -23.86 -17.19
N ALA F 303 59.91 -25.00 -17.30
CA ALA F 303 60.56 -25.38 -18.55
C ALA F 303 59.55 -25.52 -19.68
N LEU F 304 58.46 -26.22 -19.42
CA LEU F 304 57.41 -26.40 -20.43
C LEU F 304 56.74 -25.09 -20.78
N THR F 305 56.53 -24.22 -19.78
CA THR F 305 55.94 -22.91 -20.05
C THR F 305 56.85 -22.06 -20.91
N ALA F 306 58.16 -22.14 -20.70
CA ALA F 306 59.08 -21.44 -21.58
C ALA F 306 59.07 -22.05 -22.97
N SER F 307 58.92 -23.36 -23.07
CA SER F 307 59.05 -24.03 -24.36
C SER F 307 57.83 -23.82 -25.25
N ILE F 308 56.62 -23.91 -24.69
CA ILE F 308 55.41 -23.83 -25.52
C ILE F 308 54.40 -22.85 -24.94
N GLY F 309 54.76 -22.14 -23.88
CA GLY F 309 53.79 -21.36 -23.16
C GLY F 309 53.47 -19.99 -23.72
N ASP F 310 53.73 -19.79 -25.01
CA ASP F 310 53.26 -18.61 -25.71
C ASP F 310 52.60 -18.94 -27.03
N ARG F 311 52.52 -20.23 -27.38
CA ARG F 311 51.79 -20.69 -28.55
C ARG F 311 50.56 -21.50 -28.17
N VAL F 312 50.24 -21.59 -26.88
CA VAL F 312 49.10 -22.35 -26.40
C VAL F 312 48.82 -21.90 -24.97
N GLN F 313 47.61 -22.16 -24.51
CA GLN F 313 47.21 -21.81 -23.16
C GLN F 313 47.58 -22.93 -22.21
N ILE F 314 48.20 -22.58 -21.08
CA ILE F 314 48.64 -23.54 -20.08
C ILE F 314 47.76 -23.33 -18.86
N VAL F 315 46.88 -24.30 -18.59
CA VAL F 315 45.90 -24.19 -17.52
C VAL F 315 46.42 -24.94 -16.30
N GLY F 316 46.49 -24.24 -15.17
CA GLY F 316 46.86 -24.87 -13.92
C GLY F 316 45.65 -25.34 -13.13
N ASP F 317 45.35 -26.63 -13.19
CA ASP F 317 44.20 -27.19 -12.50
C ASP F 317 44.57 -27.71 -11.11
N ASP F 318 45.63 -28.50 -11.02
CA ASP F 318 46.06 -29.06 -9.74
C ASP F 318 47.26 -28.34 -9.15
N ILE F 319 48.15 -27.80 -9.98
CA ILE F 319 49.32 -27.10 -9.46
C ILE F 319 48.89 -25.90 -8.63
N PHE F 320 47.73 -25.35 -8.92
CA PHE F 320 47.04 -24.41 -8.05
C PHE F 320 45.68 -25.00 -7.75
N VAL F 321 45.13 -24.69 -6.59
CA VAL F 321 43.83 -25.24 -6.21
C VAL F 321 42.87 -24.09 -5.97
N THR F 322 43.02 -23.02 -6.76
CA THR F 322 42.29 -21.77 -6.60
C THR F 322 42.68 -21.08 -5.31
N ASN F 323 43.85 -21.42 -4.78
CA ASN F 323 44.38 -20.76 -3.60
C ASN F 323 45.25 -19.59 -4.03
N PRO F 324 44.97 -18.37 -3.55
CA PRO F 324 45.83 -17.24 -3.94
C PRO F 324 47.27 -17.40 -3.50
N GLU F 325 47.50 -18.04 -2.34
CA GLU F 325 48.84 -18.14 -1.80
C GLU F 325 49.74 -18.99 -2.70
N ARG F 326 49.19 -20.01 -3.34
CA ARG F 326 49.97 -20.76 -4.31
C ARG F 326 49.97 -20.08 -5.67
N LEU F 327 48.92 -19.30 -5.97
CA LEU F 327 48.84 -18.63 -7.25
C LEU F 327 49.92 -17.56 -7.40
N GLU F 328 50.16 -16.79 -6.35
CA GLU F 328 51.23 -15.80 -6.39
C GLU F 328 52.57 -16.47 -6.63
N GLU F 329 52.84 -17.56 -5.90
CA GLU F 329 54.10 -18.27 -6.07
C GLU F 329 54.25 -18.82 -7.48
N GLY F 330 53.16 -19.29 -8.09
CA GLY F 330 53.24 -19.74 -9.47
C GLY F 330 53.38 -18.60 -10.46
N ILE F 331 52.85 -17.43 -10.13
CA ILE F 331 53.06 -16.26 -10.97
C ILE F 331 54.53 -15.90 -10.99
N GLU F 332 55.18 -15.95 -9.83
CA GLU F 332 56.57 -15.52 -9.76
C GLU F 332 57.51 -16.47 -10.52
N ARG F 333 57.28 -17.77 -10.42
CA ARG F 333 58.16 -18.75 -11.04
C ARG F 333 57.93 -18.87 -12.54
N GLY F 334 57.11 -18.00 -13.13
CA GLY F 334 56.87 -18.04 -14.56
C GLY F 334 56.29 -19.36 -15.03
N VAL F 335 55.04 -19.64 -14.63
CA VAL F 335 54.44 -20.93 -14.93
C VAL F 335 52.93 -20.75 -15.03
N ALA F 336 52.30 -21.59 -15.87
CA ALA F 336 50.85 -21.77 -15.87
C ALA F 336 50.12 -20.45 -16.16
N ASN F 337 50.23 -20.02 -17.41
CA ASN F 337 49.65 -18.75 -17.83
C ASN F 337 48.12 -18.73 -17.77
N ALA F 338 47.48 -19.77 -17.24
CA ALA F 338 46.03 -19.76 -17.08
C ALA F 338 45.64 -20.48 -15.80
N LEU F 339 44.51 -20.04 -15.23
CA LEU F 339 43.97 -20.57 -13.98
C LEU F 339 42.64 -21.28 -14.26
N LEU F 340 42.27 -22.20 -13.38
CA LEU F 340 40.99 -22.90 -13.43
C LEU F 340 40.26 -22.65 -12.11
N VAL F 341 39.10 -22.01 -12.18
CA VAL F 341 38.41 -21.51 -11.01
C VAL F 341 37.30 -22.47 -10.64
N LYS F 342 37.50 -23.25 -9.58
CA LYS F 342 36.46 -24.09 -9.01
C LYS F 342 36.05 -23.50 -7.68
N VAL F 343 34.75 -23.28 -7.50
CA VAL F 343 34.27 -22.42 -6.43
C VAL F 343 34.32 -23.13 -5.08
N ASN F 344 34.23 -24.44 -5.05
CA ASN F 344 34.19 -25.17 -3.79
C ASN F 344 35.57 -25.63 -3.34
N GLN F 345 36.62 -25.28 -4.06
CA GLN F 345 37.98 -25.50 -3.61
C GLN F 345 38.51 -24.34 -2.80
N ILE F 346 37.75 -23.25 -2.66
CA ILE F 346 38.23 -22.09 -1.93
C ILE F 346 37.25 -21.74 -0.81
N GLY F 347 35.99 -22.12 -0.98
CA GLY F 347 35.03 -22.12 0.10
C GLY F 347 34.08 -20.95 0.15
N THR F 348 34.43 -19.80 -0.43
CA THR F 348 33.53 -18.66 -0.43
C THR F 348 33.53 -18.00 -1.81
N LEU F 349 32.48 -17.22 -2.05
CA LEU F 349 32.43 -16.41 -3.26
C LEU F 349 33.47 -15.30 -3.22
N THR F 350 33.66 -14.68 -2.05
CA THR F 350 34.60 -13.57 -1.93
C THR F 350 36.02 -14.00 -2.28
N GLU F 351 36.49 -15.08 -1.68
CA GLU F 351 37.84 -15.53 -1.99
C GLU F 351 37.97 -15.97 -3.43
N THR F 352 36.86 -16.46 -4.03
CA THR F 352 36.86 -16.78 -5.44
C THR F 352 37.14 -15.54 -6.28
N LEU F 353 36.37 -14.47 -6.01
CA LEU F 353 36.55 -13.23 -6.75
C LEU F 353 37.95 -12.65 -6.54
N ASP F 354 38.47 -12.76 -5.32
CA ASP F 354 39.81 -12.24 -5.06
C ASP F 354 40.87 -13.01 -5.82
N ALA F 355 40.76 -14.34 -5.85
CA ALA F 355 41.75 -15.13 -6.59
C ALA F 355 41.64 -14.89 -8.09
N VAL F 356 40.42 -14.72 -8.61
CA VAL F 356 40.30 -14.49 -10.04
C VAL F 356 40.84 -13.10 -10.38
N THR F 357 40.66 -12.11 -9.50
CA THR F 357 41.28 -10.81 -9.71
C THR F 357 42.80 -10.93 -9.74
N LEU F 358 43.37 -11.61 -8.74
CA LEU F 358 44.82 -11.77 -8.68
C LEU F 358 45.36 -12.48 -9.91
N ALA F 359 44.60 -13.42 -10.48
CA ALA F 359 45.08 -14.08 -11.68
C ALA F 359 44.85 -13.26 -12.94
N HIS F 360 43.85 -12.38 -12.92
CA HIS F 360 43.64 -11.48 -14.05
C HIS F 360 44.78 -10.47 -14.15
N HIS F 361 45.10 -9.82 -13.05
CA HIS F 361 46.14 -8.79 -13.09
C HIS F 361 47.52 -9.34 -13.26
N GLY F 362 47.68 -10.65 -13.49
CA GLY F 362 48.98 -11.23 -13.77
C GLY F 362 49.17 -11.73 -15.18
N GLY F 363 48.24 -11.43 -16.10
CA GLY F 363 48.36 -11.93 -17.45
C GLY F 363 47.82 -13.32 -17.66
N TYR F 364 47.04 -13.82 -16.71
CA TYR F 364 46.52 -15.18 -16.75
C TYR F 364 45.04 -15.16 -17.11
N ARG F 365 44.67 -15.94 -18.12
CA ARG F 365 43.27 -16.19 -18.38
C ARG F 365 42.73 -17.18 -17.35
N THR F 366 41.45 -17.04 -17.02
CA THR F 366 40.80 -17.95 -16.09
C THR F 366 39.74 -18.76 -16.83
N MET F 367 39.19 -19.75 -16.12
CA MET F 367 38.21 -20.65 -16.72
C MET F 367 37.35 -21.23 -15.60
N ILE F 368 36.12 -20.75 -15.47
CA ILE F 368 35.20 -21.31 -14.51
C ILE F 368 34.93 -22.76 -14.86
N SER F 369 35.04 -23.65 -13.88
CA SER F 369 34.97 -25.07 -14.11
C SER F 369 33.94 -25.72 -13.20
N HIS F 370 33.60 -26.96 -13.54
CA HIS F 370 32.59 -27.74 -12.85
C HIS F 370 33.26 -28.82 -12.01
N ARG F 371 32.44 -29.54 -11.25
CA ARG F 371 32.91 -30.68 -10.47
C ARG F 371 32.34 -31.96 -11.04
N SER F 372 32.86 -33.08 -10.52
CA SER F 372 32.34 -34.37 -10.96
C SER F 372 30.91 -34.58 -10.49
N GLY F 373 30.62 -34.22 -9.24
CA GLY F 373 29.25 -34.26 -8.78
C GLY F 373 28.62 -32.89 -8.72
N GLU F 374 27.82 -32.57 -9.72
CA GLU F 374 27.11 -31.30 -9.79
C GLU F 374 25.65 -31.50 -9.41
N THR F 375 24.90 -30.40 -9.44
CA THR F 375 23.47 -30.45 -9.16
C THR F 375 22.73 -29.66 -10.23
N GLU F 376 21.45 -29.42 -10.04
CA GLU F 376 20.68 -28.58 -10.94
C GLU F 376 20.91 -27.09 -10.69
N ASP F 377 21.93 -26.75 -9.91
CA ASP F 377 22.27 -25.35 -9.64
C ASP F 377 23.12 -24.80 -10.77
N THR F 378 22.71 -23.64 -11.30
CA THR F 378 23.35 -23.04 -12.47
C THR F 378 24.09 -21.75 -12.13
N MET F 379 24.79 -21.73 -11.00
CA MET F 379 25.46 -20.50 -10.58
C MET F 379 26.78 -20.27 -11.31
N ILE F 380 27.47 -21.33 -11.73
CA ILE F 380 28.76 -21.11 -12.36
C ILE F 380 28.60 -20.46 -13.73
N ALA F 381 27.44 -20.59 -14.35
CA ALA F 381 27.17 -19.84 -15.58
C ALA F 381 27.14 -18.34 -15.31
N ASP F 382 26.30 -17.93 -14.35
CA ASP F 382 26.24 -16.53 -13.95
C ASP F 382 27.61 -16.03 -13.53
N LEU F 383 28.39 -16.88 -12.87
CA LEU F 383 29.68 -16.45 -12.37
C LEU F 383 30.71 -16.33 -13.49
N ALA F 384 30.61 -17.16 -14.53
CA ALA F 384 31.51 -17.03 -15.65
C ALA F 384 31.14 -15.86 -16.55
N VAL F 385 29.88 -15.43 -16.53
CA VAL F 385 29.52 -14.21 -17.23
C VAL F 385 29.95 -12.99 -16.44
N ALA F 386 29.76 -13.03 -15.11
CA ALA F 386 30.04 -11.86 -14.28
C ALA F 386 31.51 -11.51 -14.29
N ILE F 387 32.38 -12.47 -13.95
CA ILE F 387 33.81 -12.19 -13.94
C ILE F 387 34.37 -12.00 -15.34
N GLY F 388 33.57 -12.22 -16.37
CA GLY F 388 34.02 -12.04 -17.75
C GLY F 388 35.21 -12.88 -18.12
N SER F 389 35.19 -14.16 -17.75
CA SER F 389 36.34 -15.01 -18.00
C SER F 389 36.52 -15.30 -19.48
N GLY F 390 35.43 -15.38 -20.23
CA GLY F 390 35.54 -15.71 -21.64
C GLY F 390 35.83 -17.16 -21.92
N GLN F 391 35.81 -18.01 -20.92
CA GLN F 391 35.92 -19.46 -21.08
C GLN F 391 35.10 -20.11 -19.98
N ILE F 392 34.58 -21.30 -20.28
CA ILE F 392 33.89 -22.10 -19.28
C ILE F 392 34.10 -23.56 -19.65
N LYS F 393 34.14 -24.40 -18.63
CA LYS F 393 34.32 -25.84 -18.79
C LYS F 393 33.23 -26.50 -17.96
N THR F 394 32.16 -26.94 -18.61
CA THR F 394 31.04 -27.52 -17.89
C THR F 394 30.50 -28.74 -18.60
N GLY F 395 31.37 -29.50 -19.25
CA GLY F 395 31.02 -30.83 -19.72
C GLY F 395 30.44 -30.85 -21.13
N ALA F 396 30.02 -32.05 -21.51
CA ALA F 396 29.42 -32.27 -22.81
C ALA F 396 27.93 -31.92 -22.79
N PRO F 397 27.36 -31.61 -23.95
CA PRO F 397 25.92 -31.34 -23.99
C PRO F 397 25.09 -32.59 -23.78
N ALA F 398 25.13 -33.13 -22.57
CA ALA F 398 24.32 -34.26 -22.16
C ALA F 398 24.29 -34.26 -20.64
N ARG F 399 23.47 -35.13 -20.06
CA ARG F 399 23.43 -35.25 -18.61
C ARG F 399 23.07 -33.92 -17.97
N SER F 400 21.80 -33.55 -18.01
CA SER F 400 21.36 -32.17 -17.85
C SER F 400 21.88 -31.44 -16.63
N GLU F 401 22.63 -32.12 -15.74
CA GLU F 401 23.42 -31.35 -14.78
C GLU F 401 24.51 -30.54 -15.47
N ARG F 402 24.93 -30.96 -16.66
CA ARG F 402 25.83 -30.17 -17.48
C ARG F 402 25.10 -29.23 -18.41
N VAL F 403 23.93 -29.63 -18.89
CA VAL F 403 23.20 -28.83 -19.86
C VAL F 403 22.40 -27.70 -19.21
N ALA F 404 22.09 -27.83 -17.92
CA ALA F 404 21.44 -26.73 -17.22
C ALA F 404 22.29 -25.46 -17.29
N LYS F 405 23.62 -25.62 -17.24
CA LYS F 405 24.51 -24.47 -17.35
C LYS F 405 24.39 -23.82 -18.71
N TYR F 406 24.37 -24.61 -19.78
CA TYR F 406 24.25 -24.05 -21.12
C TYR F 406 22.89 -23.41 -21.33
N ASN F 407 21.84 -24.00 -20.77
CA ASN F 407 20.52 -23.38 -20.86
C ASN F 407 20.49 -22.05 -20.14
N GLN F 408 21.14 -21.96 -18.97
CA GLN F 408 21.18 -20.70 -18.27
C GLN F 408 21.99 -19.66 -19.03
N LEU F 409 23.06 -20.09 -19.71
CA LEU F 409 23.82 -19.15 -20.53
C LEU F 409 22.99 -18.67 -21.72
N LEU F 410 22.15 -19.54 -22.28
CA LEU F 410 21.23 -19.09 -23.33
C LEU F 410 20.27 -18.04 -22.80
N ARG F 411 19.70 -18.27 -21.62
CA ARG F 411 18.80 -17.28 -21.03
C ARG F 411 19.53 -15.99 -20.72
N ILE F 412 20.78 -16.07 -20.27
CA ILE F 412 21.57 -14.88 -19.99
C ILE F 412 21.77 -14.07 -21.26
N GLU F 413 22.12 -14.75 -22.36
CA GLU F 413 22.33 -14.06 -23.62
C GLU F 413 21.03 -13.41 -24.11
N GLU F 414 19.92 -14.12 -23.95
CA GLU F 414 18.63 -13.57 -24.35
C GLU F 414 18.26 -12.35 -23.50
N ALA F 415 18.61 -12.39 -22.22
CA ALA F 415 18.28 -11.28 -21.32
C ALA F 415 19.15 -10.07 -21.60
N LEU F 416 20.42 -10.29 -21.89
CA LEU F 416 21.26 -9.19 -22.36
C LEU F 416 20.69 -8.59 -23.63
N GLY F 417 20.57 -9.38 -24.67
CA GLY F 417 20.01 -8.90 -25.94
C GLY F 417 21.09 -8.35 -26.85
N ASP F 418 20.95 -7.10 -27.26
CA ASP F 418 21.94 -6.48 -28.14
C ASP F 418 23.26 -6.24 -27.41
N ALA F 419 23.25 -6.21 -26.08
CA ALA F 419 24.45 -5.92 -25.32
C ALA F 419 25.43 -7.07 -25.34
N ALA F 420 24.94 -8.30 -25.43
CA ALA F 420 25.78 -9.47 -25.28
C ALA F 420 26.86 -9.52 -26.36
N ARG F 421 27.97 -10.15 -26.01
CA ARG F 421 29.06 -10.40 -26.95
C ARG F 421 29.59 -11.80 -26.70
N TYR F 422 29.80 -12.55 -27.78
CA TYR F 422 30.40 -13.86 -27.68
C TYR F 422 31.91 -13.71 -27.72
N ALA F 423 32.59 -14.28 -26.74
CA ALA F 423 34.05 -14.18 -26.64
C ALA F 423 34.75 -15.21 -27.49
N GLY F 424 34.39 -15.31 -28.77
CA GLY F 424 35.00 -16.28 -29.65
C GLY F 424 36.17 -15.66 -30.41
N ASP F 425 37.27 -16.40 -30.45
CA ASP F 425 38.52 -16.03 -31.10
C ASP F 425 39.23 -14.88 -30.41
N LEU F 426 38.62 -14.28 -29.39
CA LEU F 426 39.29 -13.30 -28.56
C LEU F 426 39.82 -13.89 -27.28
N ALA F 427 39.52 -15.16 -27.00
CA ALA F 427 39.99 -15.84 -25.82
C ALA F 427 41.15 -16.78 -26.09
N PHE F 428 41.61 -16.87 -27.34
CA PHE F 428 42.73 -17.75 -27.70
C PHE F 428 43.58 -17.06 -28.75
N PRO F 429 44.30 -16.00 -28.37
CA PRO F 429 45.11 -15.28 -29.36
C PRO F 429 46.21 -16.13 -29.97
N ARG F 430 46.82 -17.02 -29.20
CA ARG F 430 47.90 -17.86 -29.71
C ARG F 430 47.39 -18.89 -30.72
N MET G 8 10.29 0.13 -11.91
CA MET G 8 11.24 -0.36 -12.90
C MET G 8 12.34 0.67 -13.20
N PRO G 9 13.49 0.19 -13.64
CA PRO G 9 14.60 1.08 -14.02
C PRO G 9 14.57 1.50 -15.49
N ILE G 10 13.48 2.14 -15.89
CA ILE G 10 13.32 2.64 -17.25
C ILE G 10 13.26 4.15 -17.19
N ILE G 11 14.01 4.81 -18.08
CA ILE G 11 14.15 6.26 -18.03
C ILE G 11 12.85 6.93 -18.45
N GLU G 12 12.44 7.94 -17.71
CA GLU G 12 11.21 8.68 -18.00
C GLU G 12 11.45 10.11 -18.42
N GLN G 13 12.34 10.84 -17.75
CA GLN G 13 12.62 12.23 -18.12
C GLN G 13 14.11 12.47 -18.11
N VAL G 14 14.55 13.36 -19.00
CA VAL G 14 15.92 13.86 -19.04
C VAL G 14 15.87 15.36 -19.16
N ARG G 15 16.68 16.06 -18.36
CA ARG G 15 16.69 17.51 -18.36
C ARG G 15 18.11 18.02 -18.19
N ALA G 16 18.55 18.88 -19.10
CA ALA G 16 19.87 19.47 -18.99
C ALA G 16 19.77 20.95 -18.68
N ARG G 17 20.72 21.44 -17.90
CA ARG G 17 20.84 22.86 -17.61
C ARG G 17 22.31 23.24 -17.67
N GLU G 18 22.57 24.54 -17.64
CA GLU G 18 23.93 25.06 -17.76
C GLU G 18 24.33 25.69 -16.43
N ILE G 19 25.45 25.22 -15.89
CA ILE G 19 25.96 25.65 -14.59
C ILE G 19 27.41 26.10 -14.77
N LEU G 20 28.05 26.48 -13.67
CA LEU G 20 29.45 26.88 -13.68
C LEU G 20 30.30 25.80 -13.05
N ASP G 21 31.49 25.56 -13.61
CA ASP G 21 32.41 24.62 -13.02
C ASP G 21 33.32 25.34 -12.03
N SER G 22 34.28 24.60 -11.47
CA SER G 22 35.12 25.13 -10.42
C SER G 22 35.98 26.30 -10.88
N ARG G 23 36.08 26.54 -12.18
CA ARG G 23 36.92 27.61 -12.70
C ARG G 23 36.13 28.78 -13.26
N GLY G 24 34.82 28.76 -13.14
CA GLY G 24 34.00 29.85 -13.63
C GLY G 24 33.61 29.73 -15.08
N ASN G 25 33.75 28.57 -15.70
CA ASN G 25 33.32 28.37 -17.06
C ASN G 25 32.07 27.51 -17.08
N PRO G 26 31.20 27.69 -18.07
CA PRO G 26 29.96 26.92 -18.09
C PRO G 26 30.21 25.44 -18.37
N THR G 27 29.26 24.63 -17.93
CA THR G 27 29.25 23.20 -18.21
C THR G 27 27.82 22.70 -18.09
N VAL G 28 27.63 21.44 -18.44
CA VAL G 28 26.31 20.84 -18.56
C VAL G 28 26.00 20.04 -17.32
N GLU G 29 24.77 20.11 -16.85
CA GLU G 29 24.30 19.27 -15.76
C GLU G 29 23.04 18.56 -16.20
N VAL G 30 23.05 17.23 -16.13
CA VAL G 30 21.95 16.41 -16.63
C VAL G 30 21.26 15.74 -15.46
N GLU G 31 19.94 15.80 -15.43
CA GLU G 31 19.12 15.17 -14.42
C GLU G 31 18.22 14.15 -15.10
N VAL G 32 18.31 12.90 -14.65
CA VAL G 32 17.54 11.80 -15.20
C VAL G 32 16.55 11.33 -14.15
N ALA G 33 15.28 11.27 -14.52
CA ALA G 33 14.23 10.79 -13.64
C ALA G 33 13.70 9.48 -14.19
N LEU G 34 13.72 8.44 -13.36
CA LEU G 34 13.23 7.13 -13.73
C LEU G 34 11.73 7.04 -13.48
N ILE G 35 11.11 6.04 -14.11
CA ILE G 35 9.68 5.80 -13.94
C ILE G 35 9.31 5.35 -12.53
N ASP G 36 10.31 5.06 -11.70
CA ASP G 36 10.11 4.54 -10.34
C ASP G 36 10.52 5.58 -9.29
N GLY G 37 10.35 6.87 -9.60
CA GLY G 37 10.63 7.93 -8.66
C GLY G 37 12.07 8.36 -8.54
N THR G 38 13.01 7.47 -8.85
CA THR G 38 14.44 7.80 -8.81
C THR G 38 14.72 9.07 -9.59
N PHE G 39 15.60 9.91 -9.05
CA PHE G 39 15.92 11.19 -9.67
C PHE G 39 17.40 11.48 -9.41
N ALA G 40 18.24 11.35 -10.42
CA ALA G 40 19.66 11.52 -10.27
C ALA G 40 20.13 12.74 -11.06
N ARG G 41 21.31 13.23 -10.68
CA ARG G 41 21.87 14.45 -11.25
C ARG G 41 23.38 14.29 -11.37
N ALA G 42 23.92 14.62 -12.53
CA ALA G 42 25.35 14.49 -12.77
C ALA G 42 25.86 15.63 -13.62
N ALA G 43 27.03 16.15 -13.25
CA ALA G 43 27.67 17.26 -13.94
C ALA G 43 28.96 16.78 -14.59
N VAL G 44 29.26 17.35 -15.75
CA VAL G 44 30.33 16.88 -16.62
C VAL G 44 31.55 17.78 -16.39
N PRO G 45 32.69 17.24 -15.99
CA PRO G 45 33.89 18.06 -15.87
C PRO G 45 34.42 18.43 -17.24
N SER G 46 35.46 19.27 -17.30
CA SER G 46 35.99 19.70 -18.59
C SER G 46 37.43 20.12 -18.42
N GLY G 47 38.28 19.67 -19.33
CA GLY G 47 39.69 20.01 -19.27
C GLY G 47 40.00 21.34 -19.90
N ALA G 48 41.24 21.78 -19.68
CA ALA G 48 41.68 23.07 -20.23
C ALA G 48 41.62 23.08 -21.76
N SER G 49 41.87 21.93 -22.39
CA SER G 49 41.84 21.85 -23.84
C SER G 49 41.64 20.40 -24.26
N THR G 50 41.27 20.22 -25.52
CA THR G 50 41.08 18.90 -26.10
C THR G 50 42.18 18.63 -27.11
N GLY G 51 42.74 17.43 -27.05
CA GLY G 51 43.83 17.05 -27.93
C GLY G 51 43.35 16.60 -29.29
N GLU G 52 43.85 15.45 -29.75
CA GLU G 52 43.55 14.97 -31.10
C GLU G 52 42.68 13.72 -31.13
N HIS G 53 42.65 12.94 -30.05
CA HIS G 53 41.90 11.69 -30.04
C HIS G 53 40.79 11.63 -29.01
N GLU G 54 40.72 12.59 -28.09
CA GLU G 54 39.68 12.57 -27.07
C GLU G 54 38.32 12.89 -27.70
N ALA G 55 37.27 12.73 -26.89
CA ALA G 55 35.96 13.22 -27.30
C ALA G 55 35.96 14.74 -27.29
N VAL G 56 35.05 15.31 -28.06
CA VAL G 56 35.00 16.75 -28.26
C VAL G 56 33.86 17.34 -27.44
N GLU G 57 34.13 18.43 -26.74
CA GLU G 57 33.11 19.18 -26.04
C GLU G 57 32.45 20.15 -27.01
N LEU G 58 31.13 20.18 -27.00
CA LEU G 58 30.35 21.01 -27.92
C LEU G 58 30.10 22.36 -27.25
N ARG G 59 30.99 23.31 -27.49
CA ARG G 59 30.85 24.66 -26.96
C ARG G 59 30.08 25.53 -27.93
N ASP G 60 29.49 26.60 -27.39
CA ASP G 60 28.66 27.49 -28.20
C ASP G 60 29.52 28.30 -29.17
N GLY G 61 30.51 29.00 -28.66
CA GLY G 61 31.31 29.87 -29.48
C GLY G 61 30.65 31.22 -29.70
N GLY G 62 31.43 32.29 -29.65
CA GLY G 62 30.88 33.62 -29.81
C GLY G 62 31.42 34.60 -28.79
N ASP G 63 30.52 35.43 -28.24
CA ASP G 63 30.91 36.40 -27.23
C ASP G 63 30.30 36.12 -25.87
N ARG G 64 29.24 35.34 -25.81
CA ARG G 64 28.63 35.00 -24.52
C ARG G 64 29.54 34.04 -23.77
N TYR G 65 29.82 34.37 -22.50
CA TYR G 65 30.65 33.54 -21.63
C TYR G 65 32.05 33.33 -22.21
N GLY G 66 32.52 34.27 -23.02
CA GLY G 66 33.82 34.09 -23.64
C GLY G 66 33.85 33.02 -24.69
N GLY G 67 32.72 32.72 -25.32
CA GLY G 67 32.67 31.69 -26.33
C GLY G 67 32.64 30.27 -25.79
N LYS G 68 32.45 30.10 -24.48
CA LYS G 68 32.44 28.79 -23.87
C LYS G 68 31.05 28.38 -23.39
N GLY G 69 30.01 29.05 -23.87
CA GLY G 69 28.67 28.63 -23.52
C GLY G 69 28.38 27.21 -23.95
N VAL G 70 27.48 26.56 -23.22
CA VAL G 70 27.09 25.20 -23.55
C VAL G 70 25.59 25.12 -23.76
N GLN G 71 24.99 26.20 -24.27
CA GLN G 71 23.56 26.15 -24.57
C GLN G 71 23.26 25.15 -25.68
N LYS G 72 24.23 24.88 -26.55
CA LYS G 72 24.02 23.93 -27.64
C LYS G 72 23.94 22.50 -27.12
N ALA G 73 24.81 22.14 -26.16
CA ALA G 73 24.74 20.80 -25.59
C ALA G 73 23.48 20.62 -24.75
N VAL G 74 23.08 21.67 -24.03
CA VAL G 74 21.83 21.62 -23.30
C VAL G 74 20.67 21.39 -24.25
N GLN G 75 20.67 22.10 -25.39
CA GLN G 75 19.60 21.92 -26.36
C GLN G 75 19.63 20.54 -26.98
N ALA G 76 20.83 20.02 -27.25
CA ALA G 76 20.96 18.68 -27.79
C ALA G 76 20.37 17.64 -26.85
N VAL G 77 20.66 17.76 -25.55
CA VAL G 77 20.07 16.83 -24.59
C VAL G 77 18.55 17.00 -24.56
N LEU G 78 18.08 18.24 -24.59
CA LEU G 78 16.65 18.47 -24.37
C LEU G 78 15.79 18.11 -25.59
N ASP G 79 16.36 18.13 -26.79
CA ASP G 79 15.58 17.84 -27.99
C ASP G 79 15.87 16.47 -28.60
N GLU G 80 17.08 15.97 -28.49
CA GLU G 80 17.48 14.76 -29.21
C GLU G 80 17.76 13.58 -28.31
N ILE G 81 18.68 13.71 -27.36
CA ILE G 81 19.10 12.58 -26.54
C ILE G 81 17.96 12.12 -25.63
N GLY G 82 17.16 13.05 -25.12
CA GLY G 82 16.08 12.75 -24.23
C GLY G 82 15.19 11.64 -24.75
N PRO G 83 14.42 11.93 -25.80
CA PRO G 83 13.57 10.89 -26.40
C PRO G 83 14.35 9.73 -26.99
N ALA G 84 15.63 9.90 -27.33
CA ALA G 84 16.39 8.80 -27.88
C ALA G 84 16.79 7.78 -26.82
N VAL G 85 16.76 8.15 -25.54
CA VAL G 85 17.00 7.19 -24.47
C VAL G 85 15.77 6.94 -23.63
N ILE G 86 14.79 7.85 -23.61
CA ILE G 86 13.60 7.65 -22.81
C ILE G 86 12.94 6.36 -23.23
N GLY G 87 12.87 5.40 -22.31
CA GLY G 87 12.29 4.10 -22.58
C GLY G 87 13.28 2.95 -22.52
N LEU G 88 14.57 3.21 -22.58
CA LEU G 88 15.55 2.14 -22.45
C LEU G 88 15.67 1.71 -21.00
N ASN G 89 16.47 0.67 -20.75
CA ASN G 89 16.60 0.07 -19.43
C ASN G 89 17.87 0.59 -18.76
N ALA G 90 17.70 1.15 -17.56
CA ALA G 90 18.81 1.80 -16.87
C ALA G 90 19.97 0.83 -16.64
N ASP G 91 19.68 -0.35 -16.09
CA ASP G 91 20.75 -1.28 -15.76
C ASP G 91 21.49 -1.80 -16.97
N ASP G 92 21.03 -1.46 -18.18
CA ASP G 92 21.72 -1.85 -19.40
C ASP G 92 22.61 -0.71 -19.87
N GLN G 93 23.70 -0.52 -19.12
CA GLN G 93 24.66 0.53 -19.46
C GLN G 93 25.16 0.39 -20.88
N ARG G 94 25.47 -0.83 -21.31
CA ARG G 94 25.99 -1.02 -22.65
C ARG G 94 24.92 -0.73 -23.70
N LEU G 95 23.67 -1.06 -23.40
CA LEU G 95 22.57 -0.71 -24.31
C LEU G 95 22.50 0.79 -24.53
N VAL G 96 22.32 1.55 -23.44
CA VAL G 96 22.13 2.98 -23.55
C VAL G 96 23.36 3.65 -24.12
N ASP G 97 24.55 3.16 -23.79
CA ASP G 97 25.76 3.81 -24.27
C ASP G 97 25.99 3.55 -25.75
N GLN G 98 25.66 2.33 -26.23
CA GLN G 98 25.70 2.12 -27.67
C GLN G 98 24.61 2.91 -28.38
N ALA G 99 23.44 3.04 -27.74
CA ALA G 99 22.39 3.89 -28.29
C ALA G 99 22.90 5.30 -28.52
N LEU G 100 23.54 5.89 -27.51
CA LEU G 100 24.08 7.23 -27.65
C LEU G 100 25.16 7.29 -28.72
N VAL G 101 26.09 6.33 -28.71
CA VAL G 101 27.21 6.37 -29.64
C VAL G 101 26.72 6.23 -31.08
N ASP G 102 25.63 5.50 -31.32
CA ASP G 102 25.11 5.42 -32.66
C ASP G 102 24.27 6.64 -33.01
N LEU G 103 23.49 7.15 -32.05
CA LEU G 103 22.73 8.38 -32.27
C LEU G 103 23.64 9.52 -32.67
N ASP G 104 24.86 9.54 -32.17
CA ASP G 104 25.79 10.58 -32.60
C ASP G 104 26.33 10.27 -33.99
N GLY G 105 27.00 9.14 -34.15
CA GLY G 105 27.43 8.68 -35.46
C GLY G 105 28.83 9.04 -35.86
N THR G 106 29.60 9.69 -34.99
CA THR G 106 30.94 10.15 -35.31
C THR G 106 31.96 9.51 -34.37
N PRO G 107 33.23 9.43 -34.79
CA PRO G 107 34.25 8.85 -33.90
C PRO G 107 34.65 9.73 -32.75
N ASP G 108 34.16 10.97 -32.66
CA ASP G 108 34.49 11.88 -31.58
C ASP G 108 33.27 12.33 -30.79
N LYS G 109 32.08 11.85 -31.14
CA LYS G 109 30.83 12.32 -30.55
C LYS G 109 30.64 13.82 -30.70
N SER G 110 31.32 14.42 -31.67
CA SER G 110 31.32 15.88 -31.81
C SER G 110 29.99 16.42 -32.30
N ARG G 111 29.17 15.61 -32.96
CA ARG G 111 27.87 16.10 -33.42
C ARG G 111 26.98 16.48 -32.24
N LEU G 112 27.04 15.72 -31.15
CA LEU G 112 26.29 16.01 -29.95
C LEU G 112 27.18 16.39 -28.77
N GLY G 113 28.50 16.36 -28.95
CA GLY G 113 29.41 16.74 -27.90
C GLY G 113 29.63 15.65 -26.88
N GLY G 114 30.88 15.43 -26.48
CA GLY G 114 31.16 14.41 -25.49
C GLY G 114 30.56 14.73 -24.13
N ASN G 115 30.36 16.02 -23.85
CA ASN G 115 29.88 16.42 -22.54
C ASN G 115 28.42 16.06 -22.33
N ALA G 116 27.56 16.29 -23.33
CA ALA G 116 26.16 15.91 -23.18
C ALA G 116 25.99 14.41 -23.06
N ILE G 117 26.69 13.66 -23.91
CA ILE G 117 26.60 12.21 -23.87
C ILE G 117 27.10 11.68 -22.53
N LEU G 118 28.22 12.20 -22.04
CA LEU G 118 28.75 11.72 -20.76
C LEU G 118 27.81 12.09 -19.63
N GLY G 119 27.19 13.27 -19.68
CA GLY G 119 26.24 13.63 -18.65
C GLY G 119 25.08 12.66 -18.58
N VAL G 120 24.53 12.30 -19.74
CA VAL G 120 23.41 11.35 -19.72
C VAL G 120 23.87 9.98 -19.26
N SER G 121 25.05 9.54 -19.72
CA SER G 121 25.59 8.26 -19.28
C SER G 121 25.72 8.21 -17.77
N LEU G 122 26.37 9.22 -17.18
CA LEU G 122 26.62 9.21 -15.75
C LEU G 122 25.34 9.33 -14.95
N ALA G 123 24.40 10.17 -15.38
CA ALA G 123 23.15 10.27 -14.63
C ALA G 123 22.35 8.99 -14.73
N VAL G 124 22.43 8.28 -15.87
CA VAL G 124 21.77 6.98 -15.99
C VAL G 124 22.39 5.98 -15.04
N ALA G 125 23.72 5.95 -14.95
CA ALA G 125 24.37 5.03 -14.02
C ALA G 125 23.99 5.37 -12.59
N LYS G 126 23.93 6.65 -12.25
CA LYS G 126 23.56 7.05 -10.90
C LYS G 126 22.13 6.65 -10.58
N ALA G 127 21.23 6.77 -11.55
CA ALA G 127 19.84 6.39 -11.29
C ALA G 127 19.68 4.88 -11.23
N ALA G 128 20.50 4.13 -11.97
CA ALA G 128 20.46 2.67 -11.86
C ALA G 128 20.99 2.20 -10.50
N ALA G 129 22.08 2.80 -10.03
CA ALA G 129 22.59 2.48 -8.71
C ALA G 129 21.61 2.89 -7.62
N ASP G 130 20.95 4.04 -7.78
CA ASP G 130 19.93 4.44 -6.82
C ASP G 130 18.73 3.51 -6.87
N SER G 131 18.41 2.98 -8.06
CA SER G 131 17.27 2.08 -8.19
C SER G 131 17.54 0.77 -7.47
N ALA G 132 18.66 0.13 -7.79
CA ALA G 132 19.04 -1.09 -7.08
C ALA G 132 19.20 -0.86 -5.59
N GLU G 133 19.16 0.38 -5.13
CA GLU G 133 19.37 0.83 -3.77
C GLU G 133 20.81 0.57 -3.30
N LEU G 134 21.64 -0.01 -4.13
CA LEU G 134 23.06 -0.08 -3.85
C LEU G 134 23.64 1.33 -3.86
N PRO G 135 24.80 1.53 -3.25
CA PRO G 135 25.53 2.77 -3.45
C PRO G 135 26.40 2.67 -4.69
N LEU G 136 26.64 3.82 -5.32
CA LEU G 136 27.18 3.85 -6.67
C LEU G 136 28.43 3.00 -6.82
N PHE G 137 29.30 3.00 -5.81
CA PHE G 137 30.53 2.21 -5.93
C PHE G 137 30.21 0.71 -5.90
N ARG G 138 29.25 0.32 -5.08
CA ARG G 138 28.88 -1.10 -5.01
C ARG G 138 28.24 -1.55 -6.31
N TYR G 139 27.35 -0.73 -6.88
CA TYR G 139 26.77 -1.07 -8.17
C TYR G 139 27.85 -1.22 -9.23
N VAL G 140 28.59 -0.15 -9.51
CA VAL G 140 29.55 -0.19 -10.61
C VAL G 140 30.63 -1.23 -10.39
N GLY G 141 30.87 -1.64 -9.14
CA GLY G 141 31.94 -2.60 -8.89
C GLY G 141 31.49 -3.97 -8.44
N GLY G 142 30.23 -4.10 -8.04
CA GLY G 142 29.68 -5.38 -7.66
C GLY G 142 29.70 -5.62 -6.17
N PRO G 143 29.91 -6.87 -5.76
CA PRO G 143 29.98 -7.18 -4.34
C PRO G 143 31.37 -7.05 -3.75
N ASN G 144 32.39 -7.17 -4.59
CA ASN G 144 33.77 -7.23 -4.16
C ASN G 144 34.44 -5.87 -4.14
N ALA G 145 33.67 -4.79 -4.28
CA ALA G 145 34.23 -3.43 -4.29
C ALA G 145 34.52 -3.03 -2.85
N HIS G 146 35.78 -3.14 -2.44
CA HIS G 146 36.14 -2.89 -1.07
C HIS G 146 37.43 -2.11 -0.88
N ILE G 147 38.17 -1.79 -1.93
CA ILE G 147 39.50 -1.22 -1.79
C ILE G 147 39.41 0.29 -1.86
N LEU G 148 40.00 0.96 -0.88
CA LEU G 148 40.09 2.42 -0.86
C LEU G 148 41.41 2.85 -1.46
N PRO G 149 41.43 3.83 -2.35
CA PRO G 149 42.65 4.12 -3.12
C PRO G 149 43.63 4.98 -2.35
N VAL G 150 44.87 4.96 -2.81
CA VAL G 150 45.92 5.78 -2.22
C VAL G 150 45.84 7.17 -2.83
N PRO G 151 45.46 8.20 -2.06
CA PRO G 151 45.32 9.54 -2.65
C PRO G 151 46.68 10.13 -2.99
N MET G 152 46.87 10.46 -4.27
CA MET G 152 48.08 11.15 -4.71
C MET G 152 47.79 12.63 -4.73
N MET G 153 48.33 13.36 -3.77
CA MET G 153 47.97 14.74 -3.53
C MET G 153 49.02 15.65 -4.17
N ASN G 154 48.59 16.42 -5.18
CA ASN G 154 49.43 17.38 -5.86
C ASN G 154 49.58 18.62 -4.99
N ILE G 155 50.76 18.83 -4.42
CA ILE G 155 50.95 19.95 -3.50
C ILE G 155 51.84 21.04 -4.07
N LEU G 156 52.63 20.76 -5.10
CA LEU G 156 53.58 21.74 -5.63
C LEU G 156 53.42 21.80 -7.14
N ASN G 157 52.94 22.92 -7.65
CA ASN G 157 52.69 23.09 -9.07
C ASN G 157 53.85 23.85 -9.72
N GLY G 158 54.22 23.41 -10.91
CA GLY G 158 55.26 24.09 -11.67
C GLY G 158 55.10 23.79 -13.15
N GLY G 159 56.04 24.32 -13.92
CA GLY G 159 56.05 24.03 -15.35
C GLY G 159 55.11 24.92 -16.10
N ALA G 160 54.19 24.32 -16.84
CA ALA G 160 53.22 25.04 -17.65
C ALA G 160 52.13 25.72 -16.83
N HIS G 161 52.23 25.78 -15.51
CA HIS G 161 51.18 26.37 -14.69
C HIS G 161 51.51 27.78 -14.23
N ALA G 162 52.77 28.05 -13.86
CA ALA G 162 53.16 29.37 -13.39
C ALA G 162 54.48 29.76 -14.02
N ASP G 163 54.77 31.07 -13.95
CA ASP G 163 56.03 31.62 -14.43
C ASP G 163 57.11 31.30 -13.40
N THR G 164 57.80 30.18 -13.61
CA THR G 164 58.77 29.70 -12.64
C THR G 164 59.85 28.91 -13.36
N ALA G 165 61.02 28.83 -12.72
CA ALA G 165 62.14 28.06 -13.24
C ALA G 165 61.96 26.56 -13.10
N VAL G 166 60.80 26.11 -12.64
CA VAL G 166 60.52 24.68 -12.51
C VAL G 166 59.94 24.19 -13.84
N ASP G 167 60.22 22.94 -14.17
CA ASP G 167 59.77 22.36 -15.42
C ASP G 167 58.85 21.17 -15.23
N ILE G 168 59.01 20.39 -14.17
CA ILE G 168 58.04 19.35 -13.86
C ILE G 168 56.70 19.98 -13.52
N GLN G 169 55.61 19.39 -14.03
CA GLN G 169 54.32 20.03 -13.89
C GLN G 169 53.77 19.87 -12.47
N GLU G 170 53.57 18.63 -12.03
CA GLU G 170 52.95 18.36 -10.74
C GLU G 170 53.89 17.57 -9.84
N PHE G 171 54.01 18.01 -8.59
CA PHE G 171 54.70 17.27 -7.55
C PHE G 171 53.66 16.75 -6.57
N MET G 172 53.59 15.44 -6.40
CA MET G 172 52.56 14.82 -5.59
C MET G 172 53.19 14.01 -4.46
N VAL G 173 52.50 13.98 -3.33
CA VAL G 173 52.85 13.10 -2.22
C VAL G 173 51.83 11.98 -2.17
N ALA G 174 52.24 10.87 -1.61
CA ALA G 174 51.36 9.71 -1.52
C ALA G 174 51.55 9.01 -0.19
N PRO G 175 50.59 9.10 0.71
CA PRO G 175 50.72 8.41 1.99
C PRO G 175 50.51 6.91 1.88
N ILE G 176 51.57 6.19 1.51
CA ILE G 176 51.43 4.75 1.28
C ILE G 176 51.52 3.95 2.57
N GLY G 177 52.03 4.52 3.64
CA GLY G 177 52.26 3.79 4.87
C GLY G 177 51.16 3.88 5.91
N ALA G 178 50.01 4.46 5.57
CA ALA G 178 48.96 4.66 6.55
C ALA G 178 48.22 3.37 6.84
N PRO G 179 47.66 3.22 8.03
CA PRO G 179 46.92 2.00 8.37
C PRO G 179 45.53 1.94 7.75
N SER G 180 44.89 3.10 7.62
CA SER G 180 43.56 3.20 7.04
C SER G 180 43.55 4.37 6.07
N PHE G 181 42.38 4.62 5.46
CA PHE G 181 42.31 5.74 4.54
C PHE G 181 42.21 7.06 5.27
N VAL G 182 41.51 7.10 6.41
CA VAL G 182 41.33 8.36 7.11
C VAL G 182 42.66 8.87 7.64
N GLU G 183 43.53 7.96 8.07
CA GLU G 183 44.86 8.39 8.49
C GLU G 183 45.70 8.85 7.30
N ALA G 184 45.50 8.25 6.13
CA ALA G 184 46.20 8.74 4.94
C ALA G 184 45.76 10.14 4.58
N LEU G 185 44.46 10.43 4.65
CA LEU G 185 43.98 11.77 4.41
C LEU G 185 44.54 12.75 5.43
N ARG G 186 44.62 12.34 6.70
CA ARG G 186 45.20 13.20 7.72
C ARG G 186 46.67 13.51 7.41
N TRP G 187 47.43 12.49 7.03
CA TRP G 187 48.85 12.71 6.73
C TRP G 187 49.01 13.62 5.53
N GLY G 188 48.18 13.45 4.50
CA GLY G 188 48.25 14.33 3.36
C GLY G 188 47.96 15.77 3.71
N ALA G 189 46.90 16.00 4.49
CA ALA G 189 46.57 17.35 4.90
C ALA G 189 47.67 17.96 5.77
N GLU G 190 48.31 17.15 6.61
CA GLU G 190 49.36 17.67 7.47
C GLU G 190 50.60 18.02 6.68
N VAL G 191 50.97 17.20 5.69
CA VAL G 191 52.08 17.54 4.81
C VAL G 191 51.78 18.81 4.03
N TYR G 192 50.53 18.96 3.59
CA TYR G 192 50.13 20.16 2.87
C TYR G 192 50.32 21.41 3.71
N HIS G 193 49.83 21.39 4.95
CA HIS G 193 49.97 22.56 5.79
C HIS G 193 51.42 22.80 6.20
N ALA G 194 52.19 21.73 6.40
CA ALA G 194 53.61 21.90 6.70
C ALA G 194 54.33 22.59 5.54
N LEU G 195 54.02 22.17 4.31
CA LEU G 195 54.63 22.82 3.16
C LEU G 195 54.20 24.27 3.05
N LYS G 196 52.94 24.56 3.36
CA LYS G 196 52.50 25.95 3.37
C LYS G 196 53.33 26.78 4.34
N SER G 197 53.59 26.24 5.53
CA SER G 197 54.41 26.97 6.50
C SER G 197 55.83 27.14 6.01
N VAL G 198 56.41 26.09 5.43
CA VAL G 198 57.79 26.16 4.93
C VAL G 198 57.90 27.21 3.85
N LEU G 199 56.92 27.29 2.96
CA LEU G 199 56.94 28.31 1.92
C LEU G 199 56.79 29.71 2.51
N LYS G 200 55.78 29.91 3.34
CA LYS G 200 55.58 31.23 3.95
C LYS G 200 56.81 31.69 4.72
N LYS G 201 57.57 30.76 5.29
CA LYS G 201 58.75 31.14 6.04
C LYS G 201 59.83 31.71 5.12
N GLU G 202 60.06 31.05 3.99
CA GLU G 202 61.13 31.45 3.06
C GLU G 202 60.73 32.58 2.12
N GLY G 203 59.69 33.33 2.45
CA GLY G 203 59.30 34.47 1.64
C GLY G 203 58.69 34.13 0.30
N LEU G 204 58.25 32.90 0.11
CA LEU G 204 57.65 32.49 -1.15
C LEU G 204 56.15 32.71 -1.13
N SER G 205 55.52 32.50 -2.29
CA SER G 205 54.12 32.84 -2.47
C SER G 205 53.20 31.67 -2.11
N THR G 206 52.01 32.02 -1.64
CA THR G 206 51.02 31.01 -1.26
C THR G 206 49.75 31.17 -2.08
N GLY G 207 49.90 31.35 -3.38
CA GLY G 207 48.76 31.51 -4.27
C GLY G 207 48.40 30.18 -4.90
N LEU G 208 47.20 29.69 -4.57
CA LEU G 208 46.79 28.37 -5.01
C LEU G 208 46.51 28.35 -6.51
N GLY G 209 46.93 27.27 -7.16
CA GLY G 209 46.66 27.08 -8.57
C GLY G 209 45.24 26.62 -8.81
N ASP G 210 45.08 25.75 -9.79
CA ASP G 210 43.77 25.18 -10.09
C ASP G 210 43.50 23.88 -9.34
N GLU G 211 44.50 23.33 -8.68
CA GLU G 211 44.35 22.09 -7.93
C GLU G 211 44.57 22.27 -6.43
N GLY G 212 44.67 23.51 -5.96
CA GLY G 212 45.03 23.76 -4.59
C GLY G 212 46.51 23.68 -4.29
N GLY G 213 47.31 23.13 -5.20
CA GLY G 213 48.74 23.10 -4.98
C GLY G 213 49.36 24.47 -5.09
N PHE G 214 50.56 24.59 -4.54
CA PHE G 214 51.25 25.86 -4.50
C PHE G 214 52.05 26.09 -5.77
N ALA G 215 52.31 27.36 -6.07
CA ALA G 215 53.11 27.76 -7.22
C ALA G 215 54.17 28.74 -6.72
N PRO G 216 55.21 28.24 -6.08
CA PRO G 216 56.28 29.12 -5.59
C PRO G 216 57.39 29.25 -6.64
N ASP G 217 58.31 30.16 -6.36
CA ASP G 217 59.45 30.41 -7.25
C ASP G 217 60.69 29.77 -6.62
N VAL G 218 60.83 28.47 -6.86
CA VAL G 218 61.95 27.72 -6.34
C VAL G 218 62.96 27.49 -7.45
N ALA G 219 64.17 27.08 -7.08
CA ALA G 219 65.28 26.98 -8.01
C ALA G 219 65.06 25.96 -9.12
N GLY G 220 64.96 24.69 -8.77
CA GLY G 220 64.85 23.65 -9.79
C GLY G 220 64.12 22.43 -9.24
N THR G 221 64.04 21.40 -10.09
CA THR G 221 63.33 20.18 -9.73
C THR G 221 63.90 19.58 -8.45
N THR G 222 65.22 19.47 -8.36
CA THR G 222 65.84 18.89 -7.17
C THR G 222 65.53 19.72 -5.94
N ALA G 223 65.57 21.06 -6.07
CA ALA G 223 65.21 21.92 -4.94
C ALA G 223 63.75 21.72 -4.56
N ALA G 224 62.89 21.48 -5.54
CA ALA G 224 61.47 21.26 -5.24
C ALA G 224 61.28 19.96 -4.46
N LEU G 225 61.91 18.89 -4.92
CA LEU G 225 61.80 17.62 -4.21
C LEU G 225 62.39 17.71 -2.81
N ASP G 226 63.46 18.49 -2.65
CA ASP G 226 64.05 18.65 -1.33
C ASP G 226 63.14 19.47 -0.41
N LEU G 227 62.46 20.48 -0.97
CA LEU G 227 61.49 21.23 -0.20
C LEU G 227 60.33 20.35 0.24
N ILE G 228 59.87 19.48 -0.66
CA ILE G 228 58.80 18.56 -0.31
C ILE G 228 59.25 17.60 0.79
N SER G 229 60.48 17.10 0.70
CA SER G 229 60.99 16.21 1.74
C SER G 229 61.10 16.93 3.08
N ARG G 230 61.50 18.20 3.04
CA ARG G 230 61.53 18.98 4.28
C ARG G 230 60.14 19.12 4.87
N ALA G 231 59.14 19.34 4.02
CA ALA G 231 57.78 19.47 4.51
C ALA G 231 57.27 18.15 5.09
N ILE G 232 57.65 17.03 4.47
CA ILE G 232 57.25 15.72 5.02
C ILE G 232 57.91 15.49 6.37
N GLU G 233 59.19 15.87 6.49
CA GLU G 233 59.87 15.71 7.78
C GLU G 233 59.25 16.59 8.85
N SER G 234 58.89 17.83 8.49
CA SER G 234 58.34 18.77 9.46
C SER G 234 56.96 18.35 9.94
N ALA G 235 56.26 17.51 9.19
CA ALA G 235 54.94 17.04 9.60
C ALA G 235 55.00 16.00 10.70
N GLY G 236 56.09 15.27 10.80
CA GLY G 236 56.24 14.21 11.76
C GLY G 236 56.27 12.82 11.18
N LEU G 237 56.49 12.68 9.88
CA LEU G 237 56.49 11.40 9.19
C LEU G 237 57.86 11.11 8.62
N ARG G 238 58.01 9.93 8.04
CA ARG G 238 59.29 9.50 7.48
C ARG G 238 59.15 9.40 5.97
N PRO G 239 59.93 10.15 5.19
CA PRO G 239 59.85 10.03 3.73
C PRO G 239 60.15 8.62 3.26
N GLY G 240 59.27 8.09 2.44
CA GLY G 240 59.43 6.74 1.91
C GLY G 240 58.74 5.67 2.71
N ALA G 241 58.92 5.68 4.02
CA ALA G 241 58.25 4.70 4.86
C ALA G 241 56.81 5.09 5.13
N ASP G 242 56.54 6.38 5.32
CA ASP G 242 55.20 6.88 5.50
C ASP G 242 54.65 7.50 4.22
N VAL G 243 55.33 8.51 3.68
CA VAL G 243 54.88 9.24 2.51
C VAL G 243 55.92 9.10 1.42
N ALA G 244 55.46 8.80 0.21
CA ALA G 244 56.30 8.70 -0.97
C ALA G 244 56.04 9.87 -1.90
N LEU G 245 56.82 9.97 -2.97
CA LEU G 245 56.72 11.06 -3.91
C LEU G 245 56.31 10.56 -5.29
N ALA G 246 55.79 11.47 -6.10
CA ALA G 246 55.40 11.16 -7.46
C ALA G 246 55.47 12.43 -8.30
N LEU G 247 55.67 12.24 -9.60
CA LEU G 247 55.84 13.36 -10.53
C LEU G 247 54.82 13.26 -11.67
N ASP G 248 54.46 14.43 -12.20
CA ASP G 248 53.76 14.57 -13.47
C ASP G 248 54.62 15.52 -14.30
N ALA G 249 55.44 14.96 -15.19
CA ALA G 249 56.40 15.76 -15.93
C ALA G 249 55.74 16.57 -17.03
N ALA G 250 54.78 15.99 -17.73
CA ALA G 250 54.10 16.63 -18.86
C ALA G 250 55.12 17.11 -19.89
N ALA G 251 55.82 16.13 -20.47
CA ALA G 251 56.99 16.43 -21.28
C ALA G 251 56.65 17.24 -22.51
N THR G 252 55.46 17.04 -23.07
CA THR G 252 55.08 17.79 -24.27
C THR G 252 55.13 19.29 -24.06
N GLU G 253 55.00 19.76 -22.82
CA GLU G 253 55.04 21.18 -22.55
C GLU G 253 56.44 21.77 -22.66
N PHE G 254 57.47 20.97 -22.89
CA PHE G 254 58.80 21.54 -23.07
C PHE G 254 59.60 20.82 -24.16
N PHE G 255 58.94 20.05 -25.02
CA PHE G 255 59.62 19.32 -26.09
C PHE G 255 59.34 20.04 -27.41
N THR G 256 60.36 20.71 -27.94
CA THR G 256 60.27 21.30 -29.26
C THR G 256 60.57 20.23 -30.30
N ASP G 257 59.57 19.92 -31.13
CA ASP G 257 59.71 18.84 -32.10
C ASP G 257 60.90 19.09 -33.03
N GLY G 258 61.77 18.10 -33.14
CA GLY G 258 62.97 18.22 -33.95
C GLY G 258 64.14 18.89 -33.25
N THR G 259 63.93 19.47 -32.08
CA THR G 259 64.99 20.13 -31.31
C THR G 259 65.36 19.37 -30.05
N GLY G 260 64.38 19.03 -29.23
CA GLY G 260 64.61 18.25 -28.03
C GLY G 260 63.95 18.87 -26.81
N TYR G 261 64.00 18.11 -25.72
CA TYR G 261 63.41 18.53 -24.46
C TYR G 261 64.27 19.63 -23.84
N VAL G 262 63.79 20.87 -23.90
CA VAL G 262 64.50 21.99 -23.30
C VAL G 262 64.19 21.98 -21.80
N PHE G 263 65.06 21.37 -21.01
CA PHE G 263 64.88 21.26 -19.57
C PHE G 263 65.99 22.00 -18.86
N GLU G 264 65.60 22.84 -17.89
CA GLU G 264 66.54 23.55 -17.01
C GLU G 264 67.39 24.56 -17.78
N GLY G 265 67.15 24.68 -19.08
CA GLY G 265 67.94 25.54 -19.93
C GLY G 265 68.99 24.84 -20.77
N THR G 266 68.91 23.53 -20.90
CA THR G 266 69.87 22.76 -21.71
C THR G 266 69.09 21.78 -22.56
N THR G 267 69.30 21.83 -23.87
CA THR G 267 68.62 20.90 -24.77
C THR G 267 69.18 19.50 -24.58
N ARG G 268 68.29 18.53 -24.38
CA ARG G 268 68.68 17.15 -24.13
C ARG G 268 67.89 16.22 -25.01
N THR G 269 68.45 15.04 -25.25
CA THR G 269 67.76 13.98 -25.95
C THR G 269 66.93 13.18 -24.95
N ALA G 270 66.22 12.16 -25.45
CA ALA G 270 65.50 11.28 -24.55
C ALA G 270 66.43 10.57 -23.58
N ASP G 271 67.65 10.27 -24.02
CA ASP G 271 68.60 9.55 -23.17
C ASP G 271 68.95 10.38 -21.94
N GLN G 272 69.22 11.67 -22.12
CA GLN G 272 69.61 12.50 -20.98
C GLN G 272 68.43 12.76 -20.05
N MET G 273 67.22 12.85 -20.59
CA MET G 273 66.05 12.93 -19.72
C MET G 273 65.89 11.66 -18.90
N THR G 274 66.14 10.50 -19.51
CA THR G 274 66.11 9.26 -18.76
C THR G 274 67.19 9.23 -17.68
N GLU G 275 68.36 9.81 -17.97
CA GLU G 275 69.41 9.88 -16.95
C GLU G 275 68.99 10.78 -15.79
N PHE G 276 68.36 11.91 -16.11
CA PHE G 276 67.84 12.78 -15.06
C PHE G 276 66.80 12.06 -14.21
N TYR G 277 65.92 11.30 -14.85
CA TYR G 277 64.92 10.54 -14.11
C TYR G 277 65.56 9.47 -13.24
N ALA G 278 66.62 8.83 -13.74
CA ALA G 278 67.30 7.81 -12.95
C ALA G 278 67.96 8.42 -11.72
N GLY G 279 68.61 9.57 -11.89
CA GLY G 279 69.16 10.26 -10.73
C GLY G 279 68.11 10.65 -9.72
N LEU G 280 66.98 11.20 -10.20
CA LEU G 280 65.88 11.52 -9.30
C LEU G 280 65.42 10.29 -8.54
N LEU G 281 65.14 9.20 -9.26
CA LEU G 281 64.65 7.98 -8.63
C LEU G 281 65.65 7.47 -7.59
N GLY G 282 66.95 7.62 -7.87
CA GLY G 282 67.94 7.19 -6.90
C GLY G 282 67.91 8.03 -5.63
N ALA G 283 67.94 9.35 -5.79
CA ALA G 283 68.09 10.21 -4.62
C ALA G 283 66.79 10.49 -3.87
N TYR G 284 65.66 9.94 -4.31
CA TYR G 284 64.39 10.26 -3.67
C TYR G 284 63.49 9.02 -3.72
N PRO G 285 62.51 8.93 -2.81
CA PRO G 285 61.57 7.79 -2.79
C PRO G 285 60.43 7.93 -3.78
N LEU G 286 60.77 8.19 -5.04
CA LEU G 286 59.75 8.32 -6.07
C LEU G 286 59.13 6.96 -6.37
N VAL G 287 57.81 6.93 -6.48
CA VAL G 287 57.10 5.69 -6.77
C VAL G 287 56.36 5.71 -8.11
N SER G 288 56.29 6.85 -8.77
CA SER G 288 55.51 6.96 -10.00
C SER G 288 55.88 8.24 -10.73
N ILE G 289 56.05 8.14 -12.05
CA ILE G 289 56.28 9.29 -12.91
C ILE G 289 55.26 9.24 -14.04
N GLU G 290 54.66 10.39 -14.35
CA GLU G 290 53.56 10.47 -15.29
C GLU G 290 53.98 11.28 -16.51
N ASP G 291 53.75 10.73 -17.70
CA ASP G 291 54.17 11.32 -18.97
C ASP G 291 55.61 11.79 -18.88
N PRO G 292 56.57 10.87 -18.87
CA PRO G 292 57.97 11.30 -18.77
C PRO G 292 58.50 11.85 -20.08
N LEU G 293 57.98 11.36 -21.21
CA LEU G 293 58.38 11.83 -22.52
C LEU G 293 57.13 12.13 -23.34
N SER G 294 57.34 12.76 -24.51
CA SER G 294 56.24 13.24 -25.33
C SER G 294 55.33 12.10 -25.76
N GLU G 295 54.13 12.48 -26.21
CA GLU G 295 53.10 11.50 -26.55
C GLU G 295 53.24 10.95 -27.95
N ASP G 296 54.31 11.29 -28.65
CA ASP G 296 54.60 10.71 -29.95
C ASP G 296 55.94 10.00 -30.01
N ASP G 297 56.77 10.15 -28.98
CA ASP G 297 58.10 9.56 -28.94
C ASP G 297 58.00 8.14 -28.41
N TRP G 298 57.34 7.29 -29.20
CA TRP G 298 57.12 5.91 -28.77
C TRP G 298 58.43 5.18 -28.52
N ASP G 299 59.41 5.36 -29.41
CA ASP G 299 60.70 4.69 -29.26
C ASP G 299 61.41 5.14 -27.99
N GLY G 300 61.43 6.44 -27.74
CA GLY G 300 61.99 6.94 -26.49
C GLY G 300 61.24 6.43 -25.29
N TRP G 301 59.92 6.26 -25.41
CA TRP G 301 59.13 5.71 -24.31
C TRP G 301 59.54 4.28 -24.02
N ALA G 302 59.74 3.47 -25.07
CA ALA G 302 60.20 2.10 -24.85
C ALA G 302 61.59 2.07 -24.24
N ALA G 303 62.47 2.96 -24.69
CA ALA G 303 63.82 3.03 -24.11
C ALA G 303 63.76 3.37 -22.63
N LEU G 304 62.96 4.37 -22.26
CA LEU G 304 62.84 4.78 -20.86
C LEU G 304 62.16 3.71 -20.02
N THR G 305 61.17 3.03 -20.58
CA THR G 305 60.51 1.94 -19.86
C THR G 305 61.47 0.79 -19.59
N ALA G 306 62.35 0.50 -20.55
CA ALA G 306 63.36 -0.52 -20.31
C ALA G 306 64.38 -0.05 -19.29
N SER G 307 64.73 1.24 -19.31
CA SER G 307 65.80 1.73 -18.46
C SER G 307 65.36 1.82 -17.00
N ILE G 308 64.26 2.54 -16.73
CA ILE G 308 63.82 2.77 -15.35
C ILE G 308 62.46 2.16 -15.05
N GLY G 309 61.84 1.49 -16.02
CA GLY G 309 60.51 0.97 -15.80
C GLY G 309 60.41 -0.25 -14.92
N ASP G 310 61.46 -0.59 -14.20
CA ASP G 310 61.42 -1.69 -13.24
C ASP G 310 61.37 -1.20 -11.80
N ARG G 311 61.84 0.02 -11.54
CA ARG G 311 61.93 0.55 -10.19
C ARG G 311 60.90 1.65 -9.92
N VAL G 312 59.95 1.87 -10.83
CA VAL G 312 59.02 2.98 -10.70
C VAL G 312 57.84 2.72 -11.61
N GLN G 313 56.72 3.39 -11.33
CA GLN G 313 55.52 3.30 -12.14
C GLN G 313 55.56 4.35 -13.23
N ILE G 314 55.26 3.93 -14.47
CA ILE G 314 55.26 4.82 -15.62
C ILE G 314 53.81 5.04 -16.02
N VAL G 315 53.32 6.26 -15.88
CA VAL G 315 51.92 6.59 -16.12
C VAL G 315 51.80 7.26 -17.48
N GLY G 316 50.95 6.71 -18.34
CA GLY G 316 50.68 7.32 -19.61
C GLY G 316 49.46 8.23 -19.57
N ASP G 317 49.70 9.54 -19.47
CA ASP G 317 48.60 10.51 -19.39
C ASP G 317 48.21 11.04 -20.76
N ASP G 318 49.20 11.47 -21.56
CA ASP G 318 48.93 12.00 -22.89
C ASP G 318 49.23 11.02 -24.00
N ILE G 319 50.20 10.11 -23.82
CA ILE G 319 50.51 9.15 -24.86
C ILE G 319 49.33 8.24 -25.12
N PHE G 320 48.45 8.09 -24.14
CA PHE G 320 47.13 7.52 -24.32
C PHE G 320 46.13 8.54 -23.83
N VAL G 321 44.93 8.52 -24.39
CA VAL G 321 43.91 9.47 -23.96
C VAL G 321 42.71 8.68 -23.45
N THR G 322 42.99 7.55 -22.82
CA THR G 322 41.98 6.59 -22.37
C THR G 322 41.27 5.95 -23.56
N ASN G 323 41.96 5.93 -24.69
CA ASN G 323 41.44 5.28 -25.89
C ASN G 323 41.94 3.85 -25.94
N PRO G 324 41.06 2.85 -26.02
CA PRO G 324 41.53 1.47 -26.09
C PRO G 324 42.37 1.18 -27.33
N GLU G 325 41.95 1.70 -28.49
CA GLU G 325 42.66 1.42 -29.73
C GLU G 325 44.09 1.90 -29.69
N ARG G 326 44.37 2.95 -28.91
CA ARG G 326 45.74 3.42 -28.74
C ARG G 326 46.44 2.72 -27.59
N LEU G 327 45.68 2.31 -26.58
CA LEU G 327 46.25 1.60 -25.44
C LEU G 327 46.81 0.26 -25.85
N GLU G 328 46.14 -0.43 -26.79
CA GLU G 328 46.65 -1.71 -27.25
C GLU G 328 48.01 -1.57 -27.90
N GLU G 329 48.12 -0.62 -28.85
CA GLU G 329 49.40 -0.39 -29.51
C GLU G 329 50.47 0.05 -28.53
N GLY G 330 50.09 0.80 -27.49
CA GLY G 330 51.06 1.15 -26.47
C GLY G 330 51.47 -0.02 -25.61
N ILE G 331 50.57 -0.98 -25.41
CA ILE G 331 50.91 -2.22 -24.73
C ILE G 331 51.94 -2.99 -25.54
N GLU G 332 51.78 -3.00 -26.87
CA GLU G 332 52.64 -3.81 -27.71
C GLU G 332 54.10 -3.35 -27.65
N ARG G 333 54.33 -2.07 -27.87
CA ARG G 333 55.71 -1.57 -27.93
C ARG G 333 56.40 -1.49 -26.58
N GLY G 334 55.82 -1.99 -25.49
CA GLY G 334 56.49 -1.99 -24.21
C GLY G 334 56.72 -0.62 -23.61
N VAL G 335 55.65 0.15 -23.44
CA VAL G 335 55.72 1.48 -22.85
C VAL G 335 54.60 1.61 -21.82
N ALA G 336 54.82 2.51 -20.86
CA ALA G 336 53.75 3.01 -19.99
C ALA G 336 53.08 1.88 -19.21
N ASN G 337 53.83 1.36 -18.23
CA ASN G 337 53.24 0.32 -17.40
C ASN G 337 52.07 0.78 -16.56
N ALA G 338 51.54 2.00 -16.69
CA ALA G 338 50.35 2.41 -15.97
C ALA G 338 49.53 3.37 -16.83
N LEU G 339 48.23 3.35 -16.63
CA LEU G 339 47.28 4.17 -17.37
C LEU G 339 46.64 5.20 -16.44
N LEU G 340 46.10 6.27 -17.02
CA LEU G 340 45.43 7.33 -16.27
C LEU G 340 44.02 7.49 -16.84
N VAL G 341 43.01 7.19 -16.04
CA VAL G 341 41.63 7.08 -16.51
C VAL G 341 40.92 8.39 -16.23
N LYS G 342 40.68 9.17 -17.28
CA LYS G 342 39.83 10.36 -17.22
C LYS G 342 38.54 10.07 -17.96
N VAL G 343 37.42 10.29 -17.30
CA VAL G 343 36.16 9.74 -17.78
C VAL G 343 35.61 10.54 -18.96
N ASN G 344 35.94 11.82 -19.07
CA ASN G 344 35.39 12.64 -20.13
C ASN G 344 36.29 12.69 -21.36
N GLN G 345 37.43 12.00 -21.34
CA GLN G 345 38.22 11.84 -22.54
C GLN G 345 37.76 10.66 -23.38
N ILE G 346 36.85 9.84 -22.88
CA ILE G 346 36.35 8.70 -23.63
C ILE G 346 34.86 8.83 -23.97
N GLY G 347 34.05 9.44 -23.09
CA GLY G 347 32.72 9.86 -23.42
C GLY G 347 31.60 9.09 -22.73
N THR G 348 31.85 7.84 -22.35
CA THR G 348 30.83 7.04 -21.68
C THR G 348 31.45 6.28 -20.51
N LEU G 349 30.58 5.84 -19.61
CA LEU G 349 31.02 4.97 -18.53
C LEU G 349 31.42 3.60 -19.06
N THR G 350 30.66 3.09 -20.04
CA THR G 350 30.94 1.76 -20.58
C THR G 350 32.33 1.68 -21.19
N GLU G 351 32.65 2.62 -22.08
CA GLU G 351 33.98 2.59 -22.69
C GLU G 351 35.07 2.81 -21.66
N THR G 352 34.76 3.55 -20.59
CA THR G 352 35.70 3.71 -19.49
C THR G 352 36.01 2.36 -18.86
N LEU G 353 34.97 1.62 -18.51
CA LEU G 353 35.15 0.30 -17.89
C LEU G 353 35.88 -0.64 -18.83
N ASP G 354 35.58 -0.56 -20.13
CA ASP G 354 36.24 -1.46 -21.07
C ASP G 354 37.73 -1.13 -21.18
N ALA G 355 38.08 0.15 -21.24
CA ALA G 355 39.50 0.50 -21.32
C ALA G 355 40.24 0.15 -20.04
N VAL G 356 39.58 0.32 -18.89
CA VAL G 356 40.29 -0.02 -17.65
C VAL G 356 40.46 -1.53 -17.55
N THR G 357 39.49 -2.32 -18.03
CA THR G 357 39.66 -3.76 -18.10
C THR G 357 40.85 -4.12 -19.00
N LEU G 358 40.88 -3.55 -20.20
CA LEU G 358 41.98 -3.83 -21.13
C LEU G 358 43.33 -3.48 -20.54
N ALA G 359 43.40 -2.42 -19.74
CA ALA G 359 44.69 -2.06 -19.15
C ALA G 359 45.00 -2.90 -17.92
N HIS G 360 43.98 -3.43 -17.26
CA HIS G 360 44.21 -4.33 -16.13
C HIS G 360 44.81 -5.64 -16.62
N HIS G 361 44.19 -6.25 -17.62
CA HIS G 361 44.64 -7.54 -18.09
C HIS G 361 45.94 -7.47 -18.84
N GLY G 362 46.62 -6.32 -18.89
CA GLY G 362 47.92 -6.22 -19.51
C GLY G 362 49.06 -5.95 -18.56
N GLY G 363 48.84 -6.02 -17.25
CA GLY G 363 49.89 -5.73 -16.30
C GLY G 363 50.04 -4.27 -15.95
N TYR G 364 49.07 -3.44 -16.30
CA TYR G 364 49.13 -2.00 -16.08
C TYR G 364 48.23 -1.63 -14.91
N ARG G 365 48.78 -0.90 -13.95
CA ARG G 365 47.97 -0.25 -12.96
C ARG G 365 47.26 0.96 -13.56
N THR G 366 46.10 1.29 -13.03
CA THR G 366 45.35 2.44 -13.49
C THR G 366 45.25 3.47 -12.36
N MET G 367 44.73 4.64 -12.71
CA MET G 367 44.66 5.74 -11.74
C MET G 367 43.54 6.68 -12.19
N ILE G 368 42.41 6.61 -11.50
CA ILE G 368 41.32 7.55 -11.79
C ILE G 368 41.79 8.96 -11.50
N SER G 369 41.57 9.86 -12.45
CA SER G 369 42.10 11.21 -12.36
C SER G 369 40.99 12.23 -12.55
N HIS G 370 41.33 13.47 -12.21
CA HIS G 370 40.40 14.60 -12.24
C HIS G 370 40.74 15.50 -13.42
N ARG G 371 39.91 16.52 -13.62
CA ARG G 371 40.15 17.52 -14.63
C ARG G 371 40.48 18.86 -13.98
N SER G 372 40.90 19.80 -14.82
CA SER G 372 41.18 21.14 -14.30
C SER G 372 39.91 21.83 -13.84
N GLY G 373 38.84 21.72 -14.62
CA GLY G 373 37.56 22.23 -14.17
C GLY G 373 36.64 21.14 -13.70
N GLU G 374 36.53 20.98 -12.39
CA GLU G 374 35.66 20.00 -11.78
C GLU G 374 34.41 20.69 -11.23
N THR G 375 33.54 19.89 -10.63
CA THR G 375 32.33 20.41 -10.01
C THR G 375 32.17 19.77 -8.64
N GLU G 376 31.04 19.98 -8.00
CA GLU G 376 30.75 19.32 -6.73
C GLU G 376 30.30 17.88 -6.91
N ASP G 377 30.48 17.31 -8.10
CA ASP G 377 30.13 15.92 -8.38
C ASP G 377 31.26 15.01 -7.92
N THR G 378 30.92 13.98 -7.14
CA THR G 378 31.90 13.10 -6.53
C THR G 378 31.83 11.68 -7.09
N MET G 379 31.67 11.56 -8.41
CA MET G 379 31.53 10.24 -9.00
C MET G 379 32.86 9.53 -9.19
N ILE G 380 33.96 10.27 -9.38
CA ILE G 380 35.22 9.59 -9.62
C ILE G 380 35.72 8.88 -8.37
N ALA G 381 35.28 9.30 -7.19
CA ALA G 381 35.58 8.54 -5.98
C ALA G 381 34.92 7.17 -6.01
N ASP G 382 33.59 7.15 -6.22
CA ASP G 382 32.88 5.89 -6.36
C ASP G 382 33.47 5.03 -7.46
N LEU G 383 33.91 5.65 -8.54
CA LEU G 383 34.45 4.90 -9.67
C LEU G 383 35.84 4.35 -9.37
N ALA G 384 36.65 5.06 -8.58
CA ALA G 384 37.95 4.52 -8.20
C ALA G 384 37.84 3.45 -7.15
N VAL G 385 36.76 3.44 -6.37
CA VAL G 385 36.53 2.32 -5.46
C VAL G 385 36.00 1.12 -6.22
N ALA G 386 35.08 1.36 -7.17
CA ALA G 386 34.42 0.25 -7.87
C ALA G 386 35.41 -0.54 -8.71
N ILE G 387 36.15 0.13 -9.60
CA ILE G 387 37.11 -0.58 -10.42
C ILE G 387 38.30 -1.08 -9.63
N GLY G 388 38.39 -0.73 -8.35
CA GLY G 388 39.48 -1.18 -7.50
C GLY G 388 40.85 -0.81 -8.01
N SER G 389 41.01 0.44 -8.44
CA SER G 389 42.29 0.86 -9.01
C SER G 389 43.39 0.92 -7.97
N GLY G 390 43.06 1.25 -6.73
CA GLY G 390 44.09 1.38 -5.71
C GLY G 390 44.93 2.63 -5.82
N GLN G 391 44.57 3.55 -6.70
CA GLN G 391 45.20 4.86 -6.80
C GLN G 391 44.15 5.85 -7.25
N ILE G 392 44.29 7.09 -6.81
CA ILE G 392 43.44 8.18 -7.29
C ILE G 392 44.29 9.44 -7.29
N LYS G 393 43.97 10.33 -8.22
CA LYS G 393 44.66 11.61 -8.35
C LYS G 393 43.56 12.67 -8.42
N THR G 394 43.31 13.35 -7.29
CA THR G 394 42.24 14.33 -7.26
C THR G 394 42.64 15.59 -6.51
N GLY G 395 43.91 15.98 -6.58
CA GLY G 395 44.33 17.29 -6.14
C GLY G 395 44.74 17.34 -4.69
N ALA G 396 45.05 18.56 -4.25
CA ALA G 396 45.45 18.82 -2.89
C ALA G 396 44.24 18.93 -1.98
N PRO G 397 44.40 18.69 -0.69
CA PRO G 397 43.28 18.88 0.23
C PRO G 397 42.93 20.35 0.43
N ALA G 398 42.42 20.97 -0.62
CA ALA G 398 41.93 22.34 -0.58
C ALA G 398 41.02 22.51 -1.78
N ARG G 399 40.38 23.68 -1.87
CA ARG G 399 39.53 23.95 -3.03
C ARG G 399 38.43 22.91 -3.13
N SER G 400 37.40 23.02 -2.31
CA SER G 400 36.49 21.93 -1.98
C SER G 400 35.90 21.16 -3.15
N GLU G 401 36.14 21.59 -4.39
CA GLU G 401 35.85 20.70 -5.51
C GLU G 401 36.82 19.53 -5.56
N ARG G 402 37.99 19.66 -4.95
CA ARG G 402 38.91 18.55 -4.78
C ARG G 402 38.64 17.77 -3.51
N VAL G 403 38.20 18.46 -2.45
CA VAL G 403 37.99 17.82 -1.16
C VAL G 403 36.66 17.10 -1.09
N ALA G 404 35.70 17.46 -1.94
CA ALA G 404 34.46 16.68 -2.01
C ALA G 404 34.74 15.23 -2.31
N LYS G 405 35.74 14.97 -3.15
CA LYS G 405 36.11 13.59 -3.48
C LYS G 405 36.63 12.85 -2.25
N TYR G 406 37.50 13.49 -1.48
CA TYR G 406 38.04 12.86 -0.28
C TYR G 406 36.96 12.65 0.76
N ASN G 407 36.03 13.59 0.89
CA ASN G 407 34.91 13.41 1.80
C ASN G 407 34.05 12.24 1.40
N GLN G 408 33.81 12.08 0.09
CA GLN G 408 33.02 10.94 -0.35
C GLN G 408 33.76 9.64 -0.12
N LEU G 409 35.08 9.63 -0.28
CA LEU G 409 35.84 8.42 0.03
C LEU G 409 35.79 8.10 1.52
N LEU G 410 35.77 9.12 2.38
CA LEU G 410 35.59 8.87 3.81
C LEU G 410 34.23 8.24 4.07
N ARG G 411 33.18 8.76 3.45
CA ARG G 411 31.86 8.17 3.62
C ARG G 411 31.80 6.75 3.07
N ILE G 412 32.49 6.49 1.96
CA ILE G 412 32.53 5.14 1.41
C ILE G 412 33.19 4.19 2.38
N GLU G 413 34.31 4.60 2.96
CA GLU G 413 35.00 3.75 3.92
C GLU G 413 34.13 3.49 5.14
N GLU G 414 33.43 4.52 5.62
CA GLU G 414 32.55 4.34 6.76
C GLU G 414 31.39 3.42 6.43
N ALA G 415 30.89 3.48 5.20
CA ALA G 415 29.76 2.64 4.81
C ALA G 415 30.19 1.18 4.65
N LEU G 416 31.37 0.96 4.10
CA LEU G 416 31.93 -0.39 4.08
C LEU G 416 32.08 -0.91 5.50
N GLY G 417 32.87 -0.24 6.31
CA GLY G 417 33.06 -0.64 7.70
C GLY G 417 34.23 -1.60 7.84
N ASP G 418 33.97 -2.79 8.39
CA ASP G 418 35.04 -3.77 8.56
C ASP G 418 35.50 -4.34 7.22
N ALA G 419 34.68 -4.22 6.18
CA ALA G 419 35.02 -4.79 4.89
C ALA G 419 36.11 -4.01 4.19
N ALA G 420 36.20 -2.71 4.43
CA ALA G 420 37.10 -1.85 3.67
C ALA G 420 38.55 -2.26 3.88
N ARG G 421 39.37 -1.97 2.87
CA ARG G 421 40.79 -2.19 2.94
C ARG G 421 41.50 -1.01 2.29
N TYR G 422 42.52 -0.48 2.95
CA TYR G 422 43.32 0.57 2.34
C TYR G 422 44.36 -0.07 1.44
N ALA G 423 44.43 0.44 0.21
CA ALA G 423 45.34 -0.12 -0.82
C ALA G 423 46.72 0.54 -0.76
N GLY G 424 47.12 1.04 0.42
CA GLY G 424 48.42 1.70 0.56
C GLY G 424 49.53 0.67 0.73
N ASP G 425 50.61 0.81 -0.06
CA ASP G 425 51.86 -0.02 -0.10
C ASP G 425 51.68 -1.28 -0.97
N LEU G 426 50.44 -1.67 -1.29
CA LEU G 426 50.17 -2.85 -2.14
C LEU G 426 49.85 -2.36 -3.55
N ALA G 427 50.20 -1.10 -3.85
CA ALA G 427 49.94 -0.49 -5.18
C ALA G 427 51.27 -0.02 -5.78
N PHE G 428 52.34 -0.03 -4.97
CA PHE G 428 53.67 0.41 -5.42
C PHE G 428 54.70 -0.63 -5.01
N PRO G 429 54.68 -1.80 -5.63
CA PRO G 429 55.65 -2.85 -5.25
C PRO G 429 57.09 -2.46 -5.51
N ARG G 430 57.36 -1.71 -6.56
CA ARG G 430 58.72 -1.31 -6.89
C ARG G 430 59.26 -0.28 -5.90
N MET H 8 5.78 10.73 9.97
CA MET H 8 5.83 11.90 10.84
C MET H 8 7.21 12.54 10.83
N PRO H 9 7.27 13.84 11.14
CA PRO H 9 8.55 14.56 11.23
C PRO H 9 9.16 14.52 12.63
N ILE H 10 9.40 13.32 13.14
CA ILE H 10 10.03 13.12 14.44
C ILE H 10 11.39 12.48 14.21
N ILE H 11 12.41 13.01 14.90
CA ILE H 11 13.78 12.58 14.66
C ILE H 11 14.00 11.19 15.22
N GLU H 12 14.64 10.33 14.43
CA GLU H 12 14.92 8.96 14.83
C GLU H 12 16.39 8.69 15.08
N GLN H 13 17.27 9.11 14.18
CA GLN H 13 18.70 8.91 14.35
C GLN H 13 19.45 10.19 14.09
N VAL H 14 20.57 10.37 14.79
CA VAL H 14 21.49 11.46 14.57
C VAL H 14 22.90 10.88 14.56
N ARG H 15 23.65 11.18 13.51
CA ARG H 15 25.03 10.73 13.40
C ARG H 15 25.90 11.93 13.09
N ALA H 16 27.18 11.82 13.41
CA ALA H 16 28.14 12.87 13.10
C ALA H 16 29.46 12.24 12.70
N ARG H 17 30.11 12.83 11.72
CA ARG H 17 31.43 12.39 11.29
C ARG H 17 32.30 13.61 11.08
N GLU H 18 33.59 13.37 10.90
CA GLU H 18 34.57 14.43 10.74
C GLU H 18 35.08 14.43 9.31
N ILE H 19 34.95 15.56 8.64
CA ILE H 19 35.31 15.71 7.23
C ILE H 19 36.27 16.90 7.12
N LEU H 20 36.66 17.22 5.90
CA LEU H 20 37.54 18.36 5.64
C LEU H 20 36.75 19.48 4.99
N ASP H 21 37.04 20.71 5.38
CA ASP H 21 36.41 21.86 4.76
C ASP H 21 37.22 22.31 3.56
N SER H 22 36.81 23.41 2.95
CA SER H 22 37.42 23.86 1.71
C SER H 22 38.88 24.27 1.88
N ARG H 23 39.36 24.41 3.11
CA ARG H 23 40.73 24.83 3.36
C ARG H 23 41.60 23.72 3.91
N GLY H 24 41.10 22.51 4.01
CA GLY H 24 41.88 21.40 4.51
C GLY H 24 41.88 21.25 6.01
N ASN H 25 40.97 21.89 6.72
CA ASN H 25 40.85 21.72 8.15
C ASN H 25 39.61 20.89 8.46
N PRO H 26 39.61 20.15 9.56
CA PRO H 26 38.47 19.30 9.87
C PRO H 26 37.25 20.11 10.26
N THR H 27 36.09 19.50 10.08
CA THR H 27 34.82 20.07 10.50
C THR H 27 33.83 18.93 10.68
N VAL H 28 32.65 19.27 11.20
CA VAL H 28 31.65 18.29 11.59
C VAL H 28 30.60 18.18 10.51
N GLU H 29 30.14 16.96 10.24
CA GLU H 29 29.03 16.73 9.34
C GLU H 29 27.99 15.89 10.06
N VAL H 30 26.77 16.39 10.15
CA VAL H 30 25.70 15.75 10.91
C VAL H 30 24.66 15.23 9.94
N GLU H 31 24.22 14.00 10.18
CA GLU H 31 23.20 13.35 9.37
C GLU H 31 22.03 12.99 10.27
N VAL H 32 20.85 13.52 9.95
CA VAL H 32 19.64 13.30 10.72
C VAL H 32 18.69 12.44 9.90
N ALA H 33 18.24 11.35 10.49
CA ALA H 33 17.27 10.45 9.84
C ALA H 33 15.96 10.52 10.61
N LEU H 34 14.90 10.88 9.90
CA LEU H 34 13.57 10.96 10.50
C LEU H 34 12.91 9.58 10.51
N ILE H 35 11.86 9.47 11.33
CA ILE H 35 11.11 8.22 11.42
C ILE H 35 10.33 7.91 10.15
N ASP H 36 10.27 8.85 9.21
CA ASP H 36 9.52 8.71 7.97
C ASP H 36 10.45 8.57 6.76
N GLY H 37 11.62 7.97 6.97
CA GLY H 37 12.54 7.69 5.87
C GLY H 37 13.45 8.84 5.47
N THR H 38 13.01 10.07 5.72
CA THR H 38 13.80 11.25 5.41
C THR H 38 15.20 11.13 6.00
N PHE H 39 16.19 11.55 5.22
CA PHE H 39 17.60 11.43 5.64
C PHE H 39 18.35 12.65 5.10
N ALA H 40 18.70 13.58 5.98
CA ALA H 40 19.35 14.81 5.58
C ALA H 40 20.76 14.87 6.14
N ARG H 41 21.58 15.71 5.53
CA ARG H 41 23.00 15.83 5.85
C ARG H 41 23.41 17.29 5.75
N ALA H 42 24.10 17.78 6.77
CA ALA H 42 24.52 19.17 6.79
C ALA H 42 25.90 19.31 7.39
N ALA H 43 26.73 20.14 6.77
CA ALA H 43 28.10 20.39 7.22
C ALA H 43 28.22 21.82 7.71
N VAL H 44 29.05 22.00 8.73
CA VAL H 44 29.14 23.27 9.46
C VAL H 44 30.34 24.04 8.93
N PRO H 45 30.18 25.24 8.40
CA PRO H 45 31.33 26.05 8.01
C PRO H 45 32.06 26.55 9.25
N SER H 46 33.25 27.10 9.02
CA SER H 46 34.06 27.55 10.14
C SER H 46 35.02 28.63 9.66
N GLY H 47 34.99 29.78 10.31
CA GLY H 47 35.91 30.85 10.02
C GLY H 47 37.00 30.96 11.06
N ALA H 48 38.12 31.56 10.65
CA ALA H 48 39.27 31.69 11.53
C ALA H 48 39.09 32.85 12.51
N SER H 49 38.84 34.06 12.00
CA SER H 49 38.74 35.26 12.83
C SER H 49 37.52 35.14 13.73
N THR H 50 37.76 35.00 15.04
CA THR H 50 36.69 34.84 16.01
C THR H 50 36.86 35.87 17.11
N GLY H 51 35.83 36.69 17.33
CA GLY H 51 35.88 37.74 18.33
C GLY H 51 35.60 37.24 19.74
N GLU H 52 34.77 37.97 20.47
CA GLU H 52 34.46 37.63 21.85
C GLU H 52 32.98 37.33 22.10
N HIS H 53 32.11 37.53 21.12
CA HIS H 53 30.68 37.35 21.33
C HIS H 53 30.06 36.24 20.49
N GLU H 54 30.79 35.69 19.52
CA GLU H 54 30.22 34.64 18.68
C GLU H 54 30.15 33.33 19.46
N ALA H 55 29.49 32.35 18.86
CA ALA H 55 29.55 31.00 19.41
C ALA H 55 30.94 30.43 19.23
N VAL H 56 31.27 29.46 20.07
CA VAL H 56 32.62 28.90 20.13
C VAL H 56 32.62 27.54 19.44
N GLU H 57 33.60 27.32 18.59
CA GLU H 57 33.80 26.00 17.99
C GLU H 57 34.60 25.13 18.96
N LEU H 58 34.15 23.91 19.15
CA LEU H 58 34.79 22.98 20.08
C LEU H 58 35.82 22.16 19.32
N ARG H 59 37.06 22.67 19.29
CA ARG H 59 38.15 21.96 18.65
C ARG H 59 38.83 21.03 19.63
N ASP H 60 39.51 20.02 19.08
CA ASP H 60 40.17 19.02 19.92
C ASP H 60 41.37 19.60 20.64
N GLY H 61 42.30 20.17 19.89
CA GLY H 61 43.53 20.67 20.49
C GLY H 61 44.56 19.58 20.66
N GLY H 62 45.81 19.88 20.36
CA GLY H 62 46.86 18.89 20.47
C GLY H 62 47.79 18.89 19.28
N ASP H 63 48.15 17.70 18.79
CA ASP H 63 49.01 17.58 17.62
C ASP H 63 48.32 16.98 16.42
N ARG H 64 47.21 16.28 16.62
CA ARG H 64 46.47 15.72 15.50
C ARG H 64 45.78 16.83 14.71
N TYR H 65 45.98 16.82 13.39
CA TYR H 65 45.38 17.81 12.50
C TYR H 65 45.78 19.24 12.86
N GLY H 66 46.94 19.40 13.47
CA GLY H 66 47.36 20.72 13.89
C GLY H 66 46.55 21.28 15.02
N GLY H 67 45.97 20.42 15.86
CA GLY H 67 45.16 20.89 16.96
C GLY H 67 43.77 21.34 16.58
N LYS H 68 43.34 21.10 15.34
CA LYS H 68 42.04 21.51 14.86
C LYS H 68 41.08 20.35 14.69
N GLY H 69 41.38 19.20 15.29
CA GLY H 69 40.48 18.08 15.20
C GLY H 69 39.13 18.40 15.82
N VAL H 70 38.10 17.70 15.37
CA VAL H 70 36.75 17.91 15.89
C VAL H 70 36.17 16.58 16.35
N GLN H 71 37.02 15.67 16.81
CA GLN H 71 36.50 14.41 17.35
C GLN H 71 35.66 14.64 18.59
N LYS H 72 35.92 15.72 19.32
CA LYS H 72 35.15 16.01 20.53
C LYS H 72 33.73 16.43 20.20
N ALA H 73 33.55 17.26 19.17
CA ALA H 73 32.20 17.64 18.77
C ALA H 73 31.46 16.46 18.16
N VAL H 74 32.15 15.63 17.39
CA VAL H 74 31.53 14.42 16.87
C VAL H 74 31.05 13.54 18.02
N GLN H 75 31.85 13.40 19.06
CA GLN H 75 31.44 12.56 20.18
C GLN H 75 30.31 13.20 20.96
N ALA H 76 30.34 14.53 21.10
CA ALA H 76 29.25 15.24 21.76
C ALA H 76 27.92 14.99 21.04
N VAL H 77 27.93 15.05 19.71
CA VAL H 77 26.71 14.75 18.97
C VAL H 77 26.31 13.29 19.16
N LEU H 78 27.28 12.37 19.10
CA LEU H 78 26.94 10.96 19.08
C LEU H 78 26.51 10.43 20.45
N ASP H 79 26.92 11.07 21.54
CA ASP H 79 26.57 10.60 22.87
C ASP H 79 25.50 11.39 23.57
N GLU H 80 25.44 12.71 23.36
CA GLU H 80 24.59 13.57 24.17
C GLU H 80 23.47 14.22 23.38
N ILE H 81 23.80 14.92 22.29
CA ILE H 81 22.77 15.67 21.54
C ILE H 81 21.79 14.72 20.87
N GLY H 82 22.27 13.57 20.41
CA GLY H 82 21.45 12.62 19.72
C GLY H 82 20.19 12.26 20.50
N PRO H 83 20.36 11.55 21.61
CA PRO H 83 19.20 11.25 22.46
C PRO H 83 18.51 12.46 23.04
N ALA H 84 19.19 13.61 23.14
CA ALA H 84 18.55 14.79 23.67
C ALA H 84 17.59 15.44 22.68
N VAL H 85 17.70 15.12 21.40
CA VAL H 85 16.74 15.59 20.42
C VAL H 85 15.92 14.45 19.81
N ILE H 86 16.41 13.21 19.86
CA ILE H 86 15.66 12.10 19.29
C ILE H 86 14.29 12.03 19.95
N GLY H 87 13.24 12.23 19.18
CA GLY H 87 11.88 12.22 19.67
C GLY H 87 11.17 13.55 19.57
N LEU H 88 11.89 14.65 19.41
CA LEU H 88 11.23 15.93 19.24
C LEU H 88 10.64 16.04 17.84
N ASN H 89 9.95 17.15 17.57
CA ASN H 89 9.23 17.36 16.32
C ASN H 89 10.05 18.24 15.40
N ALA H 90 10.31 17.75 14.18
CA ALA H 90 11.18 18.46 13.25
C ALA H 90 10.67 19.87 12.96
N ASP H 91 9.40 19.99 12.58
CA ASP H 91 8.86 21.29 12.19
C ASP H 91 8.86 22.29 13.32
N ASP H 92 9.21 21.88 14.53
CA ASP H 92 9.29 22.80 15.67
C ASP H 92 10.74 23.23 15.85
N GLN H 93 11.19 24.07 14.91
CA GLN H 93 12.55 24.60 14.98
C GLN H 93 12.83 25.26 16.32
N ARG H 94 11.88 26.06 16.81
CA ARG H 94 12.12 26.76 18.07
C ARG H 94 12.17 25.78 19.24
N LEU H 95 11.37 24.72 19.19
CA LEU H 95 11.44 23.68 20.22
C LEU H 95 12.83 23.07 20.28
N VAL H 96 13.29 22.50 19.16
CA VAL H 96 14.56 21.79 19.14
C VAL H 96 15.72 22.73 19.42
N ASP H 97 15.62 23.98 18.96
CA ASP H 97 16.74 24.89 19.16
C ASP H 97 16.82 25.36 20.60
N GLN H 98 15.68 25.58 21.26
CA GLN H 98 15.72 25.86 22.68
C GLN H 98 16.17 24.64 23.47
N ALA H 99 15.77 23.44 23.02
CA ALA H 99 16.26 22.22 23.65
C ALA H 99 17.78 22.18 23.64
N LEU H 100 18.37 22.41 22.47
CA LEU H 100 19.83 22.42 22.37
C LEU H 100 20.44 23.51 23.24
N VAL H 101 19.90 24.73 23.17
CA VAL H 101 20.49 25.84 23.90
C VAL H 101 20.43 25.61 25.40
N ASP H 102 19.40 24.92 25.89
CA ASP H 102 19.36 24.62 27.32
C ASP H 102 20.23 23.43 27.67
N LEU H 103 20.26 22.41 26.80
CA LEU H 103 21.15 21.28 27.00
C LEU H 103 22.60 21.71 27.13
N ASP H 104 22.98 22.76 26.40
CA ASP H 104 24.34 23.27 26.56
C ASP H 104 24.47 24.02 27.87
N GLY H 105 23.70 25.09 28.05
CA GLY H 105 23.64 25.80 29.31
C GLY H 105 24.54 27.01 29.43
N THR H 106 25.29 27.35 28.39
CA THR H 106 26.24 28.46 28.44
C THR H 106 25.86 29.52 27.42
N PRO H 107 26.30 30.77 27.62
CA PRO H 107 25.99 31.83 26.66
C PRO H 107 26.76 31.75 25.35
N ASP H 108 27.72 30.81 25.22
CA ASP H 108 28.49 30.65 24.00
C ASP H 108 28.33 29.29 23.37
N LYS H 109 27.53 28.41 23.96
CA LYS H 109 27.41 27.02 23.54
C LYS H 109 28.75 26.29 23.55
N SER H 110 29.71 26.80 24.32
CA SER H 110 31.07 26.27 24.29
C SER H 110 31.18 24.89 24.92
N ARG H 111 30.27 24.52 25.80
CA ARG H 111 30.34 23.19 26.40
C ARG H 111 30.16 22.09 25.36
N LEU H 112 29.29 22.33 24.38
CA LEU H 112 29.07 21.40 23.29
C LEU H 112 29.54 21.93 21.95
N GLY H 113 30.02 23.17 21.90
CA GLY H 113 30.53 23.74 20.67
C GLY H 113 29.42 24.24 19.77
N GLY H 114 29.61 25.44 19.21
CA GLY H 114 28.61 25.97 18.30
C GLY H 114 28.48 25.15 17.04
N ASN H 115 29.54 24.43 16.65
CA ASN H 115 29.53 23.70 15.40
C ASN H 115 28.63 22.47 15.48
N ALA H 116 28.69 21.71 16.57
CA ALA H 116 27.82 20.54 16.69
C ALA H 116 26.36 20.94 16.76
N ILE H 117 26.06 21.96 17.56
CA ILE H 117 24.69 22.43 17.71
C ILE H 117 24.16 22.94 16.37
N LEU H 118 24.97 23.72 15.65
CA LEU H 118 24.51 24.24 14.36
C LEU H 118 24.33 23.11 13.36
N GLY H 119 25.19 22.10 13.38
CA GLY H 119 25.01 20.98 12.49
C GLY H 119 23.70 20.27 12.72
N VAL H 120 23.35 20.03 13.98
CA VAL H 120 22.08 19.36 14.25
C VAL H 120 20.91 20.25 13.87
N SER H 121 20.99 21.55 14.19
CA SER H 121 19.94 22.49 13.81
C SER H 121 19.70 22.47 12.30
N LEU H 122 20.76 22.61 11.52
CA LEU H 122 20.62 22.68 10.08
C LEU H 122 20.13 21.38 9.48
N ALA H 123 20.64 20.24 9.96
CA ALA H 123 20.16 18.98 9.43
C ALA H 123 18.70 18.74 9.80
N VAL H 124 18.26 19.22 10.97
CA VAL H 124 16.86 19.10 11.34
C VAL H 124 16.00 19.96 10.42
N ALA H 125 16.44 21.18 10.13
CA ALA H 125 15.69 22.01 9.20
C ALA H 125 15.62 21.39 7.81
N LYS H 126 16.74 20.80 7.36
CA LYS H 126 16.75 20.16 6.05
C LYS H 126 15.80 18.97 6.02
N ALA H 127 15.75 18.20 7.10
CA ALA H 127 14.85 17.05 7.12
C ALA H 127 13.39 17.47 7.24
N ALA H 128 13.12 18.59 7.93
CA ALA H 128 11.75 19.08 7.98
C ALA H 128 11.29 19.59 6.62
N ALA H 129 12.17 20.31 5.91
CA ALA H 129 11.84 20.74 4.56
C ALA H 129 11.66 19.54 3.63
N ASP H 130 12.55 18.55 3.72
CA ASP H 130 12.39 17.35 2.91
C ASP H 130 11.12 16.60 3.27
N SER H 131 10.69 16.67 4.54
CA SER H 131 9.48 15.99 4.94
C SER H 131 8.25 16.65 4.34
N ALA H 132 8.11 17.96 4.56
CA ALA H 132 7.02 18.71 3.95
C ALA H 132 7.03 18.62 2.43
N GLU H 133 8.10 18.07 1.85
CA GLU H 133 8.36 17.96 0.42
C GLU H 133 8.57 19.30 -0.24
N LEU H 134 8.48 20.40 0.51
CA LEU H 134 8.92 21.68 0.00
C LEU H 134 10.44 21.67 -0.16
N PRO H 135 10.98 22.51 -1.04
CA PRO H 135 12.42 22.72 -1.04
C PRO H 135 12.81 23.72 0.03
N LEU H 136 14.05 23.61 0.49
CA LEU H 136 14.47 24.29 1.72
C LEU H 136 14.11 25.77 1.72
N PHE H 137 14.27 26.44 0.57
CA PHE H 137 13.97 27.87 0.53
C PHE H 137 12.49 28.11 0.75
N ARG H 138 11.63 27.28 0.17
CA ARG H 138 10.20 27.44 0.33
C ARG H 138 9.78 27.18 1.77
N TYR H 139 10.31 26.13 2.39
CA TYR H 139 10.00 25.88 3.79
C TYR H 139 10.41 27.05 4.66
N VAL H 140 11.72 27.37 4.68
CA VAL H 140 12.18 28.40 5.59
C VAL H 140 11.57 29.76 5.29
N GLY H 141 11.06 29.97 4.07
CA GLY H 141 10.49 31.27 3.74
C GLY H 141 9.00 31.30 3.54
N GLY H 142 8.38 30.14 3.35
CA GLY H 142 6.95 30.05 3.22
C GLY H 142 6.49 30.02 1.77
N PRO H 143 5.36 30.67 1.48
CA PRO H 143 4.87 30.70 0.11
C PRO H 143 5.41 31.86 -0.70
N ASN H 144 5.83 32.93 -0.01
CA ASN H 144 6.20 34.17 -0.66
C ASN H 144 7.70 34.28 -0.92
N ALA H 145 8.43 33.18 -0.79
CA ALA H 145 9.87 33.18 -1.03
C ALA H 145 10.10 33.15 -2.52
N HIS H 146 10.37 34.31 -3.11
CA HIS H 146 10.48 34.40 -4.55
C HIS H 146 11.62 35.27 -5.05
N ILE H 147 12.39 35.91 -4.18
CA ILE H 147 13.37 36.90 -4.59
C ILE H 147 14.73 36.25 -4.67
N LEU H 148 15.44 36.47 -5.78
CA LEU H 148 16.81 36.01 -5.97
C LEU H 148 17.76 37.14 -5.64
N PRO H 149 18.82 36.89 -4.90
CA PRO H 149 19.65 37.98 -4.38
C PRO H 149 20.69 38.45 -5.39
N VAL H 150 21.19 39.66 -5.16
CA VAL H 150 22.25 40.22 -5.99
C VAL H 150 23.57 39.66 -5.51
N PRO H 151 24.27 38.85 -6.31
CA PRO H 151 25.54 38.29 -5.87
C PRO H 151 26.62 39.36 -5.81
N MET H 152 27.20 39.55 -4.63
CA MET H 152 28.33 40.45 -4.46
C MET H 152 29.60 39.61 -4.56
N MET H 153 30.29 39.73 -5.68
CA MET H 153 31.40 38.85 -6.02
C MET H 153 32.71 39.53 -5.65
N ASN H 154 33.42 38.96 -4.68
CA ASN H 154 34.72 39.44 -4.26
C ASN H 154 35.77 39.02 -5.27
N ILE H 155 36.29 39.96 -6.05
CA ILE H 155 37.24 39.62 -7.10
C ILE H 155 38.66 40.08 -6.81
N LEU H 156 38.86 41.01 -5.88
CA LEU H 156 40.18 41.58 -5.62
C LEU H 156 40.41 41.60 -4.12
N ASN H 157 41.35 40.80 -3.64
CA ASN H 157 41.63 40.70 -2.21
C ASN H 157 42.84 41.56 -1.85
N GLY H 158 42.79 42.16 -0.67
CA GLY H 158 43.88 42.94 -0.15
C GLY H 158 43.80 43.04 1.35
N GLY H 159 44.77 43.77 1.92
CA GLY H 159 44.76 44.02 3.35
C GLY H 159 45.36 42.89 4.16
N ALA H 160 44.58 42.32 5.07
CA ALA H 160 45.03 41.24 5.92
C ALA H 160 45.14 39.92 5.20
N HIS H 161 45.03 39.88 3.87
CA HIS H 161 45.09 38.61 3.14
C HIS H 161 46.45 38.34 2.51
N ALA H 162 47.11 39.36 1.96
CA ALA H 162 48.40 39.18 1.33
C ALA H 162 49.27 40.39 1.60
N ASP H 163 50.53 40.31 1.17
CA ASP H 163 51.48 41.41 1.29
C ASP H 163 51.22 42.39 0.15
N THR H 164 50.60 43.52 0.49
CA THR H 164 50.23 44.51 -0.52
C THR H 164 49.98 45.83 0.18
N ALA H 165 50.13 46.91 -0.57
CA ALA H 165 49.92 48.27 -0.06
C ALA H 165 48.45 48.62 0.12
N VAL H 166 47.51 47.67 0.04
CA VAL H 166 46.10 47.95 0.20
C VAL H 166 45.67 47.63 1.62
N ASP H 167 44.74 48.42 2.15
CA ASP H 167 44.16 48.14 3.45
C ASP H 167 42.69 47.74 3.38
N ILE H 168 42.03 47.96 2.24
CA ILE H 168 40.70 47.44 2.04
C ILE H 168 40.79 45.92 1.86
N GLN H 169 39.97 45.19 2.60
CA GLN H 169 40.11 43.73 2.59
C GLN H 169 39.56 43.14 1.30
N GLU H 170 38.30 43.41 0.99
CA GLU H 170 37.64 42.81 -0.17
C GLU H 170 37.12 43.88 -1.11
N PHE H 171 37.39 43.71 -2.40
CA PHE H 171 36.79 44.51 -3.46
C PHE H 171 35.78 43.64 -4.19
N MET H 172 34.51 44.07 -4.20
CA MET H 172 33.44 43.26 -4.75
C MET H 172 32.74 44.02 -5.87
N VAL H 173 32.29 43.28 -6.86
CA VAL H 173 31.43 43.81 -7.91
C VAL H 173 30.01 43.29 -7.68
N ALA H 174 29.05 44.04 -8.16
CA ALA H 174 27.66 43.65 -7.97
C ALA H 174 26.86 43.95 -9.23
N PRO H 175 26.45 42.93 -9.97
CA PRO H 175 25.65 43.18 -11.17
C PRO H 175 24.22 43.57 -10.86
N ILE H 176 24.00 44.85 -10.58
CA ILE H 176 22.68 45.30 -10.18
C ILE H 176 21.75 45.54 -11.36
N GLY H 177 22.28 45.67 -12.57
CA GLY H 177 21.49 46.02 -13.72
C GLY H 177 21.02 44.86 -14.58
N ALA H 178 21.19 43.63 -14.13
CA ALA H 178 20.84 42.47 -14.94
C ALA H 178 19.33 42.25 -14.96
N PRO H 179 18.81 41.66 -16.03
CA PRO H 179 17.36 41.41 -16.10
C PRO H 179 16.91 40.23 -15.26
N SER H 180 17.77 39.21 -15.15
CA SER H 180 17.46 38.02 -14.37
C SER H 180 18.70 37.67 -13.55
N PHE H 181 18.62 36.58 -12.80
CA PHE H 181 19.76 36.17 -11.99
C PHE H 181 20.82 35.51 -12.85
N VAL H 182 20.42 34.73 -13.85
CA VAL H 182 21.39 34.01 -14.66
C VAL H 182 22.25 34.97 -15.46
N GLU H 183 21.67 36.07 -15.91
CA GLU H 183 22.47 37.09 -16.58
C GLU H 183 23.39 37.81 -15.61
N ALA H 184 22.97 37.97 -14.36
CA ALA H 184 23.84 38.56 -13.35
C ALA H 184 25.04 37.67 -13.09
N LEU H 185 24.82 36.36 -12.98
CA LEU H 185 25.93 35.44 -12.80
C LEU H 185 26.86 35.47 -14.00
N ARG H 186 26.30 35.56 -15.21
CA ARG H 186 27.15 35.66 -16.41
C ARG H 186 28.00 36.92 -16.38
N TRP H 187 27.39 38.05 -16.04
CA TRP H 187 28.16 39.30 -15.98
C TRP H 187 29.25 39.23 -14.93
N GLY H 188 28.96 38.65 -13.78
CA GLY H 188 29.98 38.50 -12.76
C GLY H 188 31.14 37.65 -13.22
N ALA H 189 30.84 36.51 -13.84
CA ALA H 189 31.90 35.64 -14.34
C ALA H 189 32.71 36.33 -15.43
N GLU H 190 32.06 37.13 -16.27
CA GLU H 190 32.78 37.80 -17.34
C GLU H 190 33.67 38.90 -16.81
N VAL H 191 33.21 39.65 -15.81
CA VAL H 191 34.07 40.65 -15.18
C VAL H 191 35.25 39.98 -14.50
N TYR H 192 35.02 38.81 -13.88
CA TYR H 192 36.09 38.07 -13.23
C TYR H 192 37.18 37.68 -14.23
N HIS H 193 36.78 37.10 -15.36
CA HIS H 193 37.77 36.69 -16.34
C HIS H 193 38.45 37.89 -17.00
N ALA H 194 37.70 38.98 -17.22
CA ALA H 194 38.33 40.19 -17.74
C ALA H 194 39.41 40.70 -16.81
N LEU H 195 39.11 40.74 -15.51
CA LEU H 195 40.12 41.17 -14.54
C LEU H 195 41.31 40.23 -14.53
N LYS H 196 41.07 38.93 -14.66
CA LYS H 196 42.18 37.99 -14.74
C LYS H 196 43.09 38.32 -15.91
N SER H 197 42.50 38.65 -17.06
CA SER H 197 43.31 39.00 -18.22
C SER H 197 44.07 40.31 -17.99
N VAL H 198 43.39 41.30 -17.42
CA VAL H 198 44.03 42.59 -17.17
C VAL H 198 45.23 42.42 -16.24
N LEU H 199 45.08 41.59 -15.20
CA LEU H 199 46.19 41.33 -14.29
C LEU H 199 47.31 40.60 -15.00
N LYS H 200 46.99 39.51 -15.70
CA LYS H 200 48.03 38.74 -16.38
C LYS H 200 48.80 39.58 -17.37
N LYS H 201 48.17 40.58 -17.98
CA LYS H 201 48.89 41.43 -18.93
C LYS H 201 49.96 42.25 -18.23
N GLU H 202 49.68 42.73 -17.01
CA GLU H 202 50.61 43.58 -16.29
C GLU H 202 51.62 42.78 -15.46
N GLY H 203 51.82 41.51 -15.78
CA GLY H 203 52.75 40.68 -15.05
C GLY H 203 52.44 40.51 -13.58
N LEU H 204 51.17 40.66 -13.19
CA LEU H 204 50.79 40.52 -11.79
C LEU H 204 50.38 39.09 -11.49
N SER H 205 50.29 38.78 -10.21
CA SER H 205 50.07 37.41 -9.78
C SER H 205 48.61 37.00 -9.94
N THR H 206 48.40 35.76 -10.36
CA THR H 206 47.07 35.19 -10.52
C THR H 206 46.86 34.02 -9.57
N GLY H 207 47.29 34.18 -8.32
CA GLY H 207 47.13 33.17 -7.31
C GLY H 207 45.90 33.45 -6.47
N LEU H 208 44.95 32.53 -6.52
CA LEU H 208 43.66 32.74 -5.87
C LEU H 208 43.80 32.66 -4.36
N GLY H 209 43.09 33.55 -3.67
CA GLY H 209 43.07 33.53 -2.22
C GLY H 209 42.16 32.44 -1.70
N ASP H 210 41.47 32.72 -0.59
CA ASP H 210 40.52 31.76 -0.04
C ASP H 210 39.12 31.92 -0.61
N GLU H 211 38.85 33.01 -1.32
CA GLU H 211 37.54 33.27 -1.91
C GLU H 211 37.56 33.20 -3.42
N GLY H 212 38.67 32.79 -4.02
CA GLY H 212 38.83 32.84 -5.45
C GLY H 212 39.22 34.19 -5.99
N GLY H 213 39.19 35.24 -5.18
CA GLY H 213 39.60 36.55 -5.65
C GLY H 213 41.10 36.68 -5.70
N PHE H 214 41.57 37.56 -6.58
CA PHE H 214 43.00 37.77 -6.74
C PHE H 214 43.53 38.69 -5.64
N ALA H 215 44.85 38.70 -5.50
CA ALA H 215 45.53 39.61 -4.59
C ALA H 215 46.87 39.99 -5.18
N PRO H 216 46.87 40.92 -6.13
CA PRO H 216 48.13 41.40 -6.70
C PRO H 216 48.62 42.64 -5.97
N ASP H 217 49.88 42.99 -6.23
CA ASP H 217 50.51 44.15 -5.60
C ASP H 217 50.17 45.40 -6.41
N VAL H 218 48.99 45.95 -6.12
CA VAL H 218 48.56 47.18 -6.76
C VAL H 218 49.02 48.36 -5.90
N ALA H 219 49.01 49.55 -6.50
CA ALA H 219 49.50 50.73 -5.82
C ALA H 219 48.67 51.05 -4.57
N GLY H 220 47.40 51.36 -4.75
CA GLY H 220 46.55 51.71 -3.62
C GLY H 220 45.08 51.44 -3.85
N THR H 221 44.25 51.85 -2.89
CA THR H 221 42.81 51.62 -3.02
C THR H 221 42.26 52.23 -4.30
N THR H 222 42.66 53.46 -4.61
CA THR H 222 42.17 54.11 -5.83
C THR H 222 42.64 53.38 -7.07
N ALA H 223 43.89 52.94 -7.08
CA ALA H 223 44.37 52.15 -8.22
C ALA H 223 43.62 50.84 -8.33
N ALA H 224 43.25 50.24 -7.20
CA ALA H 224 42.49 48.99 -7.25
C ALA H 224 41.11 49.22 -7.84
N LEU H 225 40.41 50.25 -7.38
CA LEU H 225 39.09 50.54 -7.93
C LEU H 225 39.18 50.89 -9.40
N ASP H 226 40.24 51.57 -9.82
CA ASP H 226 40.40 51.90 -11.23
C ASP H 226 40.67 50.65 -12.06
N LEU H 227 41.45 49.71 -11.51
CA LEU H 227 41.67 48.44 -12.20
C LEU H 227 40.37 47.66 -12.34
N ILE H 228 39.55 47.68 -11.30
CA ILE H 228 38.26 47.00 -11.36
C ILE H 228 37.35 47.65 -12.40
N SER H 229 37.37 48.98 -12.46
CA SER H 229 36.56 49.66 -13.47
C SER H 229 37.05 49.35 -14.88
N ARG H 230 38.36 49.24 -15.06
CA ARG H 230 38.89 48.83 -16.35
C ARG H 230 38.43 47.44 -16.72
N ALA H 231 38.41 46.53 -15.74
CA ALA H 231 37.95 45.17 -16.02
C ALA H 231 36.46 45.16 -16.35
N ILE H 232 35.67 45.99 -15.70
CA ILE H 232 34.25 46.06 -16.02
C ILE H 232 34.05 46.60 -17.43
N GLU H 233 34.83 47.61 -17.81
CA GLU H 233 34.72 48.16 -19.16
C GLU H 233 35.14 47.12 -20.20
N SER H 234 36.21 46.38 -19.93
CA SER H 234 36.70 45.40 -20.89
C SER H 234 35.74 44.24 -21.09
N ALA H 235 34.84 43.99 -20.13
CA ALA H 235 33.88 42.91 -20.26
C ALA H 235 32.77 43.25 -21.24
N GLY H 236 32.47 44.52 -21.43
CA GLY H 236 31.39 44.96 -22.29
C GLY H 236 30.21 45.57 -21.57
N LEU H 237 30.38 45.99 -20.32
CA LEU H 237 29.31 46.53 -19.51
C LEU H 237 29.62 47.98 -19.16
N ARG H 238 28.70 48.63 -18.45
CA ARG H 238 28.85 50.02 -18.05
C ARG H 238 28.95 50.11 -16.54
N PRO H 239 30.05 50.62 -16.00
CA PRO H 239 30.15 50.75 -14.54
C PRO H 239 29.04 51.62 -13.98
N GLY H 240 28.37 51.10 -12.96
CA GLY H 240 27.27 51.82 -12.32
C GLY H 240 25.90 51.50 -12.88
N ALA H 241 25.77 51.51 -14.20
CA ALA H 241 24.49 51.19 -14.81
C ALA H 241 24.28 49.68 -14.88
N ASP H 242 25.34 48.93 -15.16
CA ASP H 242 25.29 47.48 -15.18
C ASP H 242 25.87 46.87 -13.91
N VAL H 243 27.13 47.19 -13.60
CA VAL H 243 27.83 46.62 -12.45
C VAL H 243 28.26 47.75 -11.53
N ALA H 244 28.01 47.57 -10.24
CA ALA H 244 28.42 48.52 -9.22
C ALA H 244 29.55 47.94 -8.39
N LEU H 245 30.10 48.74 -7.49
CA LEU H 245 31.22 48.33 -6.66
C LEU H 245 30.83 48.30 -5.20
N ALA H 246 31.63 47.57 -4.41
CA ALA H 246 31.41 47.47 -2.97
C ALA H 246 32.75 47.16 -2.30
N LEU H 247 32.86 47.56 -1.04
CA LEU H 247 34.09 47.41 -0.28
C LEU H 247 33.82 46.62 1.00
N ASP H 248 34.87 45.91 1.45
CA ASP H 248 34.94 45.36 2.80
C ASP H 248 36.27 45.86 3.36
N ALA H 249 36.20 46.94 4.15
CA ALA H 249 37.42 47.58 4.62
C ALA H 249 38.08 46.78 5.73
N ALA H 250 37.29 46.29 6.69
CA ALA H 250 37.80 45.57 7.84
C ALA H 250 38.84 46.39 8.57
N ALA H 251 38.41 47.59 9.00
CA ALA H 251 39.34 48.58 9.54
C ALA H 251 40.04 48.10 10.79
N THR H 252 39.46 47.15 11.51
CA THR H 252 40.12 46.61 12.69
C THR H 252 41.50 46.04 12.36
N GLU H 253 41.68 45.57 11.13
CA GLU H 253 42.97 45.03 10.74
C GLU H 253 44.05 46.08 10.57
N PHE H 254 43.71 47.37 10.66
CA PHE H 254 44.74 48.40 10.62
C PHE H 254 44.49 49.52 11.61
N PHE H 255 43.72 49.28 12.67
CA PHE H 255 43.45 50.28 13.69
C PHE H 255 44.22 49.92 14.94
N THR H 256 45.29 50.67 15.22
CA THR H 256 46.02 50.51 16.47
C THR H 256 45.31 51.30 17.56
N ASP H 257 44.82 50.60 18.58
CA ASP H 257 44.04 51.25 19.62
C ASP H 257 44.85 52.34 20.31
N GLY H 258 44.28 53.54 20.39
CA GLY H 258 44.96 54.68 20.96
C GLY H 258 45.86 55.43 20.00
N THR H 259 46.16 54.87 18.83
CA THR H 259 47.01 55.51 17.83
C THR H 259 46.22 55.98 16.63
N GLY H 260 45.40 55.13 16.04
CA GLY H 260 44.57 55.49 14.92
C GLY H 260 44.71 54.52 13.76
N TYR H 261 43.84 54.72 12.77
CA TYR H 261 43.83 53.89 11.58
C TYR H 261 45.04 54.21 10.71
N VAL H 262 46.01 53.30 10.68
CA VAL H 262 47.19 53.49 9.84
C VAL H 262 46.85 53.06 8.42
N PHE H 263 46.37 53.99 7.61
CA PHE H 263 45.99 53.70 6.22
C PHE H 263 47.00 54.36 5.29
N GLU H 264 47.47 53.59 4.29
CA GLU H 264 48.36 54.06 3.25
C GLU H 264 49.71 54.53 3.80
N GLY H 265 49.94 54.41 5.10
CA GLY H 265 51.15 54.91 5.71
C GLY H 265 51.02 56.27 6.36
N THR H 266 49.80 56.72 6.63
CA THR H 266 49.57 58.02 7.26
C THR H 266 48.51 57.84 8.35
N THR H 267 48.94 57.89 9.61
CA THR H 267 48.01 57.75 10.72
C THR H 267 46.99 58.88 10.70
N ARG H 268 45.72 58.52 10.84
CA ARG H 268 44.66 59.52 10.80
C ARG H 268 43.50 59.08 11.69
N THR H 269 42.65 60.04 12.02
CA THR H 269 41.52 59.79 12.89
C THR H 269 40.35 59.24 12.08
N ALA H 270 39.23 59.01 12.77
CA ALA H 270 38.02 58.55 12.08
C ALA H 270 37.54 59.58 11.07
N ASP H 271 37.74 60.87 11.36
CA ASP H 271 37.27 61.91 10.46
C ASP H 271 37.93 61.81 9.10
N GLN H 272 39.25 61.62 9.06
CA GLN H 272 39.94 61.54 7.80
C GLN H 272 39.62 60.24 7.05
N MET H 273 39.36 59.16 7.76
CA MET H 273 38.89 57.95 7.10
C MET H 273 37.52 58.19 6.46
N THR H 274 36.64 58.92 7.14
CA THR H 274 35.36 59.27 6.55
C THR H 274 35.56 60.16 5.32
N GLU H 275 36.54 61.06 5.35
CA GLU H 275 36.82 61.88 4.18
C GLU H 275 37.30 61.02 3.01
N PHE H 276 38.17 60.05 3.30
CA PHE H 276 38.62 59.12 2.25
C PHE H 276 37.44 58.36 1.67
N TYR H 277 36.53 57.90 2.53
CA TYR H 277 35.35 57.19 2.05
C TYR H 277 34.46 58.09 1.21
N ALA H 278 34.32 59.35 1.60
CA ALA H 278 33.50 60.28 0.83
C ALA H 278 34.11 60.52 -0.56
N GLY H 279 35.43 60.70 -0.62
CA GLY H 279 36.07 60.82 -1.92
C GLY H 279 35.88 59.59 -2.79
N LEU H 280 36.06 58.40 -2.19
CA LEU H 280 35.81 57.16 -2.93
C LEU H 280 34.38 57.12 -3.46
N LEU H 281 33.41 57.36 -2.59
CA LEU H 281 32.01 57.31 -2.99
C LEU H 281 31.73 58.30 -4.11
N GLY H 282 32.38 59.46 -4.08
CA GLY H 282 32.19 60.43 -5.14
C GLY H 282 32.73 59.95 -6.46
N ALA H 283 33.98 59.48 -6.47
CA ALA H 283 34.64 59.16 -7.72
C ALA H 283 34.30 57.78 -8.28
N TYR H 284 33.46 56.99 -7.61
CA TYR H 284 33.19 55.63 -8.05
C TYR H 284 31.75 55.28 -7.73
N PRO H 285 31.17 54.32 -8.45
CA PRO H 285 29.77 53.91 -8.18
C PRO H 285 29.66 52.90 -7.04
N LEU H 286 30.22 53.27 -5.89
CA LEU H 286 30.14 52.39 -4.72
C LEU H 286 28.71 52.37 -4.18
N VAL H 287 28.23 51.17 -3.86
CA VAL H 287 26.88 51.02 -3.33
C VAL H 287 26.85 50.48 -1.91
N SER H 288 27.99 50.05 -1.36
CA SER H 288 28.00 49.44 -0.04
C SER H 288 29.43 49.38 0.47
N ILE H 289 29.62 49.72 1.75
CA ILE H 289 30.90 49.58 2.43
C ILE H 289 30.68 48.80 3.71
N GLU H 290 31.56 47.83 3.97
CA GLU H 290 31.39 46.89 5.08
C GLU H 290 32.48 47.11 6.11
N ASP H 291 32.08 47.26 7.36
CA ASP H 291 32.99 47.57 8.47
C ASP H 291 33.90 48.72 8.09
N PRO H 292 33.39 49.94 7.99
CA PRO H 292 34.25 51.06 7.57
C PRO H 292 35.20 51.51 8.67
N LEU H 293 34.86 51.29 9.93
CA LEU H 293 35.71 51.63 11.07
C LEU H 293 35.77 50.46 12.02
N SER H 294 36.48 50.63 13.14
CA SER H 294 36.65 49.57 14.11
C SER H 294 35.32 49.17 14.72
N GLU H 295 35.31 48.04 15.42
CA GLU H 295 34.10 47.48 15.97
C GLU H 295 33.85 47.90 17.42
N ASP H 296 34.69 48.77 17.96
CA ASP H 296 34.45 49.35 19.27
C ASP H 296 34.26 50.85 19.23
N ASP H 297 34.56 51.49 18.10
CA ASP H 297 34.42 52.93 17.95
C ASP H 297 32.98 53.26 17.55
N TRP H 298 32.08 53.11 18.52
CA TRP H 298 30.67 53.38 18.25
C TRP H 298 30.46 54.84 17.85
N ASP H 299 31.12 55.77 18.53
CA ASP H 299 30.94 57.17 18.23
C ASP H 299 31.44 57.51 16.83
N GLY H 300 32.60 57.00 16.45
CA GLY H 300 33.07 57.19 15.08
C GLY H 300 32.13 56.59 14.07
N TRP H 301 31.52 55.46 14.40
CA TRP H 301 30.55 54.85 13.51
C TRP H 301 29.31 55.73 13.34
N ALA H 302 28.84 56.34 14.44
CA ALA H 302 27.70 57.25 14.34
C ALA H 302 28.05 58.46 13.51
N ALA H 303 29.27 58.99 13.68
CA ALA H 303 29.72 60.12 12.88
C ALA H 303 29.74 59.76 11.39
N LEU H 304 30.31 58.60 11.06
CA LEU H 304 30.39 58.20 9.66
C LEU H 304 29.02 57.90 9.07
N THR H 305 28.12 57.31 9.88
CA THR H 305 26.76 57.06 9.40
C THR H 305 26.00 58.36 9.16
N ALA H 306 26.25 59.38 9.99
CA ALA H 306 25.64 60.66 9.72
C ALA H 306 26.24 61.30 8.47
N SER H 307 27.54 61.11 8.25
CA SER H 307 28.20 61.80 7.16
C SER H 307 27.86 61.20 5.79
N ILE H 308 27.95 59.88 5.66
CA ILE H 308 27.75 59.24 4.36
C ILE H 308 26.74 58.12 4.43
N GLY H 309 25.96 58.06 5.50
CA GLY H 309 25.11 56.90 5.72
C GLY H 309 23.75 56.94 5.06
N ASP H 310 23.59 57.79 4.04
CA ASP H 310 22.39 57.76 3.22
C ASP H 310 22.71 57.84 1.74
N ARG H 311 23.99 57.94 1.37
CA ARG H 311 24.42 57.81 -0.01
C ARG H 311 25.00 56.44 -0.30
N VAL H 312 25.06 55.54 0.69
CA VAL H 312 25.70 54.25 0.52
C VAL H 312 25.24 53.35 1.65
N GLN H 313 25.38 52.04 1.46
CA GLN H 313 25.01 51.06 2.46
C GLN H 313 26.19 50.85 3.41
N ILE H 314 25.90 50.82 4.71
CA ILE H 314 26.91 50.66 5.74
C ILE H 314 26.68 49.30 6.39
N VAL H 315 27.55 48.34 6.09
CA VAL H 315 27.38 46.97 6.54
C VAL H 315 28.18 46.77 7.82
N GLY H 316 27.51 46.29 8.87
CA GLY H 316 28.19 45.96 10.10
C GLY H 316 28.57 44.50 10.17
N ASP H 317 29.84 44.19 9.88
CA ASP H 317 30.32 42.81 9.89
C ASP H 317 30.87 42.41 11.24
N ASP H 318 31.75 43.22 11.83
CA ASP H 318 32.35 42.91 13.12
C ASP H 318 31.74 43.69 14.28
N ILE H 319 31.25 44.91 14.03
CA ILE H 319 30.64 45.69 15.10
C ILE H 319 29.42 44.97 15.66
N PHE H 320 28.78 44.14 14.85
CA PHE H 320 27.81 43.17 15.30
C PHE H 320 28.30 41.81 14.86
N VAL H 321 27.96 40.77 15.61
CA VAL H 321 28.40 39.43 15.26
C VAL H 321 27.19 38.55 15.03
N THR H 322 26.14 39.14 14.47
CA THR H 322 24.83 38.52 14.32
C THR H 322 24.18 38.25 15.67
N ASN H 323 24.62 38.98 16.68
CA ASN H 323 24.03 38.88 18.01
C ASN H 323 22.93 39.92 18.14
N PRO H 324 21.70 39.53 18.47
CA PRO H 324 20.63 40.54 18.60
C PRO H 324 20.90 41.56 19.70
N GLU H 325 21.56 41.15 20.79
CA GLU H 325 21.76 42.06 21.91
C GLU H 325 22.68 43.21 21.53
N ARG H 326 23.66 42.96 20.66
CA ARG H 326 24.47 44.05 20.16
C ARG H 326 23.78 44.78 19.01
N LEU H 327 22.90 44.08 18.30
CA LEU H 327 22.20 44.69 17.17
C LEU H 327 21.25 45.78 17.64
N GLU H 328 20.51 45.53 18.72
CA GLU H 328 19.64 46.57 19.27
C GLU H 328 20.43 47.79 19.70
N GLU H 329 21.58 47.57 20.36
CA GLU H 329 22.42 48.68 20.79
C GLU H 329 22.97 49.46 19.62
N GLY H 330 23.26 48.79 18.50
CA GLY H 330 23.67 49.51 17.31
C GLY H 330 22.53 50.21 16.60
N ILE H 331 21.31 49.70 16.76
CA ILE H 331 20.14 50.35 16.20
C ILE H 331 19.89 51.68 16.91
N GLU H 332 19.92 51.65 18.24
CA GLU H 332 19.54 52.83 19.01
C GLU H 332 20.52 53.99 18.80
N ARG H 333 21.80 53.71 18.59
CA ARG H 333 22.80 54.75 18.47
C ARG H 333 23.03 55.19 17.03
N GLY H 334 22.21 54.74 16.10
CA GLY H 334 22.31 55.19 14.72
C GLY H 334 23.61 54.85 14.03
N VAL H 335 23.88 53.56 13.85
CA VAL H 335 25.07 53.11 13.13
C VAL H 335 24.67 51.94 12.24
N ALA H 336 25.42 51.78 11.14
CA ALA H 336 25.43 50.53 10.38
C ALA H 336 24.03 50.16 9.88
N ASN H 337 23.57 50.92 8.89
CA ASN H 337 22.28 50.60 8.31
C ASN H 337 22.34 49.39 7.39
N ALA H 338 22.91 48.29 7.89
CA ALA H 338 22.94 46.99 7.22
C ALA H 338 23.57 45.98 8.15
N LEU H 339 23.12 44.73 8.04
CA LEU H 339 23.62 43.63 8.84
C LEU H 339 24.23 42.59 7.91
N LEU H 340 25.09 41.73 8.47
CA LEU H 340 25.72 40.65 7.73
C LEU H 340 25.48 39.35 8.47
N VAL H 341 24.67 38.48 7.89
CA VAL H 341 24.15 37.31 8.60
C VAL H 341 25.06 36.12 8.30
N LYS H 342 25.90 35.75 9.27
CA LYS H 342 26.69 34.53 9.22
C LYS H 342 26.07 33.54 10.20
N VAL H 343 25.73 32.35 9.70
CA VAL H 343 24.87 31.45 10.45
C VAL H 343 25.60 30.79 11.61
N ASN H 344 26.91 30.63 11.51
CA ASN H 344 27.64 29.93 12.55
C ASN H 344 28.22 30.86 13.60
N GLN H 345 27.98 32.16 13.48
CA GLN H 345 28.31 33.09 14.55
C GLN H 345 27.19 33.21 15.57
N ILE H 346 26.03 32.63 15.31
CA ILE H 346 24.93 32.68 16.25
C ILE H 346 24.57 31.32 16.81
N GLY H 347 24.70 30.24 16.04
CA GLY H 347 24.65 28.89 16.53
C GLY H 347 23.43 28.08 16.12
N THR H 348 22.32 28.74 15.84
CA THR H 348 21.11 28.03 15.43
C THR H 348 20.44 28.76 14.27
N LEU H 349 19.58 28.03 13.58
CA LEU H 349 18.75 28.64 12.55
C LEU H 349 17.72 29.58 13.16
N THR H 350 17.15 29.20 14.30
CA THR H 350 16.12 30.01 14.93
C THR H 350 16.64 31.39 15.31
N GLU H 351 17.77 31.43 16.02
CA GLU H 351 18.32 32.73 16.40
C GLU H 351 18.75 33.52 15.19
N THR H 352 19.14 32.84 14.11
CA THR H 352 19.44 33.53 12.86
C THR H 352 18.22 34.25 12.35
N LEU H 353 17.09 33.54 12.25
CA LEU H 353 15.86 34.14 11.76
C LEU H 353 15.41 35.27 12.66
N ASP H 354 15.57 35.11 13.98
CA ASP H 354 15.15 36.16 14.89
C ASP H 354 16.01 37.42 14.73
N ALA H 355 17.32 37.26 14.58
CA ALA H 355 18.17 38.42 14.40
C ALA H 355 17.90 39.10 13.06
N VAL H 356 17.63 38.32 12.01
CA VAL H 356 17.37 38.96 10.72
C VAL H 356 16.03 39.68 10.76
N THR H 357 15.04 39.13 11.48
CA THR H 357 13.79 39.85 11.68
C THR H 357 14.03 41.17 12.41
N LEU H 358 14.76 41.13 13.52
CA LEU H 358 15.05 42.33 14.29
C LEU H 358 15.77 43.38 13.46
N ALA H 359 16.64 42.96 12.54
CA ALA H 359 17.33 43.93 11.70
C ALA H 359 16.48 44.39 10.53
N HIS H 360 15.51 43.59 10.10
CA HIS H 360 14.58 44.03 9.07
C HIS H 360 13.67 45.12 9.59
N HIS H 361 13.06 44.89 10.74
CA HIS H 361 12.11 45.87 11.27
C HIS H 361 12.76 47.11 11.79
N GLY H 362 14.07 47.31 11.59
CA GLY H 362 14.73 48.53 11.98
C GLY H 362 15.25 49.37 10.83
N GLY H 363 14.88 49.06 9.59
CA GLY H 363 15.37 49.81 8.45
C GLY H 363 16.71 49.36 7.93
N TYR H 364 17.18 48.18 8.35
CA TYR H 364 18.49 47.67 7.96
C TYR H 364 18.33 46.57 6.93
N ARG H 365 19.04 46.69 5.81
CA ARG H 365 19.16 45.58 4.90
C ARG H 365 20.11 44.54 5.47
N THR H 366 19.90 43.29 5.10
CA THR H 366 20.76 42.21 5.54
C THR H 366 21.49 41.60 4.34
N MET H 367 22.44 40.72 4.63
CA MET H 367 23.26 40.13 3.58
C MET H 367 23.80 38.80 4.09
N ILE H 368 23.21 37.70 3.62
CA ILE H 368 23.72 36.38 3.97
C ILE H 368 25.15 36.24 3.46
N SER H 369 26.05 35.80 4.32
CA SER H 369 27.47 35.78 4.00
C SER H 369 28.04 34.39 4.24
N HIS H 370 29.25 34.20 3.74
CA HIS H 370 29.96 32.93 3.79
C HIS H 370 31.11 33.02 4.78
N ARG H 371 31.76 31.89 5.02
CA ARG H 371 32.94 31.83 5.85
C ARG H 371 34.17 31.53 5.01
N SER H 372 35.33 31.63 5.64
CA SER H 372 36.57 31.30 4.94
C SER H 372 36.63 29.82 4.62
N GLY H 373 36.32 28.97 5.59
CA GLY H 373 36.22 27.56 5.31
C GLY H 373 34.80 27.10 5.11
N GLU H 374 34.40 26.96 3.85
CA GLU H 374 33.07 26.49 3.49
C GLU H 374 33.16 25.02 3.09
N THR H 375 32.06 24.49 2.59
CA THR H 375 31.96 23.10 2.19
C THR H 375 31.10 23.05 0.94
N GLU H 376 30.81 21.85 0.46
CA GLU H 376 29.88 21.65 -0.64
C GLU H 376 28.42 21.81 -0.20
N ASP H 377 28.18 22.32 1.01
CA ASP H 377 26.84 22.54 1.53
C ASP H 377 26.30 23.87 1.02
N THR H 378 25.17 23.84 0.32
CA THR H 378 24.61 25.02 -0.32
C THR H 378 23.40 25.57 0.44
N MET H 379 23.45 25.55 1.76
CA MET H 379 22.30 25.96 2.55
C MET H 379 22.10 27.47 2.57
N ILE H 380 23.19 28.24 2.53
CA ILE H 380 23.03 29.68 2.65
C ILE H 380 22.38 30.29 1.42
N ALA H 381 22.42 29.60 0.28
CA ALA H 381 21.65 30.07 -0.87
C ALA H 381 20.16 29.98 -0.60
N ASP H 382 19.68 28.80 -0.20
CA ASP H 382 18.29 28.65 0.19
C ASP H 382 17.91 29.64 1.29
N LEU H 383 18.83 29.90 2.21
CA LEU H 383 18.51 30.81 3.31
C LEU H 383 18.44 32.25 2.85
N ALA H 384 19.26 32.65 1.88
CA ALA H 384 19.17 34.01 1.37
C ALA H 384 17.97 34.20 0.46
N VAL H 385 17.46 33.13 -0.13
CA VAL H 385 16.20 33.24 -0.87
C VAL H 385 15.02 33.31 0.09
N ALA H 386 15.04 32.48 1.14
CA ALA H 386 13.91 32.38 2.05
C ALA H 386 13.67 33.68 2.79
N ILE H 387 14.69 34.20 3.49
CA ILE H 387 14.53 35.45 4.21
C ILE H 387 14.35 36.64 3.29
N GLY H 388 14.52 36.46 1.99
CA GLY H 388 14.35 37.55 1.04
C GLY H 388 15.28 38.71 1.26
N SER H 389 16.56 38.43 1.52
CA SER H 389 17.49 39.51 1.83
C SER H 389 17.77 40.39 0.62
N GLY H 390 17.76 39.82 -0.58
CA GLY H 390 18.07 40.60 -1.76
C GLY H 390 19.54 40.91 -1.93
N GLN H 391 20.40 40.32 -1.11
CA GLN H 391 21.84 40.42 -1.26
C GLN H 391 22.45 39.12 -0.75
N ILE H 392 23.57 38.74 -1.35
CA ILE H 392 24.34 37.60 -0.86
C ILE H 392 25.80 37.88 -1.15
N LYS H 393 26.66 37.37 -0.28
CA LYS H 393 28.11 37.52 -0.40
C LYS H 393 28.69 36.13 -0.27
N THR H 394 29.04 35.52 -1.40
CA THR H 394 29.57 34.16 -1.35
C THR H 394 30.73 33.96 -2.31
N GLY H 395 31.58 34.99 -2.47
CA GLY H 395 32.85 34.82 -3.13
C GLY H 395 32.81 35.03 -4.63
N ALA H 396 33.96 34.79 -5.24
CA ALA H 396 34.11 34.93 -6.68
C ALA H 396 33.63 33.66 -7.39
N PRO H 397 33.27 33.76 -8.65
CA PRO H 397 32.88 32.55 -9.40
C PRO H 397 34.08 31.67 -9.70
N ALA H 398 34.63 31.07 -8.65
CA ALA H 398 35.71 30.10 -8.75
C ALA H 398 35.74 29.33 -7.44
N ARG H 399 36.59 28.30 -7.39
CA ARG H 399 36.73 27.55 -6.14
C ARG H 399 35.39 26.94 -5.74
N SER H 400 34.99 25.86 -6.40
CA SER H 400 33.61 25.41 -6.45
C SER H 400 32.88 25.29 -5.11
N GLU H 401 33.55 25.49 -3.99
CA GLU H 401 32.82 25.68 -2.75
C GLU H 401 32.10 27.03 -2.73
N ARG H 402 32.54 27.99 -3.53
CA ARG H 402 31.82 29.23 -3.74
C ARG H 402 30.81 29.13 -4.86
N VAL H 403 31.12 28.34 -5.89
CA VAL H 403 30.25 28.24 -7.06
C VAL H 403 29.09 27.28 -6.82
N ALA H 404 29.21 26.36 -5.86
CA ALA H 404 28.07 25.53 -5.51
C ALA H 404 26.87 26.38 -5.10
N LYS H 405 27.12 27.49 -4.40
CA LYS H 405 26.05 28.37 -3.99
C LYS H 405 25.36 29.01 -5.19
N TYR H 406 26.13 29.48 -6.16
CA TYR H 406 25.56 30.08 -7.36
C TYR H 406 24.80 29.06 -8.19
N ASN H 407 25.31 27.84 -8.26
CA ASN H 407 24.60 26.78 -8.96
C ASN H 407 23.27 26.48 -8.29
N GLN H 408 23.25 26.46 -6.96
CA GLN H 408 22.00 26.21 -6.26
C GLN H 408 21.03 27.36 -6.47
N LEU H 409 21.52 28.59 -6.53
CA LEU H 409 20.63 29.71 -6.81
C LEU H 409 20.07 29.63 -8.23
N LEU H 410 20.86 29.13 -9.18
CA LEU H 410 20.34 28.90 -10.53
C LEU H 410 19.22 27.86 -10.50
N ARG H 411 19.43 26.77 -9.77
CA ARG H 411 18.38 25.75 -9.66
C ARG H 411 17.15 26.30 -8.97
N ILE H 412 17.34 27.16 -7.96
CA ILE H 412 16.21 27.77 -7.27
C ILE H 412 15.40 28.63 -8.23
N GLU H 413 16.09 29.44 -9.03
CA GLU H 413 15.40 30.29 -9.99
C GLU H 413 14.66 29.45 -11.01
N GLU H 414 15.27 28.38 -11.47
CA GLU H 414 14.61 27.50 -12.43
C GLU H 414 13.39 26.82 -11.82
N ALA H 415 13.46 26.47 -10.53
CA ALA H 415 12.35 25.80 -9.87
C ALA H 415 11.20 26.76 -9.62
N LEU H 416 11.51 28.00 -9.25
CA LEU H 416 10.47 29.02 -9.18
C LEU H 416 9.81 29.20 -10.54
N GLY H 417 10.58 29.58 -11.54
CA GLY H 417 10.04 29.76 -12.88
C GLY H 417 9.57 31.19 -13.10
N ASP H 418 8.31 31.34 -13.48
CA ASP H 418 7.76 32.67 -13.71
C ASP H 418 7.61 33.45 -12.42
N ALA H 419 7.61 32.76 -11.27
CA ALA H 419 7.41 33.43 -9.99
C ALA H 419 8.64 34.24 -9.58
N ALA H 420 9.82 33.77 -9.97
CA ALA H 420 11.06 34.37 -9.47
C ALA H 420 11.16 35.83 -9.86
N ARG H 421 11.89 36.59 -9.04
CA ARG H 421 12.20 37.98 -9.31
C ARG H 421 13.64 38.24 -8.91
N TYR H 422 14.39 38.90 -9.78
CA TYR H 422 15.75 39.30 -9.45
C TYR H 422 15.71 40.62 -8.71
N ALA H 423 16.33 40.66 -7.54
CA ALA H 423 16.33 41.87 -6.73
C ALA H 423 17.39 42.85 -7.18
N GLY H 424 17.42 43.17 -8.47
CA GLY H 424 18.44 44.04 -9.01
C GLY H 424 18.01 45.49 -8.97
N ASP H 425 18.86 46.32 -8.35
CA ASP H 425 18.71 47.77 -8.31
C ASP H 425 17.56 48.17 -7.40
N LEU H 426 16.81 47.19 -6.91
CA LEU H 426 15.86 47.45 -5.84
C LEU H 426 16.48 47.24 -4.47
N ALA H 427 17.68 46.70 -4.41
CA ALA H 427 18.40 46.49 -3.17
C ALA H 427 19.45 47.56 -2.89
N PHE H 428 19.55 48.57 -3.74
CA PHE H 428 20.50 49.66 -3.55
C PHE H 428 19.88 50.97 -4.00
N PRO H 429 18.94 51.50 -3.22
CA PRO H 429 18.33 52.79 -3.61
C PRO H 429 19.35 53.92 -3.70
N ARG H 430 20.14 54.13 -2.65
CA ARG H 430 21.15 55.18 -2.66
C ARG H 430 22.21 54.93 -3.72
#